data_5G2E
#
_entry.id   5G2E
#
_cell.length_a   111.470
_cell.length_b   211.130
_cell.length_c   126.570
_cell.angle_alpha   90.00
_cell.angle_beta   99.72
_cell.angle_gamma   90.00
#
_symmetry.space_group_name_H-M   'P 1 21 1'
#
loop_
_entity.id
_entity.type
_entity.pdbx_description
1 polymer 'NUCLEOSOME ASSEMBLY PROTEIN'
2 polymer 'HISTONE H2A TYPE 1'
3 polymer 'HISTONE H2B 1.1'
#
loop_
_entity_poly.entity_id
_entity_poly.type
_entity_poly.pdbx_seq_one_letter_code
_entity_poly.pdbx_strand_id
1 'polypeptide(L)'
;SQDPENLYFQGLGSLVGQDSGYVGGLPKNVKEKLLSLKTLQSELFEVEKEFQVEMFELENKFLQKYKPIWEQRSRIISGQ
EQPKPEQIAKGQEIVESLNETELLVDEEEKAQNDSEEEQVKGIPSFWLTALENLPIVCDTITDRDAEVLEYLQDIGLEYL
TDGRPGFKLLFRFDSSANPFFTNDILCKTYFYQKELGYSGDFIYDHAEGCEISWKDNAHNVTVDLEMRKQRNKTTKQVRT
IEKITPIESFFNFFDPPKIQNEDQDEELEEDLEERLALDYSIGEQLKDKLIPRAVDWFTGAALEFEFEED
;
A,B,E,F,I,J,M,N,Q,R,U,V
2 'polypeptide(L)'
;MKAKTRSSRAGLQFPVGRVHRLLRKGNYAERVGAGAPVYLAAVLEYLTAEILELAGNAARDNKKTRIIPRHLQLAVRNDE
ELNKLLGRVTIAQGGVLPNIQSVLLPK
;
C,G,K,O,S,W
3 'polypeptide(L)'
;MKKRRKTRKESYAIYVYKVLKQVHPDTGISSKAMSIMNSFVNDVFERIAGEASRLAHYNKRSTITSREIQTAVRLLLPGE
LAKHAVSEGTKAVTKYTSAK
;
D,H,L,P,T,X
#
# COMPACT_ATOMS: atom_id res chain seq x y z
N SER A 20 68.36 26.30 18.72
CA SER A 20 69.66 25.57 18.56
C SER A 20 70.54 25.76 19.78
N GLY A 21 70.73 27.01 20.17
CA GLY A 21 71.56 27.31 21.33
C GLY A 21 70.93 26.82 22.61
N TYR A 22 69.64 26.49 22.55
CA TYR A 22 68.91 25.99 23.71
C TYR A 22 69.42 24.62 24.11
N VAL A 23 69.48 23.71 23.14
CA VAL A 23 69.94 22.35 23.39
C VAL A 23 71.45 22.30 23.62
N GLY A 24 72.16 23.24 23.02
CA GLY A 24 73.60 23.29 23.17
C GLY A 24 74.05 23.50 24.60
N GLY A 25 73.28 24.29 25.35
CA GLY A 25 73.63 24.56 26.73
C GLY A 25 73.07 23.55 27.71
N LEU A 26 72.66 22.39 27.21
CA LEU A 26 72.11 21.34 28.07
C LEU A 26 73.20 20.61 28.85
N PRO A 27 72.95 20.36 30.14
CA PRO A 27 73.91 19.67 31.02
C PRO A 27 74.34 18.32 30.47
N LYS A 28 75.50 17.86 30.90
CA LYS A 28 76.05 16.57 30.48
C LYS A 28 75.02 15.47 30.70
N ASN A 29 74.37 15.49 31.86
CA ASN A 29 73.37 14.50 32.19
C ASN A 29 72.22 14.53 31.18
N VAL A 30 71.62 15.70 31.03
CA VAL A 30 70.50 15.88 30.11
C VAL A 30 70.80 15.31 28.72
N LYS A 31 71.80 15.87 28.05
CA LYS A 31 72.17 15.41 26.72
C LYS A 31 72.14 13.90 26.59
N GLU A 32 72.93 13.22 27.43
CA GLU A 32 72.99 11.76 27.40
C GLU A 32 71.59 11.16 27.38
N LYS A 33 70.69 11.75 28.16
CA LYS A 33 69.32 11.28 28.25
C LYS A 33 68.69 11.35 26.86
N LEU A 34 69.05 12.37 26.09
CA LEU A 34 68.55 12.55 24.74
C LEU A 34 69.23 11.57 23.79
N LEU A 35 70.55 11.44 23.93
CA LEU A 35 71.32 10.52 23.10
C LEU A 35 70.67 9.15 23.07
N SER A 36 70.35 8.63 24.25
CA SER A 36 69.71 7.32 24.36
C SER A 36 68.42 7.30 23.55
N LEU A 37 67.55 8.27 23.80
CA LEU A 37 66.28 8.36 23.09
C LEU A 37 66.50 8.41 21.59
N LYS A 38 67.54 9.15 21.18
CA LYS A 38 67.86 9.27 19.77
C LYS A 38 68.13 7.89 19.20
N THR A 39 68.52 6.97 20.08
CA THR A 39 68.81 5.61 19.69
C THR A 39 67.52 4.80 19.63
N LEU A 40 66.66 4.97 20.64
CA LEU A 40 65.39 4.27 20.70
C LEU A 40 64.60 4.56 19.43
N GLN A 41 64.74 5.79 18.92
CA GLN A 41 64.04 6.19 17.72
C GLN A 41 64.61 5.40 16.54
N SER A 42 65.91 5.13 16.60
CA SER A 42 66.57 4.37 15.54
C SER A 42 65.96 2.97 15.53
N GLU A 43 65.73 2.42 16.72
CA GLU A 43 65.14 1.10 16.86
C GLU A 43 63.69 1.20 16.41
N LEU A 44 63.14 2.41 16.55
CA LEU A 44 61.76 2.67 16.16
C LEU A 44 61.72 2.71 14.63
N PHE A 45 62.78 3.24 14.03
CA PHE A 45 62.89 3.31 12.58
C PHE A 45 62.89 1.89 12.04
N GLU A 46 63.59 1.01 12.74
CA GLU A 46 63.72 -0.38 12.36
C GLU A 46 62.36 -1.05 12.17
N VAL A 47 61.50 -0.97 13.18
CA VAL A 47 60.17 -1.57 13.10
C VAL A 47 59.30 -0.91 12.04
N GLU A 48 59.37 0.43 11.95
CA GLU A 48 58.58 1.15 10.95
C GLU A 48 58.95 0.64 9.56
N LYS A 49 60.20 0.22 9.41
CA LYS A 49 60.69 -0.30 8.14
C LYS A 49 59.90 -1.54 7.77
N GLU A 50 59.78 -2.46 8.71
CA GLU A 50 59.04 -3.70 8.48
C GLU A 50 57.57 -3.40 8.28
N PHE A 51 57.09 -2.31 8.89
CA PHE A 51 55.71 -1.91 8.77
C PHE A 51 55.39 -1.63 7.30
N GLN A 52 56.20 -0.81 6.67
CA GLN A 52 56.02 -0.46 5.27
C GLN A 52 56.09 -1.71 4.40
N VAL A 53 56.92 -2.67 4.81
CA VAL A 53 57.07 -3.91 4.06
C VAL A 53 55.72 -4.63 3.95
N GLU A 54 55.20 -5.07 5.10
CA GLU A 54 53.91 -5.76 5.12
C GLU A 54 52.83 -4.83 4.57
N MET A 55 53.02 -3.53 4.78
CA MET A 55 52.09 -2.53 4.29
C MET A 55 52.04 -2.56 2.77
N PHE A 56 53.20 -2.75 2.17
CA PHE A 56 53.32 -2.79 0.72
C PHE A 56 52.71 -4.08 0.19
N GLU A 57 53.17 -5.21 0.73
CA GLU A 57 52.68 -6.53 0.32
C GLU A 57 51.17 -6.66 0.46
N LEU A 58 50.64 -6.24 1.60
CA LEU A 58 49.20 -6.30 1.84
C LEU A 58 48.46 -5.51 0.78
N GLU A 59 48.90 -4.28 0.55
CA GLU A 59 48.29 -3.41 -0.44
C GLU A 59 48.39 -4.03 -1.83
N ASN A 60 49.40 -4.86 -2.03
CA ASN A 60 49.62 -5.54 -3.29
C ASN A 60 48.64 -6.71 -3.41
N LYS A 61 48.46 -7.41 -2.29
CA LYS A 61 47.55 -8.55 -2.23
C LYS A 61 46.17 -8.19 -2.76
N PHE A 62 45.60 -7.12 -2.21
CA PHE A 62 44.27 -6.67 -2.60
C PHE A 62 44.18 -6.17 -4.04
N LEU A 63 45.29 -5.67 -4.58
CA LEU A 63 45.29 -5.18 -5.95
C LEU A 63 44.92 -6.34 -6.86
N GLN A 64 45.37 -7.54 -6.48
CA GLN A 64 45.10 -8.73 -7.26
C GLN A 64 43.60 -9.04 -7.24
N LYS A 65 42.88 -8.41 -6.31
CA LYS A 65 41.45 -8.60 -6.20
C LYS A 65 40.71 -7.49 -6.94
N TYR A 66 41.35 -6.32 -7.03
CA TYR A 66 40.76 -5.18 -7.72
C TYR A 66 40.76 -5.42 -9.23
N LYS A 67 41.85 -5.98 -9.73
CA LYS A 67 42.00 -6.25 -11.15
C LYS A 67 40.83 -7.06 -11.73
N PRO A 68 40.47 -8.18 -11.11
CA PRO A 68 39.36 -9.01 -11.61
C PRO A 68 38.12 -8.18 -11.95
N ILE A 69 37.94 -7.08 -11.22
CA ILE A 69 36.81 -6.20 -11.46
C ILE A 69 37.10 -5.22 -12.59
N TRP A 70 38.30 -4.64 -12.58
CA TRP A 70 38.68 -3.70 -13.62
C TRP A 70 38.82 -4.41 -14.96
N GLU A 71 39.44 -5.59 -14.95
CA GLU A 71 39.61 -6.38 -16.15
C GLU A 71 38.22 -6.75 -16.67
N GLN A 72 37.26 -6.77 -15.75
CA GLN A 72 35.88 -7.11 -16.09
C GLN A 72 35.19 -5.93 -16.76
N ARG A 73 35.37 -4.74 -16.19
CA ARG A 73 34.76 -3.54 -16.73
C ARG A 73 35.38 -3.15 -18.06
N SER A 74 36.69 -3.36 -18.19
CA SER A 74 37.41 -3.04 -19.41
C SER A 74 36.69 -3.61 -20.62
N ARG A 75 36.27 -4.87 -20.52
CA ARG A 75 35.57 -5.53 -21.60
C ARG A 75 34.20 -4.89 -21.82
N ILE A 76 33.54 -4.55 -20.72
CA ILE A 76 32.23 -3.91 -20.78
C ILE A 76 32.36 -2.55 -21.45
N ILE A 77 33.57 -2.00 -21.39
CA ILE A 77 33.86 -0.70 -21.98
C ILE A 77 34.26 -0.85 -23.44
N SER A 78 34.89 -1.99 -23.76
CA SER A 78 35.34 -2.26 -25.11
C SER A 78 34.24 -2.99 -25.89
N GLY A 79 33.07 -3.11 -25.28
CA GLY A 79 31.97 -3.81 -25.91
C GLY A 79 32.34 -5.26 -26.09
N GLN A 80 33.49 -5.61 -25.52
CA GLN A 80 34.02 -6.98 -25.58
C GLN A 80 32.98 -7.93 -24.99
N GLU A 81 32.48 -7.60 -23.81
CA GLU A 81 31.48 -8.43 -23.15
C GLU A 81 30.27 -7.54 -22.86
N GLN A 82 29.07 -8.14 -22.91
CA GLN A 82 27.85 -7.38 -22.66
C GLN A 82 27.30 -7.54 -21.25
N PRO A 83 26.71 -6.46 -20.71
CA PRO A 83 26.12 -6.43 -19.37
C PRO A 83 25.01 -7.45 -19.19
N LYS A 84 24.82 -7.91 -17.95
CA LYS A 84 23.79 -8.89 -17.64
C LYS A 84 22.59 -8.15 -17.06
N PRO A 85 21.37 -8.55 -17.42
CA PRO A 85 20.17 -7.90 -16.90
C PRO A 85 20.22 -7.75 -15.38
N GLU A 86 20.98 -8.63 -14.75
CA GLU A 86 21.14 -8.62 -13.30
C GLU A 86 21.87 -7.35 -12.89
N GLN A 87 22.97 -7.05 -13.58
CA GLN A 87 23.77 -5.86 -13.31
C GLN A 87 23.01 -4.60 -13.67
N ILE A 88 22.32 -4.63 -14.81
CA ILE A 88 21.56 -3.48 -15.29
C ILE A 88 20.58 -3.02 -14.21
N ALA A 89 19.67 -3.90 -13.81
CA ALA A 89 18.68 -3.59 -12.79
C ALA A 89 19.37 -3.20 -11.49
N LYS A 90 20.31 -4.03 -11.05
CA LYS A 90 21.05 -3.79 -9.82
C LYS A 90 21.70 -2.40 -9.87
N GLY A 91 22.03 -1.96 -11.07
CA GLY A 91 22.66 -0.65 -11.23
C GLY A 91 21.69 0.49 -10.97
N GLN A 92 20.49 0.40 -11.55
CA GLN A 92 19.48 1.43 -11.36
C GLN A 92 19.16 1.59 -9.89
N GLU A 93 19.11 0.48 -9.18
CA GLU A 93 18.81 0.49 -7.74
C GLU A 93 19.92 1.24 -7.01
N ILE A 94 21.07 1.37 -7.67
CA ILE A 94 22.21 2.07 -7.09
C ILE A 94 22.17 3.54 -7.51
N VAL A 95 21.84 3.78 -8.78
CA VAL A 95 21.76 5.13 -9.31
C VAL A 95 20.70 5.91 -8.53
N GLU A 96 19.59 5.25 -8.24
CA GLU A 96 18.50 5.87 -7.50
C GLU A 96 18.89 6.03 -6.03
N SER A 97 19.62 5.05 -5.51
CA SER A 97 20.07 5.08 -4.12
C SER A 97 21.03 6.24 -3.88
N LEU A 98 21.79 6.58 -4.91
CA LEU A 98 22.75 7.68 -4.82
C LEU A 98 22.14 8.98 -5.35
N ASN A 99 20.93 8.86 -5.90
CA ASN A 99 20.21 10.01 -6.44
C ASN A 99 20.96 10.69 -7.58
N GLU A 100 21.26 9.93 -8.64
CA GLU A 100 21.95 10.48 -9.79
C GLU A 100 20.95 10.71 -10.92
N THR A 101 20.12 9.71 -11.17
CA THR A 101 19.09 9.78 -12.22
C THR A 101 19.67 9.88 -13.63
N GLU A 102 20.81 10.56 -13.75
CA GLU A 102 21.46 10.75 -15.03
C GLU A 102 21.71 9.42 -15.75
N LEU A 103 21.71 8.33 -14.98
CA LEU A 103 21.94 7.00 -15.55
C LEU A 103 20.65 6.22 -15.74
N LEU A 104 19.52 6.92 -15.69
CA LEU A 104 18.23 6.27 -15.86
C LEU A 104 17.77 6.30 -17.31
N VAL A 105 17.34 5.15 -17.81
CA VAL A 105 16.88 5.04 -19.19
C VAL A 105 15.38 5.29 -19.26
N ASP A 106 14.89 5.62 -20.46
CA ASP A 106 13.46 5.88 -20.64
C ASP A 106 12.67 4.58 -20.79
N GLU A 107 11.36 4.69 -20.62
CA GLU A 107 10.46 3.54 -20.73
C GLU A 107 10.24 3.16 -22.18
N GLU A 108 10.92 2.10 -22.64
CA GLU A 108 10.79 1.65 -24.02
C GLU A 108 11.62 0.39 -24.24
N GLU A 109 10.98 -0.65 -24.75
CA GLU A 109 11.64 -1.93 -25.01
C GLU A 109 13.09 -1.76 -25.46
N GLN A 119 23.39 0.32 -30.70
CA GLN A 119 23.90 1.47 -31.45
C GLN A 119 25.40 1.36 -31.66
N VAL A 120 26.16 1.73 -30.64
CA VAL A 120 27.62 1.69 -30.70
C VAL A 120 28.19 0.41 -30.09
N LYS A 121 29.52 0.33 -30.09
CA LYS A 121 30.22 -0.83 -29.53
C LYS A 121 30.96 -0.49 -28.24
N GLY A 122 30.36 -0.88 -27.12
CA GLY A 122 30.97 -0.62 -25.82
C GLY A 122 31.24 0.83 -25.52
N ILE A 123 30.29 1.48 -24.86
CA ILE A 123 30.36 2.88 -24.46
C ILE A 123 31.48 3.69 -25.12
N PRO A 124 31.12 4.60 -26.03
CA PRO A 124 32.07 5.45 -26.76
C PRO A 124 32.88 6.36 -25.83
N SER A 125 34.10 6.68 -26.27
CA SER A 125 35.01 7.55 -25.52
C SER A 125 34.80 7.48 -24.01
N PHE A 126 35.10 6.34 -23.42
CA PHE A 126 34.96 6.17 -21.98
C PHE A 126 36.06 6.88 -21.21
N TRP A 127 37.25 6.29 -21.21
CA TRP A 127 38.39 6.85 -20.51
C TRP A 127 38.68 8.29 -20.90
N LEU A 128 38.45 8.62 -22.18
CA LEU A 128 38.68 9.97 -22.66
C LEU A 128 37.84 10.92 -21.82
N THR A 129 36.53 10.70 -21.83
CA THR A 129 35.60 11.53 -21.07
C THR A 129 35.96 11.53 -19.59
N ALA A 130 36.47 10.39 -19.11
CA ALA A 130 36.85 10.25 -17.72
C ALA A 130 37.97 11.23 -17.37
N LEU A 131 39.08 11.13 -18.10
CA LEU A 131 40.22 12.01 -17.86
C LEU A 131 39.82 13.48 -18.07
N GLU A 132 38.76 13.70 -18.83
CA GLU A 132 38.26 15.04 -19.11
C GLU A 132 37.78 15.73 -17.85
N ASN A 133 37.56 14.95 -16.79
CA ASN A 133 37.06 15.49 -15.53
C ASN A 133 38.10 15.52 -14.42
N LEU A 134 38.93 14.48 -14.34
CA LEU A 134 39.96 14.38 -13.31
C LEU A 134 40.70 15.72 -13.15
N PRO A 135 40.53 16.38 -12.00
CA PRO A 135 41.14 17.67 -11.65
C PRO A 135 42.53 17.94 -12.20
N ILE A 136 43.53 17.25 -11.66
CA ILE A 136 44.91 17.43 -12.09
C ILE A 136 45.13 17.14 -13.57
N VAL A 137 44.82 15.91 -13.98
CA VAL A 137 45.01 15.47 -15.36
C VAL A 137 44.22 16.24 -16.42
N CYS A 138 42.90 16.33 -16.25
CA CYS A 138 42.03 17.01 -17.22
C CYS A 138 42.69 18.23 -17.88
N ASP A 139 43.43 19.00 -17.11
CA ASP A 139 44.09 20.18 -17.64
C ASP A 139 45.49 19.87 -18.18
N THR A 140 45.56 18.83 -19.00
CA THR A 140 46.82 18.39 -19.60
C THR A 140 46.53 17.94 -21.03
N ILE A 141 45.36 17.33 -21.22
CA ILE A 141 44.96 16.85 -22.53
C ILE A 141 44.62 18.02 -23.44
N THR A 142 44.95 17.89 -24.72
CA THR A 142 44.67 18.94 -25.70
C THR A 142 43.83 18.36 -26.83
N ASP A 143 43.24 19.23 -27.63
CA ASP A 143 42.41 18.82 -28.75
C ASP A 143 43.06 17.78 -29.66
N ARG A 144 44.38 17.84 -29.78
CA ARG A 144 45.09 16.89 -30.63
C ARG A 144 45.42 15.61 -29.88
N ASP A 145 45.27 15.63 -28.56
CA ASP A 145 45.53 14.47 -27.72
C ASP A 145 44.24 13.69 -27.51
N ALA A 146 43.11 14.40 -27.55
CA ALA A 146 41.81 13.79 -27.35
C ALA A 146 41.55 12.73 -28.41
N GLU A 147 41.92 13.03 -29.65
CA GLU A 147 41.72 12.11 -30.77
C GLU A 147 42.48 10.80 -30.52
N VAL A 148 43.62 10.89 -29.84
CA VAL A 148 44.43 9.72 -29.56
C VAL A 148 43.82 8.92 -28.42
N LEU A 149 43.55 9.58 -27.30
CA LEU A 149 42.97 8.93 -26.14
C LEU A 149 41.64 8.29 -26.51
N GLU A 150 41.12 8.66 -27.67
CA GLU A 150 39.85 8.14 -28.16
C GLU A 150 39.98 6.64 -28.40
N TYR A 151 41.22 6.16 -28.48
CA TYR A 151 41.48 4.74 -28.71
C TYR A 151 42.01 4.03 -27.47
N LEU A 152 41.85 4.65 -26.30
CA LEU A 152 42.30 4.05 -25.05
C LEU A 152 41.21 3.10 -24.56
N GLN A 153 41.58 1.85 -24.31
CA GLN A 153 40.63 0.85 -23.86
C GLN A 153 40.62 0.63 -22.34
N ASP A 154 41.77 0.80 -21.69
CA ASP A 154 41.85 0.58 -20.25
C ASP A 154 43.14 1.11 -19.63
N ILE A 155 43.08 1.39 -18.34
CA ILE A 155 44.24 1.88 -17.60
C ILE A 155 44.49 0.96 -16.40
N GLY A 156 45.53 0.13 -16.51
CA GLY A 156 45.84 -0.80 -15.44
C GLY A 156 46.71 -0.23 -14.34
N LEU A 157 47.04 -1.08 -13.37
CA LEU A 157 47.87 -0.68 -12.24
C LEU A 157 48.51 -1.95 -11.64
N GLU A 158 49.82 -1.89 -11.42
CA GLU A 158 50.54 -3.03 -10.87
C GLU A 158 51.74 -2.62 -10.02
N TYR A 159 51.92 -3.29 -8.90
CA TYR A 159 53.04 -3.01 -8.01
C TYR A 159 54.23 -3.85 -8.48
N LEU A 160 55.39 -3.21 -8.63
CA LEU A 160 56.60 -3.89 -9.08
C LEU A 160 56.79 -5.26 -8.44
N THR A 161 56.43 -5.37 -7.16
CA THR A 161 56.55 -6.62 -6.43
C THR A 161 57.99 -7.07 -6.22
N ASP A 162 58.74 -7.20 -7.31
CA ASP A 162 60.13 -7.63 -7.25
C ASP A 162 61.04 -6.54 -6.68
N GLY A 163 62.25 -6.45 -7.23
CA GLY A 163 63.20 -5.46 -6.77
C GLY A 163 62.71 -4.04 -6.90
N ARG A 164 63.17 -3.17 -6.00
CA ARG A 164 62.78 -1.76 -6.01
C ARG A 164 61.26 -1.58 -5.94
N PRO A 165 60.74 -1.25 -4.75
CA PRO A 165 59.30 -1.04 -4.57
C PRO A 165 58.76 0.07 -5.47
N GLY A 166 57.48 -0.04 -5.83
CA GLY A 166 56.88 0.96 -6.69
C GLY A 166 55.70 0.42 -7.48
N PHE A 167 54.96 1.30 -8.14
CA PHE A 167 53.81 0.89 -8.94
C PHE A 167 53.98 1.34 -10.38
N LYS A 168 53.33 0.63 -11.29
CA LYS A 168 53.42 0.94 -12.72
C LYS A 168 52.04 0.99 -13.36
N LEU A 169 51.75 2.11 -14.03
CA LEU A 169 50.47 2.30 -14.70
C LEU A 169 50.58 1.82 -16.15
N LEU A 170 49.60 1.04 -16.60
CA LEU A 170 49.60 0.52 -17.96
C LEU A 170 48.43 1.06 -18.77
N PHE A 171 48.74 1.54 -19.98
CA PHE A 171 47.72 2.07 -20.88
C PHE A 171 47.62 1.15 -22.09
N ARG A 172 46.44 0.59 -22.31
CA ARG A 172 46.23 -0.33 -23.43
C ARG A 172 45.36 0.27 -24.53
N PHE A 173 45.99 0.58 -25.66
CA PHE A 173 45.29 1.15 -26.81
C PHE A 173 45.00 0.07 -27.84
N ASP A 174 43.98 0.29 -28.66
CA ASP A 174 43.60 -0.66 -29.70
C ASP A 174 44.58 -0.57 -30.85
N SER A 175 45.56 -1.47 -30.87
CA SER A 175 46.59 -1.49 -31.91
C SER A 175 46.02 -1.62 -33.33
N SER A 176 44.89 -2.28 -33.46
CA SER A 176 44.27 -2.47 -34.78
C SER A 176 43.42 -1.28 -35.21
N ALA A 177 43.32 -0.28 -34.34
CA ALA A 177 42.52 0.91 -34.65
C ALA A 177 43.33 2.19 -34.50
N ASN A 178 44.18 2.24 -33.48
CA ASN A 178 45.01 3.42 -33.22
C ASN A 178 45.90 3.77 -34.41
N PRO A 179 45.60 4.90 -35.07
CA PRO A 179 46.38 5.36 -36.23
C PRO A 179 47.66 6.11 -35.85
N PHE A 180 47.74 6.55 -34.61
CA PHE A 180 48.89 7.30 -34.13
C PHE A 180 50.13 6.46 -33.87
N PHE A 181 50.02 5.43 -33.03
CA PHE A 181 51.15 4.58 -32.73
C PHE A 181 50.81 3.09 -32.75
N THR A 182 51.83 2.26 -32.99
CA THR A 182 51.66 0.82 -33.06
C THR A 182 51.70 0.18 -31.68
N ASN A 183 52.04 0.98 -30.67
CA ASN A 183 52.11 0.47 -29.30
C ASN A 183 50.76 -0.04 -28.82
N ASP A 184 50.78 -1.18 -28.13
CA ASP A 184 49.57 -1.79 -27.61
C ASP A 184 49.42 -1.42 -26.13
N ILE A 185 50.54 -1.28 -25.45
CA ILE A 185 50.54 -0.92 -24.04
C ILE A 185 51.62 0.10 -23.70
N LEU A 186 51.19 1.29 -23.31
CA LEU A 186 52.11 2.37 -22.95
C LEU A 186 52.22 2.40 -21.43
N CYS A 187 53.39 2.02 -20.92
CA CYS A 187 53.60 1.98 -19.47
C CYS A 187 54.27 3.19 -18.83
N LYS A 188 54.22 3.21 -17.51
CA LYS A 188 54.80 4.27 -16.69
C LYS A 188 55.07 3.69 -15.30
N THR A 189 56.31 3.83 -14.83
CA THR A 189 56.67 3.29 -13.52
C THR A 189 57.21 4.32 -12.54
N TYR A 190 56.80 4.20 -11.28
CA TYR A 190 57.24 5.10 -10.22
C TYR A 190 58.02 4.28 -9.20
N PHE A 191 59.33 4.52 -9.12
CA PHE A 191 60.19 3.79 -8.20
C PHE A 191 60.34 4.46 -6.84
N TYR A 192 60.06 3.72 -5.78
CA TYR A 192 60.18 4.24 -4.42
C TYR A 192 61.57 3.89 -3.91
N GLN A 193 62.39 4.90 -3.65
CA GLN A 193 63.74 4.69 -3.17
C GLN A 193 63.74 3.78 -1.94
N LYS A 194 64.52 2.70 -2.02
CA LYS A 194 64.63 1.72 -0.95
C LYS A 194 64.69 2.34 0.44
N GLU A 195 65.48 3.40 0.58
CA GLU A 195 65.62 4.09 1.84
C GLU A 195 64.30 4.71 2.29
N LEU A 196 63.77 4.19 3.40
CA LEU A 196 62.51 4.69 3.93
C LEU A 196 62.64 6.14 4.36
N GLY A 197 61.57 6.92 4.13
CA GLY A 197 61.60 8.33 4.48
C GLY A 197 61.64 8.58 5.97
N TYR A 198 61.93 9.83 6.35
CA TYR A 198 62.00 10.21 7.76
C TYR A 198 60.68 9.98 8.46
N SER A 199 59.58 10.32 7.79
CA SER A 199 58.25 10.15 8.36
C SER A 199 57.96 8.66 8.59
N GLY A 200 58.74 7.81 7.94
CA GLY A 200 58.55 6.38 8.09
C GLY A 200 57.84 5.74 6.92
N ASP A 201 57.59 6.53 5.87
CA ASP A 201 56.92 6.03 4.69
C ASP A 201 57.80 6.11 3.43
N PHE A 202 57.28 5.59 2.32
CA PHE A 202 58.01 5.58 1.06
C PHE A 202 58.14 6.96 0.42
N ILE A 203 59.26 7.17 -0.27
CA ILE A 203 59.53 8.43 -0.95
C ILE A 203 59.94 8.13 -2.38
N TYR A 204 59.45 8.93 -3.32
CA TYR A 204 59.76 8.75 -4.74
C TYR A 204 61.26 8.79 -5.01
N ASP A 205 61.65 8.24 -6.16
CA ASP A 205 63.05 8.21 -6.57
C ASP A 205 63.15 8.86 -7.95
N HIS A 206 62.33 8.38 -8.88
CA HIS A 206 62.29 8.91 -10.24
C HIS A 206 61.27 8.14 -11.06
N ALA A 207 60.74 8.77 -12.09
CA ALA A 207 59.75 8.14 -12.96
C ALA A 207 60.41 7.62 -14.23
N GLU A 208 60.04 6.42 -14.65
CA GLU A 208 60.60 5.82 -15.85
C GLU A 208 59.48 5.52 -16.85
N GLY A 209 59.28 6.44 -17.79
CA GLY A 209 58.24 6.27 -18.78
C GLY A 209 58.54 5.23 -19.85
N CYS A 210 57.54 4.92 -20.65
CA CYS A 210 57.67 3.94 -21.72
C CYS A 210 57.46 4.62 -23.08
N GLU A 211 58.55 5.09 -23.65
CA GLU A 211 58.55 5.78 -24.94
C GLU A 211 57.54 5.22 -25.94
N ILE A 212 56.94 6.11 -26.72
CA ILE A 212 55.95 5.75 -27.72
C ILE A 212 56.58 5.66 -29.12
N SER A 213 55.92 4.94 -30.02
CA SER A 213 56.39 4.79 -31.39
C SER A 213 55.32 5.25 -32.35
N TRP A 214 55.29 6.55 -32.63
CA TRP A 214 54.30 7.12 -33.54
C TRP A 214 54.49 6.60 -34.96
N LYS A 215 53.37 6.46 -35.67
CA LYS A 215 53.39 5.95 -37.04
C LYS A 215 53.56 7.07 -38.07
N ASP A 216 53.68 8.30 -37.60
CA ASP A 216 53.85 9.45 -38.48
C ASP A 216 54.10 10.71 -37.66
N ASN A 217 55.06 11.52 -38.11
CA ASN A 217 55.41 12.76 -37.42
C ASN A 217 54.19 13.69 -37.34
N ALA A 218 53.22 13.47 -38.20
CA ALA A 218 52.00 14.28 -38.22
C ALA A 218 51.09 13.80 -37.09
N HIS A 219 51.00 12.50 -36.92
CA HIS A 219 50.18 11.91 -35.87
C HIS A 219 51.01 11.77 -34.59
N ASN A 220 52.09 12.55 -34.52
CA ASN A 220 52.99 12.53 -33.38
C ASN A 220 52.34 13.09 -32.10
N VAL A 221 51.94 14.36 -32.16
CA VAL A 221 51.30 15.03 -31.03
C VAL A 221 52.29 15.51 -29.98
N THR A 222 53.18 14.62 -29.53
CA THR A 222 54.16 14.98 -28.51
C THR A 222 55.15 16.01 -29.04
N PRO A 246 59.17 20.05 -30.18
CA PRO A 246 58.49 19.54 -28.98
C PRO A 246 57.45 20.51 -28.44
N ILE A 247 56.20 20.07 -28.42
CA ILE A 247 55.11 20.90 -27.92
C ILE A 247 54.54 20.34 -26.63
N GLU A 248 53.55 21.03 -26.08
CA GLU A 248 52.91 20.61 -24.84
C GLU A 248 51.84 19.58 -25.11
N SER A 249 52.14 18.31 -24.80
CA SER A 249 51.19 17.23 -25.01
C SER A 249 51.01 16.37 -23.76
N PHE A 250 49.92 15.61 -23.73
CA PHE A 250 49.62 14.74 -22.60
C PHE A 250 50.57 13.55 -22.55
N PHE A 251 50.82 12.96 -23.71
CA PHE A 251 51.69 11.79 -23.81
C PHE A 251 53.13 12.04 -23.37
N ASN A 252 53.45 13.29 -23.03
CA ASN A 252 54.79 13.61 -22.57
C ASN A 252 54.93 12.96 -21.20
N PHE A 253 53.80 12.45 -20.71
CA PHE A 253 53.74 11.78 -19.42
C PHE A 253 54.58 10.51 -19.45
N PHE A 254 54.80 9.98 -20.65
CA PHE A 254 55.59 8.76 -20.81
C PHE A 254 57.06 9.07 -21.05
N ASP A 255 57.43 10.33 -20.84
CA ASP A 255 58.80 10.79 -21.01
C ASP A 255 59.14 11.65 -19.80
N PRO A 256 59.10 11.05 -18.60
CA PRO A 256 59.37 11.69 -17.31
C PRO A 256 60.67 12.49 -17.25
N PRO A 257 60.67 13.60 -16.49
CA PRO A 257 61.86 14.45 -16.35
C PRO A 257 62.98 13.66 -15.70
N LYS A 258 64.17 13.75 -16.26
CA LYS A 258 65.32 13.03 -15.74
C LYS A 258 66.15 13.88 -14.77
N ILE A 259 66.60 13.25 -13.69
CA ILE A 259 67.41 13.94 -12.69
C ILE A 259 68.76 14.27 -13.33
N GLN A 260 68.82 15.40 -14.02
CA GLN A 260 70.04 15.84 -14.70
C GLN A 260 71.32 15.43 -13.99
N ASN A 261 71.93 16.37 -13.27
CA ASN A 261 73.15 16.12 -12.53
C ASN A 261 73.40 17.25 -11.53
N GLU A 262 74.50 17.15 -10.81
CA GLU A 262 74.85 18.17 -9.82
C GLU A 262 75.70 19.26 -10.46
N ASP A 263 75.39 19.60 -11.71
CA ASP A 263 76.10 20.63 -12.43
C ASP A 263 75.65 22.02 -11.97
N GLN A 264 74.53 22.05 -11.24
CA GLN A 264 73.98 23.29 -10.72
C GLN A 264 73.45 24.21 -11.80
N ASP A 265 72.27 24.78 -11.55
CA ASP A 265 71.63 25.69 -12.50
C ASP A 265 70.72 26.67 -11.74
N GLU A 266 69.97 27.47 -12.48
CA GLU A 266 69.06 28.44 -11.88
C GLU A 266 67.75 28.49 -12.65
N GLU A 267 66.64 28.45 -11.91
CA GLU A 267 65.30 28.49 -12.49
C GLU A 267 65.03 27.22 -13.30
N LEU A 268 66.08 26.49 -13.62
CA LEU A 268 65.96 25.25 -14.38
C LEU A 268 65.97 24.07 -13.43
N GLU A 269 66.17 24.36 -12.14
CA GLU A 269 66.18 23.33 -11.11
C GLU A 269 64.85 23.42 -10.37
N GLU A 270 64.20 24.57 -10.51
CA GLU A 270 62.90 24.81 -9.88
C GLU A 270 61.81 24.45 -10.88
N ASP A 271 62.04 24.82 -12.13
CA ASP A 271 61.09 24.55 -13.21
C ASP A 271 60.99 23.04 -13.44
N LEU A 272 62.15 22.39 -13.51
CA LEU A 272 62.20 20.95 -13.73
C LEU A 272 61.94 20.21 -12.42
N GLU A 273 61.40 20.93 -11.44
CA GLU A 273 61.06 20.37 -10.14
C GLU A 273 59.55 20.37 -10.04
N GLU A 274 58.95 21.48 -10.46
CA GLU A 274 57.50 21.63 -10.44
C GLU A 274 56.92 20.64 -11.43
N ARG A 275 57.74 20.24 -12.39
CA ARG A 275 57.33 19.28 -13.41
C ARG A 275 57.34 17.87 -12.82
N LEU A 276 58.36 17.59 -12.02
CA LEU A 276 58.47 16.28 -11.36
C LEU A 276 57.28 16.11 -10.43
N ALA A 277 56.98 17.16 -9.67
CA ALA A 277 55.88 17.15 -8.73
C ALA A 277 54.59 16.87 -9.49
N LEU A 278 54.45 17.51 -10.65
CA LEU A 278 53.27 17.33 -11.49
C LEU A 278 53.22 15.90 -12.01
N ASP A 279 54.39 15.37 -12.37
CA ASP A 279 54.47 14.01 -12.88
C ASP A 279 54.00 13.04 -11.80
N TYR A 280 54.59 13.13 -10.62
CA TYR A 280 54.21 12.27 -9.50
C TYR A 280 52.76 12.53 -9.13
N SER A 281 52.36 13.80 -9.19
CA SER A 281 50.99 14.18 -8.87
C SER A 281 50.01 13.47 -9.78
N ILE A 282 50.22 13.59 -11.08
CA ILE A 282 49.35 12.94 -12.06
C ILE A 282 49.29 11.44 -11.76
N GLY A 283 50.46 10.83 -11.53
CA GLY A 283 50.50 9.42 -11.23
C GLY A 283 49.58 9.08 -10.07
N GLU A 284 49.58 9.95 -9.07
CA GLU A 284 48.74 9.76 -7.89
C GLU A 284 47.27 9.73 -8.29
N GLN A 285 46.84 10.74 -9.03
CA GLN A 285 45.46 10.85 -9.50
C GLN A 285 44.95 9.54 -10.11
N LEU A 286 45.59 9.10 -11.19
CA LEU A 286 45.19 7.88 -11.87
C LEU A 286 45.14 6.68 -10.95
N LYS A 287 46.19 6.49 -10.15
CA LYS A 287 46.28 5.37 -9.24
C LYS A 287 45.22 5.34 -8.13
N ASP A 288 45.22 6.36 -7.27
CA ASP A 288 44.30 6.44 -6.16
C ASP A 288 42.89 6.96 -6.45
N LYS A 289 42.65 7.43 -7.68
CA LYS A 289 41.33 7.96 -8.00
C LYS A 289 40.73 7.45 -9.30
N LEU A 290 41.23 7.98 -10.42
CA LEU A 290 40.74 7.62 -11.74
C LEU A 290 40.41 6.13 -11.88
N ILE A 291 41.40 5.27 -11.66
CA ILE A 291 41.20 3.82 -11.77
C ILE A 291 40.18 3.27 -10.78
N PRO A 292 40.37 3.53 -9.47
CA PRO A 292 39.44 3.03 -8.45
C PRO A 292 37.97 3.43 -8.65
N ARG A 293 37.75 4.57 -9.28
CA ARG A 293 36.38 5.05 -9.50
C ARG A 293 36.16 5.55 -10.92
N ALA A 294 36.75 4.86 -11.89
CA ALA A 294 36.61 5.24 -13.30
C ALA A 294 35.16 5.44 -13.71
N VAL A 295 34.29 4.53 -13.29
CA VAL A 295 32.87 4.60 -13.62
C VAL A 295 32.29 5.98 -13.35
N ASP A 296 32.39 6.44 -12.10
CA ASP A 296 31.86 7.74 -11.73
C ASP A 296 32.66 8.89 -12.33
N TRP A 297 33.95 8.68 -12.56
CA TRP A 297 34.78 9.72 -13.15
C TRP A 297 34.34 10.01 -14.58
N PHE A 298 33.66 9.04 -15.19
CA PHE A 298 33.16 9.19 -16.55
C PHE A 298 31.84 9.96 -16.53
N THR A 299 31.02 9.67 -15.53
CA THR A 299 29.73 10.33 -15.38
C THR A 299 29.90 11.74 -14.84
N GLY A 300 30.80 11.89 -13.87
CA GLY A 300 31.04 13.18 -13.28
C GLY A 300 30.65 13.23 -11.82
N ALA A 301 30.24 12.09 -11.28
CA ALA A 301 29.82 12.00 -9.88
C ALA A 301 31.01 12.17 -8.94
N ALA A 302 32.13 11.53 -9.29
CA ALA A 302 33.33 11.61 -8.47
C ALA A 302 33.74 13.05 -8.20
N LEU A 303 33.39 13.94 -9.11
CA LEU A 303 33.72 15.36 -8.97
C LEU A 303 33.22 15.90 -7.63
N GLY B 21 24.23 17.43 -17.98
CA GLY B 21 23.28 17.26 -19.13
C GLY B 21 23.93 16.65 -20.35
N TYR B 22 25.25 16.53 -20.31
CA TYR B 22 26.00 15.95 -21.41
C TYR B 22 25.92 14.43 -21.41
N VAL B 23 24.90 13.90 -20.73
CA VAL B 23 24.70 12.46 -20.65
C VAL B 23 23.21 12.14 -20.51
N GLY B 24 22.48 13.03 -19.85
CA GLY B 24 21.06 12.84 -19.65
C GLY B 24 20.30 12.40 -20.89
N GLY B 25 20.29 13.25 -21.90
CA GLY B 25 19.60 12.93 -23.14
C GLY B 25 20.55 12.51 -24.24
N LEU B 26 21.05 11.29 -24.17
CA LEU B 26 21.98 10.75 -25.15
C LEU B 26 21.64 9.30 -25.48
N PRO B 27 22.52 8.59 -26.22
CA PRO B 27 22.21 7.19 -26.55
C PRO B 27 21.79 6.32 -25.37
N LYS B 28 21.08 5.24 -25.66
CA LYS B 28 20.60 4.32 -24.64
C LYS B 28 21.60 3.20 -24.38
N ASN B 29 21.96 2.49 -25.44
CA ASN B 29 22.91 1.39 -25.34
C ASN B 29 24.14 1.77 -24.52
N VAL B 30 24.51 3.05 -24.57
CA VAL B 30 25.66 3.54 -23.83
C VAL B 30 25.32 3.49 -22.34
N LYS B 31 24.29 4.24 -21.96
CA LYS B 31 23.86 4.27 -20.56
C LYS B 31 23.78 2.85 -20.03
N GLU B 32 23.14 1.98 -20.81
CA GLU B 32 23.00 0.58 -20.43
C GLU B 32 24.33 0.03 -19.95
N LYS B 33 25.38 0.29 -20.71
CA LYS B 33 26.73 -0.17 -20.37
C LYS B 33 27.13 0.38 -19.00
N LEU B 34 26.96 1.69 -18.82
CA LEU B 34 27.31 2.35 -17.56
C LEU B 34 26.68 1.66 -16.36
N LEU B 35 25.39 1.38 -16.43
CA LEU B 35 24.68 0.73 -15.33
C LEU B 35 25.42 -0.50 -14.81
N SER B 36 25.84 -1.37 -15.73
CA SER B 36 26.57 -2.57 -15.36
C SER B 36 27.85 -2.19 -14.63
N LEU B 37 28.56 -1.21 -15.17
CA LEU B 37 29.81 -0.73 -14.59
C LEU B 37 29.54 -0.17 -13.20
N LYS B 38 28.45 0.58 -13.07
CA LYS B 38 28.08 1.18 -11.79
C LYS B 38 27.92 0.07 -10.75
N THR B 39 27.60 -1.14 -11.21
CA THR B 39 27.43 -2.28 -10.34
C THR B 39 28.79 -2.80 -9.90
N LEU B 40 29.68 -3.00 -10.87
CA LEU B 40 31.04 -3.48 -10.57
C LEU B 40 31.69 -2.48 -9.63
N GLN B 41 31.23 -1.23 -9.69
CA GLN B 41 31.75 -0.17 -8.83
C GLN B 41 31.46 -0.58 -7.39
N SER B 42 30.24 -1.06 -7.15
CA SER B 42 29.82 -1.49 -5.83
C SER B 42 30.66 -2.68 -5.37
N GLU B 43 31.00 -3.56 -6.31
CA GLU B 43 31.81 -4.73 -5.99
C GLU B 43 33.15 -4.27 -5.43
N LEU B 44 33.63 -3.14 -5.94
CA LEU B 44 34.89 -2.58 -5.47
C LEU B 44 34.74 -2.11 -4.03
N PHE B 45 33.62 -1.45 -3.74
CA PHE B 45 33.36 -0.96 -2.39
C PHE B 45 33.58 -2.03 -1.35
N GLU B 46 32.97 -3.20 -1.56
CA GLU B 46 33.11 -4.31 -0.62
C GLU B 46 34.53 -4.85 -0.60
N VAL B 47 35.20 -4.83 -1.74
CA VAL B 47 36.57 -5.32 -1.82
C VAL B 47 37.47 -4.32 -1.10
N GLU B 48 37.21 -3.04 -1.31
CA GLU B 48 37.96 -1.97 -0.66
C GLU B 48 37.55 -1.94 0.80
N LYS B 49 36.38 -2.50 1.06
CA LYS B 49 35.84 -2.56 2.43
C LYS B 49 36.72 -3.52 3.21
N GLU B 50 36.92 -4.71 2.64
CA GLU B 50 37.76 -5.73 3.26
C GLU B 50 39.19 -5.23 3.37
N PHE B 51 39.56 -4.33 2.45
CA PHE B 51 40.90 -3.76 2.44
C PHE B 51 41.17 -2.99 3.73
N GLN B 52 40.38 -1.94 3.96
CA GLN B 52 40.52 -1.13 5.16
C GLN B 52 40.49 -1.97 6.43
N VAL B 53 39.84 -3.12 6.36
CA VAL B 53 39.75 -4.02 7.51
C VAL B 53 41.14 -4.50 7.90
N GLU B 54 41.73 -5.37 7.07
CA GLU B 54 43.06 -5.88 7.33
C GLU B 54 44.04 -4.72 7.42
N MET B 55 43.72 -3.64 6.71
CA MET B 55 44.56 -2.44 6.69
C MET B 55 44.63 -1.85 8.10
N PHE B 56 43.48 -1.78 8.76
CA PHE B 56 43.41 -1.23 10.11
C PHE B 56 44.16 -2.13 11.08
N GLU B 57 43.95 -3.44 10.94
CA GLU B 57 44.60 -4.42 11.80
C GLU B 57 46.11 -4.32 11.71
N LEU B 58 46.62 -4.20 10.49
CA LEU B 58 48.06 -4.11 10.27
C LEU B 58 48.66 -2.98 11.09
N GLU B 59 48.00 -1.83 11.08
CA GLU B 59 48.48 -0.66 11.83
C GLU B 59 48.52 -0.98 13.32
N ASN B 60 47.37 -1.39 13.86
CA ASN B 60 47.28 -1.73 15.27
C ASN B 60 48.23 -2.88 15.59
N LYS B 61 48.49 -3.71 14.58
CA LYS B 61 49.37 -4.86 14.72
C LYS B 61 50.78 -4.40 15.07
N PHE B 62 51.21 -3.28 14.47
CA PHE B 62 52.53 -2.74 14.72
C PHE B 62 52.57 -1.75 15.87
N LEU B 63 51.41 -1.21 16.24
CA LEU B 63 51.34 -0.28 17.35
C LEU B 63 51.85 -0.96 18.60
N GLN B 64 51.54 -2.26 18.71
CA GLN B 64 51.96 -3.06 19.86
C GLN B 64 53.48 -3.22 19.86
N LYS B 65 54.11 -2.87 18.73
CA LYS B 65 55.56 -2.97 18.61
C LYS B 65 56.18 -1.61 18.93
N TYR B 66 55.41 -0.55 18.72
CA TYR B 66 55.88 0.80 18.99
C TYR B 66 55.81 1.11 20.48
N LYS B 67 54.70 0.71 21.11
CA LYS B 67 54.49 0.95 22.53
C LYS B 67 55.70 0.56 23.37
N PRO B 68 56.15 -0.70 23.28
CA PRO B 68 57.32 -1.14 24.05
C PRO B 68 58.50 -0.18 23.91
N ILE B 69 58.73 0.29 22.69
CA ILE B 69 59.81 1.21 22.42
C ILE B 69 59.54 2.58 23.05
N TRP B 70 58.30 3.06 22.92
CA TRP B 70 57.92 4.34 23.49
C TRP B 70 57.87 4.27 25.01
N GLU B 71 57.43 3.13 25.53
CA GLU B 71 57.36 2.95 26.98
C GLU B 71 58.74 3.16 27.57
N GLN B 72 59.75 2.65 26.87
CA GLN B 72 61.14 2.82 27.30
C GLN B 72 61.42 4.30 27.44
N ARG B 73 60.97 5.06 26.44
CA ARG B 73 61.15 6.50 26.41
C ARG B 73 60.49 7.16 27.62
N SER B 74 59.28 6.72 27.93
CA SER B 74 58.53 7.27 29.06
C SER B 74 59.33 7.21 30.35
N ARG B 75 59.83 6.02 30.68
CA ARG B 75 60.61 5.83 31.90
C ARG B 75 61.93 6.61 31.87
N ILE B 76 62.52 6.74 30.68
CA ILE B 76 63.78 7.46 30.54
C ILE B 76 63.54 8.96 30.77
N ILE B 77 62.33 9.40 30.46
CA ILE B 77 61.96 10.80 30.62
C ILE B 77 61.50 11.07 32.05
N SER B 78 60.75 10.14 32.62
CA SER B 78 60.24 10.26 33.98
C SER B 78 61.36 10.01 34.98
N GLY B 79 62.53 9.62 34.48
CA GLY B 79 63.66 9.36 35.36
C GLY B 79 63.49 8.06 36.10
N GLN B 80 62.40 7.34 35.79
CA GLN B 80 62.11 6.06 36.43
C GLN B 80 63.12 5.01 36.01
N GLU B 81 63.98 5.36 35.06
CA GLU B 81 65.01 4.45 34.57
C GLU B 81 66.14 5.23 33.91
N GLN B 82 67.37 4.93 34.31
CA GLN B 82 68.54 5.62 33.76
C GLN B 82 68.90 5.15 32.36
N PRO B 83 69.40 6.08 31.52
CA PRO B 83 69.79 5.79 30.14
C PRO B 83 70.89 4.74 30.05
N LYS B 84 70.83 3.91 29.01
CA LYS B 84 71.81 2.86 28.80
C LYS B 84 73.02 3.43 28.08
N PRO B 85 74.20 3.41 28.72
CA PRO B 85 75.42 3.93 28.10
C PRO B 85 75.58 3.47 26.65
N GLU B 86 74.96 2.33 26.34
CA GLU B 86 75.01 1.80 24.97
C GLU B 86 74.15 2.70 24.10
N GLN B 87 72.93 2.96 24.57
CA GLN B 87 72.02 3.83 23.85
C GLN B 87 72.70 5.19 23.74
N ILE B 88 73.46 5.53 24.76
CA ILE B 88 74.19 6.79 24.79
C ILE B 88 75.32 6.70 23.77
N ALA B 89 75.90 5.51 23.65
CA ALA B 89 76.98 5.27 22.70
C ALA B 89 76.44 5.42 21.28
N LYS B 90 75.41 4.64 20.97
CA LYS B 90 74.79 4.70 19.65
C LYS B 90 74.32 6.13 19.38
N GLY B 91 73.82 6.78 20.41
CA GLY B 91 73.35 8.14 20.28
C GLY B 91 74.46 9.03 19.77
N GLN B 92 75.64 8.88 20.36
CA GLN B 92 76.80 9.68 19.97
C GLN B 92 77.02 9.61 18.46
N GLU B 93 76.97 8.40 17.92
CA GLU B 93 77.16 8.20 16.48
C GLU B 93 76.01 8.82 15.70
N ILE B 94 74.79 8.33 15.95
CA ILE B 94 73.60 8.82 15.27
C ILE B 94 73.58 10.34 15.18
N VAL B 95 73.61 10.99 16.34
CA VAL B 95 73.61 12.45 16.40
C VAL B 95 74.69 13.05 15.50
N GLU B 96 75.85 12.41 15.47
CA GLU B 96 76.96 12.87 14.64
C GLU B 96 76.68 12.59 13.17
N SER B 97 76.10 11.43 12.89
CA SER B 97 75.77 11.02 11.54
C SER B 97 74.71 11.91 10.91
N LEU B 98 73.89 12.54 11.75
CA LEU B 98 72.83 13.42 11.26
C LEU B 98 73.23 14.89 11.31
N ASN B 99 74.52 15.14 11.52
CA ASN B 99 75.04 16.50 11.57
C ASN B 99 74.35 17.33 12.65
N GLU B 100 73.91 16.68 13.72
CA GLU B 100 73.23 17.36 14.82
C GLU B 100 74.17 17.54 16.01
N THR B 101 75.38 18.04 15.74
CA THR B 101 76.38 18.26 16.78
C THR B 101 75.80 18.96 18.01
N GLU B 102 74.71 19.70 17.80
CA GLU B 102 74.05 20.42 18.88
C GLU B 102 73.77 19.54 20.09
N LEU B 103 73.78 18.23 19.89
CA LEU B 103 73.50 17.28 20.98
C LEU B 103 74.65 16.29 21.18
N LEU B 104 75.79 16.80 21.63
CA LEU B 104 76.96 15.97 21.87
C LEU B 104 77.64 16.34 23.18
N VAL B 105 78.56 15.49 23.63
CA VAL B 105 79.29 15.73 24.87
C VAL B 105 80.75 15.36 24.72
N ASP B 106 81.64 16.28 25.11
CA ASP B 106 83.07 16.05 25.02
C ASP B 106 83.71 16.07 26.41
N GLU B 107 84.19 14.92 26.86
CA GLU B 107 84.81 14.79 28.17
C GLU B 107 83.84 15.19 29.28
N GLN B 119 73.88 15.24 38.48
CA GLN B 119 72.56 15.44 39.08
C GLN B 119 71.48 15.46 38.01
N VAL B 120 70.34 16.07 38.33
CA VAL B 120 69.20 16.16 37.42
C VAL B 120 68.48 14.83 37.24
N LYS B 121 67.16 14.89 37.16
CA LYS B 121 66.32 13.71 36.98
C LYS B 121 65.98 13.55 35.50
N GLY B 122 64.94 12.77 35.21
CA GLY B 122 64.53 12.55 33.84
C GLY B 122 64.37 13.85 33.07
N ILE B 123 64.43 13.78 31.75
CA ILE B 123 64.29 14.96 30.89
C ILE B 123 63.19 15.89 31.35
N PRO B 124 63.56 17.01 31.99
CA PRO B 124 62.57 17.99 32.47
C PRO B 124 61.87 18.70 31.32
N SER B 125 60.55 18.80 31.41
CA SER B 125 59.76 19.47 30.38
C SER B 125 60.00 18.85 29.00
N PHE B 126 59.85 17.54 28.90
CA PHE B 126 60.06 16.87 27.62
C PHE B 126 58.92 17.15 26.65
N TRP B 127 57.81 16.44 26.84
CA TRP B 127 56.65 16.60 25.97
C TRP B 127 56.17 18.05 25.92
N LEU B 128 56.48 18.80 26.97
CA LEU B 128 56.09 20.20 27.03
C LEU B 128 56.81 20.95 25.91
N THR B 129 58.11 20.70 25.78
CA THR B 129 58.92 21.33 24.74
C THR B 129 58.58 20.75 23.37
N ALA B 130 58.38 19.44 23.33
CA ALA B 130 58.05 18.75 22.09
C ALA B 130 56.77 19.30 21.48
N LEU B 131 55.80 19.63 22.33
CA LEU B 131 54.52 20.18 21.88
C LEU B 131 54.66 21.62 21.42
N GLU B 132 55.52 22.38 22.07
CA GLU B 132 55.72 23.78 21.71
C GLU B 132 56.42 23.90 20.36
N ASN B 133 56.84 22.77 19.82
CA ASN B 133 57.51 22.75 18.53
C ASN B 133 56.59 22.16 17.47
N LEU B 134 55.54 21.48 17.93
CA LEU B 134 54.57 20.88 17.02
C LEU B 134 53.73 22.00 16.41
N PRO B 135 53.89 22.25 15.10
CA PRO B 135 53.20 23.28 14.32
C PRO B 135 51.79 23.67 14.77
N ILE B 136 50.83 22.80 14.53
CA ILE B 136 49.43 23.08 14.88
C ILE B 136 49.16 23.16 16.39
N VAL B 137 49.72 22.24 17.15
CA VAL B 137 49.50 22.21 18.60
C VAL B 137 50.12 23.37 19.36
N CYS B 138 51.46 23.47 19.32
CA CYS B 138 52.20 24.52 20.02
C CYS B 138 51.44 25.83 20.21
N ASP B 139 50.82 26.32 19.15
CA ASP B 139 50.07 27.57 19.21
C ASP B 139 48.92 27.57 20.22
N THR B 140 48.28 26.42 20.38
CA THR B 140 47.15 26.30 21.30
C THR B 140 47.47 26.32 22.79
N ILE B 141 48.75 26.19 23.15
CA ILE B 141 49.13 26.20 24.56
C ILE B 141 49.27 27.61 25.10
N THR B 142 48.77 27.82 26.32
CA THR B 142 48.84 29.13 26.96
C THR B 142 49.88 29.08 28.09
N ASP B 143 50.26 30.25 28.58
CA ASP B 143 51.24 30.34 29.66
C ASP B 143 50.77 29.60 30.92
N ARG B 144 49.46 29.52 31.11
CA ARG B 144 48.89 28.85 32.27
C ARG B 144 48.87 27.33 32.12
N ASP B 145 48.38 26.85 30.98
CA ASP B 145 48.33 25.41 30.75
C ASP B 145 49.71 24.83 30.47
N ALA B 146 50.69 25.70 30.27
CA ALA B 146 52.05 25.26 30.00
C ALA B 146 52.67 24.72 31.27
N GLU B 147 52.33 25.34 32.40
CA GLU B 147 52.83 24.93 33.70
C GLU B 147 52.23 23.58 34.06
N VAL B 148 51.08 23.27 33.47
CA VAL B 148 50.40 22.01 33.73
C VAL B 148 51.04 20.89 32.94
N LEU B 149 51.26 21.13 31.65
CA LEU B 149 51.88 20.15 30.77
C LEU B 149 53.29 19.85 31.25
N GLU B 150 53.72 20.58 32.27
CA GLU B 150 55.06 20.40 32.84
C GLU B 150 55.12 19.05 33.55
N TYR B 151 53.94 18.50 33.88
CA TYR B 151 53.86 17.23 34.57
C TYR B 151 53.46 16.10 33.63
N LEU B 152 53.46 16.39 32.33
CA LEU B 152 53.13 15.38 31.33
C LEU B 152 54.30 14.43 31.18
N GLN B 153 54.05 13.13 31.41
CA GLN B 153 55.10 12.14 31.32
C GLN B 153 55.14 11.36 30.00
N ASP B 154 53.97 11.10 29.42
CA ASP B 154 53.92 10.35 28.17
C ASP B 154 52.56 10.43 27.47
N ILE B 155 52.58 10.18 26.15
CA ILE B 155 51.38 10.21 25.34
C ILE B 155 51.27 8.90 24.55
N GLY B 156 50.38 8.03 24.99
CA GLY B 156 50.21 6.75 24.31
C GLY B 156 49.22 6.81 23.15
N LEU B 157 49.10 5.69 22.44
CA LEU B 157 48.19 5.60 21.30
C LEU B 157 47.60 4.20 21.21
N GLU B 158 46.30 4.13 20.94
CA GLU B 158 45.60 2.85 20.83
C GLU B 158 44.47 2.93 19.80
N TYR B 159 44.43 1.97 18.89
CA TYR B 159 43.38 1.94 17.87
C TYR B 159 42.13 1.34 18.49
N LEU B 160 41.05 1.27 17.72
CA LEU B 160 39.81 0.73 18.25
C LEU B 160 39.03 -0.17 17.28
N THR B 161 38.86 -1.41 17.68
CA THR B 161 38.11 -2.41 16.91
C THR B 161 36.96 -2.78 17.84
N ASP B 162 36.95 -2.12 18.99
CA ASP B 162 35.95 -2.32 20.03
C ASP B 162 34.64 -1.66 19.63
N GLY B 163 34.25 -1.85 18.38
CA GLY B 163 33.01 -1.25 17.88
C GLY B 163 33.27 -0.34 16.71
N ARG B 164 33.31 0.97 16.96
CA ARG B 164 33.54 1.95 15.91
C ARG B 164 35.04 2.16 15.70
N PRO B 165 35.44 2.37 14.44
CA PRO B 165 36.86 2.60 14.10
C PRO B 165 37.37 3.88 14.75
N GLY B 166 38.65 3.91 15.08
CA GLY B 166 39.23 5.10 15.69
C GLY B 166 40.42 4.79 16.58
N PHE B 167 40.93 5.83 17.24
CA PHE B 167 42.08 5.67 18.13
C PHE B 167 41.94 6.52 19.38
N LYS B 168 42.81 6.27 20.36
CA LYS B 168 42.78 7.02 21.62
C LYS B 168 44.16 7.56 21.99
N LEU B 169 44.21 8.85 22.31
CA LEU B 169 45.45 9.50 22.70
C LEU B 169 45.50 9.61 24.22
N LEU B 170 46.20 8.70 24.87
CA LEU B 170 46.29 8.68 26.32
C LEU B 170 47.42 9.57 26.84
N PHE B 171 47.06 10.57 27.65
CA PHE B 171 48.03 11.48 28.24
C PHE B 171 48.28 11.05 29.68
N ARG B 172 49.51 10.61 29.96
CA ARG B 172 49.88 10.14 31.28
C ARG B 172 50.61 11.22 32.08
N PHE B 173 49.91 11.81 33.05
CA PHE B 173 50.50 12.85 33.89
C PHE B 173 51.01 12.29 35.21
N ASP B 174 51.88 13.06 35.87
CA ASP B 174 52.45 12.66 37.16
C ASP B 174 51.51 13.09 38.28
N SER B 175 50.49 12.29 38.52
CA SER B 175 49.49 12.57 39.55
C SER B 175 50.10 12.89 40.91
N SER B 176 51.22 12.25 41.22
CA SER B 176 51.89 12.46 42.51
C SER B 176 52.37 13.89 42.73
N ALA B 177 52.56 14.64 41.64
CA ALA B 177 53.04 16.01 41.75
C ALA B 177 52.08 17.04 41.16
N ASN B 178 51.30 16.63 40.15
CA ASN B 178 50.35 17.52 39.50
C ASN B 178 49.45 18.23 40.51
N PRO B 179 49.66 19.54 40.70
CA PRO B 179 48.87 20.35 41.64
C PRO B 179 47.52 20.78 41.07
N PHE B 180 47.37 20.70 39.76
CA PHE B 180 46.13 21.11 39.09
C PHE B 180 45.02 20.08 39.21
N PHE B 181 45.18 18.95 38.54
CA PHE B 181 44.17 17.89 38.58
C PHE B 181 44.75 16.57 39.08
N THR B 182 43.93 15.81 39.81
CA THR B 182 44.36 14.53 40.36
C THR B 182 44.37 13.42 39.31
N ASN B 183 43.69 13.65 38.18
CA ASN B 183 43.64 12.67 37.11
C ASN B 183 44.98 12.02 36.86
N ASP B 184 44.96 10.70 36.65
CA ASP B 184 46.19 9.95 36.39
C ASP B 184 46.44 9.82 34.90
N ILE B 185 45.35 9.72 34.13
CA ILE B 185 45.46 9.58 32.68
C ILE B 185 44.33 10.28 31.93
N LEU B 186 44.68 11.31 31.17
CA LEU B 186 43.72 12.05 30.38
C LEU B 186 43.76 11.44 28.97
N CYS B 187 42.78 11.74 28.14
CA CYS B 187 42.76 11.20 26.79
C CYS B 187 41.78 11.83 25.82
N LYS B 188 41.83 11.37 24.58
CA LYS B 188 40.97 11.86 23.51
C LYS B 188 40.68 10.69 22.57
N THR B 189 39.42 10.47 22.26
CA THR B 189 39.04 9.37 21.38
C THR B 189 38.30 9.83 20.12
N TYR B 190 38.90 9.57 18.97
CA TYR B 190 38.30 9.93 17.69
C TYR B 190 37.59 8.72 17.09
N PHE B 191 36.38 8.93 16.61
CA PHE B 191 35.60 7.85 16.02
C PHE B 191 35.31 8.06 14.54
N TYR B 192 35.43 6.97 13.77
CA TYR B 192 35.15 7.01 12.34
C TYR B 192 33.81 6.32 12.12
N GLN B 193 32.93 6.95 11.35
CA GLN B 193 31.62 6.37 11.09
C GLN B 193 31.73 5.04 10.36
N LYS B 194 31.04 4.03 10.89
CA LYS B 194 31.04 2.68 10.35
C LYS B 194 31.16 2.59 8.83
N GLU B 195 30.32 3.33 8.12
CA GLU B 195 30.33 3.33 6.66
C GLU B 195 31.49 4.11 6.07
N LEU B 196 32.26 3.46 5.20
CA LEU B 196 33.41 4.09 4.56
C LEU B 196 32.94 5.15 3.58
N GLY B 197 33.72 6.22 3.46
CA GLY B 197 33.37 7.29 2.55
C GLY B 197 33.50 6.90 1.09
N TYR B 198 33.21 7.84 0.20
CA TYR B 198 33.28 7.61 -1.24
C TYR B 198 34.70 7.16 -1.62
N SER B 199 35.70 7.87 -1.11
CA SER B 199 37.09 7.55 -1.40
C SER B 199 37.46 6.15 -0.94
N GLY B 200 36.54 5.50 -0.21
CA GLY B 200 36.79 4.16 0.27
C GLY B 200 37.54 4.16 1.60
N ASP B 201 37.72 5.35 2.17
CA ASP B 201 38.41 5.49 3.44
C ASP B 201 37.42 5.78 4.56
N PHE B 202 37.94 6.09 5.74
CA PHE B 202 37.10 6.39 6.90
C PHE B 202 36.81 7.89 6.97
N ILE B 203 35.73 8.23 7.67
CA ILE B 203 35.33 9.62 7.83
C ILE B 203 35.08 9.91 9.30
N TYR B 204 35.81 10.88 9.85
CA TYR B 204 35.67 11.25 11.25
C TYR B 204 34.22 11.55 11.62
N ASP B 205 33.69 10.77 12.55
CA ASP B 205 32.31 10.95 13.02
C ASP B 205 32.27 12.03 14.09
N HIS B 206 33.04 11.82 15.16
CA HIS B 206 33.11 12.78 16.26
C HIS B 206 34.21 12.36 17.22
N ALA B 207 34.45 13.19 18.24
CA ALA B 207 35.48 12.89 19.22
C ALA B 207 34.94 12.93 20.64
N GLU B 208 35.41 12.02 21.49
CA GLU B 208 34.98 11.96 22.88
C GLU B 208 36.10 12.38 23.81
N GLY B 209 35.93 13.54 24.44
CA GLY B 209 36.94 14.02 25.37
C GLY B 209 36.92 13.22 26.65
N CYS B 210 38.10 13.06 27.26
CA CYS B 210 38.22 12.30 28.49
C CYS B 210 38.08 13.21 29.71
N GLU B 211 37.66 14.44 29.47
CA GLU B 211 37.46 15.45 30.50
C GLU B 211 38.59 15.53 31.53
N ILE B 212 38.42 16.39 32.52
CA ILE B 212 39.42 16.56 33.57
C ILE B 212 38.76 16.93 34.90
N SER B 213 39.36 16.48 36.00
CA SER B 213 38.85 16.76 37.33
C SER B 213 39.84 17.60 38.11
N TRP B 214 39.74 18.92 37.95
CA TRP B 214 40.65 19.85 38.63
C TRP B 214 40.32 19.91 40.11
N LYS B 215 41.34 20.16 40.92
CA LYS B 215 41.17 20.25 42.37
C LYS B 215 41.05 21.69 42.86
N ASP B 216 40.88 22.62 41.94
CA ASP B 216 40.75 24.03 42.30
C ASP B 216 40.46 24.88 41.07
N ASN B 217 39.45 25.74 41.17
CA ASN B 217 39.06 26.61 40.06
C ASN B 217 40.22 27.48 39.64
N ALA B 218 40.97 28.00 40.61
CA ALA B 218 42.11 28.85 40.33
C ALA B 218 43.16 28.06 39.57
N HIS B 219 43.19 26.75 39.81
CA HIS B 219 44.13 25.85 39.14
C HIS B 219 43.54 25.33 37.84
N ASN B 220 42.30 25.70 37.58
CA ASN B 220 41.60 25.27 36.37
C ASN B 220 41.96 26.20 35.22
N VAL B 221 42.88 25.77 34.36
CA VAL B 221 43.30 26.57 33.22
C VAL B 221 42.18 26.71 32.20
N THR B 222 41.36 25.67 32.07
CA THR B 222 40.25 25.67 31.13
C THR B 222 39.10 26.55 31.63
N PRO B 246 34.41 30.01 31.23
CA PRO B 246 35.34 29.27 30.38
C PRO B 246 36.44 30.17 29.81
N ILE B 247 37.68 29.70 29.89
CA ILE B 247 38.82 30.45 29.37
C ILE B 247 39.49 29.72 28.21
N GLU B 248 40.18 30.48 27.36
CA GLU B 248 40.87 29.90 26.22
C GLU B 248 42.06 29.09 26.72
N SER B 249 41.90 27.78 26.77
CA SER B 249 42.97 26.91 27.26
C SER B 249 43.27 25.74 26.31
N PHE B 250 44.42 25.12 26.52
CA PHE B 250 44.86 23.99 25.71
C PHE B 250 44.11 22.73 26.10
N PHE B 251 43.87 22.55 27.40
CA PHE B 251 43.18 21.38 27.89
C PHE B 251 41.73 21.28 27.42
N ASN B 252 41.27 22.28 26.68
CA ASN B 252 39.91 22.25 26.14
C ASN B 252 39.93 21.19 25.04
N PHE B 253 41.13 20.70 24.75
CA PHE B 253 41.35 19.68 23.74
C PHE B 253 40.60 18.41 24.13
N PHE B 254 40.41 18.22 25.44
CA PHE B 254 39.72 17.06 25.96
C PHE B 254 38.23 17.34 26.09
N ASP B 255 37.80 18.45 25.50
CA ASP B 255 36.40 18.86 25.53
C ASP B 255 36.07 19.47 24.17
N PRO B 256 36.20 18.68 23.09
CA PRO B 256 35.92 19.11 21.72
C PRO B 256 34.46 19.45 21.48
N PRO B 257 34.17 20.22 20.41
CA PRO B 257 32.81 20.61 20.06
C PRO B 257 31.99 19.43 19.58
N LYS B 258 30.69 19.46 19.86
CA LYS B 258 29.80 18.38 19.45
C LYS B 258 29.05 18.72 18.17
N ILE B 259 28.53 17.69 17.50
CA ILE B 259 27.81 17.86 16.25
C ILE B 259 26.58 18.77 16.37
N GLN B 260 25.75 18.52 17.38
CA GLN B 260 24.54 19.31 17.59
C GLN B 260 24.76 20.61 18.36
N ASN B 261 24.03 21.65 17.95
CA ASN B 261 24.10 22.96 18.58
C ASN B 261 23.39 24.00 17.73
N GLU B 266 23.64 30.61 9.97
CA GLU B 266 24.93 31.23 9.67
C GLU B 266 25.71 31.53 10.94
N GLU B 267 27.00 31.78 10.78
CA GLU B 267 27.88 32.10 11.89
C GLU B 267 28.10 30.93 12.84
N LEU B 268 27.03 30.19 13.13
CA LEU B 268 27.11 29.05 14.02
C LEU B 268 27.90 27.91 13.39
N GLU B 269 27.32 27.28 12.37
CA GLU B 269 27.97 26.18 11.68
C GLU B 269 29.32 26.58 11.09
N GLU B 270 29.37 27.75 10.48
CA GLU B 270 30.60 28.24 9.87
C GLU B 270 31.74 28.29 10.89
N ASP B 271 31.40 28.62 12.13
CA ASP B 271 32.38 28.71 13.19
C ASP B 271 32.56 27.37 13.89
N LEU B 272 31.44 26.71 14.20
CA LEU B 272 31.49 25.42 14.87
C LEU B 272 31.96 24.31 13.94
N GLU B 273 32.63 24.69 12.86
CA GLU B 273 33.16 23.74 11.90
C GLU B 273 34.67 23.94 11.77
N GLU B 274 35.12 25.18 11.98
CA GLU B 274 36.53 25.50 11.91
C GLU B 274 37.27 24.84 13.07
N ARG B 275 36.69 24.94 14.26
CA ARG B 275 37.28 24.35 15.45
C ARG B 275 37.16 22.83 15.34
N LEU B 276 36.02 22.40 14.82
CA LEU B 276 35.75 20.98 14.65
C LEU B 276 36.78 20.40 13.68
N ALA B 277 37.17 21.21 12.70
CA ALA B 277 38.17 20.80 11.72
C ALA B 277 39.55 20.88 12.36
N LEU B 278 39.78 21.94 13.13
CA LEU B 278 41.05 22.13 13.82
C LEU B 278 41.28 20.97 14.78
N ASP B 279 40.19 20.46 15.34
CA ASP B 279 40.27 19.35 16.29
C ASP B 279 40.87 18.12 15.61
N TYR B 280 40.26 17.70 14.49
CA TYR B 280 40.75 16.54 13.77
C TYR B 280 42.19 16.79 13.31
N SER B 281 42.47 18.01 12.89
CA SER B 281 43.80 18.39 12.44
C SER B 281 44.83 18.07 13.51
N ILE B 282 44.56 18.55 14.72
CA ILE B 282 45.45 18.32 15.85
C ILE B 282 45.65 16.82 16.05
N GLY B 283 44.54 16.08 16.03
CA GLY B 283 44.61 14.64 16.21
C GLY B 283 45.66 13.97 15.34
N GLU B 284 45.64 14.29 14.05
CA GLU B 284 46.60 13.71 13.12
C GLU B 284 48.03 14.14 13.44
N GLN B 285 48.18 15.37 13.91
CA GLN B 285 49.50 15.91 14.25
C GLN B 285 50.18 15.06 15.32
N LEU B 286 49.42 14.70 16.35
CA LEU B 286 49.96 13.88 17.44
C LEU B 286 50.14 12.43 16.99
N LYS B 287 49.19 11.95 16.19
CA LYS B 287 49.22 10.58 15.69
C LYS B 287 50.33 10.29 14.69
N ASP B 288 50.38 11.06 13.61
CA ASP B 288 51.36 10.85 12.56
C ASP B 288 52.69 11.59 12.72
N LYS B 289 52.86 12.31 13.83
CA LYS B 289 54.10 13.06 14.03
C LYS B 289 54.62 13.05 15.46
N LEU B 290 53.95 13.80 16.33
CA LEU B 290 54.36 13.90 17.73
C LEU B 290 54.74 12.55 18.35
N ILE B 291 53.84 11.59 18.29
CA ILE B 291 54.10 10.27 18.86
C ILE B 291 55.24 9.53 18.15
N PRO B 292 55.17 9.40 16.82
CA PRO B 292 56.22 8.72 16.06
C PRO B 292 57.62 9.28 16.24
N ARG B 293 57.75 10.60 16.14
CA ARG B 293 59.05 11.25 16.27
C ARG B 293 59.12 12.20 17.47
N ALA B 294 58.59 11.76 18.60
CA ALA B 294 58.58 12.57 19.81
C ALA B 294 59.97 13.10 20.15
N VAL B 295 60.98 12.25 20.03
CA VAL B 295 62.35 12.63 20.33
C VAL B 295 62.76 13.90 19.57
N ASP B 296 62.72 13.82 18.25
CA ASP B 296 63.09 14.95 17.41
C ASP B 296 62.19 16.17 17.64
N TRP B 297 60.94 15.91 17.99
CA TRP B 297 59.99 17.00 18.24
C TRP B 297 60.38 17.78 19.49
N PHE B 298 61.13 17.14 20.38
CA PHE B 298 61.58 17.79 21.61
C PHE B 298 62.80 18.65 21.32
N THR B 299 63.77 18.08 20.62
CA THR B 299 64.99 18.79 20.27
C THR B 299 64.70 19.86 19.22
N GLY B 300 63.78 19.54 18.31
CA GLY B 300 63.42 20.47 17.26
C GLY B 300 63.88 20.02 15.89
N ALA B 301 64.59 18.89 15.86
CA ALA B 301 65.09 18.34 14.60
C ALA B 301 63.96 18.03 13.63
N ALA B 302 62.79 17.71 14.18
CA ALA B 302 61.63 17.38 13.38
C ALA B 302 61.20 18.57 12.52
N LEU B 303 61.62 19.77 12.93
CA LEU B 303 61.28 20.99 12.20
C LEU B 303 62.11 21.10 10.93
N THR C 5 53.59 22.11 -19.42
CA THR C 5 52.32 22.85 -19.60
C THR C 5 52.59 24.23 -20.19
N ARG C 6 51.74 24.65 -21.13
CA ARG C 6 51.89 25.96 -21.75
C ARG C 6 51.87 27.05 -20.68
N SER C 7 51.44 26.67 -19.48
CA SER C 7 51.38 27.60 -18.36
C SER C 7 52.78 27.90 -17.87
N SER C 8 53.61 26.86 -17.82
CA SER C 8 55.00 27.00 -17.37
C SER C 8 55.76 27.87 -18.36
N ARG C 9 55.51 27.65 -19.64
CA ARG C 9 56.18 28.43 -20.69
C ARG C 9 55.80 29.90 -20.57
N ALA C 10 54.70 30.17 -19.86
CA ALA C 10 54.24 31.54 -19.66
C ALA C 10 54.39 31.95 -18.20
N GLY C 11 54.89 31.02 -17.38
CA GLY C 11 55.07 31.30 -15.97
C GLY C 11 53.78 31.65 -15.26
N LEU C 12 52.75 30.83 -15.48
CA LEU C 12 51.44 31.05 -14.87
C LEU C 12 50.98 29.82 -14.09
N GLN C 13 50.21 30.06 -13.04
CA GLN C 13 49.69 28.98 -12.21
C GLN C 13 48.42 28.41 -12.81
N PHE C 14 47.63 29.28 -13.44
CA PHE C 14 46.39 28.86 -14.07
C PHE C 14 46.63 28.03 -15.33
N PRO C 15 45.70 27.13 -15.67
CA PRO C 15 45.80 26.26 -16.84
C PRO C 15 45.55 26.98 -18.16
N VAL C 16 46.62 27.16 -18.94
CA VAL C 16 46.51 27.82 -20.24
C VAL C 16 45.83 26.86 -21.21
N GLY C 17 45.83 25.58 -20.85
CA GLY C 17 45.21 24.58 -21.69
C GLY C 17 43.70 24.60 -21.64
N ARG C 18 43.14 24.55 -20.43
CA ARG C 18 41.70 24.56 -20.25
C ARG C 18 41.09 25.86 -20.78
N VAL C 19 41.71 26.99 -20.42
CA VAL C 19 41.22 28.28 -20.86
C VAL C 19 41.11 28.28 -22.39
N HIS C 20 42.07 27.64 -23.04
CA HIS C 20 42.08 27.56 -24.50
C HIS C 20 40.99 26.60 -24.97
N ARG C 21 40.72 25.57 -24.17
CA ARG C 21 39.71 24.58 -24.49
C ARG C 21 38.32 25.19 -24.37
N LEU C 22 38.08 25.90 -23.27
CA LEU C 22 36.80 26.54 -23.03
C LEU C 22 36.49 27.63 -24.05
N LEU C 23 37.53 28.27 -24.57
CA LEU C 23 37.38 29.32 -25.56
C LEU C 23 36.90 28.78 -26.91
N ARG C 24 37.14 27.50 -27.15
CA ARG C 24 36.73 26.87 -28.39
C ARG C 24 35.40 26.16 -28.27
N LYS C 25 34.97 25.90 -27.05
CA LYS C 25 33.69 25.22 -26.80
C LYS C 25 32.57 26.20 -26.50
N GLY C 26 32.95 27.42 -26.08
CA GLY C 26 31.95 28.42 -25.77
C GLY C 26 31.36 29.10 -26.99
N ASN C 27 31.85 28.71 -28.17
CA ASN C 27 31.37 29.28 -29.42
C ASN C 27 31.46 30.81 -29.43
N TYR C 28 32.62 31.33 -29.09
CA TYR C 28 32.82 32.78 -29.07
C TYR C 28 33.30 33.28 -30.43
N ALA C 29 33.91 32.37 -31.20
CA ALA C 29 34.42 32.71 -32.52
C ALA C 29 34.77 31.47 -33.32
N GLU C 30 34.93 31.64 -34.63
CA GLU C 30 35.27 30.54 -35.52
C GLU C 30 36.63 29.95 -35.19
N ARG C 31 37.55 30.80 -34.74
CA ARG C 31 38.90 30.36 -34.41
C ARG C 31 39.42 31.10 -33.18
N VAL C 32 40.49 30.59 -32.58
CA VAL C 32 41.07 31.21 -31.39
C VAL C 32 42.60 31.27 -31.51
N GLY C 33 43.15 32.45 -31.27
CA GLY C 33 44.59 32.62 -31.36
C GLY C 33 45.33 31.81 -30.31
N ALA C 34 46.65 31.74 -30.45
CA ALA C 34 47.48 30.99 -29.50
C ALA C 34 47.80 31.81 -28.27
N GLY C 35 47.88 33.14 -28.44
CA GLY C 35 48.18 34.02 -27.32
C GLY C 35 46.93 34.44 -26.57
N ALA C 36 45.77 34.17 -27.15
CA ALA C 36 44.50 34.52 -26.52
C ALA C 36 44.31 33.82 -25.17
N PRO C 37 44.49 32.50 -25.12
CA PRO C 37 44.32 31.76 -23.87
C PRO C 37 45.36 32.13 -22.82
N VAL C 38 46.58 32.44 -23.27
CA VAL C 38 47.66 32.81 -22.37
C VAL C 38 47.38 34.17 -21.72
N TYR C 39 46.94 35.12 -22.54
CA TYR C 39 46.63 36.47 -22.04
C TYR C 39 45.47 36.40 -21.05
N LEU C 40 44.42 35.68 -21.42
CA LEU C 40 43.25 35.53 -20.57
C LEU C 40 43.59 34.79 -19.28
N ALA C 41 44.38 33.74 -19.40
CA ALA C 41 44.78 32.94 -18.24
C ALA C 41 45.52 33.80 -17.22
N ALA C 42 46.32 34.73 -17.72
CA ALA C 42 47.09 35.62 -16.86
C ALA C 42 46.16 36.59 -16.13
N VAL C 43 45.21 37.15 -16.87
CA VAL C 43 44.24 38.08 -16.29
C VAL C 43 43.46 37.43 -15.16
N LEU C 44 42.93 36.23 -15.42
CA LEU C 44 42.16 35.50 -14.43
C LEU C 44 43.00 35.25 -13.18
N GLU C 45 44.24 34.84 -13.38
CA GLU C 45 45.15 34.57 -12.26
C GLU C 45 45.36 35.81 -11.42
N TYR C 46 45.56 36.95 -12.08
CA TYR C 46 45.77 38.21 -11.39
C TYR C 46 44.60 38.54 -10.48
N LEU C 47 43.41 38.65 -11.07
CA LEU C 47 42.20 38.97 -10.32
C LEU C 47 42.04 38.07 -9.09
N THR C 48 42.15 36.76 -9.29
CA THR C 48 42.02 35.81 -8.19
C THR C 48 43.07 36.10 -7.13
N ALA C 49 44.25 36.55 -7.58
CA ALA C 49 45.34 36.87 -6.67
C ALA C 49 45.04 38.19 -5.95
N GLU C 50 44.35 39.09 -6.64
CA GLU C 50 44.00 40.38 -6.08
C GLU C 50 42.93 40.21 -5.01
N ILE C 51 42.02 39.27 -5.24
CA ILE C 51 40.93 38.99 -4.30
C ILE C 51 41.48 38.32 -3.04
N LEU C 52 42.11 37.17 -3.21
CA LEU C 52 42.68 36.42 -2.10
C LEU C 52 43.69 37.27 -1.34
N GLU C 53 44.25 38.27 -2.01
CA GLU C 53 45.22 39.16 -1.39
C GLU C 53 44.58 39.97 -0.29
N LEU C 54 43.41 40.54 -0.58
CA LEU C 54 42.68 41.34 0.39
C LEU C 54 41.84 40.47 1.31
N ALA C 55 41.26 39.40 0.74
CA ALA C 55 40.43 38.49 1.51
C ALA C 55 41.25 37.88 2.65
N GLY C 56 42.52 37.62 2.38
CA GLY C 56 43.39 37.04 3.40
C GLY C 56 43.58 37.99 4.56
N ASN C 57 43.83 39.26 4.26
CA ASN C 57 44.03 40.26 5.29
C ASN C 57 42.78 40.37 6.17
N ALA C 58 41.62 40.34 5.52
CA ALA C 58 40.35 40.41 6.23
C ALA C 58 40.27 39.25 7.21
N ALA C 59 40.75 38.10 6.79
CA ALA C 59 40.75 36.90 7.62
C ALA C 59 41.63 37.12 8.85
N ARG C 60 42.75 37.80 8.64
CA ARG C 60 43.68 38.08 9.73
C ARG C 60 43.08 39.06 10.72
N ASP C 61 42.49 40.14 10.19
CA ASP C 61 41.87 41.16 11.03
C ASP C 61 40.81 40.55 11.93
N ASN C 62 40.15 39.50 11.43
CA ASN C 62 39.12 38.82 12.19
C ASN C 62 39.71 37.62 12.92
N LYS C 63 41.04 37.55 12.95
CA LYS C 63 41.75 36.46 13.60
C LYS C 63 41.31 35.10 13.09
N LYS C 64 41.55 34.86 11.81
CA LYS C 64 41.19 33.60 11.17
C LYS C 64 42.27 33.20 10.17
N THR C 65 42.72 31.94 10.26
CA THR C 65 43.74 31.44 9.36
C THR C 65 43.15 30.79 8.11
N ARG C 66 41.83 30.87 7.98
CA ARG C 66 41.15 30.28 6.83
C ARG C 66 40.08 31.23 6.30
N ILE C 67 40.20 31.59 5.02
CA ILE C 67 39.26 32.49 4.38
C ILE C 67 37.86 31.89 4.22
N ILE C 68 36.84 32.72 4.46
CA ILE C 68 35.45 32.29 4.35
C ILE C 68 34.67 33.35 3.57
N PRO C 69 33.44 33.02 3.14
CA PRO C 69 32.61 33.97 2.39
C PRO C 69 32.62 35.37 3.00
N ARG C 70 32.43 35.43 4.32
CA ARG C 70 32.43 36.69 5.05
C ARG C 70 33.64 37.53 4.66
N HIS C 71 34.81 36.90 4.69
CA HIS C 71 36.06 37.56 4.36
C HIS C 71 36.09 38.06 2.92
N LEU C 72 35.70 37.20 1.99
CA LEU C 72 35.68 37.57 0.57
C LEU C 72 34.79 38.79 0.37
N GLN C 73 33.68 38.83 1.10
CA GLN C 73 32.75 39.94 1.02
C GLN C 73 33.40 41.23 1.51
N LEU C 74 34.23 41.10 2.54
CA LEU C 74 34.93 42.24 3.11
C LEU C 74 35.89 42.85 2.11
N ALA C 75 36.81 42.03 1.61
CA ALA C 75 37.81 42.48 0.64
C ALA C 75 37.20 43.14 -0.59
N VAL C 76 36.14 42.55 -1.12
CA VAL C 76 35.47 43.08 -2.31
C VAL C 76 34.79 44.43 -2.09
N ARG C 77 34.00 44.53 -1.02
CA ARG C 77 33.28 45.77 -0.73
C ARG C 77 34.18 46.89 -0.21
N ASN C 78 35.31 46.53 0.38
CA ASN C 78 36.24 47.53 0.90
C ASN C 78 37.07 48.12 -0.24
N ASP C 79 37.20 47.34 -1.31
CA ASP C 79 37.97 47.79 -2.48
C ASP C 79 37.04 48.46 -3.48
N GLU C 80 37.23 49.76 -3.67
CA GLU C 80 36.41 50.54 -4.59
C GLU C 80 36.19 49.88 -5.95
N GLU C 81 37.27 49.39 -6.55
CA GLU C 81 37.19 48.76 -7.86
C GLU C 81 36.55 47.38 -7.84
N LEU C 82 37.02 46.51 -6.96
CA LEU C 82 36.47 45.16 -6.86
C LEU C 82 34.97 45.23 -6.61
N ASN C 83 34.55 46.23 -5.85
CA ASN C 83 33.14 46.42 -5.54
C ASN C 83 32.40 46.90 -6.79
N LYS C 84 33.14 47.56 -7.68
CA LYS C 84 32.58 48.07 -8.92
C LYS C 84 32.48 46.95 -9.95
N LEU C 85 33.45 46.04 -9.92
CA LEU C 85 33.49 44.91 -10.84
C LEU C 85 32.40 43.90 -10.49
N LEU C 86 32.15 43.74 -9.19
CA LEU C 86 31.14 42.80 -8.72
C LEU C 86 29.92 43.55 -8.17
N GLY C 87 29.56 44.64 -8.83
CA GLY C 87 28.43 45.43 -8.40
C GLY C 87 27.10 44.73 -8.65
N ARG C 88 27.15 43.62 -9.38
CA ARG C 88 25.94 42.87 -9.69
C ARG C 88 26.03 41.44 -9.16
N VAL C 89 27.05 41.17 -8.35
CA VAL C 89 27.26 39.85 -7.78
C VAL C 89 26.90 39.80 -6.30
N THR C 90 26.29 38.69 -5.89
CA THR C 90 25.90 38.51 -4.50
C THR C 90 26.68 37.37 -3.86
N ILE C 91 27.67 37.71 -3.04
CA ILE C 91 28.49 36.71 -2.38
C ILE C 91 27.70 36.01 -1.27
N ALA C 92 27.21 34.81 -1.57
CA ALA C 92 26.44 34.04 -0.60
C ALA C 92 27.18 33.93 0.72
N GLN C 93 26.44 34.07 1.81
CA GLN C 93 27.02 33.99 3.15
C GLN C 93 28.05 35.10 3.36
N GLY C 94 27.90 36.18 2.58
CA GLY C 94 28.81 37.30 2.69
C GLY C 94 28.41 38.28 3.78
N TYR D 12 38.53 25.44 -10.77
CA TYR D 12 39.86 26.09 -10.61
C TYR D 12 40.32 25.99 -9.16
N ALA D 13 39.64 25.17 -8.38
CA ALA D 13 39.94 24.97 -6.97
C ALA D 13 41.44 24.94 -6.68
N ILE D 14 42.15 24.01 -7.30
CA ILE D 14 43.59 23.87 -7.09
C ILE D 14 44.38 25.10 -7.54
N TYR D 15 44.07 25.61 -8.73
CA TYR D 15 44.77 26.77 -9.26
C TYR D 15 44.53 27.99 -8.38
N VAL D 16 43.40 28.00 -7.68
CA VAL D 16 43.06 29.11 -6.80
C VAL D 16 43.81 28.95 -5.49
N TYR D 17 44.00 27.69 -5.08
CA TYR D 17 44.71 27.39 -3.84
C TYR D 17 46.18 27.78 -3.96
N LYS D 18 46.76 27.49 -5.13
CA LYS D 18 48.17 27.81 -5.37
C LYS D 18 48.37 29.32 -5.25
N VAL D 19 47.52 30.08 -5.92
CA VAL D 19 47.60 31.54 -5.88
C VAL D 19 47.46 32.03 -4.45
N LEU D 20 46.63 31.34 -3.68
CA LEU D 20 46.40 31.69 -2.28
C LEU D 20 47.68 31.53 -1.47
N LYS D 21 48.54 30.62 -1.92
CA LYS D 21 49.81 30.37 -1.24
C LYS D 21 50.89 31.35 -1.68
N GLN D 22 50.74 31.88 -2.89
CA GLN D 22 51.71 32.83 -3.41
C GLN D 22 51.53 34.19 -2.76
N VAL D 23 50.33 34.43 -2.22
CA VAL D 23 50.03 35.70 -1.56
C VAL D 23 49.87 35.50 -0.05
N HIS D 24 49.38 34.33 0.33
CA HIS D 24 49.17 34.01 1.74
C HIS D 24 49.51 32.56 2.06
N PRO D 25 50.82 32.26 2.19
CA PRO D 25 51.30 30.90 2.48
C PRO D 25 50.67 30.29 3.74
N ASP D 26 50.49 31.11 4.76
CA ASP D 26 49.91 30.65 6.03
C ASP D 26 48.41 30.90 6.10
N THR D 27 47.74 30.93 4.95
CA THR D 27 46.30 31.15 4.91
C THR D 27 45.60 30.08 4.09
N GLY D 28 44.53 29.52 4.65
CA GLY D 28 43.79 28.49 3.94
C GLY D 28 42.50 29.02 3.36
N ILE D 29 41.54 28.12 3.11
CA ILE D 29 40.26 28.50 2.54
C ILE D 29 39.22 27.41 2.78
N SER D 30 38.00 27.82 3.10
CA SER D 30 36.91 26.89 3.34
C SER D 30 36.31 26.38 2.04
N SER D 31 35.43 25.39 2.14
CA SER D 31 34.79 24.81 0.97
C SER D 31 33.86 25.81 0.29
N LYS D 32 33.05 26.49 1.08
CA LYS D 32 32.12 27.48 0.54
C LYS D 32 32.87 28.64 -0.11
N ALA D 33 33.91 29.12 0.56
CA ALA D 33 34.71 30.21 0.03
C ALA D 33 35.30 29.82 -1.32
N MET D 34 35.68 28.56 -1.45
CA MET D 34 36.26 28.05 -2.69
C MET D 34 35.20 28.04 -3.78
N SER D 35 33.99 27.63 -3.42
CA SER D 35 32.89 27.57 -4.37
C SER D 35 32.60 28.97 -4.91
N ILE D 36 32.75 29.98 -4.04
CA ILE D 36 32.52 31.36 -4.43
C ILE D 36 33.59 31.83 -5.40
N MET D 37 34.82 31.40 -5.15
CA MET D 37 35.95 31.77 -6.00
C MET D 37 35.81 31.12 -7.37
N ASN D 38 35.30 29.89 -7.39
CA ASN D 38 35.11 29.15 -8.63
C ASN D 38 34.10 29.89 -9.50
N SER D 39 33.03 30.36 -8.86
CA SER D 39 31.98 31.09 -9.58
C SER D 39 32.54 32.40 -10.12
N PHE D 40 33.41 33.03 -9.34
CA PHE D 40 34.02 34.29 -9.73
C PHE D 40 34.83 34.11 -11.01
N VAL D 41 35.65 33.07 -11.05
CA VAL D 41 36.47 32.78 -12.22
C VAL D 41 35.61 32.53 -13.45
N ASN D 42 34.67 31.61 -13.34
CA ASN D 42 33.78 31.28 -14.44
C ASN D 42 32.99 32.51 -14.89
N ASP D 43 32.58 33.33 -13.92
CA ASP D 43 31.83 34.54 -14.22
C ASP D 43 32.67 35.51 -15.03
N VAL D 44 33.85 35.84 -14.52
CA VAL D 44 34.76 36.76 -15.22
C VAL D 44 35.11 36.22 -16.60
N PHE D 45 35.33 34.92 -16.68
CA PHE D 45 35.68 34.26 -17.94
C PHE D 45 34.61 34.53 -18.99
N GLU D 46 33.37 34.19 -18.68
CA GLU D 46 32.25 34.38 -19.59
C GLU D 46 32.09 35.83 -20.00
N ARG D 47 32.28 36.75 -19.05
CA ARG D 47 32.15 38.17 -19.32
C ARG D 47 33.17 38.60 -20.38
N ILE D 48 34.45 38.40 -20.08
CA ILE D 48 35.52 38.77 -20.98
C ILE D 48 35.34 38.10 -22.35
N ALA D 49 35.21 36.78 -22.33
CA ALA D 49 35.03 36.02 -23.56
C ALA D 49 33.80 36.51 -24.31
N GLY D 50 32.76 36.90 -23.56
CA GLY D 50 31.56 37.40 -24.19
C GLY D 50 31.85 38.63 -25.02
N GLU D 51 32.62 39.55 -24.44
CA GLU D 51 32.99 40.78 -25.14
C GLU D 51 33.84 40.45 -26.36
N ALA D 52 34.98 39.80 -26.12
CA ALA D 52 35.89 39.41 -27.20
C ALA D 52 35.09 38.82 -28.36
N SER D 53 34.03 38.09 -28.02
CA SER D 53 33.18 37.47 -29.03
C SER D 53 32.53 38.55 -29.87
N ARG D 54 31.97 39.55 -29.20
CA ARG D 54 31.30 40.66 -29.89
C ARG D 54 32.31 41.42 -30.74
N LEU D 55 33.43 41.80 -30.13
CA LEU D 55 34.47 42.54 -30.84
C LEU D 55 34.81 41.86 -32.16
N ALA D 56 34.83 40.54 -32.14
CA ALA D 56 35.14 39.76 -33.34
C ALA D 56 34.04 39.96 -34.38
N HIS D 57 32.79 39.80 -33.96
CA HIS D 57 31.65 39.96 -34.86
C HIS D 57 31.55 41.40 -35.36
N TYR D 58 31.73 42.36 -34.45
CA TYR D 58 31.65 43.78 -34.80
C TYR D 58 32.62 44.09 -35.93
N ASN D 59 33.89 43.76 -35.72
CA ASN D 59 34.92 44.00 -36.73
C ASN D 59 34.83 42.92 -37.81
N LYS D 60 33.85 42.05 -37.68
CA LYS D 60 33.63 40.96 -38.63
C LYS D 60 34.87 40.11 -38.86
N ARG D 61 35.40 39.55 -37.77
CA ARG D 61 36.58 38.70 -37.84
C ARG D 61 36.21 37.32 -37.30
N SER D 62 36.81 36.28 -37.86
CA SER D 62 36.53 34.91 -37.44
C SER D 62 37.53 34.36 -36.44
N THR D 63 38.18 35.25 -35.68
CA THR D 63 39.17 34.81 -34.70
C THR D 63 39.21 35.71 -33.47
N ILE D 64 39.46 35.11 -32.32
CA ILE D 64 39.56 35.84 -31.05
C ILE D 64 40.97 35.70 -30.51
N THR D 65 41.81 36.68 -30.81
CA THR D 65 43.20 36.67 -30.37
C THR D 65 43.33 37.38 -29.03
N SER D 66 44.56 37.47 -28.53
CA SER D 66 44.82 38.13 -27.26
C SER D 66 44.48 39.61 -27.37
N ARG D 67 44.20 40.06 -28.59
CA ARG D 67 43.85 41.44 -28.86
C ARG D 67 42.42 41.73 -28.41
N GLU D 68 41.50 40.85 -28.79
CA GLU D 68 40.10 41.00 -28.42
C GLU D 68 39.94 40.82 -26.91
N ILE D 69 40.77 39.96 -26.33
CA ILE D 69 40.72 39.68 -24.91
C ILE D 69 41.19 40.91 -24.13
N GLN D 70 42.25 41.54 -24.60
CA GLN D 70 42.81 42.72 -23.96
C GLN D 70 41.78 43.85 -23.86
N THR D 71 41.24 44.25 -25.00
CA THR D 71 40.24 45.31 -25.04
C THR D 71 39.02 44.95 -24.22
N ALA D 72 38.64 43.66 -24.28
CA ALA D 72 37.49 43.18 -23.52
C ALA D 72 37.72 43.42 -22.04
N VAL D 73 39.00 43.47 -21.65
CA VAL D 73 39.37 43.69 -20.26
C VAL D 73 39.23 45.18 -19.90
N ARG D 74 39.53 46.05 -20.85
CA ARG D 74 39.43 47.49 -20.62
C ARG D 74 37.96 47.89 -20.49
N LEU D 75 37.10 47.17 -21.18
CA LEU D 75 35.66 47.46 -21.15
C LEU D 75 34.97 46.87 -19.93
N LEU D 76 35.45 45.71 -19.48
CA LEU D 76 34.85 45.04 -18.33
C LEU D 76 35.43 45.53 -17.00
N LEU D 77 36.74 45.34 -16.83
CA LEU D 77 37.41 45.74 -15.59
C LEU D 77 37.54 47.27 -15.48
N PRO D 78 37.41 47.79 -14.25
CA PRO D 78 37.51 49.23 -14.00
C PRO D 78 38.93 49.76 -14.17
N GLY D 79 39.05 51.07 -14.37
CA GLY D 79 40.34 51.72 -14.57
C GLY D 79 41.59 50.99 -14.12
N GLU D 80 42.05 51.32 -12.91
CA GLU D 80 43.26 50.73 -12.35
C GLU D 80 43.29 49.20 -12.41
N LEU D 81 42.21 48.56 -12.00
CA LEU D 81 42.14 47.10 -12.01
C LEU D 81 42.37 46.52 -13.40
N ALA D 82 41.84 47.18 -14.42
CA ALA D 82 42.01 46.72 -15.79
C ALA D 82 43.44 46.92 -16.25
N LYS D 83 44.05 48.01 -15.77
CA LYS D 83 45.43 48.34 -16.11
C LYS D 83 46.36 47.15 -15.87
N HIS D 84 46.43 46.70 -14.62
CA HIS D 84 47.27 45.58 -14.24
C HIS D 84 46.95 44.35 -15.07
N ALA D 85 45.65 44.09 -15.26
CA ALA D 85 45.21 42.93 -16.04
C ALA D 85 45.87 42.96 -17.41
N VAL D 86 45.96 44.16 -17.98
CA VAL D 86 46.58 44.33 -19.29
C VAL D 86 48.08 44.09 -19.19
N SER D 87 48.65 44.42 -18.03
CA SER D 87 50.07 44.24 -17.80
C SER D 87 50.42 42.76 -17.68
N GLU D 88 49.75 42.07 -16.76
CA GLU D 88 49.97 40.65 -16.54
C GLU D 88 49.70 39.85 -17.80
N GLY D 89 48.66 40.23 -18.52
CA GLY D 89 48.31 39.54 -19.75
C GLY D 89 49.35 39.70 -20.83
N THR D 90 49.76 40.95 -21.07
CA THR D 90 50.76 41.25 -22.09
C THR D 90 52.08 40.54 -21.78
N LYS D 91 52.43 40.50 -20.49
CA LYS D 91 53.66 39.85 -20.06
C LYS D 91 53.61 38.34 -20.31
N ALA D 92 52.48 37.74 -19.96
CA ALA D 92 52.29 36.30 -20.16
C ALA D 92 52.49 35.92 -21.61
N VAL D 93 51.88 36.68 -22.51
CA VAL D 93 51.99 36.42 -23.94
C VAL D 93 53.44 36.60 -24.40
N THR D 94 54.11 37.60 -23.86
CA THR D 94 55.49 37.88 -24.22
C THR D 94 56.40 36.72 -23.81
N LYS D 95 56.27 36.28 -22.57
CA LYS D 95 57.08 35.18 -22.05
C LYS D 95 56.73 33.87 -22.75
N TYR D 96 55.43 33.63 -22.94
CA TYR D 96 54.96 32.42 -23.59
C TYR D 96 55.63 32.21 -24.94
N THR D 97 55.52 33.22 -25.81
CA THR D 97 56.12 33.15 -27.14
C THR D 97 57.61 32.88 -27.08
N SER D 98 58.28 33.44 -26.06
CA SER D 98 59.71 33.27 -25.90
C SER D 98 60.08 31.80 -25.69
N ALA D 99 59.45 31.16 -24.71
CA ALA D 99 59.71 29.76 -24.41
C ALA D 99 59.50 28.88 -25.64
N LYS D 100 60.58 28.26 -26.11
CA LYS D 100 60.52 27.39 -27.28
C LYS D 100 61.27 26.09 -27.02
N SER E 20 20.87 -5.17 61.56
CA SER E 20 19.87 -4.24 62.15
C SER E 20 20.48 -3.45 63.31
N GLY E 21 21.10 -4.16 64.24
CA GLY E 21 21.71 -3.50 65.38
C GLY E 21 22.90 -2.66 64.97
N TYR E 22 23.39 -2.88 63.76
CA TYR E 22 24.53 -2.14 63.24
C TYR E 22 24.16 -0.68 63.01
N VAL E 23 23.06 -0.46 62.30
CA VAL E 23 22.59 0.89 62.01
C VAL E 23 22.01 1.57 63.24
N GLY E 24 21.47 0.76 64.15
CA GLY E 24 20.88 1.30 65.37
C GLY E 24 21.89 2.03 66.24
N GLY E 25 23.13 1.54 66.25
CA GLY E 25 24.16 2.17 67.06
C GLY E 25 24.90 3.28 66.35
N LEU E 26 24.33 3.78 65.26
CA LEU E 26 24.96 4.86 64.50
C LEU E 26 24.82 6.20 65.19
N PRO E 27 25.89 7.00 65.22
CA PRO E 27 25.91 8.31 65.86
C PRO E 27 24.83 9.25 65.31
N LYS E 28 24.44 10.23 66.13
CA LYS E 28 23.43 11.19 65.74
C LYS E 28 23.76 11.83 64.40
N ASN E 29 25.02 12.18 64.21
CA ASN E 29 25.47 12.80 62.97
C ASN E 29 25.25 11.85 61.80
N VAL E 30 25.80 10.65 61.91
CA VAL E 30 25.67 9.64 60.86
C VAL E 30 24.23 9.46 60.40
N LYS E 31 23.37 9.01 61.30
CA LYS E 31 21.96 8.79 60.98
C LYS E 31 21.38 9.92 60.11
N GLU E 32 21.45 11.14 60.60
CA GLU E 32 20.93 12.30 59.86
C GLU E 32 21.43 12.27 58.42
N LYS E 33 22.70 11.92 58.25
CA LYS E 33 23.29 11.85 56.92
C LYS E 33 22.51 10.86 56.06
N LEU E 34 22.03 9.79 56.70
CA LEU E 34 21.25 8.77 56.00
C LEU E 34 19.83 9.27 55.76
N LEU E 35 19.25 9.91 56.77
CA LEU E 35 17.91 10.45 56.66
C LEU E 35 17.77 11.27 55.40
N SER E 36 18.71 12.19 55.20
CA SER E 36 18.71 13.05 54.02
C SER E 36 18.69 12.20 52.75
N LEU E 37 19.63 11.27 52.65
CA LEU E 37 19.73 10.40 51.49
C LEU E 37 18.42 9.65 51.28
N LYS E 38 17.81 9.22 52.37
CA LYS E 38 16.55 8.49 52.31
C LYS E 38 15.51 9.37 51.63
N THR E 39 15.74 10.68 51.69
CA THR E 39 14.84 11.65 51.07
C THR E 39 15.19 11.79 49.59
N LEU E 40 16.48 11.90 49.30
CA LEU E 40 16.93 12.04 47.92
C LEU E 40 16.40 10.87 47.09
N GLN E 41 16.32 9.70 47.71
CA GLN E 41 15.82 8.52 47.04
C GLN E 41 14.34 8.72 46.74
N SER E 42 13.64 9.40 47.64
CA SER E 42 12.22 9.68 47.46
C SER E 42 12.07 10.56 46.23
N GLU E 43 12.97 11.52 46.08
CA GLU E 43 12.95 12.42 44.94
C GLU E 43 13.35 11.61 43.72
N LEU E 44 14.12 10.55 43.97
CA LEU E 44 14.58 9.67 42.90
C LEU E 44 13.38 8.82 42.46
N PHE E 45 12.53 8.47 43.42
CA PHE E 45 11.34 7.70 43.14
C PHE E 45 10.44 8.52 42.22
N GLU E 46 10.38 9.81 42.50
CA GLU E 46 9.57 10.75 41.74
C GLU E 46 9.87 10.69 40.25
N VAL E 47 11.14 10.87 39.90
CA VAL E 47 11.55 10.83 38.50
C VAL E 47 11.35 9.46 37.87
N GLU E 48 11.66 8.40 38.61
CA GLU E 48 11.48 7.05 38.09
C GLU E 48 10.02 6.85 37.73
N LYS E 49 9.14 7.53 38.45
CA LYS E 49 7.71 7.44 38.22
C LYS E 49 7.40 7.94 36.80
N GLU E 50 7.93 9.12 36.48
CA GLU E 50 7.71 9.71 35.16
C GLU E 50 8.38 8.85 34.10
N PHE E 51 9.46 8.17 34.47
CA PHE E 51 10.18 7.31 33.55
C PHE E 51 9.25 6.21 33.03
N GLN E 52 8.59 5.52 33.95
CA GLN E 52 7.66 4.46 33.61
C GLN E 52 6.52 5.01 32.74
N VAL E 53 6.14 6.25 33.00
CA VAL E 53 5.07 6.89 32.24
C VAL E 53 5.43 6.92 30.76
N GLU E 54 6.47 7.69 30.42
CA GLU E 54 6.91 7.79 29.04
C GLU E 54 7.30 6.42 28.52
N MET E 55 7.78 5.57 29.43
CA MET E 55 8.19 4.22 29.08
C MET E 55 6.98 3.43 28.60
N PHE E 56 5.85 3.65 29.26
CA PHE E 56 4.60 2.99 28.93
C PHE E 56 4.06 3.50 27.60
N GLU E 57 3.92 4.82 27.50
CA GLU E 57 3.41 5.46 26.29
C GLU E 57 4.24 5.11 25.06
N LEU E 58 5.55 5.20 25.19
CA LEU E 58 6.44 4.89 24.07
C LEU E 58 6.20 3.45 23.62
N GLU E 59 6.20 2.53 24.57
CA GLU E 59 5.98 1.13 24.27
C GLU E 59 4.62 0.91 23.62
N ASN E 60 3.69 1.82 23.94
CA ASN E 60 2.34 1.75 23.37
C ASN E 60 2.36 2.26 21.94
N LYS E 61 3.12 3.34 21.73
CA LYS E 61 3.26 3.95 20.42
C LYS E 61 3.65 2.92 19.36
N PHE E 62 4.71 2.17 19.63
CA PHE E 62 5.20 1.17 18.71
C PHE E 62 4.25 -0.01 18.51
N LEU E 63 3.42 -0.31 19.51
CA LEU E 63 2.47 -1.40 19.39
C LEU E 63 1.55 -1.09 18.22
N GLN E 64 1.25 0.19 18.04
CA GLN E 64 0.38 0.63 16.96
C GLN E 64 1.04 0.36 15.62
N LYS E 65 2.34 0.11 15.64
CA LYS E 65 3.10 -0.18 14.42
C LYS E 65 3.22 -1.69 14.23
N TYR E 66 3.20 -2.42 15.33
CA TYR E 66 3.30 -3.87 15.28
C TYR E 66 2.01 -4.49 14.74
N LYS E 67 0.88 -3.92 15.16
CA LYS E 67 -0.42 -4.41 14.74
C LYS E 67 -0.57 -4.49 13.22
N PRO E 68 -0.24 -3.39 12.50
CA PRO E 68 -0.35 -3.40 11.03
C PRO E 68 0.26 -4.65 10.40
N ILE E 69 1.28 -5.20 11.05
CA ILE E 69 1.94 -6.40 10.55
C ILE E 69 1.19 -7.64 11.00
N TRP E 70 0.79 -7.68 12.26
CA TRP E 70 0.06 -8.83 12.79
C TRP E 70 -1.32 -8.92 12.13
N GLU E 71 -1.99 -7.78 12.00
CA GLU E 71 -3.30 -7.74 11.37
C GLU E 71 -3.14 -8.19 9.92
N GLN E 72 -1.92 -8.04 9.40
CA GLN E 72 -1.62 -8.41 8.03
C GLN E 72 -1.44 -9.92 7.92
N ARG E 73 -0.69 -10.50 8.87
CA ARG E 73 -0.44 -11.93 8.88
C ARG E 73 -1.70 -12.71 9.21
N SER E 74 -2.53 -12.16 10.10
CA SER E 74 -3.76 -12.80 10.50
C SER E 74 -4.56 -13.24 9.28
N ARG E 75 -4.68 -12.33 8.30
CA ARG E 75 -5.41 -12.63 7.08
C ARG E 75 -4.70 -13.71 6.29
N ILE E 76 -3.38 -13.63 6.24
CA ILE E 76 -2.57 -14.61 5.52
C ILE E 76 -2.74 -15.98 6.18
N ILE E 77 -3.11 -15.97 7.45
CA ILE E 77 -3.32 -17.19 8.22
C ILE E 77 -4.75 -17.70 8.05
N SER E 78 -5.68 -16.75 7.85
CA SER E 78 -7.08 -17.10 7.68
C SER E 78 -7.39 -17.31 6.19
N GLY E 79 -6.34 -17.29 5.37
CA GLY E 79 -6.54 -17.46 3.95
C GLY E 79 -7.33 -16.29 3.42
N GLN E 80 -7.55 -15.32 4.29
CA GLN E 80 -8.30 -14.12 3.96
C GLN E 80 -7.62 -13.42 2.80
N GLU E 81 -6.31 -13.23 2.90
CA GLU E 81 -5.54 -12.59 1.84
C GLU E 81 -4.41 -13.53 1.44
N GLN E 82 -4.05 -13.52 0.16
CA GLN E 82 -3.00 -14.40 -0.34
C GLN E 82 -1.64 -13.73 -0.48
N PRO E 83 -0.56 -14.49 -0.21
CA PRO E 83 0.82 -14.01 -0.29
C PRO E 83 1.20 -13.50 -1.68
N LYS E 84 2.13 -12.56 -1.72
CA LYS E 84 2.59 -11.99 -2.98
C LYS E 84 3.89 -12.68 -3.37
N PRO E 85 4.08 -12.97 -4.67
CA PRO E 85 5.31 -13.63 -5.12
C PRO E 85 6.55 -12.93 -4.58
N GLU E 86 6.41 -11.64 -4.27
CA GLU E 86 7.50 -10.85 -3.72
C GLU E 86 7.87 -11.38 -2.34
N GLN E 87 6.85 -11.60 -1.52
CA GLN E 87 7.06 -12.10 -0.16
C GLN E 87 7.55 -13.55 -0.18
N ILE E 88 6.96 -14.35 -1.06
CA ILE E 88 7.33 -15.75 -1.19
C ILE E 88 8.83 -15.89 -1.42
N ALA E 89 9.32 -15.30 -2.51
CA ALA E 89 10.73 -15.36 -2.84
C ALA E 89 11.56 -14.75 -1.72
N LYS E 90 11.18 -13.55 -1.30
CA LYS E 90 11.88 -12.84 -0.23
C LYS E 90 11.96 -13.72 1.01
N GLY E 91 10.97 -14.59 1.18
CA GLY E 91 10.94 -15.47 2.33
C GLY E 91 12.01 -16.56 2.25
N GLN E 92 12.10 -17.21 1.09
CA GLN E 92 13.09 -18.26 0.89
C GLN E 92 14.49 -17.72 1.13
N GLU E 93 14.74 -16.50 0.69
CA GLU E 93 16.03 -15.87 0.86
C GLU E 93 16.32 -15.69 2.36
N ILE E 94 15.26 -15.73 3.16
CA ILE E 94 15.37 -15.59 4.60
C ILE E 94 15.53 -16.97 5.25
N VAL E 95 14.74 -17.93 4.76
CA VAL E 95 14.79 -19.29 5.27
C VAL E 95 16.19 -19.86 5.07
N GLU E 96 16.77 -19.57 3.91
CA GLU E 96 18.11 -20.04 3.58
C GLU E 96 19.15 -19.27 4.39
N SER E 97 18.89 -17.98 4.59
CA SER E 97 19.80 -17.12 5.34
C SER E 97 19.87 -17.58 6.80
N LEU E 98 18.78 -18.13 7.31
CA LEU E 98 18.73 -18.60 8.68
C LEU E 98 19.01 -20.09 8.75
N ASN E 99 19.14 -20.71 7.57
CA ASN E 99 19.43 -22.13 7.47
C ASN E 99 18.36 -23.01 8.11
N GLU E 100 17.11 -22.86 7.64
CA GLU E 100 16.01 -23.65 8.16
C GLU E 100 15.67 -24.77 7.17
N THR E 101 15.55 -24.40 5.90
CA THR E 101 15.26 -25.35 4.83
C THR E 101 13.87 -25.97 4.96
N GLU E 102 13.42 -26.17 6.19
CA GLU E 102 12.11 -26.77 6.45
C GLU E 102 10.99 -26.02 5.73
N LEU E 103 11.25 -24.77 5.36
CA LEU E 103 10.26 -23.95 4.68
C LEU E 103 10.51 -23.89 3.17
N LEU E 104 11.34 -24.79 2.67
CA LEU E 104 11.64 -24.81 1.23
C LEU E 104 10.70 -25.76 0.48
N VAL E 105 10.14 -25.26 -0.61
CA VAL E 105 9.23 -26.05 -1.43
C VAL E 105 10.00 -26.79 -2.51
N ASP E 106 9.39 -27.85 -3.06
CA ASP E 106 10.03 -28.65 -4.10
C ASP E 106 9.89 -27.98 -5.46
N GLU E 107 10.72 -28.42 -6.41
CA GLU E 107 10.71 -27.90 -7.77
C GLU E 107 9.52 -28.44 -8.56
N GLU E 108 8.49 -27.61 -8.71
CA GLU E 108 7.30 -28.02 -9.45
C GLU E 108 6.30 -26.86 -9.52
N GLU E 109 5.87 -26.54 -10.73
CA GLU E 109 4.93 -25.45 -10.97
C GLU E 109 3.90 -25.32 -9.85
N GLN E 119 -4.81 -26.14 -2.01
CA GLN E 119 -5.30 -27.24 -1.19
C GLN E 119 -6.25 -26.76 -0.11
N VAL E 120 -5.69 -26.25 0.98
CA VAL E 120 -6.47 -25.75 2.09
C VAL E 120 -6.68 -24.24 2.04
N LYS E 121 -7.36 -23.71 3.05
CA LYS E 121 -7.64 -22.27 3.13
C LYS E 121 -6.86 -21.61 4.27
N GLY E 122 -5.77 -20.93 3.91
CA GLY E 122 -4.96 -20.25 4.88
C GLY E 122 -4.38 -21.13 5.97
N ILE E 123 -3.16 -21.61 5.73
CA ILE E 123 -2.44 -22.48 6.67
C ILE E 123 -3.27 -23.08 7.81
N PRO E 124 -3.54 -24.39 7.75
CA PRO E 124 -4.32 -25.10 8.76
C PRO E 124 -3.70 -25.04 10.16
N SER E 125 -4.54 -25.11 11.17
CA SER E 125 -4.12 -25.08 12.57
C SER E 125 -2.82 -24.31 12.80
N PHE E 126 -2.86 -23.00 12.59
CA PHE E 126 -1.67 -22.18 12.78
C PHE E 126 -1.39 -21.95 14.26
N TRP E 127 -2.17 -21.08 14.89
CA TRP E 127 -1.99 -20.75 16.29
C TRP E 127 -1.99 -21.99 17.18
N LEU E 128 -2.81 -22.98 16.82
CA LEU E 128 -2.88 -24.22 17.60
C LEU E 128 -1.48 -24.81 17.67
N THR E 129 -0.90 -25.09 16.51
CA THR E 129 0.44 -25.67 16.43
C THR E 129 1.45 -24.76 17.12
N ALA E 130 1.22 -23.45 17.06
CA ALA E 130 2.10 -22.48 17.68
C ALA E 130 2.14 -22.68 19.18
N LEU E 131 0.98 -22.61 19.82
CA LEU E 131 0.88 -22.78 21.26
C LEU E 131 1.37 -24.16 21.68
N GLU E 132 1.36 -25.10 20.73
CA GLU E 132 1.81 -26.46 20.98
C GLU E 132 3.29 -26.50 21.32
N ASN E 133 4.00 -25.43 21.02
CA ASN E 133 5.44 -25.37 21.26
C ASN E 133 5.83 -24.44 22.42
N LEU E 134 5.14 -23.31 22.55
CA LEU E 134 5.43 -22.35 23.60
C LEU E 134 5.61 -23.05 24.95
N PRO E 135 6.84 -23.03 25.50
CA PRO E 135 7.22 -23.64 26.77
C PRO E 135 6.17 -23.65 27.87
N ILE E 136 5.88 -22.49 28.44
CA ILE E 136 4.91 -22.38 29.52
C ILE E 136 3.51 -22.84 29.12
N VAL E 137 2.95 -22.21 28.10
CA VAL E 137 1.60 -22.52 27.63
C VAL E 137 1.39 -23.95 27.11
N CYS E 138 2.21 -24.39 26.16
CA CYS E 138 2.09 -25.72 25.58
C CYS E 138 1.61 -26.78 26.56
N ASP E 139 2.12 -26.74 27.79
CA ASP E 139 1.72 -27.72 28.79
C ASP E 139 0.49 -27.26 29.58
N THR E 140 -0.53 -26.85 28.85
CA THR E 140 -1.79 -26.39 29.45
C THR E 140 -2.93 -26.88 28.59
N ILE E 141 -2.71 -26.91 27.28
CA ILE E 141 -3.72 -27.35 26.34
C ILE E 141 -3.90 -28.86 26.44
N THR E 142 -5.15 -29.31 26.26
CA THR E 142 -5.45 -30.74 26.33
C THR E 142 -6.14 -31.17 25.04
N ASP E 143 -6.21 -32.48 24.82
CA ASP E 143 -6.83 -33.02 23.62
C ASP E 143 -8.21 -32.46 23.33
N ARG E 144 -8.96 -32.11 24.37
CA ARG E 144 -10.29 -31.57 24.19
C ARG E 144 -10.26 -30.06 23.97
N ASP E 145 -9.11 -29.45 24.23
CA ASP E 145 -8.94 -28.01 24.04
C ASP E 145 -8.36 -27.73 22.66
N ALA E 146 -7.62 -28.70 22.14
CA ALA E 146 -7.00 -28.56 20.82
C ALA E 146 -8.07 -28.38 19.75
N GLU E 147 -9.15 -29.14 19.86
CA GLU E 147 -10.25 -29.06 18.90
C GLU E 147 -10.84 -27.66 18.86
N VAL E 148 -10.83 -26.98 20.01
CA VAL E 148 -11.39 -25.64 20.11
C VAL E 148 -10.42 -24.62 19.51
N LEU E 149 -9.18 -24.65 19.97
CA LEU E 149 -8.15 -23.74 19.48
C LEU E 149 -7.99 -23.89 17.97
N GLU E 150 -8.55 -24.97 17.43
CA GLU E 150 -8.48 -25.25 16.01
C GLU E 150 -9.21 -24.16 15.23
N TYR E 151 -10.04 -23.40 15.94
CA TYR E 151 -10.81 -22.33 15.32
C TYR E 151 -10.30 -20.94 15.69
N LEU E 152 -9.09 -20.88 16.24
CA LEU E 152 -8.49 -19.60 16.63
C LEU E 152 -7.85 -18.97 15.39
N GLN E 153 -8.24 -17.74 15.08
CA GLN E 153 -7.71 -17.04 13.91
C GLN E 153 -6.57 -16.09 14.20
N ASP E 154 -6.56 -15.48 15.38
CA ASP E 154 -5.50 -14.54 15.75
C ASP E 154 -5.48 -14.18 17.23
N ILE E 155 -4.32 -13.75 17.70
CA ILE E 155 -4.14 -13.35 19.09
C ILE E 155 -3.60 -11.92 19.13
N GLY E 156 -4.46 -10.97 19.47
CA GLY E 156 -4.06 -9.58 19.53
C GLY E 156 -3.42 -9.15 20.83
N LEU E 157 -3.08 -7.87 20.91
CA LEU E 157 -2.46 -7.30 22.10
C LEU E 157 -2.70 -5.79 22.10
N GLU E 158 -3.15 -5.25 23.22
CA GLU E 158 -3.43 -3.82 23.34
C GLU E 158 -3.21 -3.31 24.75
N TYR E 159 -2.61 -2.12 24.85
CA TYR E 159 -2.37 -1.50 26.15
C TYR E 159 -3.61 -0.68 26.50
N LEU E 160 -4.10 -0.85 27.73
CA LEU E 160 -5.29 -0.15 28.20
C LEU E 160 -5.29 1.32 27.79
N THR E 161 -4.12 1.95 27.82
CA THR E 161 -3.99 3.36 27.44
C THR E 161 -4.69 4.32 28.41
N ASP E 162 -5.98 4.10 28.62
CA ASP E 162 -6.76 4.95 29.51
C ASP E 162 -6.42 4.71 30.98
N GLY E 163 -7.43 4.76 31.84
CA GLY E 163 -7.21 4.56 33.26
C GLY E 163 -6.62 3.21 33.60
N ARG E 164 -5.85 3.15 34.68
CA ARG E 164 -5.21 1.92 35.12
C ARG E 164 -4.35 1.29 34.03
N PRO E 165 -3.02 1.47 34.12
CA PRO E 165 -2.09 0.91 33.15
C PRO E 165 -2.20 -0.61 33.05
N GLY E 166 -1.88 -1.15 31.89
CA GLY E 166 -1.95 -2.59 31.70
C GLY E 166 -2.18 -2.98 30.24
N PHE E 167 -2.05 -4.27 29.95
CA PHE E 167 -2.25 -4.76 28.60
C PHE E 167 -3.37 -5.80 28.56
N LYS E 168 -4.00 -5.95 27.41
CA LYS E 168 -5.09 -6.91 27.25
C LYS E 168 -4.90 -7.76 26.00
N LEU E 169 -4.94 -9.08 26.18
CA LEU E 169 -4.78 -10.01 25.07
C LEU E 169 -6.16 -10.36 24.51
N LEU E 170 -6.27 -10.33 23.18
CA LEU E 170 -7.54 -10.63 22.53
C LEU E 170 -7.45 -11.88 21.65
N PHE E 171 -8.42 -12.77 21.81
CA PHE E 171 -8.47 -14.00 21.05
C PHE E 171 -9.69 -13.95 20.13
N ARG E 172 -9.46 -14.04 18.82
CA ARG E 172 -10.54 -13.98 17.85
C ARG E 172 -10.81 -15.32 17.18
N PHE E 173 -11.94 -15.93 17.52
CA PHE E 173 -12.33 -17.21 16.95
C PHE E 173 -13.36 -17.01 15.85
N ASP E 174 -13.44 -17.97 14.93
CA ASP E 174 -14.38 -17.89 13.83
C ASP E 174 -15.79 -18.23 14.33
N SER E 175 -16.57 -17.20 14.62
CA SER E 175 -17.93 -17.37 15.13
C SER E 175 -18.84 -18.20 14.22
N SER E 176 -18.58 -18.15 12.92
CA SER E 176 -19.40 -18.90 11.97
C SER E 176 -18.94 -20.34 11.81
N ALA E 177 -17.87 -20.71 12.50
CA ALA E 177 -17.34 -22.06 12.43
C ALA E 177 -17.23 -22.72 13.80
N ASN E 178 -16.80 -21.93 14.79
CA ASN E 178 -16.63 -22.42 16.15
C ASN E 178 -17.92 -23.02 16.71
N PRO E 179 -17.95 -24.35 16.91
CA PRO E 179 -19.12 -25.05 17.44
C PRO E 179 -19.22 -25.00 18.97
N PHE E 180 -18.11 -24.65 19.62
CA PHE E 180 -18.07 -24.60 21.08
C PHE E 180 -18.74 -23.38 21.68
N PHE E 181 -18.33 -22.18 21.27
CA PHE E 181 -18.93 -20.96 21.80
C PHE E 181 -19.26 -19.93 20.73
N THR E 182 -20.21 -19.07 21.02
CA THR E 182 -20.65 -18.02 20.09
C THR E 182 -19.76 -16.80 20.17
N ASN E 183 -18.86 -16.77 21.15
CA ASN E 183 -17.95 -15.64 21.32
C ASN E 183 -17.05 -15.46 20.10
N ASP E 184 -16.88 -14.20 19.70
CA ASP E 184 -16.04 -13.87 18.55
C ASP E 184 -14.66 -13.44 19.04
N ILE E 185 -14.62 -12.80 20.21
CA ILE E 185 -13.37 -12.34 20.79
C ILE E 185 -13.31 -12.60 22.29
N LEU E 186 -12.41 -13.48 22.71
CA LEU E 186 -12.23 -13.81 24.11
C LEU E 186 -11.05 -13.00 24.63
N CYS E 187 -11.34 -12.04 25.52
CA CYS E 187 -10.30 -11.19 26.06
C CYS E 187 -9.74 -11.56 27.42
N LYS E 188 -8.63 -10.90 27.77
CA LYS E 188 -7.92 -11.10 29.03
C LYS E 188 -7.12 -9.83 29.32
N THR E 189 -7.31 -9.27 30.51
CA THR E 189 -6.61 -8.05 30.87
C THR E 189 -5.76 -8.16 32.14
N TYR E 190 -4.58 -7.55 32.10
CA TYR E 190 -3.66 -7.54 33.23
C TYR E 190 -3.49 -6.09 33.69
N PHE E 191 -4.01 -5.80 34.88
CA PHE E 191 -3.93 -4.45 35.43
C PHE E 191 -2.69 -4.22 36.30
N TYR E 192 -1.93 -3.17 35.96
CA TYR E 192 -0.73 -2.83 36.71
C TYR E 192 -1.13 -1.81 37.78
N GLN E 193 -1.00 -2.20 39.05
CA GLN E 193 -1.35 -1.30 40.14
C GLN E 193 -0.65 0.05 40.00
N LYS E 194 -1.45 1.12 40.01
CA LYS E 194 -0.95 2.48 39.88
C LYS E 194 0.34 2.73 40.65
N GLU E 195 0.39 2.25 41.88
CA GLU E 195 1.57 2.43 42.73
C GLU E 195 2.78 1.73 42.13
N LEU E 196 3.78 2.52 41.75
CA LEU E 196 4.99 1.98 41.15
C LEU E 196 5.73 1.10 42.16
N GLY E 197 6.32 0.02 41.67
CA GLY E 197 7.05 -0.90 42.54
C GLY E 197 8.31 -0.30 43.13
N TYR E 198 8.86 -0.97 44.13
CA TYR E 198 10.08 -0.52 44.79
C TYR E 198 11.24 -0.42 43.80
N SER E 199 11.36 -1.41 42.93
CA SER E 199 12.43 -1.44 41.94
C SER E 199 12.28 -0.27 40.97
N GLY E 200 11.10 0.34 40.96
CA GLY E 200 10.85 1.47 40.08
C GLY E 200 10.05 1.10 38.84
N ASP E 201 9.59 -0.14 38.78
CA ASP E 201 8.81 -0.60 37.64
C ASP E 201 7.39 -1.00 38.03
N PHE E 202 6.59 -1.37 37.03
CA PHE E 202 5.21 -1.76 37.26
C PHE E 202 5.06 -3.13 37.91
N ILE E 203 4.02 -3.27 38.73
CA ILE E 203 3.73 -4.52 39.42
C ILE E 203 2.27 -4.89 39.20
N TYR E 204 2.02 -6.17 38.97
CA TYR E 204 0.67 -6.67 38.72
C TYR E 204 -0.29 -6.32 39.86
N ASP E 205 -1.58 -6.36 39.55
CA ASP E 205 -2.62 -6.06 40.54
C ASP E 205 -3.58 -7.26 40.58
N HIS E 206 -4.07 -7.66 39.42
CA HIS E 206 -4.98 -8.78 39.28
C HIS E 206 -5.38 -8.96 37.83
N ALA E 207 -5.74 -10.18 37.46
CA ALA E 207 -6.16 -10.47 36.09
C ALA E 207 -7.67 -10.51 35.98
N GLU E 208 -8.21 -9.92 34.92
CA GLU E 208 -9.64 -9.89 34.71
C GLU E 208 -9.98 -10.56 33.38
N GLY E 209 -10.35 -11.83 33.46
CA GLY E 209 -10.69 -12.58 32.25
C GLY E 209 -12.02 -12.21 31.64
N CYS E 210 -12.27 -12.73 30.44
CA CYS E 210 -13.51 -12.48 29.72
C CYS E 210 -14.28 -13.79 29.54
N GLU E 211 -15.15 -14.08 30.51
CA GLU E 211 -15.96 -15.30 30.50
C GLU E 211 -16.45 -15.73 29.12
N ILE E 212 -16.49 -17.04 28.91
CA ILE E 212 -16.92 -17.61 27.65
C ILE E 212 -18.38 -18.07 27.71
N SER E 213 -19.00 -18.19 26.55
CA SER E 213 -20.39 -18.63 26.46
C SER E 213 -20.49 -19.87 25.58
N TRP E 214 -20.29 -21.03 26.18
CA TRP E 214 -20.34 -22.29 25.44
C TRP E 214 -21.75 -22.56 24.92
N LYS E 215 -21.81 -23.20 23.76
CA LYS E 215 -23.08 -23.52 23.11
C LYS E 215 -23.64 -24.87 23.55
N ASP E 216 -22.93 -25.54 24.45
CA ASP E 216 -23.36 -26.84 24.96
C ASP E 216 -22.43 -27.32 26.07
N ASN E 217 -23.01 -27.85 27.14
CA ASN E 217 -22.23 -28.34 28.27
C ASN E 217 -21.26 -29.44 27.83
N ALA E 218 -21.54 -30.05 26.69
CA ALA E 218 -20.69 -31.11 26.15
C ALA E 218 -19.47 -30.47 25.48
N HIS E 219 -19.71 -29.38 24.77
CA HIS E 219 -18.64 -28.66 24.09
C HIS E 219 -18.07 -27.60 25.03
N ASN E 220 -18.30 -27.80 26.33
CA ASN E 220 -17.84 -26.88 27.36
C ASN E 220 -16.32 -26.88 27.50
N VAL E 221 -15.75 -28.03 27.84
CA VAL E 221 -14.31 -28.19 28.01
C VAL E 221 -13.80 -27.67 29.36
N THR E 222 -14.16 -26.44 29.71
CA THR E 222 -13.72 -25.85 30.96
C THR E 222 -14.31 -26.60 32.16
N PRO E 246 -15.95 -28.96 37.21
CA PRO E 246 -14.81 -28.16 36.74
C PRO E 246 -13.54 -29.00 36.58
N ILE E 247 -13.04 -29.07 35.35
CA ILE E 247 -11.84 -29.84 35.07
C ILE E 247 -10.68 -28.93 34.67
N GLU E 248 -9.52 -29.52 34.42
CA GLU E 248 -8.34 -28.75 34.03
C GLU E 248 -8.36 -28.47 32.54
N SER E 249 -8.64 -27.21 32.19
CA SER E 249 -8.70 -26.80 30.80
C SER E 249 -7.88 -25.54 30.54
N PHE E 250 -7.55 -25.31 29.28
CA PHE E 250 -6.76 -24.14 28.88
C PHE E 250 -7.58 -22.86 29.01
N PHE E 251 -8.83 -22.92 28.57
CA PHE E 251 -9.70 -21.75 28.61
C PHE E 251 -10.00 -21.23 30.00
N ASN E 252 -9.49 -21.92 31.03
CA ASN E 252 -9.68 -21.47 32.40
C ASN E 252 -8.85 -20.20 32.55
N PHE E 253 -8.07 -19.93 31.50
CA PHE E 253 -7.20 -18.76 31.46
C PHE E 253 -8.05 -17.48 31.43
N PHE E 254 -9.29 -17.62 30.99
CA PHE E 254 -10.20 -16.48 30.91
C PHE E 254 -11.03 -16.35 32.18
N ASP E 255 -10.64 -17.10 33.21
CA ASP E 255 -11.32 -17.06 34.50
C ASP E 255 -10.23 -16.99 35.57
N PRO E 256 -9.43 -15.91 35.55
CA PRO E 256 -8.33 -15.64 36.48
C PRO E 256 -8.68 -15.80 37.96
N PRO E 257 -7.71 -16.27 38.76
CA PRO E 257 -7.91 -16.45 40.21
C PRO E 257 -8.21 -15.10 40.85
N LYS E 258 -9.22 -15.06 41.70
CA LYS E 258 -9.61 -13.82 42.37
C LYS E 258 -8.97 -13.70 43.75
N ILE E 259 -8.52 -12.49 44.08
CA ILE E 259 -7.90 -12.24 45.38
C ILE E 259 -8.98 -12.35 46.45
N GLN E 260 -9.23 -13.58 46.91
CA GLN E 260 -10.23 -13.86 47.94
C GLN E 260 -10.42 -12.73 48.92
N ASN E 261 -9.84 -12.88 50.10
CA ASN E 261 -9.94 -11.88 51.16
C ASN E 261 -8.89 -12.15 52.24
N GLU E 262 -8.90 -11.32 53.27
CA GLU E 262 -7.96 -11.47 54.37
C GLU E 262 -8.54 -12.37 55.46
N ASP E 263 -9.28 -13.39 55.04
CA ASP E 263 -9.90 -14.34 55.96
C ASP E 263 -8.86 -15.32 56.47
N GLN E 264 -7.71 -15.36 55.81
CA GLN E 264 -6.61 -16.24 56.19
C GLN E 264 -6.92 -17.71 55.94
N ASP E 265 -5.95 -18.44 55.39
CA ASP E 265 -6.10 -19.85 55.10
C ASP E 265 -4.74 -20.53 55.12
N GLU E 266 -4.71 -21.81 54.74
CA GLU E 266 -3.46 -22.56 54.71
C GLU E 266 -3.39 -23.46 53.47
N GLU E 267 -2.26 -23.42 52.79
CA GLU E 267 -2.05 -24.22 51.57
C GLU E 267 -2.98 -23.74 50.45
N LEU E 268 -4.00 -22.97 50.80
CA LEU E 268 -4.94 -22.45 49.82
C LEU E 268 -4.55 -21.02 49.47
N GLU E 269 -3.52 -20.51 50.14
CA GLU E 269 -3.02 -19.16 49.89
C GLU E 269 -1.73 -19.31 49.09
N GLU E 270 -1.15 -20.50 49.14
CA GLU E 270 0.08 -20.80 48.41
C GLU E 270 -0.30 -21.42 47.08
N ASP E 271 -1.31 -22.28 47.11
CA ASP E 271 -1.79 -22.96 45.90
C ASP E 271 -2.41 -21.94 44.96
N LEU E 272 -3.25 -21.06 45.51
CA LEU E 272 -3.90 -20.04 44.70
C LEU E 272 -2.96 -18.86 44.47
N GLU E 273 -1.67 -19.11 44.70
CA GLU E 273 -0.64 -18.11 44.49
C GLU E 273 0.21 -18.57 43.31
N GLU E 274 0.52 -19.87 43.32
CA GLU E 274 1.30 -20.47 42.26
C GLU E 274 0.48 -20.41 40.98
N ARG E 275 -0.83 -20.31 41.15
CA ARG E 275 -1.76 -20.25 40.02
C ARG E 275 -1.74 -18.84 39.44
N LEU E 276 -1.68 -17.84 40.31
CA LEU E 276 -1.63 -16.45 39.88
C LEU E 276 -0.33 -16.23 39.12
N ALA E 277 0.76 -16.75 39.66
CA ALA E 277 2.06 -16.64 39.03
C ALA E 277 2.00 -17.27 37.64
N LEU E 278 1.35 -18.42 37.55
CA LEU E 278 1.20 -19.12 36.28
C LEU E 278 0.35 -18.29 35.33
N ASP E 279 -0.69 -17.67 35.88
CA ASP E 279 -1.58 -16.83 35.07
C ASP E 279 -0.78 -15.67 34.48
N TYR E 280 -0.09 -14.92 35.33
CA TYR E 280 0.72 -13.81 34.87
C TYR E 280 1.82 -14.31 33.96
N SER E 281 2.38 -15.47 34.31
CA SER E 281 3.45 -16.08 33.52
C SER E 281 2.97 -16.32 32.09
N ILE E 282 1.85 -17.03 31.97
CA ILE E 282 1.29 -17.33 30.65
C ILE E 282 1.09 -16.03 29.88
N GLY E 283 0.50 -15.03 30.55
CA GLY E 283 0.27 -13.76 29.90
C GLY E 283 1.55 -13.21 29.32
N GLU E 284 2.65 -13.36 30.07
CA GLU E 284 3.95 -12.89 29.62
C GLU E 284 4.35 -13.57 28.32
N GLN E 285 4.28 -14.90 28.32
CA GLN E 285 4.64 -15.69 27.14
C GLN E 285 3.99 -15.18 25.86
N LEU E 286 2.65 -15.18 25.84
CA LEU E 286 1.90 -14.72 24.67
C LEU E 286 2.30 -13.32 24.24
N LYS E 287 2.35 -12.39 25.20
CA LYS E 287 2.69 -11.01 24.93
C LYS E 287 4.10 -10.77 24.37
N ASP E 288 5.11 -11.13 25.17
CA ASP E 288 6.50 -10.91 24.78
C ASP E 288 7.13 -11.96 23.87
N LYS E 289 6.42 -13.05 23.58
CA LYS E 289 6.99 -14.09 22.72
C LYS E 289 6.06 -14.58 21.62
N LEU E 290 5.08 -15.41 21.98
CA LEU E 290 4.14 -15.98 21.03
C LEU E 290 3.72 -15.00 19.92
N ILE E 291 3.15 -13.86 20.32
CA ILE E 291 2.70 -12.87 19.35
C ILE E 291 3.82 -12.27 18.51
N PRO E 292 4.86 -11.73 19.16
CA PRO E 292 6.00 -11.13 18.45
C PRO E 292 6.69 -12.04 17.44
N ARG E 293 6.66 -13.34 17.69
CA ARG E 293 7.32 -14.30 16.81
C ARG E 293 6.44 -15.51 16.49
N ALA E 294 5.14 -15.28 16.33
CA ALA E 294 4.20 -16.35 16.03
C ALA E 294 4.66 -17.23 14.87
N VAL E 295 5.13 -16.59 13.81
CA VAL E 295 5.60 -17.30 12.62
C VAL E 295 6.55 -18.44 12.97
N ASP E 296 7.64 -18.11 13.65
CA ASP E 296 8.62 -19.11 14.04
C ASP E 296 8.11 -20.06 15.11
N TRP E 297 7.22 -19.57 15.97
CA TRP E 297 6.65 -20.40 17.03
C TRP E 297 5.82 -21.52 16.42
N PHE E 298 5.36 -21.32 15.19
CA PHE E 298 4.56 -22.32 14.51
C PHE E 298 5.47 -23.36 13.87
N THR E 299 6.60 -22.90 13.34
CA THR E 299 7.57 -23.78 12.70
C THR E 299 8.37 -24.54 13.75
N GLY E 300 8.75 -23.84 14.82
CA GLY E 300 9.51 -24.46 15.88
C GLY E 300 10.91 -23.87 16.00
N ALA E 301 11.18 -22.84 15.20
CA ALA E 301 12.49 -22.18 15.21
C ALA E 301 12.70 -21.42 16.52
N ALA E 302 11.67 -20.72 16.97
CA ALA E 302 11.74 -19.94 18.20
C ALA E 302 12.23 -20.78 19.37
N LEU E 303 11.95 -22.08 19.31
CA LEU E 303 12.35 -22.99 20.37
C LEU E 303 13.84 -22.89 20.65
N GLY F 21 10.03 -32.66 11.89
CA GLY F 21 9.52 -33.46 10.73
C GLY F 21 8.02 -33.37 10.57
N TYR F 22 7.36 -32.77 11.56
CA TYR F 22 5.91 -32.61 11.52
C TYR F 22 5.50 -31.46 10.63
N VAL F 23 6.39 -31.06 9.73
CA VAL F 23 6.12 -29.97 8.80
C VAL F 23 6.88 -30.18 7.50
N GLY F 24 8.05 -30.81 7.59
CA GLY F 24 8.86 -31.06 6.41
C GLY F 24 8.09 -31.62 5.23
N GLY F 25 7.53 -32.81 5.41
CA GLY F 25 6.77 -33.44 4.34
C GLY F 25 5.27 -33.34 4.55
N LEU F 26 4.72 -32.16 4.29
CA LEU F 26 3.30 -31.91 4.46
C LEU F 26 2.76 -31.06 3.31
N PRO F 27 1.50 -30.56 3.40
CA PRO F 27 0.97 -29.75 2.31
C PRO F 27 1.88 -28.62 1.84
N LYS F 28 1.67 -28.19 0.60
CA LYS F 28 2.46 -27.12 0.00
C LYS F 28 1.85 -25.75 0.24
N ASN F 29 0.58 -25.60 -0.15
CA ASN F 29 -0.14 -24.34 0.03
C ASN F 29 0.03 -23.78 1.44
N VAL F 30 0.18 -24.68 2.40
CA VAL F 30 0.37 -24.27 3.80
C VAL F 30 1.73 -23.60 3.91
N LYS F 31 2.78 -24.36 3.63
CA LYS F 31 4.15 -23.83 3.69
C LYS F 31 4.20 -22.48 3.00
N GLU F 32 3.61 -22.42 1.80
CA GLU F 32 3.56 -21.19 1.02
C GLU F 32 3.13 -20.03 1.92
N LYS F 33 2.05 -20.25 2.67
CA LYS F 33 1.54 -19.23 3.58
C LYS F 33 2.61 -18.81 4.58
N LEU F 34 3.24 -19.80 5.21
CA LEU F 34 4.29 -19.55 6.19
C LEU F 34 5.38 -18.63 5.67
N LEU F 35 5.88 -18.91 4.47
CA LEU F 35 6.93 -18.10 3.87
C LEU F 35 6.60 -16.61 3.93
N SER F 36 5.39 -16.25 3.53
CA SER F 36 4.98 -14.85 3.54
C SER F 36 5.04 -14.31 4.97
N LEU F 37 4.55 -15.11 5.91
CA LEU F 37 4.54 -14.73 7.32
C LEU F 37 5.98 -14.55 7.80
N LYS F 38 6.85 -15.46 7.40
CA LYS F 38 8.25 -15.41 7.78
C LYS F 38 8.84 -14.08 7.35
N THR F 39 8.26 -13.49 6.31
CA THR F 39 8.71 -12.21 5.79
C THR F 39 8.23 -11.10 6.71
N LEU F 40 6.94 -11.11 7.02
CA LEU F 40 6.37 -10.10 7.91
C LEU F 40 7.10 -10.16 9.25
N GLN F 41 7.67 -11.32 9.54
CA GLN F 41 8.44 -11.53 10.77
C GLN F 41 9.62 -10.59 10.72
N SER F 42 10.27 -10.53 9.57
CA SER F 42 11.43 -9.67 9.37
C SER F 42 11.03 -8.20 9.51
N GLU F 43 9.83 -7.87 9.03
CA GLU F 43 9.34 -6.51 9.12
C GLU F 43 9.27 -6.10 10.59
N LEU F 44 8.96 -7.06 11.45
CA LEU F 44 8.88 -6.81 12.87
C LEU F 44 10.27 -6.50 13.41
N PHE F 45 11.26 -7.27 12.97
CA PHE F 45 12.64 -7.06 13.41
C PHE F 45 13.05 -5.60 13.29
N GLU F 46 12.82 -5.02 12.12
CA GLU F 46 13.19 -3.63 11.88
C GLU F 46 12.34 -2.68 12.71
N VAL F 47 11.08 -3.04 12.93
CA VAL F 47 10.18 -2.20 13.72
C VAL F 47 10.63 -2.29 15.19
N GLU F 48 10.98 -3.50 15.61
CA GLU F 48 11.44 -3.72 16.97
C GLU F 48 12.85 -3.15 17.08
N LYS F 49 13.49 -3.01 15.92
CA LYS F 49 14.84 -2.47 15.83
C LYS F 49 14.75 -0.99 16.23
N GLU F 50 13.83 -0.28 15.59
CA GLU F 50 13.61 1.14 15.86
C GLU F 50 13.13 1.31 17.29
N PHE F 51 12.47 0.28 17.83
CA PHE F 51 11.97 0.31 19.19
C PHE F 51 13.12 0.46 20.18
N GLN F 52 14.02 -0.52 20.19
CA GLN F 52 15.16 -0.50 21.09
C GLN F 52 15.97 0.79 20.96
N VAL F 53 15.87 1.43 19.80
CA VAL F 53 16.59 2.69 19.56
C VAL F 53 16.07 3.75 20.51
N GLU F 54 14.85 4.22 20.26
CA GLU F 54 14.24 5.24 21.10
C GLU F 54 14.17 4.72 22.54
N MET F 55 14.08 3.41 22.68
CA MET F 55 14.02 2.77 23.98
C MET F 55 15.29 3.04 24.76
N PHE F 56 16.42 2.91 24.08
CA PHE F 56 17.73 3.14 24.70
C PHE F 56 17.87 4.62 25.06
N GLU F 57 17.47 5.49 24.15
CA GLU F 57 17.55 6.92 24.37
C GLU F 57 16.75 7.36 25.58
N LEU F 58 15.55 6.81 25.72
CA LEU F 58 14.68 7.15 26.84
C LEU F 58 15.38 6.90 28.16
N GLU F 59 16.06 5.76 28.27
CA GLU F 59 16.77 5.41 29.49
C GLU F 59 17.88 6.42 29.76
N ASN F 60 18.76 6.61 28.78
CA ASN F 60 19.86 7.57 28.91
C ASN F 60 19.29 8.96 29.13
N LYS F 61 18.10 9.19 28.59
CA LYS F 61 17.42 10.47 28.71
C LYS F 61 17.14 10.81 30.17
N PHE F 62 16.78 9.79 30.94
CA PHE F 62 16.49 9.96 32.36
C PHE F 62 17.70 9.78 33.25
N LEU F 63 18.75 9.14 32.73
CA LEU F 63 19.97 8.94 33.50
C LEU F 63 20.52 10.31 33.87
N GLN F 64 20.37 11.26 32.96
CA GLN F 64 20.86 12.62 33.17
C GLN F 64 20.05 13.29 34.28
N LYS F 65 18.94 12.68 34.66
CA LYS F 65 18.08 13.21 35.72
C LYS F 65 18.45 12.54 37.03
N TYR F 66 18.97 11.33 36.95
CA TYR F 66 19.37 10.58 38.13
C TYR F 66 20.71 11.07 38.66
N LYS F 67 21.65 11.30 37.74
CA LYS F 67 22.98 11.76 38.10
C LYS F 67 22.94 12.94 39.09
N PRO F 68 22.27 14.04 38.73
CA PRO F 68 22.18 15.19 39.62
C PRO F 68 21.78 14.80 41.04
N ILE F 69 20.82 13.89 41.14
CA ILE F 69 20.33 13.43 42.43
C ILE F 69 21.39 12.58 43.13
N TRP F 70 22.04 11.69 42.37
CA TRP F 70 23.08 10.84 42.94
C TRP F 70 24.32 11.65 43.28
N GLU F 71 24.63 12.64 42.47
CA GLU F 71 25.78 13.50 42.71
C GLU F 71 25.64 14.13 44.08
N GLN F 72 24.42 14.54 44.41
CA GLN F 72 24.12 15.13 45.71
C GLN F 72 24.54 14.14 46.78
N ARG F 73 24.19 12.88 46.56
CA ARG F 73 24.51 11.81 47.49
C ARG F 73 26.01 11.66 47.66
N SER F 74 26.74 11.73 46.55
CA SER F 74 28.20 11.61 46.57
C SER F 74 28.82 12.60 47.54
N ARG F 75 28.50 13.88 47.37
CA ARG F 75 29.03 14.93 48.23
C ARG F 75 28.58 14.79 49.68
N ILE F 76 27.37 14.28 49.89
CA ILE F 76 26.85 14.10 51.24
C ILE F 76 27.61 12.96 51.93
N ILE F 77 28.08 12.02 51.13
CA ILE F 77 28.84 10.88 51.65
C ILE F 77 30.30 11.24 51.84
N SER F 78 30.85 11.98 50.88
CA SER F 78 32.24 12.39 50.94
C SER F 78 32.44 13.51 51.97
N GLY F 79 31.33 13.97 52.54
CA GLY F 79 31.40 15.03 53.53
C GLY F 79 31.70 16.37 52.89
N GLN F 80 31.76 16.38 51.55
CA GLN F 80 32.04 17.59 50.80
C GLN F 80 30.88 18.57 50.90
N GLU F 81 29.79 18.12 51.52
CA GLU F 81 28.60 18.96 51.69
C GLU F 81 27.75 18.41 52.83
N GLN F 82 27.36 19.29 53.75
CA GLN F 82 26.54 18.90 54.89
C GLN F 82 25.08 18.68 54.53
N PRO F 83 24.43 17.71 55.19
CA PRO F 83 23.02 17.37 54.96
C PRO F 83 22.10 18.55 55.23
N LYS F 84 21.03 18.64 54.44
CA LYS F 84 20.05 19.71 54.58
C LYS F 84 19.04 19.32 55.64
N PRO F 85 18.96 20.10 56.75
CA PRO F 85 18.01 19.81 57.82
C PRO F 85 16.62 19.49 57.28
N GLU F 86 16.32 20.00 56.09
CA GLU F 86 15.03 19.74 55.44
C GLU F 86 15.02 18.28 55.02
N GLN F 87 16.09 17.87 54.34
CA GLN F 87 16.22 16.50 53.88
C GLN F 87 16.20 15.63 55.13
N ILE F 88 16.76 16.16 56.21
CA ILE F 88 16.80 15.45 57.48
C ILE F 88 15.37 15.41 58.04
N ALA F 89 14.63 16.48 57.81
CA ALA F 89 13.25 16.58 58.27
C ALA F 89 12.42 15.54 57.53
N LYS F 90 12.42 15.62 56.20
CA LYS F 90 11.68 14.67 55.38
C LYS F 90 12.13 13.26 55.70
N GLY F 91 13.42 13.10 55.96
CA GLY F 91 13.95 11.79 56.29
C GLY F 91 13.25 11.23 57.52
N GLN F 92 13.11 12.08 58.53
CA GLN F 92 12.45 11.69 59.77
C GLN F 92 11.10 11.05 59.49
N GLU F 93 10.30 11.70 58.64
CA GLU F 93 8.99 11.19 58.27
C GLU F 93 9.11 9.89 57.49
N ILE F 94 9.76 9.96 56.33
CA ILE F 94 9.95 8.80 55.47
C ILE F 94 10.35 7.56 56.26
N VAL F 95 11.47 7.65 56.97
CA VAL F 95 11.96 6.54 57.77
C VAL F 95 10.87 6.00 58.69
N GLU F 96 10.08 6.91 59.25
CA GLU F 96 9.00 6.52 60.15
C GLU F 96 7.85 5.89 59.37
N SER F 97 7.57 6.45 58.19
CA SER F 97 6.50 5.96 57.34
C SER F 97 6.78 4.56 56.81
N LEU F 98 8.06 4.20 56.74
CA LEU F 98 8.46 2.88 56.25
C LEU F 98 8.74 1.91 57.38
N ASN F 99 8.35 2.28 58.59
CA ASN F 99 8.55 1.43 59.77
C ASN F 99 10.02 1.08 59.97
N GLU F 100 10.90 1.98 59.56
CA GLU F 100 12.34 1.76 59.72
C GLU F 100 12.90 2.57 60.89
N THR F 101 12.23 2.48 62.03
CA THR F 101 12.64 3.19 63.24
C THR F 101 14.14 3.06 63.50
N GLU F 102 14.75 1.99 62.99
CA GLU F 102 16.16 1.75 63.17
C GLU F 102 17.03 2.94 62.80
N LEU F 103 16.46 3.87 62.04
CA LEU F 103 17.19 5.06 61.61
C LEU F 103 16.49 6.35 62.03
N LEU F 104 16.44 6.59 63.34
CA LEU F 104 15.80 7.79 63.87
C LEU F 104 16.65 8.40 64.98
N VAL F 105 16.30 9.63 65.37
CA VAL F 105 17.02 10.34 66.42
C VAL F 105 16.06 11.08 67.34
N ASP F 106 16.21 10.88 68.64
CA ASP F 106 15.36 11.54 69.62
C ASP F 106 16.18 12.44 70.52
N GLU F 107 15.95 13.75 70.39
CA GLU F 107 16.68 14.75 71.18
C GLU F 107 18.19 14.66 70.95
N GLN F 119 30.64 15.70 65.67
CA GLN F 119 31.84 15.38 64.92
C GLN F 119 31.52 14.43 63.77
N VAL F 120 32.53 13.71 63.29
CA VAL F 120 32.38 12.76 62.19
C VAL F 120 32.19 13.45 60.85
N LYS F 121 32.79 12.88 59.81
CA LYS F 121 32.71 13.42 58.46
C LYS F 121 31.63 12.67 57.69
N GLY F 122 31.67 12.75 56.35
CA GLY F 122 30.69 12.07 55.54
C GLY F 122 30.54 10.61 55.90
N ILE F 123 29.41 10.01 55.53
CA ILE F 123 29.14 8.61 55.84
C ILE F 123 30.35 7.72 55.60
N PRO F 124 31.02 7.29 56.68
CA PRO F 124 32.20 6.42 56.57
C PRO F 124 31.82 5.03 56.09
N SER F 125 32.58 4.52 55.13
CA SER F 125 32.33 3.18 54.58
C SER F 125 30.91 3.05 54.05
N PHE F 126 30.50 3.97 53.19
CA PHE F 126 29.15 3.92 52.63
C PHE F 126 29.02 2.80 51.61
N TRP F 127 29.51 3.05 50.39
CA TRP F 127 29.43 2.06 49.32
C TRP F 127 30.06 0.74 49.72
N LEU F 128 30.99 0.79 50.67
CA LEU F 128 31.65 -0.42 51.15
C LEU F 128 30.61 -1.31 51.82
N THR F 129 29.78 -0.72 52.66
CA THR F 129 28.73 -1.44 53.36
C THR F 129 27.61 -1.81 52.38
N ALA F 130 27.28 -0.88 51.50
CA ALA F 130 26.23 -1.08 50.52
C ALA F 130 26.54 -2.29 49.64
N LEU F 131 27.81 -2.46 49.29
CA LEU F 131 28.24 -3.57 48.46
C LEU F 131 28.23 -4.89 49.22
N GLU F 132 28.57 -4.84 50.50
CA GLU F 132 28.60 -6.05 51.32
C GLU F 132 27.19 -6.59 51.56
N ASN F 133 26.19 -5.82 51.12
CA ASN F 133 24.80 -6.22 51.28
C ASN F 133 24.23 -6.64 49.94
N LEU F 134 24.91 -6.25 48.86
CA LEU F 134 24.47 -6.60 47.52
C LEU F 134 24.73 -8.09 47.30
N PRO F 135 23.65 -8.88 47.20
CA PRO F 135 23.67 -10.33 46.99
C PRO F 135 24.86 -10.92 46.23
N ILE F 136 24.89 -10.71 44.91
CA ILE F 136 25.96 -11.25 44.07
C ILE F 136 27.34 -10.66 44.31
N VAL F 137 27.40 -9.34 44.47
CA VAL F 137 28.67 -8.65 44.69
C VAL F 137 29.34 -8.94 46.03
N CYS F 138 28.67 -8.57 47.12
CA CYS F 138 29.18 -8.76 48.47
C CYS F 138 30.12 -9.96 48.64
N ASP F 139 29.71 -11.11 48.12
CA ASP F 139 30.51 -12.33 48.23
C ASP F 139 31.90 -12.23 47.61
N THR F 140 32.01 -11.48 46.52
CA THR F 140 33.29 -11.32 45.81
C THR F 140 34.33 -10.46 46.50
N ILE F 141 33.95 -9.71 47.54
CA ILE F 141 34.92 -8.86 48.23
C ILE F 141 35.72 -9.64 49.28
N THR F 142 37.02 -9.38 49.33
CA THR F 142 37.89 -10.04 50.28
C THR F 142 38.29 -9.05 51.39
N ASP F 143 38.86 -9.57 52.47
CA ASP F 143 39.27 -8.74 53.59
C ASP F 143 40.30 -7.69 53.17
N ARG F 144 41.08 -8.01 52.14
CA ARG F 144 42.11 -7.09 51.66
C ARG F 144 41.54 -5.98 50.77
N ASP F 145 40.70 -6.36 49.80
CA ASP F 145 40.12 -5.38 48.90
C ASP F 145 39.02 -4.57 49.59
N ALA F 146 38.64 -5.01 50.79
CA ALA F 146 37.60 -4.31 51.55
C ALA F 146 38.18 -3.01 52.11
N GLU F 147 39.45 -3.05 52.49
CA GLU F 147 40.12 -1.88 53.02
C GLU F 147 40.31 -0.85 51.92
N VAL F 148 40.31 -1.33 50.67
CA VAL F 148 40.49 -0.47 49.51
C VAL F 148 39.18 0.23 49.19
N LEU F 149 38.10 -0.53 49.14
CA LEU F 149 36.78 0.01 48.84
C LEU F 149 36.38 1.01 49.92
N GLU F 150 37.21 1.12 50.96
CA GLU F 150 36.95 2.03 52.06
C GLU F 150 37.10 3.47 51.57
N TYR F 151 37.79 3.63 50.44
CA TYR F 151 38.01 4.95 49.86
C TYR F 151 37.09 5.21 48.68
N LEU F 152 36.13 4.32 48.47
CA LEU F 152 35.18 4.48 47.38
C LEU F 152 34.18 5.58 47.74
N GLN F 153 34.09 6.60 46.90
CA GLN F 153 33.20 7.72 47.16
C GLN F 153 31.88 7.67 46.39
N ASP F 154 31.91 7.15 45.17
CA ASP F 154 30.69 7.08 44.37
C ASP F 154 30.81 6.17 43.15
N ILE F 155 29.67 5.70 42.66
CA ILE F 155 29.61 4.83 41.50
C ILE F 155 28.63 5.41 40.48
N GLY F 156 29.15 6.00 39.41
CA GLY F 156 28.31 6.59 38.39
C GLY F 156 27.87 5.61 37.33
N LEU F 157 27.02 6.07 36.42
CA LEU F 157 26.52 5.23 35.34
C LEU F 157 26.32 6.07 34.07
N GLU F 158 26.72 5.52 32.94
CA GLU F 158 26.59 6.20 31.65
C GLU F 158 26.34 5.22 30.52
N TYR F 159 25.32 5.48 29.71
CA TYR F 159 25.01 4.61 28.58
C TYR F 159 25.96 4.94 27.43
N LEU F 160 25.84 4.22 26.33
CA LEU F 160 26.72 4.46 25.19
C LEU F 160 26.06 4.38 23.83
N THR F 161 26.09 5.51 23.12
CA THR F 161 25.54 5.60 21.77
C THR F 161 26.75 5.96 20.92
N ASP F 162 27.89 6.04 21.60
CA ASP F 162 29.17 6.37 20.98
C ASP F 162 29.70 5.17 20.20
N GLY F 163 28.82 4.52 19.44
CA GLY F 163 29.21 3.37 18.66
C GLY F 163 28.40 2.15 19.02
N ARG F 164 28.99 1.28 19.83
CA ARG F 164 28.31 0.06 20.27
C ARG F 164 27.46 0.33 21.50
N PRO F 165 26.30 -0.34 21.59
CA PRO F 165 25.39 -0.17 22.73
C PRO F 165 26.04 -0.67 24.02
N GLY F 166 25.69 -0.06 25.14
CA GLY F 166 26.26 -0.47 26.41
C GLY F 166 26.30 0.66 27.44
N PHE F 167 26.89 0.37 28.59
CA PHE F 167 27.00 1.37 29.66
C PHE F 167 28.34 1.28 30.37
N LYS F 168 28.63 2.28 31.19
CA LYS F 168 29.90 2.33 31.92
C LYS F 168 29.67 2.60 33.41
N LEU F 169 30.30 1.77 34.24
CA LEU F 169 30.19 1.91 35.69
C LEU F 169 31.44 2.61 36.21
N LEU F 170 31.34 3.91 36.44
CA LEU F 170 32.48 4.70 36.93
C LEU F 170 32.60 4.68 38.44
N PHE F 171 33.75 4.18 38.92
CA PHE F 171 34.01 4.11 40.35
C PHE F 171 34.93 5.28 40.72
N ARG F 172 34.42 6.20 41.52
CA ARG F 172 35.18 7.37 41.93
C ARG F 172 35.78 7.21 43.32
N PHE F 173 37.10 6.99 43.37
CA PHE F 173 37.80 6.81 44.63
C PHE F 173 38.45 8.11 45.10
N ASP F 174 38.79 8.15 46.39
CA ASP F 174 39.43 9.32 46.98
C ASP F 174 40.94 9.23 46.80
N SER F 175 41.41 9.60 45.61
CA SER F 175 42.82 9.56 45.26
C SER F 175 43.73 10.21 46.30
N SER F 176 43.23 11.28 46.93
CA SER F 176 44.00 12.01 47.93
C SER F 176 44.37 11.18 49.15
N ALA F 177 43.61 10.11 49.41
CA ALA F 177 43.88 9.26 50.56
C ALA F 177 44.19 7.82 50.20
N ASN F 178 43.64 7.35 49.09
CA ASN F 178 43.85 5.97 48.64
C ASN F 178 45.33 5.61 48.59
N PRO F 179 45.79 4.75 49.53
CA PRO F 179 47.18 4.31 49.61
C PRO F 179 47.52 3.20 48.62
N PHE F 180 46.49 2.54 48.10
CA PHE F 180 46.69 1.44 47.16
C PHE F 180 47.03 1.90 45.75
N PHE F 181 46.07 2.51 45.07
CA PHE F 181 46.29 2.99 43.70
C PHE F 181 46.01 4.48 43.58
N THR F 182 46.78 5.15 42.72
CA THR F 182 46.62 6.59 42.51
C THR F 182 45.42 6.92 41.63
N ASN F 183 44.92 5.92 40.90
CA ASN F 183 43.78 6.13 40.02
C ASN F 183 42.70 6.99 40.66
N ASP F 184 42.16 7.90 39.87
CA ASP F 184 41.11 8.80 40.35
C ASP F 184 39.73 8.23 40.05
N ILE F 185 39.61 7.53 38.93
CA ILE F 185 38.34 6.94 38.54
C ILE F 185 38.50 5.60 37.81
N LEU F 186 38.02 4.54 38.44
CA LEU F 186 38.07 3.20 37.85
C LEU F 186 36.73 2.98 37.18
N CYS F 187 36.63 1.96 36.32
CA CYS F 187 35.37 1.69 35.65
C CYS F 187 35.27 0.35 34.93
N LYS F 188 34.09 0.10 34.38
CA LYS F 188 33.79 -1.13 33.67
C LYS F 188 32.82 -0.80 32.54
N THR F 189 33.12 -1.26 31.33
CA THR F 189 32.27 -0.98 30.18
C THR F 189 31.75 -2.24 29.51
N TYR F 190 30.43 -2.40 29.51
CA TYR F 190 29.80 -3.56 28.89
C TYR F 190 29.29 -3.18 27.50
N PHE F 191 29.58 -4.03 26.51
CA PHE F 191 29.17 -3.76 25.14
C PHE F 191 28.16 -4.77 24.61
N TYR F 192 27.16 -4.28 23.90
CA TYR F 192 26.13 -5.14 23.30
C TYR F 192 26.42 -5.19 21.81
N GLN F 193 26.42 -6.40 21.24
CA GLN F 193 26.69 -6.54 19.81
C GLN F 193 25.63 -5.84 18.97
N LYS F 194 26.10 -5.03 18.02
CA LYS F 194 25.25 -4.25 17.13
C LYS F 194 23.92 -4.92 16.75
N GLU F 195 23.99 -6.17 16.30
CA GLU F 195 22.80 -6.89 15.89
C GLU F 195 21.98 -7.38 17.08
N LEU F 196 20.69 -7.03 17.08
CA LEU F 196 19.79 -7.44 18.15
C LEU F 196 19.54 -8.95 18.09
N GLY F 197 19.37 -9.56 19.26
CA GLY F 197 19.13 -10.99 19.31
C GLY F 197 17.77 -11.38 18.79
N TYR F 198 17.48 -12.68 18.83
CA TYR F 198 16.20 -13.20 18.36
C TYR F 198 15.05 -12.53 19.11
N SER F 199 15.18 -12.47 20.44
CA SER F 199 14.16 -11.87 21.29
C SER F 199 13.93 -10.40 20.94
N GLY F 200 14.77 -9.86 20.06
CA GLY F 200 14.64 -8.47 19.67
C GLY F 200 15.34 -7.53 20.62
N ASP F 201 16.08 -8.10 21.57
CA ASP F 201 16.81 -7.31 22.55
C ASP F 201 18.31 -7.33 22.25
N PHE F 202 19.10 -6.77 23.16
CA PHE F 202 20.55 -6.72 22.97
C PHE F 202 21.21 -7.96 23.59
N ILE F 203 22.42 -8.27 23.11
CA ILE F 203 23.17 -9.41 23.61
C ILE F 203 24.58 -8.97 23.98
N TYR F 204 24.95 -9.19 25.24
CA TYR F 204 26.27 -8.82 25.72
C TYR F 204 27.37 -9.39 24.85
N ASP F 205 28.18 -8.49 24.26
CA ASP F 205 29.28 -8.89 23.40
C ASP F 205 30.51 -9.21 24.26
N HIS F 206 30.93 -8.23 25.05
CA HIS F 206 32.08 -8.39 25.93
C HIS F 206 32.19 -7.17 26.84
N ALA F 207 33.15 -7.21 27.78
CA ALA F 207 33.33 -6.10 28.70
C ALA F 207 34.78 -5.61 28.70
N GLU F 208 34.96 -4.30 28.80
CA GLU F 208 36.28 -3.70 28.82
C GLU F 208 36.62 -3.15 30.19
N GLY F 209 37.56 -3.79 30.87
CA GLY F 209 37.96 -3.33 32.19
C GLY F 209 38.77 -2.06 32.10
N CYS F 210 38.63 -1.20 33.11
CA CYS F 210 39.35 0.07 33.13
C CYS F 210 40.69 -0.07 33.86
N GLU F 211 41.07 -1.31 34.13
CA GLU F 211 42.32 -1.65 34.82
C GLU F 211 42.61 -0.77 36.04
N ILE F 212 43.76 -1.00 36.66
CA ILE F 212 44.17 -0.24 37.83
C ILE F 212 45.69 -0.09 37.87
N SER F 213 46.14 1.04 38.42
CA SER F 213 47.57 1.32 38.53
C SER F 213 47.96 1.41 40.00
N TRP F 214 48.28 0.26 40.60
CA TRP F 214 48.65 0.21 42.00
C TRP F 214 50.05 0.80 42.20
N LYS F 215 50.29 1.38 43.38
CA LYS F 215 51.57 2.00 43.69
C LYS F 215 52.46 1.08 44.51
N ASP F 216 52.08 -0.19 44.63
CA ASP F 216 52.86 -1.15 45.41
C ASP F 216 52.26 -2.54 45.29
N ASN F 217 53.11 -3.53 44.98
CA ASN F 217 52.66 -4.91 44.84
C ASN F 217 51.99 -5.39 46.13
N ALA F 218 52.58 -5.04 47.27
CA ALA F 218 52.03 -5.44 48.56
C ALA F 218 50.65 -4.81 48.74
N HIS F 219 50.45 -3.66 48.11
CA HIS F 219 49.17 -2.96 48.19
C HIS F 219 48.24 -3.43 47.06
N ASN F 220 48.76 -4.30 46.20
CA ASN F 220 47.99 -4.84 45.09
C ASN F 220 47.15 -6.03 45.56
N VAL F 221 45.87 -5.78 45.81
CA VAL F 221 44.97 -6.84 46.26
C VAL F 221 44.74 -7.87 45.16
N THR F 222 44.73 -7.42 43.92
CA THR F 222 44.51 -8.31 42.78
C THR F 222 45.76 -9.15 42.49
N PRO F 246 48.81 -13.74 40.57
CA PRO F 246 47.43 -13.27 40.67
C PRO F 246 46.68 -13.87 41.87
N ILE F 247 45.98 -13.01 42.61
CA ILE F 247 45.23 -13.45 43.78
C ILE F 247 43.74 -13.23 43.57
N GLU F 248 42.92 -14.00 44.30
CA GLU F 248 41.47 -13.89 44.20
C GLU F 248 41.05 -12.58 44.85
N SER F 249 40.78 -11.57 44.02
CA SER F 249 40.38 -10.25 44.53
C SER F 249 39.11 -9.73 43.86
N PHE F 250 38.52 -8.71 44.49
CA PHE F 250 37.31 -8.08 43.99
C PHE F 250 37.61 -7.17 42.81
N PHE F 251 38.73 -6.46 42.89
CA PHE F 251 39.13 -5.54 41.83
C PHE F 251 39.42 -6.22 40.50
N ASN F 252 39.36 -7.55 40.49
CA ASN F 252 39.58 -8.29 39.25
C ASN F 252 38.37 -8.02 38.37
N PHE F 253 37.38 -7.36 38.97
CA PHE F 253 36.14 -7.00 38.29
C PHE F 253 36.45 -6.06 37.12
N PHE F 254 37.56 -5.33 37.24
CA PHE F 254 37.97 -4.40 36.20
C PHE F 254 38.90 -5.09 35.21
N ASP F 255 38.98 -6.41 35.33
CA ASP F 255 39.81 -7.23 34.46
C ASP F 255 39.06 -8.52 34.14
N PRO F 256 37.87 -8.39 33.51
CA PRO F 256 37.03 -9.52 33.15
C PRO F 256 37.67 -10.45 32.10
N PRO F 257 37.17 -11.69 32.01
CA PRO F 257 37.69 -12.68 31.05
C PRO F 257 37.34 -12.29 29.62
N LYS F 258 38.22 -12.63 28.68
CA LYS F 258 38.01 -12.32 27.28
C LYS F 258 37.44 -13.51 26.51
N ILE F 259 36.85 -13.23 25.36
CA ILE F 259 36.25 -14.27 24.52
C ILE F 259 37.23 -15.36 24.09
N GLN F 260 38.38 -14.95 23.58
CA GLN F 260 39.39 -15.89 23.11
C GLN F 260 40.30 -16.44 24.21
N ASN F 261 40.65 -17.71 24.09
CA ASN F 261 41.51 -18.39 25.05
C ASN F 261 41.49 -19.90 24.82
N GLU F 266 37.04 -28.93 26.45
CA GLU F 266 36.34 -29.10 27.71
C GLU F 266 37.07 -28.42 28.86
N GLU F 267 36.38 -28.22 29.97
CA GLU F 267 36.94 -27.59 31.15
C GLU F 267 37.26 -26.11 30.94
N LEU F 268 37.79 -25.78 29.77
CA LEU F 268 38.14 -24.39 29.47
C LEU F 268 36.88 -23.54 29.29
N GLU F 269 36.15 -23.78 28.20
CA GLU F 269 34.93 -23.03 27.92
C GLU F 269 33.91 -23.16 29.04
N GLU F 270 33.73 -24.37 29.55
CA GLU F 270 32.79 -24.63 30.63
C GLU F 270 33.06 -23.73 31.82
N ASP F 271 34.34 -23.49 32.09
CA ASP F 271 34.74 -22.65 33.22
C ASP F 271 34.81 -21.18 32.82
N LEU F 272 35.42 -20.92 31.67
CA LEU F 272 35.57 -19.55 31.17
C LEU F 272 34.24 -18.98 30.69
N GLU F 273 33.14 -19.60 31.12
CA GLU F 273 31.80 -19.15 30.75
C GLU F 273 31.02 -18.83 32.01
N GLU F 274 31.34 -19.53 33.11
CA GLU F 274 30.67 -19.31 34.38
C GLU F 274 31.05 -17.94 34.93
N ARG F 275 32.33 -17.62 34.86
CA ARG F 275 32.82 -16.33 35.33
C ARG F 275 32.34 -15.25 34.37
N LEU F 276 32.36 -15.58 33.08
CA LEU F 276 31.92 -14.66 32.04
C LEU F 276 30.44 -14.33 32.29
N ALA F 277 29.70 -15.32 32.76
CA ALA F 277 28.29 -15.14 33.05
C ALA F 277 28.14 -14.38 34.36
N LEU F 278 28.97 -14.73 35.33
CA LEU F 278 28.95 -14.07 36.63
C LEU F 278 29.27 -12.59 36.46
N ASP F 279 30.12 -12.30 35.48
CA ASP F 279 30.52 -10.92 35.19
C ASP F 279 29.30 -10.09 34.80
N TYR F 280 28.57 -10.55 33.79
CA TYR F 280 27.39 -9.84 33.34
C TYR F 280 26.38 -9.74 34.48
N SER F 281 26.26 -10.82 35.25
CA SER F 281 25.33 -10.86 36.37
C SER F 281 25.61 -9.70 37.31
N ILE F 282 26.88 -9.55 37.70
CA ILE F 282 27.27 -8.47 38.59
C ILE F 282 26.89 -7.12 37.99
N GLY F 283 27.20 -6.96 36.71
CA GLY F 283 26.88 -5.71 36.02
C GLY F 283 25.45 -5.26 36.24
N GLU F 284 24.50 -6.17 36.04
CA GLU F 284 23.09 -5.85 36.22
C GLU F 284 22.78 -5.50 37.68
N GLN F 285 23.45 -6.18 38.60
CA GLN F 285 23.25 -5.95 40.02
C GLN F 285 23.52 -4.49 40.39
N LEU F 286 24.62 -3.96 39.89
CA LEU F 286 24.99 -2.57 40.18
C LEU F 286 24.11 -1.60 39.40
N LYS F 287 23.77 -1.98 38.16
CA LYS F 287 22.95 -1.15 37.30
C LYS F 287 21.49 -1.03 37.73
N ASP F 288 20.81 -2.17 37.89
CA ASP F 288 19.40 -2.19 38.26
C ASP F 288 19.11 -2.21 39.76
N LYS F 289 20.13 -2.14 40.60
CA LYS F 289 19.91 -2.18 42.04
C LYS F 289 20.81 -1.25 42.84
N LEU F 290 22.08 -1.63 42.97
CA LEU F 290 23.05 -0.85 43.74
C LEU F 290 22.96 0.65 43.48
N ILE F 291 23.07 1.06 42.22
CA ILE F 291 23.00 2.48 41.88
C ILE F 291 21.64 3.10 42.17
N PRO F 292 20.55 2.48 41.67
CA PRO F 292 19.20 3.02 41.90
C PRO F 292 18.82 3.18 43.38
N ARG F 293 19.07 2.14 44.17
CA ARG F 293 18.73 2.16 45.59
C ARG F 293 19.96 2.06 46.49
N ALA F 294 21.01 2.80 46.15
CA ALA F 294 22.24 2.78 46.93
C ALA F 294 22.00 3.03 48.42
N VAL F 295 21.13 3.99 48.71
CA VAL F 295 20.81 4.34 50.09
C VAL F 295 20.38 3.12 50.89
N ASP F 296 19.30 2.48 50.44
CA ASP F 296 18.76 1.30 51.12
C ASP F 296 19.77 0.15 51.13
N TRP F 297 20.60 0.07 50.11
CA TRP F 297 21.61 -0.98 50.02
C TRP F 297 22.66 -0.82 51.11
N PHE F 298 22.82 0.40 51.60
CA PHE F 298 23.79 0.68 52.65
C PHE F 298 23.20 0.30 54.01
N THR F 299 21.99 0.75 54.26
CA THR F 299 21.31 0.46 55.52
C THR F 299 20.92 -1.02 55.57
N GLY F 300 20.54 -1.56 54.42
CA GLY F 300 20.15 -2.96 54.35
C GLY F 300 18.67 -3.14 54.08
N ALA F 301 17.94 -2.02 54.03
CA ALA F 301 16.50 -2.05 53.78
C ALA F 301 16.19 -2.70 52.43
N ALA F 302 17.12 -2.59 51.49
CA ALA F 302 16.94 -3.17 50.16
C ALA F 302 16.82 -4.69 50.24
N LEU F 303 17.31 -5.27 51.33
CA LEU F 303 17.25 -6.71 51.53
C LEU F 303 15.83 -7.16 51.89
N THR G 5 -4.00 -26.87 37.11
CA THR G 5 -3.26 -27.98 36.44
C THR G 5 -3.42 -29.29 37.19
N ARG G 6 -3.60 -30.38 36.46
CA ARG G 6 -3.76 -31.70 37.07
C ARG G 6 -2.56 -32.01 37.96
N SER G 7 -1.50 -31.21 37.80
CA SER G 7 -0.29 -31.39 38.58
C SER G 7 -0.54 -30.90 40.02
N SER G 8 -1.26 -29.79 40.14
CA SER G 8 -1.58 -29.23 41.45
C SER G 8 -2.49 -30.19 42.20
N ARG G 9 -3.45 -30.77 41.49
CA ARG G 9 -4.38 -31.72 42.09
C ARG G 9 -3.63 -32.94 42.61
N ALA G 10 -2.42 -33.14 42.11
CA ALA G 10 -1.58 -34.26 42.52
C ALA G 10 -0.38 -33.77 43.31
N GLY G 11 -0.27 -32.45 43.47
CA GLY G 11 0.83 -31.88 44.21
C GLY G 11 2.18 -32.20 43.59
N LEU G 12 2.29 -32.00 42.28
CA LEU G 12 3.52 -32.26 41.56
C LEU G 12 4.00 -31.04 40.79
N GLN G 13 5.31 -30.91 40.63
CA GLN G 13 5.90 -29.79 39.91
C GLN G 13 5.91 -30.07 38.41
N PHE G 14 6.09 -31.34 38.05
CA PHE G 14 6.12 -31.74 36.64
C PHE G 14 4.73 -31.66 36.02
N PRO G 15 4.67 -31.42 34.70
CA PRO G 15 3.42 -31.31 33.96
C PRO G 15 2.72 -32.65 33.73
N VAL G 16 1.60 -32.86 34.41
CA VAL G 16 0.84 -34.10 34.27
C VAL G 16 0.12 -34.06 32.93
N GLY G 17 0.01 -32.86 32.37
CA GLY G 17 -0.66 -32.70 31.08
C GLY G 17 0.19 -33.17 29.92
N ARG G 18 1.42 -32.67 29.82
CA ARG G 18 2.31 -33.06 28.75
C ARG G 18 2.63 -34.56 28.79
N VAL G 19 2.94 -35.07 29.98
CA VAL G 19 3.24 -36.47 30.15
C VAL G 19 2.10 -37.31 29.58
N HIS G 20 0.88 -36.84 29.78
CA HIS G 20 -0.31 -37.52 29.30
C HIS G 20 -0.42 -37.36 27.78
N ARG G 21 0.04 -36.21 27.29
CA ARG G 21 0.00 -35.92 25.86
C ARG G 21 1.01 -36.80 25.12
N LEU G 22 2.23 -36.85 25.64
CA LEU G 22 3.29 -37.64 25.05
C LEU G 22 2.98 -39.13 25.06
N LEU G 23 2.22 -39.57 26.06
CA LEU G 23 1.85 -40.98 26.18
C LEU G 23 0.87 -41.40 25.10
N ARG G 24 0.15 -40.44 24.53
CA ARG G 24 -0.83 -40.73 23.48
C ARG G 24 -0.25 -40.52 22.09
N LYS G 25 0.87 -39.82 22.00
CA LYS G 25 1.51 -39.57 20.71
C LYS G 25 2.65 -40.54 20.45
N GLY G 26 3.16 -41.16 21.50
CA GLY G 26 4.25 -42.11 21.34
C GLY G 26 3.79 -43.47 20.86
N ASN G 27 2.49 -43.63 20.67
CA ASN G 27 1.92 -44.88 20.19
C ASN G 27 2.35 -46.06 21.07
N TYR G 28 2.16 -45.93 22.37
CA TYR G 28 2.53 -47.00 23.29
C TYR G 28 1.36 -47.94 23.51
N ALA G 29 0.15 -47.44 23.27
CA ALA G 29 -1.06 -48.24 23.44
C ALA G 29 -2.27 -47.55 22.82
N GLU G 30 -3.33 -48.33 22.62
CA GLU G 30 -4.56 -47.82 22.03
C GLU G 30 -5.20 -46.73 22.90
N ARG G 31 -5.06 -46.89 24.22
CA ARG G 31 -5.63 -45.93 25.15
C ARG G 31 -4.70 -45.72 26.35
N VAL G 32 -4.94 -44.65 27.11
CA VAL G 32 -4.12 -44.33 28.27
C VAL G 32 -4.98 -43.96 29.47
N GLY G 33 -4.72 -44.59 30.60
CA GLY G 33 -5.49 -44.31 31.80
C GLY G 33 -5.29 -42.88 32.28
N ALA G 34 -6.12 -42.48 33.25
CA ALA G 34 -6.03 -41.13 33.80
C ALA G 34 -4.96 -41.03 34.88
N GLY G 35 -4.73 -42.14 35.58
CA GLY G 35 -3.72 -42.15 36.63
C GLY G 35 -2.34 -42.49 36.11
N ALA G 36 -2.27 -42.95 34.87
CA ALA G 36 -1.01 -43.31 34.24
C ALA G 36 -0.05 -42.12 34.14
N PRO G 37 -0.52 -40.99 33.61
CA PRO G 37 0.33 -39.80 33.48
C PRO G 37 0.73 -39.22 34.83
N VAL G 38 -0.16 -39.30 35.80
CA VAL G 38 0.11 -38.79 37.14
C VAL G 38 1.19 -39.61 37.83
N TYR G 39 1.07 -40.93 37.73
CA TYR G 39 2.04 -41.83 38.35
C TYR G 39 3.41 -41.63 37.72
N LEU G 40 3.44 -41.59 36.38
CA LEU G 40 4.69 -41.41 35.65
C LEU G 40 5.30 -40.04 35.93
N ALA G 41 4.46 -39.01 35.97
CA ALA G 41 4.92 -37.66 36.22
C ALA G 41 5.61 -37.56 37.58
N ALA G 42 5.08 -38.30 38.55
CA ALA G 42 5.66 -38.31 39.90
C ALA G 42 7.02 -39.00 39.90
N VAL G 43 7.11 -40.12 39.20
CA VAL G 43 8.36 -40.87 39.12
C VAL G 43 9.46 -40.01 38.51
N LEU G 44 9.14 -39.38 37.39
CA LEU G 44 10.11 -38.52 36.70
C LEU G 44 10.59 -37.40 37.61
N GLU G 45 9.66 -36.79 38.33
CA GLU G 45 9.98 -35.70 39.24
C GLU G 45 10.93 -36.18 40.33
N TYR G 46 10.66 -37.36 40.88
CA TYR G 46 11.49 -37.93 41.93
C TYR G 46 12.93 -38.08 41.46
N LEU G 47 13.11 -38.85 40.39
CA LEU G 47 14.44 -39.10 39.85
C LEU G 47 15.21 -37.81 39.63
N THR G 48 14.59 -36.84 38.97
CA THR G 48 15.23 -35.56 38.71
C THR G 48 15.61 -34.89 40.03
N ALA G 49 14.79 -35.11 41.04
CA ALA G 49 15.04 -34.54 42.36
C ALA G 49 16.17 -35.29 43.05
N GLU G 50 16.27 -36.59 42.76
CA GLU G 50 17.31 -37.43 43.34
C GLU G 50 18.66 -37.08 42.73
N ILE G 51 18.65 -36.75 41.44
CA ILE G 51 19.88 -36.38 40.74
C ILE G 51 20.38 -35.03 41.21
N LEU G 52 19.55 -34.00 41.05
CA LEU G 52 19.91 -32.65 41.46
C LEU G 52 20.25 -32.60 42.94
N GLU G 53 19.74 -33.56 43.69
CA GLU G 53 20.00 -33.63 45.14
C GLU G 53 21.47 -33.91 45.40
N LEU G 54 22.02 -34.87 44.68
CA LEU G 54 23.43 -35.24 44.83
C LEU G 54 24.32 -34.33 43.99
N ALA G 55 23.84 -33.98 42.80
CA ALA G 55 24.59 -33.11 41.90
C ALA G 55 24.88 -31.78 42.58
N GLY G 56 23.92 -31.30 43.36
CA GLY G 56 24.09 -30.05 44.07
C GLY G 56 25.21 -30.12 45.08
N ASN G 57 25.24 -31.21 45.85
CA ASN G 57 26.26 -31.40 46.86
C ASN G 57 27.64 -31.42 46.20
N ALA G 58 27.73 -32.11 45.06
CA ALA G 58 28.98 -32.19 44.32
C ALA G 58 29.45 -30.79 43.96
N ALA G 59 28.49 -29.94 43.60
CA ALA G 59 28.78 -28.57 43.23
C ALA G 59 29.36 -27.81 44.42
N ARG G 60 28.83 -28.11 45.61
CA ARG G 60 29.29 -27.46 46.83
C ARG G 60 30.69 -27.92 47.18
N ASP G 61 30.92 -29.23 47.11
CA ASP G 61 32.23 -29.79 47.43
C ASP G 61 33.31 -29.18 46.55
N ASN G 62 32.93 -28.83 45.33
CA ASN G 62 33.86 -28.22 44.39
C ASN G 62 33.75 -26.70 44.45
N LYS G 63 33.06 -26.21 45.47
CA LYS G 63 32.87 -24.78 45.67
C LYS G 63 32.26 -24.11 44.44
N LYS G 64 31.05 -24.51 44.09
CA LYS G 64 30.33 -23.97 42.95
C LYS G 64 28.85 -23.82 43.28
N THR G 65 28.30 -22.65 42.99
CA THR G 65 26.89 -22.38 43.26
C THR G 65 26.01 -22.71 42.07
N ARG G 66 26.61 -23.26 41.02
CA ARG G 66 25.87 -23.62 39.82
C ARG G 66 26.31 -24.98 39.30
N ILE G 67 25.35 -25.89 39.18
CA ILE G 67 25.62 -27.25 38.71
C ILE G 67 26.03 -27.30 37.25
N ILE G 68 27.00 -28.15 36.95
CA ILE G 68 27.52 -28.32 35.60
C ILE G 68 27.63 -29.81 35.29
N PRO G 69 27.84 -30.17 34.01
CA PRO G 69 27.97 -31.58 33.61
C PRO G 69 28.88 -32.36 34.55
N ARG G 70 30.05 -31.79 34.85
CA ARG G 70 31.03 -32.41 35.74
C ARG G 70 30.35 -32.88 37.01
N HIS G 71 29.56 -31.99 37.61
CA HIS G 71 28.85 -32.29 38.86
C HIS G 71 27.85 -33.42 38.68
N LEU G 72 27.03 -33.36 37.63
CA LEU G 72 26.05 -34.40 37.36
C LEU G 72 26.74 -35.75 37.25
N GLN G 73 27.91 -35.76 36.62
CA GLN G 73 28.68 -36.98 36.43
C GLN G 73 29.12 -37.53 37.79
N LEU G 74 29.47 -36.63 38.70
CA LEU G 74 29.91 -37.00 40.03
C LEU G 74 28.80 -37.71 40.80
N ALA G 75 27.67 -37.02 40.93
CA ALA G 75 26.52 -37.57 41.65
C ALA G 75 26.07 -38.93 41.14
N VAL G 76 26.02 -39.08 39.81
CA VAL G 76 25.59 -40.33 39.20
C VAL G 76 26.55 -41.50 39.44
N ARG G 77 27.84 -41.27 39.21
CA ARG G 77 28.83 -42.32 39.38
C ARG G 77 29.13 -42.66 40.83
N ASN G 78 28.89 -41.70 41.73
CA ASN G 78 29.13 -41.92 43.15
C ASN G 78 27.97 -42.71 43.76
N ASP G 79 26.86 -42.82 43.02
CA ASP G 79 25.67 -43.66 43.33
C ASP G 79 25.58 -44.75 42.18
N GLU G 80 25.55 -46.08 42.48
CA GLU G 80 25.70 -47.22 41.50
C GLU G 80 24.61 -47.23 40.48
N GLU G 81 23.44 -46.94 41.01
CA GLU G 81 22.19 -47.05 40.31
C GLU G 81 22.13 -46.13 39.17
N LEU G 82 22.85 -45.04 39.32
CA LEU G 82 22.52 -43.93 38.33
C LEU G 82 23.06 -44.15 36.89
N ASN G 83 24.39 -44.09 36.76
CA ASN G 83 25.07 -44.31 35.49
C ASN G 83 24.90 -45.74 34.97
N LYS G 84 25.09 -46.71 35.87
CA LYS G 84 25.03 -48.11 35.49
C LYS G 84 23.64 -48.52 35.01
N LEU G 85 22.61 -48.09 35.73
CA LEU G 85 21.24 -48.41 35.38
C LEU G 85 20.72 -47.47 34.30
N LEU G 86 20.96 -46.17 34.49
CA LEU G 86 20.52 -45.17 33.54
C LEU G 86 21.17 -45.37 32.17
N GLY G 87 22.45 -45.70 32.18
CA GLY G 87 23.19 -45.92 30.96
C GLY G 87 22.39 -46.69 29.92
N ARG G 88 22.18 -47.97 30.13
CA ARG G 88 21.34 -48.71 29.19
C ARG G 88 21.87 -48.51 27.76
N VAL G 89 20.96 -48.23 26.82
CA VAL G 89 21.30 -48.08 25.41
C VAL G 89 22.20 -46.90 24.96
N THR G 90 21.94 -45.68 25.46
CA THR G 90 22.67 -44.49 24.99
C THR G 90 22.08 -43.14 25.40
N ILE G 91 22.66 -42.08 24.85
CA ILE G 91 22.13 -40.72 24.94
C ILE G 91 22.55 -39.96 23.69
N ALA G 92 21.82 -38.93 23.32
CA ALA G 92 22.24 -38.12 22.18
C ALA G 92 23.58 -37.50 22.53
N GLN G 93 23.68 -37.01 23.75
CA GLN G 93 24.94 -36.64 24.37
C GLN G 93 24.95 -37.33 25.74
N GLY G 94 26.04 -37.99 26.09
CA GLY G 94 26.05 -38.71 27.35
C GLY G 94 27.45 -38.86 27.87
N TYR H 12 11.78 -29.87 29.55
CA TYR H 12 11.42 -29.84 31.00
C TYR H 12 12.31 -28.87 31.75
N ALA H 13 13.03 -28.04 31.00
CA ALA H 13 13.94 -27.05 31.57
C ALA H 13 13.40 -26.37 32.82
N ILE H 14 12.24 -25.72 32.69
CA ILE H 14 11.62 -25.03 33.81
C ILE H 14 11.23 -25.95 34.96
N TYR H 15 10.60 -27.08 34.63
CA TYR H 15 10.18 -28.04 35.64
C TYR H 15 11.38 -28.63 36.38
N VAL H 16 12.52 -28.65 35.71
CA VAL H 16 13.74 -29.17 36.29
C VAL H 16 14.36 -28.11 37.19
N TYR H 17 14.19 -26.84 36.80
CA TYR H 17 14.73 -25.73 37.56
C TYR H 17 13.98 -25.60 38.89
N LYS H 18 12.67 -25.78 38.85
CA LYS H 18 11.85 -25.69 40.05
C LYS H 18 12.31 -26.74 41.06
N VAL H 19 12.45 -27.97 40.59
CA VAL H 19 12.88 -29.07 41.45
C VAL H 19 14.26 -28.77 42.03
N LEU H 20 15.09 -28.10 41.25
CA LEU H 20 16.43 -27.73 41.68
C LEU H 20 16.37 -26.75 42.85
N LYS H 21 15.29 -25.98 42.90
CA LYS H 21 15.10 -25.01 43.96
C LYS H 21 14.49 -25.64 45.20
N GLN H 22 13.77 -26.73 45.02
CA GLN H 22 13.14 -27.43 46.13
C GLN H 22 14.18 -28.22 46.91
N VAL H 23 15.29 -28.54 46.26
CA VAL H 23 16.37 -29.28 46.90
C VAL H 23 17.59 -28.41 47.12
N HIS H 24 17.80 -27.45 46.22
CA HIS H 24 18.93 -26.54 46.32
C HIS H 24 18.55 -25.12 45.90
N PRO H 25 17.90 -24.37 46.81
CA PRO H 25 17.47 -23.00 46.55
C PRO H 25 18.60 -22.07 46.11
N ASP H 26 19.78 -22.25 46.71
CA ASP H 26 20.94 -21.42 46.38
C ASP H 26 21.86 -22.08 45.36
N THR H 27 21.29 -22.92 44.51
CA THR H 27 22.07 -23.60 43.48
C THR H 27 21.44 -23.42 42.10
N GLY H 28 22.26 -23.05 41.13
CA GLY H 28 21.77 -22.86 39.78
C GLY H 28 22.13 -24.01 38.87
N ILE H 29 22.14 -23.75 37.56
CA ILE H 29 22.47 -24.77 36.58
C ILE H 29 22.86 -24.15 35.25
N SER H 30 23.87 -24.73 34.60
CA SER H 30 24.34 -24.22 33.31
C SER H 30 23.44 -24.70 32.17
N SER H 31 23.68 -24.16 30.98
CA SER H 31 22.90 -24.52 29.81
C SER H 31 23.13 -25.98 29.42
N LYS H 32 24.40 -26.38 29.38
CA LYS H 32 24.76 -27.75 29.01
C LYS H 32 24.20 -28.74 30.02
N ALA H 33 24.34 -28.43 31.31
CA ALA H 33 23.85 -29.29 32.37
C ALA H 33 22.35 -29.49 32.21
N MET H 34 21.66 -28.42 31.80
CA MET H 34 20.22 -28.48 31.61
C MET H 34 19.89 -29.40 30.44
N SER H 35 20.66 -29.29 29.37
CA SER H 35 20.46 -30.11 28.18
C SER H 35 20.62 -31.59 28.54
N ILE H 36 21.53 -31.88 29.47
CA ILE H 36 21.77 -33.25 29.90
C ILE H 36 20.58 -33.76 30.71
N MET H 37 20.02 -32.87 31.52
CA MET H 37 18.87 -33.23 32.35
C MET H 37 17.64 -33.47 31.48
N ASN H 38 17.52 -32.70 30.42
CA ASN H 38 16.39 -32.83 29.50
C ASN H 38 16.44 -34.19 28.83
N SER H 39 17.65 -34.60 28.44
CA SER H 39 17.85 -35.89 27.79
C SER H 39 17.53 -37.01 28.76
N PHE H 40 17.91 -36.81 30.02
CA PHE H 40 17.67 -37.79 31.06
C PHE H 40 16.17 -38.06 31.22
N VAL H 41 15.39 -36.97 31.30
CA VAL H 41 13.94 -37.08 31.43
C VAL H 41 13.33 -37.82 30.25
N ASN H 42 13.62 -37.34 29.04
CA ASN H 42 13.10 -37.96 27.84
C ASN H 42 13.52 -39.42 27.74
N ASP H 43 14.76 -39.70 28.15
CA ASP H 43 15.28 -41.06 28.12
C ASP H 43 14.50 -41.97 29.05
N VAL H 44 14.39 -41.56 30.31
CA VAL H 44 13.66 -42.35 31.31
C VAL H 44 12.20 -42.52 30.88
N PHE H 45 11.62 -41.46 30.33
CA PHE H 45 10.24 -41.49 29.88
C PHE H 45 10.03 -42.61 28.86
N GLU H 46 10.82 -42.59 27.79
CA GLU H 46 10.72 -43.58 26.74
C GLU H 46 10.92 -45.00 27.26
N ARG H 47 11.87 -45.15 28.20
CA ARG H 47 12.15 -46.46 28.77
C ARG H 47 10.92 -47.01 29.49
N ILE H 48 10.44 -46.26 30.48
CA ILE H 48 9.27 -46.66 31.25
C ILE H 48 8.07 -46.90 30.34
N ALA H 49 7.74 -45.90 29.53
CA ALA H 49 6.62 -46.00 28.60
C ALA H 49 6.80 -47.19 27.68
N GLY H 50 8.05 -47.45 27.30
CA GLY H 50 8.34 -48.58 26.43
C GLY H 50 7.90 -49.88 27.07
N GLU H 51 8.25 -50.05 28.34
CA GLU H 51 7.87 -51.25 29.08
C GLU H 51 6.35 -51.33 29.21
N ALA H 52 5.76 -50.32 29.82
CA ALA H 52 4.31 -50.27 30.01
C ALA H 52 3.61 -50.67 28.72
N SER H 53 4.20 -50.28 27.59
CA SER H 53 3.64 -50.60 26.29
C SER H 53 3.64 -52.12 26.09
N ARG H 54 4.78 -52.74 26.39
CA ARG H 54 4.91 -54.19 26.25
C ARG H 54 3.94 -54.89 27.20
N LEU H 55 3.97 -54.49 28.47
CA LEU H 55 3.10 -55.10 29.47
C LEU H 55 1.66 -55.13 28.98
N ALA H 56 1.25 -54.08 28.28
CA ALA H 56 -0.11 -54.00 27.74
C ALA H 56 -0.30 -55.06 26.68
N HIS H 57 0.62 -55.13 25.73
CA HIS H 57 0.54 -56.11 24.66
C HIS H 57 0.64 -57.53 25.19
N TYR H 58 1.57 -57.75 26.12
CA TYR H 58 1.77 -59.06 26.72
C TYR H 58 0.46 -59.58 27.31
N ASN H 59 -0.14 -58.79 28.19
CA ASN H 59 -1.40 -59.15 28.82
C ASN H 59 -2.55 -58.90 27.86
N LYS H 60 -2.21 -58.46 26.65
CA LYS H 60 -3.19 -58.19 25.62
C LYS H 60 -4.27 -57.22 26.06
N ARG H 61 -3.85 -56.04 26.52
CA ARG H 61 -4.76 -55.00 26.96
C ARG H 61 -4.57 -53.77 26.09
N SER H 62 -5.65 -53.03 25.84
CA SER H 62 -5.59 -51.84 25.01
C SER H 62 -5.48 -50.55 25.81
N THR H 63 -4.94 -50.64 27.02
CA THR H 63 -4.79 -49.46 27.87
C THR H 63 -3.56 -49.51 28.76
N ILE H 64 -2.94 -48.34 28.97
CA ILE H 64 -1.76 -48.24 29.82
C ILE H 64 -2.11 -47.37 31.02
N THR H 65 -2.48 -48.02 32.13
CA THR H 65 -2.84 -47.31 33.34
C THR H 65 -1.61 -47.12 34.23
N SER H 66 -1.82 -46.53 35.40
CA SER H 66 -0.73 -46.29 36.34
C SER H 66 -0.19 -47.63 36.84
N ARG H 67 -0.89 -48.71 36.49
CA ARG H 67 -0.49 -50.05 36.88
C ARG H 67 0.68 -50.53 36.03
N GLU H 68 0.59 -50.34 34.72
CA GLU H 68 1.66 -50.74 33.82
C GLU H 68 2.88 -49.87 34.04
N ILE H 69 2.65 -48.61 34.41
CA ILE H 69 3.74 -47.68 34.66
C ILE H 69 4.50 -48.07 35.92
N GLN H 70 3.76 -48.46 36.95
CA GLN H 70 4.36 -48.87 38.22
C GLN H 70 5.31 -50.04 38.04
N THR H 71 4.80 -51.14 37.49
CA THR H 71 5.61 -52.33 37.26
C THR H 71 6.78 -52.02 36.35
N ALA H 72 6.54 -51.17 35.34
CA ALA H 72 7.58 -50.79 34.40
C ALA H 72 8.72 -50.12 35.16
N VAL H 73 8.40 -49.53 36.31
CA VAL H 73 9.39 -48.87 37.15
C VAL H 73 10.20 -49.88 37.93
N ARG H 74 9.55 -50.97 38.36
CA ARG H 74 10.24 -52.00 39.12
C ARG H 74 11.22 -52.75 38.23
N LEU H 75 10.90 -52.84 36.94
CA LEU H 75 11.73 -53.53 35.96
C LEU H 75 12.89 -52.67 35.48
N LEU H 76 12.64 -51.36 35.36
CA LEU H 76 13.66 -50.43 34.89
C LEU H 76 14.58 -49.94 36.01
N LEU H 77 13.99 -49.26 36.99
CA LEU H 77 14.75 -48.71 38.11
C LEU H 77 15.26 -49.80 39.05
N PRO H 78 16.46 -49.62 39.61
CA PRO H 78 17.06 -50.59 40.54
C PRO H 78 16.35 -50.61 41.89
N GLY H 79 16.53 -51.70 42.62
CA GLY H 79 15.90 -51.88 43.93
C GLY H 79 15.40 -50.66 44.66
N GLU H 80 16.23 -50.13 45.56
CA GLU H 80 15.87 -48.97 46.36
C GLU H 80 15.33 -47.79 45.56
N LEU H 81 16.02 -47.44 44.47
CA LEU H 81 15.60 -46.32 43.64
C LEU H 81 14.19 -46.50 43.10
N ALA H 82 13.85 -47.73 42.73
CA ALA H 82 12.53 -48.04 42.19
C ALA H 82 11.49 -47.94 43.30
N LYS H 83 11.89 -48.34 44.50
CA LYS H 83 11.00 -48.32 45.66
C LYS H 83 10.35 -46.96 45.83
N HIS H 84 11.19 -45.93 46.02
CA HIS H 84 10.70 -44.57 46.20
C HIS H 84 9.82 -44.14 45.03
N ALA H 85 10.26 -44.46 43.82
CA ALA H 85 9.51 -44.11 42.62
C ALA H 85 8.08 -44.63 42.73
N VAL H 86 7.94 -45.83 43.29
CA VAL H 86 6.64 -46.44 43.46
C VAL H 86 5.86 -45.70 44.55
N SER H 87 6.60 -45.16 45.51
CA SER H 87 5.99 -44.41 46.62
C SER H 87 5.47 -43.07 46.13
N GLU H 88 6.34 -42.29 45.51
CA GLU H 88 5.96 -40.97 44.99
C GLU H 88 4.84 -41.09 43.97
N GLY H 89 4.92 -42.13 43.13
CA GLY H 89 3.90 -42.33 42.12
C GLY H 89 2.55 -42.68 42.70
N THR H 90 2.53 -43.63 43.62
CA THR H 90 1.29 -44.07 44.26
C THR H 90 0.64 -42.90 45.01
N LYS H 91 1.48 -42.09 45.66
CA LYS H 91 0.99 -40.95 46.42
C LYS H 91 0.35 -39.91 45.49
N ALA H 92 1.02 -39.63 44.38
CA ALA H 92 0.53 -38.67 43.40
C ALA H 92 -0.86 -39.05 42.92
N VAL H 93 -1.03 -40.32 42.56
CA VAL H 93 -2.31 -40.82 42.08
C VAL H 93 -3.37 -40.72 43.17
N THR H 94 -2.97 -41.00 44.41
CA THR H 94 -3.88 -40.94 45.55
C THR H 94 -4.39 -39.52 45.76
N LYS H 95 -3.46 -38.56 45.79
CA LYS H 95 -3.81 -37.16 46.00
C LYS H 95 -4.59 -36.60 44.81
N TYR H 96 -4.14 -36.95 43.60
CA TYR H 96 -4.79 -36.50 42.38
C TYR H 96 -6.28 -36.82 42.39
N THR H 97 -6.61 -38.09 42.58
CA THR H 97 -8.00 -38.52 42.61
C THR H 97 -8.80 -37.78 43.67
N SER H 98 -8.17 -37.48 44.80
CA SER H 98 -8.83 -36.77 45.88
C SER H 98 -9.31 -35.39 45.44
N ALA H 99 -8.39 -34.59 44.91
CA ALA H 99 -8.72 -33.24 44.46
C ALA H 99 -9.87 -33.26 43.45
N LYS H 100 -10.98 -32.66 43.83
CA LYS H 100 -12.16 -32.60 42.95
C LYS H 100 -12.74 -31.20 42.92
N SER I 20 -54.28 -38.12 -24.40
CA SER I 20 -55.53 -37.62 -23.76
C SER I 20 -56.43 -38.78 -23.36
N GLY I 21 -56.67 -39.69 -24.30
CA GLY I 21 -57.53 -40.83 -24.02
C GLY I 21 -56.88 -41.78 -23.02
N TYR I 22 -55.58 -41.61 -22.81
CA TYR I 22 -54.84 -42.45 -21.87
C TYR I 22 -55.29 -42.18 -20.45
N VAL I 23 -55.29 -40.90 -20.07
CA VAL I 23 -55.70 -40.50 -18.72
C VAL I 23 -57.20 -40.66 -18.52
N GLY I 24 -57.95 -40.52 -19.61
CA GLY I 24 -59.40 -40.64 -19.53
C GLY I 24 -59.87 -42.01 -19.07
N GLY I 25 -59.13 -43.04 -19.46
CA GLY I 25 -59.49 -44.40 -19.08
C GLY I 25 -58.89 -44.84 -17.76
N LEU I 26 -58.43 -43.88 -16.95
CA LEU I 26 -57.84 -44.20 -15.66
C LEU I 26 -58.90 -44.55 -14.62
N PRO I 27 -58.65 -45.60 -13.83
CA PRO I 27 -59.58 -46.05 -12.79
C PRO I 27 -59.94 -44.96 -11.80
N LYS I 28 -61.10 -45.11 -11.15
CA LYS I 28 -61.57 -44.14 -10.17
C LYS I 28 -60.51 -43.87 -9.12
N ASN I 29 -59.87 -44.93 -8.65
CA ASN I 29 -58.82 -44.81 -7.64
C ASN I 29 -57.68 -43.95 -8.17
N VAL I 30 -57.12 -44.35 -9.31
CA VAL I 30 -56.00 -43.63 -9.92
C VAL I 30 -56.27 -42.14 -10.01
N LYS I 31 -57.29 -41.76 -10.79
CA LYS I 31 -57.63 -40.35 -10.96
C LYS I 31 -57.55 -39.56 -9.65
N GLU I 32 -58.31 -39.99 -8.65
CA GLU I 32 -58.30 -39.31 -7.36
C GLU I 32 -56.88 -39.06 -6.88
N LYS I 33 -56.01 -40.06 -7.08
CA LYS I 33 -54.61 -39.94 -6.68
C LYS I 33 -53.98 -38.75 -7.38
N LEU I 34 -54.39 -38.51 -8.63
CA LEU I 34 -53.88 -37.39 -9.40
C LEU I 34 -54.52 -36.09 -8.93
N LEU I 35 -55.83 -36.13 -8.69
CA LEU I 35 -56.56 -34.96 -8.22
C LEU I 35 -55.85 -34.33 -7.03
N SER I 36 -55.51 -35.16 -6.05
CA SER I 36 -54.82 -34.70 -4.86
C SER I 36 -53.53 -33.99 -5.25
N LEU I 37 -52.69 -34.68 -6.03
CA LEU I 37 -51.43 -34.11 -6.46
C LEU I 37 -51.65 -32.78 -7.19
N LYS I 38 -52.71 -32.72 -7.99
CA LYS I 38 -53.04 -31.50 -8.73
C LYS I 38 -53.24 -30.37 -7.72
N THR I 39 -53.59 -30.74 -6.50
CA THR I 39 -53.83 -29.78 -5.43
C THR I 39 -52.49 -29.40 -4.79
N LEU I 40 -51.66 -30.40 -4.52
CA LEU I 40 -50.36 -30.16 -3.91
C LEU I 40 -49.57 -29.17 -4.77
N GLN I 41 -49.76 -29.28 -6.09
CA GLN I 41 -49.08 -28.38 -7.01
C GLN I 41 -49.60 -26.96 -6.81
N SER I 42 -50.89 -26.86 -6.50
CA SER I 42 -51.50 -25.56 -6.26
C SER I 42 -50.85 -24.95 -5.03
N GLU I 43 -50.60 -25.78 -4.03
CA GLU I 43 -49.96 -25.32 -2.80
C GLU I 43 -48.50 -25.00 -3.15
N LEU I 44 -48.00 -25.67 -4.18
CA LEU I 44 -46.64 -25.47 -4.65
C LEU I 44 -46.59 -24.12 -5.36
N PHE I 45 -47.67 -23.80 -6.06
CA PHE I 45 -47.78 -22.52 -6.76
C PHE I 45 -47.71 -21.40 -5.74
N GLU I 46 -48.38 -21.64 -4.61
CA GLU I 46 -48.44 -20.66 -3.53
C GLU I 46 -47.05 -20.22 -3.07
N VAL I 47 -46.21 -21.19 -2.73
CA VAL I 47 -44.85 -20.88 -2.27
C VAL I 47 -44.00 -20.25 -3.37
N GLU I 48 -44.13 -20.76 -4.59
CA GLU I 48 -43.37 -20.21 -5.71
C GLU I 48 -43.71 -18.73 -5.87
N LYS I 49 -44.94 -18.39 -5.52
CA LYS I 49 -45.41 -17.01 -5.60
C LYS I 49 -44.55 -16.13 -4.68
N GLU I 50 -44.41 -16.56 -3.44
CA GLU I 50 -43.61 -15.82 -2.47
C GLU I 50 -42.14 -15.81 -2.88
N PHE I 51 -41.73 -16.85 -3.59
CA PHE I 51 -40.35 -16.96 -4.06
C PHE I 51 -40.04 -15.78 -4.97
N GLN I 52 -40.90 -15.56 -5.96
CA GLN I 52 -40.72 -14.46 -6.90
C GLN I 52 -40.73 -13.12 -6.17
N VAL I 53 -41.51 -13.04 -5.11
CA VAL I 53 -41.61 -11.82 -4.31
C VAL I 53 -40.24 -11.44 -3.77
N GLU I 54 -39.70 -12.28 -2.89
CA GLU I 54 -38.38 -12.03 -2.31
C GLU I 54 -37.34 -11.97 -3.43
N MET I 55 -37.59 -12.73 -4.49
CA MET I 55 -36.69 -12.76 -5.63
C MET I 55 -36.63 -11.39 -6.28
N PHE I 56 -37.79 -10.74 -6.35
CA PHE I 56 -37.90 -9.42 -6.95
C PHE I 56 -37.23 -8.37 -6.05
N GLU I 57 -37.64 -8.35 -4.78
CA GLU I 57 -37.10 -7.41 -3.81
C GLU I 57 -35.58 -7.51 -3.69
N LEU I 58 -35.08 -8.74 -3.58
CA LEU I 58 -33.63 -8.95 -3.45
C LEU I 58 -32.92 -8.37 -4.67
N GLU I 59 -33.42 -8.71 -5.86
CA GLU I 59 -32.84 -8.22 -7.10
C GLU I 59 -32.90 -6.70 -7.15
N ASN I 60 -33.89 -6.14 -6.47
CA ASN I 60 -34.05 -4.68 -6.41
C ASN I 60 -33.02 -4.09 -5.46
N LYS I 61 -32.83 -4.77 -4.34
CA LYS I 61 -31.87 -4.35 -3.32
C LYS I 61 -30.51 -4.07 -3.93
N PHE I 62 -29.98 -5.04 -4.67
CA PHE I 62 -28.68 -4.92 -5.28
C PHE I 62 -28.60 -3.87 -6.39
N LEU I 63 -29.73 -3.58 -7.03
CA LEU I 63 -29.74 -2.57 -8.08
C LEU I 63 -29.32 -1.25 -7.45
N GLN I 64 -29.72 -1.04 -6.21
CA GLN I 64 -29.39 0.18 -5.48
C GLN I 64 -27.88 0.26 -5.26
N LYS I 65 -27.20 -0.87 -5.44
CA LYS I 65 -25.75 -0.92 -5.27
C LYS I 65 -25.06 -0.77 -6.63
N TYR I 66 -25.75 -1.18 -7.68
CA TYR I 66 -25.20 -1.09 -9.03
C TYR I 66 -25.19 0.37 -9.50
N LYS I 67 -26.25 1.08 -9.17
CA LYS I 67 -26.38 2.49 -9.55
C LYS I 67 -25.18 3.34 -9.14
N PRO I 68 -24.77 3.27 -7.87
CA PRO I 68 -23.63 4.05 -7.39
C PRO I 68 -22.42 3.96 -8.33
N ILE I 69 -22.29 2.83 -9.00
CA ILE I 69 -21.20 2.62 -9.93
C ILE I 69 -21.53 3.19 -11.30
N TRP I 70 -22.75 2.96 -11.77
CA TRP I 70 -23.17 3.47 -13.06
C TRP I 70 -23.26 5.00 -13.02
N GLU I 71 -23.84 5.52 -11.93
CA GLU I 71 -23.97 6.96 -11.77
C GLU I 71 -22.56 7.55 -11.70
N GLN I 72 -21.60 6.72 -11.32
CA GLN I 72 -20.21 7.14 -11.21
C GLN I 72 -19.56 7.20 -12.59
N ARG I 73 -19.80 6.17 -13.39
CA ARG I 73 -19.24 6.10 -14.73
C ARG I 73 -19.87 7.14 -15.65
N SER I 74 -21.17 7.37 -15.47
CA SER I 74 -21.89 8.34 -16.28
C SER I 74 -21.15 9.67 -16.33
N ARG I 75 -20.68 10.12 -15.18
CA ARG I 75 -19.94 11.37 -15.09
C ARG I 75 -18.60 11.24 -15.82
N ILE I 76 -17.96 10.09 -15.65
CA ILE I 76 -16.67 9.84 -16.30
C ILE I 76 -16.87 9.84 -17.81
N ILE I 77 -18.10 9.56 -18.24
CA ILE I 77 -18.44 9.52 -19.65
C ILE I 77 -18.83 10.91 -20.14
N SER I 78 -19.40 11.70 -19.26
CA SER I 78 -19.84 13.05 -19.59
C SER I 78 -18.71 14.04 -19.33
N GLY I 79 -17.53 13.52 -18.98
CA GLY I 79 -16.40 14.38 -18.69
C GLY I 79 -16.71 15.19 -17.45
N GLN I 80 -17.84 14.86 -16.84
CA GLN I 80 -18.31 15.54 -15.63
C GLN I 80 -17.25 15.40 -14.54
N GLU I 81 -16.76 14.18 -14.34
CA GLU I 81 -15.72 13.95 -13.35
C GLU I 81 -14.55 13.26 -14.04
N GLN I 82 -13.33 13.54 -13.59
CA GLN I 82 -12.15 12.96 -14.19
C GLN I 82 -11.59 11.75 -13.45
N PRO I 83 -11.06 10.77 -14.19
CA PRO I 83 -10.47 9.54 -13.64
C PRO I 83 -9.32 9.82 -12.69
N LYS I 84 -9.12 8.91 -11.74
CA LYS I 84 -8.05 9.04 -10.76
C LYS I 84 -6.89 8.16 -11.20
N PRO I 85 -5.64 8.64 -11.05
CA PRO I 85 -4.47 7.86 -11.44
C PRO I 85 -4.54 6.43 -10.90
N GLU I 86 -5.26 6.26 -9.80
CA GLU I 86 -5.43 4.97 -9.17
C GLU I 86 -6.23 4.05 -10.10
N GLN I 87 -7.32 4.57 -10.63
CA GLN I 87 -8.17 3.82 -11.54
C GLN I 87 -7.48 3.56 -12.86
N ILE I 88 -6.78 4.58 -13.36
CA ILE I 88 -6.06 4.47 -14.62
C ILE I 88 -5.11 3.28 -14.60
N ALA I 89 -4.17 3.30 -13.66
CA ALA I 89 -3.20 2.23 -13.53
C ALA I 89 -3.91 0.90 -13.27
N LYS I 90 -4.81 0.91 -12.30
CA LYS I 90 -5.57 -0.29 -11.94
C LYS I 90 -6.28 -0.85 -13.17
N GLY I 91 -6.62 0.04 -14.10
CA GLY I 91 -7.29 -0.39 -15.31
C GLY I 91 -6.38 -1.16 -16.25
N GLN I 92 -5.18 -0.62 -16.48
CA GLN I 92 -4.22 -1.26 -17.35
C GLN I 92 -3.92 -2.67 -16.85
N GLU I 93 -3.81 -2.82 -15.53
CA GLU I 93 -3.53 -4.11 -14.92
C GLU I 93 -4.67 -5.07 -15.22
N ILE I 94 -5.82 -4.52 -15.59
CA ILE I 94 -6.99 -5.32 -15.93
C ILE I 94 -7.01 -5.60 -17.42
N VAL I 95 -6.70 -4.57 -18.21
CA VAL I 95 -6.66 -4.71 -19.66
C VAL I 95 -5.64 -5.77 -20.06
N GLU I 96 -4.51 -5.77 -19.37
CA GLU I 96 -3.45 -6.74 -19.64
C GLU I 96 -3.85 -8.10 -19.11
N SER I 97 -4.54 -8.12 -17.97
CA SER I 97 -4.99 -9.37 -17.37
C SER I 97 -6.01 -10.07 -18.25
N LEU I 98 -6.78 -9.29 -19.00
CA LEU I 98 -7.79 -9.83 -19.90
C LEU I 98 -7.23 -9.95 -21.32
N ASN I 99 -6.01 -9.44 -21.51
CA ASN I 99 -5.35 -9.48 -22.81
C ASN I 99 -6.12 -8.74 -23.89
N GLU I 100 -6.37 -7.46 -23.68
CA GLU I 100 -7.08 -6.65 -24.66
C GLU I 100 -6.10 -5.77 -25.40
N THR I 101 -5.21 -5.11 -24.65
CA THR I 101 -4.19 -4.24 -25.22
C THR I 101 -4.76 -3.00 -25.91
N GLU I 102 -5.93 -3.17 -26.53
CA GLU I 102 -6.59 -2.08 -27.25
C GLU I 102 -6.77 -0.85 -26.37
N LEU I 103 -6.73 -1.05 -25.06
CA LEU I 103 -6.90 0.06 -24.11
C LEU I 103 -5.57 0.55 -23.55
N LEU I 104 -4.47 0.16 -24.18
CA LEU I 104 -3.15 0.57 -23.73
C LEU I 104 -2.70 1.85 -24.43
N VAL I 105 -2.22 2.80 -23.63
CA VAL I 105 -1.74 4.07 -24.16
C VAL I 105 -0.25 3.98 -24.47
N ASP I 106 0.24 4.90 -25.31
CA ASP I 106 1.64 4.91 -25.68
C ASP I 106 2.49 5.60 -24.62
N GLU I 107 3.79 5.38 -24.69
CA GLU I 107 4.74 5.96 -23.75
C GLU I 107 4.99 7.43 -24.06
N GLU I 108 4.36 8.32 -23.29
CA GLU I 108 4.52 9.75 -23.50
C GLU I 108 3.74 10.53 -22.45
N GLU I 109 4.43 11.44 -21.77
CA GLU I 109 3.82 12.26 -20.72
C GLU I 109 2.37 12.61 -21.03
N GLN I 119 -7.98 16.63 -24.84
CA GLN I 119 -8.54 16.80 -26.17
C GLN I 119 -10.04 17.07 -26.12
N VAL I 120 -10.82 16.01 -25.96
CA VAL I 120 -12.27 16.12 -25.90
C VAL I 120 -12.79 16.15 -24.47
N LYS I 121 -14.11 16.22 -24.34
CA LYS I 121 -14.76 16.25 -23.03
C LYS I 121 -15.52 14.97 -22.73
N GLY I 122 -14.92 14.11 -21.91
CA GLY I 122 -15.54 12.86 -21.53
C GLY I 122 -15.88 11.94 -22.69
N ILE I 123 -14.95 11.04 -23.00
CA ILE I 123 -15.10 10.06 -24.08
C ILE I 123 -16.24 10.32 -25.06
N PRO I 124 -15.90 10.73 -26.29
CA PRO I 124 -16.90 11.01 -27.34
C PRO I 124 -17.75 9.81 -27.71
N SER I 125 -18.98 10.08 -28.15
CA SER I 125 -19.93 9.05 -28.56
C SER I 125 -19.73 7.72 -27.84
N PHE I 126 -19.99 7.70 -26.54
CA PHE I 126 -19.83 6.49 -25.75
C PHE I 126 -20.97 5.50 -26.01
N TRP I 127 -22.13 5.80 -25.43
CA TRP I 127 -23.30 4.94 -25.58
C TRP I 127 -23.65 4.66 -27.04
N LEU I 128 -23.44 5.66 -27.89
CA LEU I 128 -23.72 5.49 -29.32
C LEU I 128 -22.93 4.30 -29.83
N THR I 129 -21.60 4.37 -29.68
CA THR I 129 -20.72 3.30 -30.12
C THR I 129 -21.08 1.98 -29.44
N ALA I 130 -21.54 2.08 -28.19
CA ALA I 130 -21.92 0.90 -27.43
C ALA I 130 -23.09 0.18 -28.10
N LEU I 131 -24.18 0.90 -28.32
CA LEU I 131 -25.36 0.33 -28.96
C LEU I 131 -25.03 -0.14 -30.37
N GLU I 132 -23.97 0.41 -30.93
CA GLU I 132 -23.53 0.05 -32.29
C GLU I 132 -23.09 -1.40 -32.35
N ASN I 133 -22.83 -2.00 -31.19
CA ASN I 133 -22.37 -3.38 -31.14
C ASN I 133 -23.42 -4.37 -30.62
N LEU I 134 -24.21 -3.95 -29.63
CA LEU I 134 -25.23 -4.81 -29.06
C LEU I 134 -26.03 -5.53 -30.15
N PRO I 135 -25.89 -6.86 -30.24
CA PRO I 135 -26.55 -7.73 -31.22
C PRO I 135 -27.96 -7.32 -31.64
N ILE I 136 -28.93 -7.48 -30.74
CA ILE I 136 -30.31 -7.14 -31.05
C ILE I 136 -30.52 -5.68 -31.44
N VAL I 137 -30.15 -4.78 -30.54
CA VAL I 137 -30.31 -3.35 -30.76
C VAL I 137 -29.55 -2.75 -31.95
N CYS I 138 -28.24 -2.98 -31.99
CA CYS I 138 -27.40 -2.45 -33.07
C CYS I 138 -28.10 -2.36 -34.42
N ASP I 139 -28.88 -3.39 -34.76
CA ASP I 139 -29.59 -3.41 -36.03
C ASP I 139 -30.96 -2.77 -35.92
N THR I 140 -30.99 -1.57 -35.35
CA THR I 140 -32.22 -0.81 -35.18
C THR I 140 -31.91 0.66 -35.44
N ILE I 141 -30.72 1.08 -35.01
CA ILE I 141 -30.30 2.46 -35.18
C ILE I 141 -30.00 2.75 -36.65
N THR I 142 -30.32 3.96 -37.09
CA THR I 142 -30.07 4.36 -38.47
C THR I 142 -29.21 5.61 -38.49
N ASP I 143 -28.66 5.93 -39.66
CA ASP I 143 -27.80 7.09 -39.82
C ASP I 143 -28.40 8.38 -39.26
N ARG I 144 -29.72 8.49 -39.32
CA ARG I 144 -30.40 9.70 -38.83
C ARG I 144 -30.67 9.60 -37.33
N ASP I 145 -30.52 8.40 -36.77
CA ASP I 145 -30.72 8.19 -35.35
C ASP I 145 -29.41 8.30 -34.60
N ALA I 146 -28.31 8.00 -35.29
CA ALA I 146 -26.98 8.06 -34.71
C ALA I 146 -26.68 9.49 -34.24
N GLU I 147 -27.05 10.47 -35.05
CA GLU I 147 -26.81 11.87 -34.73
C GLU I 147 -27.52 12.26 -33.43
N VAL I 148 -28.66 11.63 -33.17
CA VAL I 148 -29.42 11.91 -31.96
C VAL I 148 -28.78 11.24 -30.75
N LEU I 149 -28.55 9.93 -30.86
CA LEU I 149 -27.94 9.17 -29.78
C LEU I 149 -26.58 9.76 -29.43
N GLU I 150 -26.08 10.62 -30.30
CA GLU I 150 -24.78 11.26 -30.10
C GLU I 150 -24.84 12.14 -28.85
N TYR I 151 -26.06 12.45 -28.41
CA TYR I 151 -26.26 13.30 -27.24
C TYR I 151 -26.76 12.51 -26.02
N LEU I 152 -26.64 11.19 -26.07
CA LEU I 152 -27.06 10.35 -24.96
C LEU I 152 -25.94 10.30 -23.93
N GLN I 153 -26.26 10.65 -22.69
CA GLN I 153 -25.27 10.67 -21.62
C GLN I 153 -25.25 9.41 -20.74
N ASP I 154 -26.41 8.78 -20.57
CA ASP I 154 -26.48 7.59 -19.74
C ASP I 154 -27.80 6.83 -19.88
N ILE I 155 -27.77 5.54 -19.56
CA ILE I 155 -28.95 4.68 -19.62
C ILE I 155 -29.16 4.03 -18.26
N GLY I 156 -30.16 4.53 -17.53
CA GLY I 156 -30.44 3.99 -16.20
C GLY I 156 -31.34 2.77 -16.19
N LEU I 157 -31.64 2.29 -14.99
CA LEU I 157 -32.50 1.12 -14.81
C LEU I 157 -33.07 1.17 -13.39
N GLU I 158 -34.38 0.97 -13.29
CA GLU I 158 -35.05 1.01 -11.99
C GLU I 158 -36.27 0.08 -11.95
N TYR I 159 -36.43 -0.62 -10.83
CA TYR I 159 -37.58 -1.51 -10.65
C TYR I 159 -38.72 -0.69 -10.06
N LEU I 160 -39.90 -0.81 -10.67
CA LEU I 160 -41.08 -0.08 -10.22
C LEU I 160 -41.21 -0.03 -8.69
N THR I 161 -40.86 -1.14 -8.04
CA THR I 161 -40.92 -1.24 -6.59
C THR I 161 -42.35 -1.19 -6.03
N ASP I 162 -43.08 -0.14 -6.39
CA ASP I 162 -44.46 0.03 -5.93
C ASP I 162 -45.42 -0.93 -6.60
N GLY I 163 -46.62 -0.46 -6.89
CA GLY I 163 -47.63 -1.30 -7.53
C GLY I 163 -47.19 -1.82 -8.89
N ARG I 164 -47.69 -3.00 -9.24
CA ARG I 164 -47.37 -3.63 -10.52
C ARG I 164 -45.85 -3.81 -10.71
N PRO I 165 -45.35 -5.03 -10.49
CA PRO I 165 -43.92 -5.32 -10.65
C PRO I 165 -43.43 -5.02 -12.06
N GLY I 166 -42.14 -4.67 -12.17
CA GLY I 166 -41.57 -4.36 -13.48
C GLY I 166 -40.38 -3.44 -13.38
N PHE I 167 -39.67 -3.27 -14.49
CA PHE I 167 -38.51 -2.40 -14.53
C PHE I 167 -38.69 -1.30 -15.56
N LYS I 168 -38.01 -0.18 -15.36
CA LYS I 168 -38.10 0.96 -16.28
C LYS I 168 -36.71 1.48 -16.66
N LEU I 169 -36.48 1.58 -17.96
CA LEU I 169 -35.20 2.07 -18.47
C LEU I 169 -35.29 3.56 -18.69
N LEU I 170 -34.27 4.29 -18.23
CA LEU I 170 -34.24 5.74 -18.37
C LEU I 170 -33.10 6.21 -19.26
N PHE I 171 -33.41 7.08 -20.21
CA PHE I 171 -32.42 7.63 -21.12
C PHE I 171 -32.28 9.11 -20.85
N ARG I 172 -31.07 9.54 -20.49
CA ARG I 172 -30.82 10.94 -20.18
C ARG I 172 -29.97 11.64 -21.23
N PHE I 173 -30.60 12.53 -21.99
CA PHE I 173 -29.92 13.28 -23.03
C PHE I 173 -29.58 14.69 -22.54
N ASP I 174 -28.56 15.29 -23.15
CA ASP I 174 -28.14 16.64 -22.76
C ASP I 174 -29.12 17.65 -23.33
N SER I 175 -30.06 18.10 -22.50
CA SER I 175 -31.07 19.06 -22.90
C SER I 175 -30.51 20.37 -23.43
N SER I 176 -29.33 20.76 -22.95
CA SER I 176 -28.70 22.01 -23.38
C SER I 176 -27.91 21.84 -24.67
N ALA I 177 -27.85 20.62 -25.19
CA ALA I 177 -27.11 20.34 -26.41
C ALA I 177 -27.97 19.66 -27.46
N ASN I 178 -28.83 18.74 -27.03
CA ASN I 178 -29.71 18.00 -27.92
C ASN I 178 -30.61 18.94 -28.74
N PRO I 179 -30.36 19.02 -30.06
CA PRO I 179 -31.15 19.87 -30.96
C PRO I 179 -32.46 19.24 -31.42
N PHE I 180 -32.56 17.92 -31.24
CA PHE I 180 -33.75 17.19 -31.67
C PHE I 180 -34.96 17.37 -30.75
N PHE I 181 -34.79 17.06 -29.47
CA PHE I 181 -35.89 17.20 -28.52
C PHE I 181 -35.50 17.87 -27.22
N THR I 182 -36.47 18.48 -26.55
CA THR I 182 -36.24 19.17 -25.29
C THR I 182 -36.26 18.23 -24.10
N ASN I 183 -36.63 16.97 -24.35
CA ASN I 183 -36.69 15.98 -23.29
C ASN I 183 -35.33 15.74 -22.66
N ASP I 184 -35.30 15.64 -21.34
CA ASP I 184 -34.07 15.40 -20.61
C ASP I 184 -33.93 13.92 -20.30
N ILE I 185 -35.07 13.27 -20.06
CA ILE I 185 -35.09 11.85 -19.76
C ILE I 185 -36.21 11.12 -20.48
N LEU I 186 -35.84 10.23 -21.39
CA LEU I 186 -36.80 9.45 -22.16
C LEU I 186 -36.92 8.09 -21.50
N CYS I 187 -38.08 7.81 -20.89
CA CYS I 187 -38.29 6.55 -20.20
C CYS I 187 -39.02 5.46 -20.98
N LYS I 188 -38.98 4.25 -20.40
CA LYS I 188 -39.60 3.06 -20.96
C LYS I 188 -39.85 2.08 -19.83
N THR I 189 -41.10 1.62 -19.69
CA THR I 189 -41.44 0.70 -18.62
C THR I 189 -42.03 -0.62 -19.08
N TYR I 190 -41.62 -1.70 -18.43
CA TYR I 190 -42.11 -3.04 -18.74
C TYR I 190 -42.86 -3.57 -17.51
N PHE I 191 -44.17 -3.71 -17.65
CA PHE I 191 -45.01 -4.19 -16.56
C PHE I 191 -45.19 -5.71 -16.55
N TYR I 192 -44.88 -6.33 -15.42
CA TYR I 192 -45.03 -7.78 -15.27
C TYR I 192 -46.41 -8.05 -14.69
N GLN I 193 -47.27 -8.71 -15.45
CA GLN I 193 -48.61 -9.02 -14.98
C GLN I 193 -48.59 -9.71 -13.63
N LYS I 194 -49.31 -9.14 -12.67
CA LYS I 194 -49.38 -9.66 -11.31
C LYS I 194 -49.47 -11.18 -11.25
N GLU I 195 -50.32 -11.76 -12.10
CA GLU I 195 -50.50 -13.20 -12.15
C GLU I 195 -49.21 -13.91 -12.55
N LEU I 196 -48.65 -14.68 -11.63
CA LEU I 196 -47.41 -15.40 -11.87
C LEU I 196 -47.60 -16.43 -12.98
N GLY I 197 -46.59 -16.59 -13.81
CA GLY I 197 -46.67 -17.54 -14.91
C GLY I 197 -46.73 -18.99 -14.47
N TYR I 198 -47.07 -19.87 -15.41
CA TYR I 198 -47.17 -21.30 -15.12
C TYR I 198 -45.83 -21.85 -14.65
N SER I 199 -44.75 -21.43 -15.29
CA SER I 199 -43.42 -21.90 -14.93
C SER I 199 -43.06 -21.45 -13.52
N GLY I 200 -43.81 -20.47 -13.01
CA GLY I 200 -43.56 -19.97 -11.67
C GLY I 200 -42.82 -18.65 -11.66
N ASP I 201 -42.59 -18.08 -12.83
CA ASP I 201 -41.89 -16.80 -12.94
C ASP I 201 -42.77 -15.70 -13.53
N PHE I 202 -42.22 -14.49 -13.58
CA PHE I 202 -42.95 -13.33 -14.11
C PHE I 202 -43.14 -13.38 -15.63
N ILE I 203 -44.26 -12.83 -16.08
CA ILE I 203 -44.58 -12.77 -17.50
C ILE I 203 -44.97 -11.34 -17.86
N TYR I 204 -44.51 -10.87 -19.01
CA TYR I 204 -44.81 -9.52 -19.47
C TYR I 204 -46.31 -9.25 -19.56
N ASP I 205 -46.66 -7.97 -19.57
CA ASP I 205 -48.06 -7.55 -19.68
C ASP I 205 -48.19 -6.61 -20.87
N HIS I 206 -47.33 -5.59 -20.89
CA HIS I 206 -47.31 -4.60 -21.97
C HIS I 206 -46.26 -3.55 -21.68
N ALA I 207 -45.75 -2.91 -22.73
CA ALA I 207 -44.73 -1.88 -22.58
C ALA I 207 -45.37 -0.50 -22.67
N GLU I 208 -44.95 0.40 -21.79
CA GLU I 208 -45.47 1.76 -21.77
C GLU I 208 -44.33 2.75 -21.99
N GLY I 209 -44.17 3.19 -23.24
CA GLY I 209 -43.11 4.13 -23.56
C GLY I 209 -43.37 5.55 -23.10
N CYS I 210 -42.35 6.38 -23.21
CA CYS I 210 -42.43 7.78 -22.81
C CYS I 210 -42.25 8.69 -24.02
N GLU I 211 -43.36 9.02 -24.67
CA GLU I 211 -43.37 9.87 -25.85
C GLU I 211 -42.33 10.99 -25.84
N ILE I 212 -41.78 11.27 -27.01
CA ILE I 212 -40.77 12.32 -27.16
C ILE I 212 -41.38 13.61 -27.69
N SER I 213 -40.69 14.71 -27.47
CA SER I 213 -41.16 16.03 -27.92
C SER I 213 -40.09 16.66 -28.81
N TRP I 214 -40.12 16.32 -30.10
CA TRP I 214 -39.15 16.86 -31.04
C TRP I 214 -39.31 18.37 -31.21
N LYS I 215 -38.18 19.04 -31.45
CA LYS I 215 -38.17 20.50 -31.59
C LYS I 215 -38.38 20.93 -33.05
N ASP I 216 -38.56 19.95 -33.93
CA ASP I 216 -38.78 20.25 -35.34
C ASP I 216 -39.09 18.96 -36.11
N ASN I 217 -40.08 19.02 -36.99
CA ASN I 217 -40.47 17.86 -37.79
C ASN I 217 -39.31 17.34 -38.62
N ALA I 218 -38.32 18.19 -38.84
CA ALA I 218 -37.14 17.82 -39.62
C ALA I 218 -36.21 16.99 -38.73
N HIS I 219 -36.07 17.42 -37.48
CA HIS I 219 -35.23 16.72 -36.51
C HIS I 219 -36.06 15.67 -35.79
N ASN I 220 -37.16 15.28 -36.42
CA ASN I 220 -38.07 14.28 -35.86
C ASN I 220 -37.47 12.88 -35.82
N VAL I 221 -37.11 12.36 -36.99
CA VAL I 221 -36.51 11.02 -37.12
C VAL I 221 -37.52 9.90 -37.04
N THR I 222 -38.37 9.91 -36.01
CA THR I 222 -39.37 8.87 -35.84
C THR I 222 -40.40 8.90 -36.96
N PRO I 246 -44.58 8.22 -40.93
CA PRO I 246 -43.90 7.37 -39.97
C PRO I 246 -42.89 6.42 -40.64
N ILE I 247 -41.63 6.57 -40.28
CA ILE I 247 -40.57 5.73 -40.85
C ILE I 247 -39.99 4.80 -39.79
N GLU I 248 -39.03 3.97 -40.19
CA GLU I 248 -38.39 3.04 -39.28
C GLU I 248 -37.26 3.73 -38.52
N SER I 249 -37.51 4.01 -37.24
CA SER I 249 -36.52 4.66 -36.40
C SER I 249 -36.31 3.92 -35.09
N PHE I 250 -35.19 4.20 -34.43
CA PHE I 250 -34.85 3.57 -33.16
C PHE I 250 -35.75 4.08 -32.03
N PHE I 251 -35.97 5.39 -32.02
CA PHE I 251 -36.79 6.01 -30.98
C PHE I 251 -38.24 5.54 -30.96
N ASN I 252 -38.61 4.70 -31.91
CA ASN I 252 -39.97 4.17 -31.95
C ASN I 252 -40.09 3.23 -30.76
N PHE I 253 -38.95 3.00 -30.12
CA PHE I 253 -38.85 2.14 -28.94
C PHE I 253 -39.64 2.75 -27.79
N PHE I 254 -39.83 4.06 -27.84
CA PHE I 254 -40.56 4.77 -26.79
C PHE I 254 -42.04 4.88 -27.12
N ASP I 255 -42.47 4.14 -28.15
CA ASP I 255 -43.86 4.12 -28.58
C ASP I 255 -44.23 2.66 -28.80
N PRO I 256 -44.17 1.84 -27.72
CA PRO I 256 -44.48 0.41 -27.73
C PRO I 256 -45.82 0.04 -28.36
N PRO I 257 -45.87 -1.13 -29.02
CA PRO I 257 -47.09 -1.60 -29.67
C PRO I 257 -48.18 -1.81 -28.62
N LYS I 258 -49.38 -1.32 -28.92
CA LYS I 258 -50.49 -1.44 -27.99
C LYS I 258 -51.36 -2.66 -28.30
N ILE I 259 -51.79 -3.35 -27.23
CA ILE I 259 -52.63 -4.52 -27.38
C ILE I 259 -53.99 -4.08 -27.91
N GLN I 260 -54.11 -3.95 -29.23
CA GLN I 260 -55.34 -3.52 -29.88
C GLN I 260 -56.60 -3.93 -29.15
N ASN I 261 -57.24 -4.98 -29.64
CA ASN I 261 -58.47 -5.51 -29.05
C ASN I 261 -58.76 -6.89 -29.60
N GLU I 262 -59.87 -7.48 -29.15
CA GLU I 262 -60.26 -8.80 -29.61
C GLU I 262 -61.15 -8.71 -30.84
N ASP I 263 -60.84 -7.74 -31.70
CA ASP I 263 -61.60 -7.53 -32.94
C ASP I 263 -61.22 -8.57 -33.98
N GLN I 264 -60.11 -9.27 -33.73
CA GLN I 264 -59.62 -10.31 -34.62
C GLN I 264 -59.11 -9.75 -35.95
N ASP I 265 -57.96 -10.26 -36.39
CA ASP I 265 -57.35 -9.83 -37.65
C ASP I 265 -56.50 -10.96 -38.22
N GLU I 266 -55.78 -10.67 -39.30
CA GLU I 266 -54.91 -11.66 -39.93
C GLU I 266 -53.59 -11.03 -40.37
N GLU I 267 -52.50 -11.71 -40.04
CA GLU I 267 -51.16 -11.23 -40.38
C GLU I 267 -50.82 -9.95 -39.62
N LEU I 268 -51.84 -9.31 -39.07
CA LEU I 268 -51.66 -8.08 -38.30
C LEU I 268 -51.63 -8.41 -36.82
N GLU I 269 -51.85 -9.68 -36.50
CA GLU I 269 -51.82 -10.16 -35.13
C GLU I 269 -50.50 -10.88 -34.92
N GLU I 270 -49.90 -11.29 -36.03
CA GLU I 270 -48.61 -11.98 -36.01
C GLU I 270 -47.51 -10.96 -36.18
N ASP I 271 -47.74 -9.99 -37.07
CA ASP I 271 -46.78 -8.94 -37.33
C ASP I 271 -46.62 -8.05 -36.10
N LEU I 272 -47.74 -7.67 -35.50
CA LEU I 272 -47.72 -6.84 -34.31
C LEU I 272 -47.45 -7.69 -33.06
N GLU I 273 -46.93 -8.89 -33.30
CA GLU I 273 -46.58 -9.82 -32.23
C GLU I 273 -45.07 -9.95 -32.24
N GLU I 274 -44.52 -10.08 -33.44
CA GLU I 274 -43.07 -10.20 -33.62
C GLU I 274 -42.44 -8.88 -33.20
N ARG I 275 -43.24 -7.82 -33.23
CA ARG I 275 -42.79 -6.49 -32.85
C ARG I 275 -42.75 -6.40 -31.33
N LEU I 276 -43.74 -6.97 -30.67
CA LEU I 276 -43.80 -6.96 -29.22
C LEU I 276 -42.61 -7.76 -28.68
N ALA I 277 -42.38 -8.91 -29.30
CA ALA I 277 -41.26 -9.77 -28.91
C ALA I 277 -39.96 -9.00 -29.05
N LEU I 278 -39.85 -8.24 -30.14
CA LEU I 278 -38.66 -7.45 -30.41
C LEU I 278 -38.55 -6.34 -29.35
N ASP I 279 -39.68 -5.76 -29.00
CA ASP I 279 -39.71 -4.70 -27.99
C ASP I 279 -39.20 -5.24 -26.67
N TYR I 280 -39.81 -6.33 -26.20
CA TYR I 280 -39.39 -6.95 -24.95
C TYR I 280 -37.95 -7.43 -25.07
N SER I 281 -37.61 -7.95 -26.24
CA SER I 281 -36.26 -8.45 -26.50
C SER I 281 -35.24 -7.33 -26.29
N ILE I 282 -35.45 -6.21 -26.98
CA ILE I 282 -34.56 -5.07 -26.86
C ILE I 282 -34.43 -4.67 -25.40
N GLY I 283 -35.57 -4.58 -24.71
CA GLY I 283 -35.55 -4.22 -23.30
C GLY I 283 -34.63 -5.13 -22.53
N GLU I 284 -34.66 -6.42 -22.84
CA GLU I 284 -33.82 -7.41 -22.19
C GLU I 284 -32.35 -7.07 -22.39
N GLN I 285 -31.96 -6.86 -23.64
CA GLN I 285 -30.59 -6.53 -23.99
C GLN I 285 -30.01 -5.41 -23.13
N LEU I 286 -30.63 -4.24 -23.18
CA LEU I 286 -30.18 -3.08 -22.41
C LEU I 286 -30.07 -3.38 -20.92
N LYS I 287 -31.12 -3.99 -20.36
CA LYS I 287 -31.16 -4.30 -18.95
C LYS I 287 -30.11 -5.30 -18.47
N ASP I 288 -30.17 -6.52 -18.99
CA ASP I 288 -29.25 -7.58 -18.60
C ASP I 288 -27.88 -7.59 -19.26
N LYS I 289 -27.64 -6.71 -20.23
CA LYS I 289 -26.34 -6.68 -20.90
C LYS I 289 -25.72 -5.30 -21.05
N LEU I 290 -26.23 -4.53 -21.99
CA LEU I 290 -25.73 -3.18 -22.27
C LEU I 290 -25.32 -2.41 -21.02
N ILE I 291 -26.28 -2.21 -20.11
CA ILE I 291 -26.02 -1.47 -18.89
C ILE I 291 -24.98 -2.13 -17.98
N PRO I 292 -25.18 -3.41 -17.63
CA PRO I 292 -24.24 -4.12 -16.76
C PRO I 292 -22.80 -4.16 -17.25
N ARG I 293 -22.61 -4.12 -18.57
CA ARG I 293 -21.26 -4.15 -19.14
C ARG I 293 -21.06 -3.11 -20.23
N ALA I 294 -21.61 -1.92 -20.03
CA ALA I 294 -21.49 -0.84 -20.99
C ALA I 294 -20.05 -0.59 -21.41
N VAL I 295 -19.14 -0.58 -20.43
CA VAL I 295 -17.72 -0.35 -20.69
C VAL I 295 -17.20 -1.22 -21.83
N ASP I 296 -17.33 -2.53 -21.68
CA ASP I 296 -16.86 -3.46 -22.70
C ASP I 296 -17.70 -3.41 -23.98
N TRP I 297 -18.98 -3.09 -23.84
CA TRP I 297 -19.85 -3.00 -25.01
C TRP I 297 -19.42 -1.86 -25.92
N PHE I 298 -18.70 -0.91 -25.35
CA PHE I 298 -18.19 0.23 -26.11
C PHE I 298 -16.91 -0.15 -26.83
N THR I 299 -16.08 -0.94 -26.16
CA THR I 299 -14.82 -1.38 -26.73
C THR I 299 -15.05 -2.50 -27.74
N GLY I 300 -15.97 -3.41 -27.40
CA GLY I 300 -16.26 -4.52 -28.30
C GLY I 300 -15.88 -5.85 -27.70
N ALA I 301 -15.42 -5.83 -26.45
CA ALA I 301 -15.01 -7.05 -25.77
C ALA I 301 -16.21 -7.94 -25.46
N ALA I 302 -17.29 -7.33 -25.01
CA ALA I 302 -18.51 -8.06 -24.66
C ALA I 302 -18.98 -8.94 -25.81
N LEU I 303 -18.66 -8.53 -27.04
CA LEU I 303 -19.05 -9.28 -28.23
C LEU I 303 -18.59 -10.73 -28.14
N GLY J 21 -9.91 -2.17 -34.38
CA GLY J 21 -8.95 -1.11 -34.78
C GLY J 21 -9.57 0.28 -34.74
N TYR J 22 -10.88 0.32 -34.56
CA TYR J 22 -11.60 1.59 -34.50
C TYR J 22 -11.44 2.26 -33.13
N VAL J 23 -10.41 1.86 -32.40
CA VAL J 23 -10.13 2.41 -31.08
C VAL J 23 -8.64 2.39 -30.79
N GLY J 24 -7.95 1.39 -31.33
CA GLY J 24 -6.52 1.26 -31.12
C GLY J 24 -5.74 2.55 -31.31
N GLY J 25 -5.77 3.08 -32.52
CA GLY J 25 -5.06 4.33 -32.81
C GLY J 25 -5.99 5.52 -32.89
N LEU J 26 -6.43 6.00 -31.73
CA LEU J 26 -7.33 7.15 -31.65
C LEU J 26 -6.92 8.07 -30.50
N PRO J 27 -7.76 9.07 -30.15
CA PRO J 27 -7.39 9.97 -29.06
C PRO J 27 -6.93 9.28 -27.77
N LYS J 28 -6.16 10.00 -26.98
CA LYS J 28 -5.64 9.48 -25.72
C LYS J 28 -6.59 9.77 -24.55
N ASN J 29 -6.92 11.04 -24.37
CA ASN J 29 -7.82 11.45 -23.29
C ASN J 29 -9.06 10.58 -23.23
N VAL J 30 -9.49 10.08 -24.38
CA VAL J 30 -10.66 9.22 -24.44
C VAL J 30 -10.33 7.90 -23.76
N LYS J 31 -9.34 7.19 -24.30
CA LYS J 31 -8.91 5.92 -23.74
C LYS J 31 -8.76 6.06 -22.23
N GLU J 32 -8.08 7.13 -21.82
CA GLU J 32 -7.87 7.40 -20.41
C GLU J 32 -9.18 7.25 -19.64
N LYS J 33 -10.25 7.85 -20.17
CA LYS J 33 -11.57 7.77 -19.55
C LYS J 33 -12.00 6.31 -19.42
N LEU J 34 -11.89 5.57 -20.52
CA LEU J 34 -12.28 4.17 -20.54
C LEU J 34 -11.62 3.36 -19.43
N LEU J 35 -10.32 3.52 -19.25
CA LEU J 35 -9.59 2.80 -18.22
C LEU J 35 -10.27 2.90 -16.86
N SER J 36 -10.64 4.12 -16.47
CA SER J 36 -11.31 4.32 -15.19
C SER J 36 -12.62 3.54 -15.17
N LEU J 37 -13.36 3.61 -16.26
CA LEU J 37 -14.63 2.91 -16.37
C LEU J 37 -14.40 1.41 -16.27
N LYS J 38 -13.36 0.93 -16.93
CA LYS J 38 -13.01 -0.49 -16.91
C LYS J 38 -12.81 -0.93 -15.47
N THR J 39 -12.43 0.00 -14.62
CA THR J 39 -12.20 -0.28 -13.20
C THR J 39 -13.55 -0.42 -12.50
N LEU J 40 -14.43 0.57 -12.70
CA LEU J 40 -15.75 0.55 -12.09
C LEU J 40 -16.46 -0.73 -12.54
N GLN J 41 -16.05 -1.24 -13.70
CA GLN J 41 -16.62 -2.46 -14.25
C GLN J 41 -16.32 -3.59 -13.26
N SER J 42 -15.08 -3.61 -12.78
CA SER J 42 -14.65 -4.62 -11.83
C SER J 42 -15.43 -4.49 -10.52
N GLU J 43 -15.72 -3.25 -10.13
CA GLU J 43 -16.47 -3.01 -8.91
C GLU J 43 -17.84 -3.68 -9.03
N LEU J 44 -18.37 -3.71 -10.24
CA LEU J 44 -19.66 -4.35 -10.48
C LEU J 44 -19.54 -5.85 -10.27
N PHE J 45 -18.45 -6.42 -10.79
CA PHE J 45 -18.21 -7.86 -10.64
C PHE J 45 -18.39 -8.32 -9.20
N GLU J 46 -17.73 -7.63 -8.28
CA GLU J 46 -17.80 -7.97 -6.87
C GLU J 46 -19.21 -7.73 -6.31
N VAL J 47 -19.87 -6.69 -6.81
CA VAL J 47 -21.22 -6.38 -6.36
C VAL J 47 -22.17 -7.44 -6.89
N GLU J 48 -21.96 -7.82 -8.14
CA GLU J 48 -22.77 -8.85 -8.78
C GLU J 48 -22.36 -10.18 -8.18
N LYS J 49 -21.17 -10.21 -7.61
CA LYS J 49 -20.63 -11.41 -6.97
C LYS J 49 -21.47 -11.67 -5.73
N GLU J 50 -21.62 -10.64 -4.91
CA GLU J 50 -22.40 -10.72 -3.68
C GLU J 50 -23.85 -11.01 -4.04
N PHE J 51 -24.27 -10.57 -5.22
CA PHE J 51 -25.64 -10.78 -5.70
C PHE J 51 -25.94 -12.27 -5.80
N GLN J 52 -25.20 -12.95 -6.67
CA GLN J 52 -25.38 -14.39 -6.87
C GLN J 52 -25.32 -15.16 -5.56
N VAL J 53 -24.63 -14.60 -4.57
CA VAL J 53 -24.49 -15.24 -3.27
C VAL J 53 -25.86 -15.35 -2.61
N GLU J 54 -26.40 -14.20 -2.18
CA GLU J 54 -27.72 -14.18 -1.55
C GLU J 54 -28.75 -14.73 -2.51
N MET J 55 -28.48 -14.60 -3.80
CA MET J 55 -29.36 -15.09 -4.84
C MET J 55 -29.47 -16.61 -4.76
N PHE J 56 -28.34 -17.27 -4.57
CA PHE J 56 -28.29 -18.71 -4.48
C PHE J 56 -28.99 -19.18 -3.20
N GLU J 57 -28.72 -18.48 -2.11
CA GLU J 57 -29.32 -18.80 -0.82
C GLU J 57 -30.85 -18.72 -0.87
N LEU J 58 -31.36 -17.67 -1.51
CA LEU J 58 -32.79 -17.47 -1.62
C LEU J 58 -33.46 -18.70 -2.26
N GLU J 59 -32.85 -19.21 -3.32
CA GLU J 59 -33.39 -20.38 -4.01
C GLU J 59 -33.41 -21.59 -3.07
N ASN J 60 -32.25 -21.91 -2.50
CA ASN J 60 -32.14 -23.03 -1.58
C ASN J 60 -33.03 -22.79 -0.38
N LYS J 61 -33.25 -21.52 -0.07
CA LYS J 61 -34.08 -21.10 1.06
C LYS J 61 -35.52 -21.59 0.86
N PHE J 62 -35.98 -21.54 -0.38
CA PHE J 62 -37.34 -21.97 -0.71
C PHE J 62 -37.43 -23.43 -1.08
N LEU J 63 -36.30 -24.03 -1.45
CA LEU J 63 -36.28 -25.44 -1.82
C LEU J 63 -36.75 -26.24 -0.61
N GLN J 64 -36.39 -25.78 0.58
CA GLN J 64 -36.78 -26.45 1.82
C GLN J 64 -38.29 -26.34 2.02
N LYS J 65 -38.93 -25.48 1.24
CA LYS J 65 -40.37 -25.29 1.34
C LYS J 65 -41.06 -26.17 0.29
N TYR J 66 -40.34 -26.45 -0.79
CA TYR J 66 -40.86 -27.28 -1.86
C TYR J 66 -40.81 -28.75 -1.49
N LYS J 67 -39.69 -29.16 -0.90
CA LYS J 67 -39.50 -30.55 -0.49
C LYS J 67 -40.70 -31.11 0.28
N PRO J 68 -41.09 -30.45 1.38
CA PRO J 68 -42.23 -30.93 2.17
C PRO J 68 -43.46 -31.21 1.30
N ILE J 69 -43.70 -30.31 0.34
CA ILE J 69 -44.84 -30.44 -0.56
C ILE J 69 -44.62 -31.61 -1.51
N TRP J 70 -43.41 -31.74 -2.05
CA TRP J 70 -43.10 -32.83 -2.98
C TRP J 70 -43.05 -34.16 -2.24
N GLU J 71 -42.56 -34.14 -1.00
CA GLU J 71 -42.47 -35.36 -0.21
C GLU J 71 -43.87 -35.94 -0.09
N GLN J 72 -44.86 -35.07 0.11
CA GLN J 72 -46.25 -35.49 0.22
C GLN J 72 -46.60 -36.26 -1.05
N ARG J 73 -46.18 -35.72 -2.19
CA ARG J 73 -46.44 -36.32 -3.49
C ARG J 73 -45.81 -37.71 -3.58
N SER J 74 -44.57 -37.83 -3.09
CA SER J 74 -43.85 -39.09 -3.11
C SER J 74 -44.67 -40.21 -2.46
N ARG J 75 -45.10 -39.98 -1.22
CA ARG J 75 -45.88 -40.96 -0.49
C ARG J 75 -47.23 -41.25 -1.14
N ILE J 76 -47.82 -40.23 -1.76
CA ILE J 76 -49.11 -40.39 -2.42
C ILE J 76 -48.95 -41.26 -3.67
N ILE J 77 -47.76 -41.20 -4.25
CA ILE J 77 -47.45 -41.98 -5.45
C ILE J 77 -47.02 -43.39 -5.08
N SER J 78 -46.22 -43.50 -4.02
CA SER J 78 -45.74 -44.79 -3.56
C SER J 78 -46.84 -45.56 -2.85
N GLY J 79 -47.98 -44.91 -2.67
CA GLY J 79 -49.10 -45.55 -2.00
C GLY J 79 -48.86 -45.65 -0.51
N GLN J 80 -47.76 -45.08 -0.06
CA GLN J 80 -47.40 -45.10 1.36
C GLN J 80 -48.36 -44.22 2.17
N GLU J 81 -49.24 -43.52 1.46
CA GLU J 81 -50.22 -42.65 2.11
C GLU J 81 -51.37 -42.37 1.16
N GLN J 82 -52.60 -42.56 1.65
CA GLN J 82 -53.80 -42.36 0.85
C GLN J 82 -54.14 -40.88 0.66
N PRO J 83 -54.67 -40.53 -0.52
CA PRO J 83 -55.05 -39.15 -0.86
C PRO J 83 -56.09 -38.58 0.11
N LYS J 84 -55.98 -37.28 0.38
CA LYS J 84 -56.92 -36.61 1.27
C LYS J 84 -58.15 -36.18 0.49
N PRO J 85 -59.33 -36.72 0.84
CA PRO J 85 -60.56 -36.36 0.14
C PRO J 85 -60.69 -34.86 -0.07
N GLU J 86 -60.02 -34.09 0.78
CA GLU J 86 -60.04 -32.64 0.66
C GLU J 86 -59.22 -32.26 -0.56
N GLN J 87 -58.02 -32.83 -0.64
CA GLN J 87 -57.14 -32.59 -1.78
C GLN J 87 -57.89 -33.06 -3.01
N ILE J 88 -58.68 -34.12 -2.84
CA ILE J 88 -59.46 -34.69 -3.93
C ILE J 88 -60.58 -33.70 -4.25
N ALA J 89 -61.10 -33.05 -3.21
CA ALA J 89 -62.17 -32.07 -3.37
C ALA J 89 -61.64 -30.88 -4.15
N LYS J 90 -60.57 -30.27 -3.63
CA LYS J 90 -59.95 -29.13 -4.30
C LYS J 90 -59.54 -29.53 -5.71
N GLY J 91 -59.08 -30.76 -5.86
CA GLY J 91 -58.67 -31.25 -7.16
C GLY J 91 -59.82 -31.17 -8.13
N GLN J 92 -61.00 -31.60 -7.69
CA GLN J 92 -62.19 -31.57 -8.52
C GLN J 92 -62.40 -30.18 -9.13
N GLU J 93 -62.30 -29.16 -8.28
CA GLU J 93 -62.46 -27.78 -8.73
C GLU J 93 -61.34 -27.37 -9.68
N ILE J 94 -60.12 -27.41 -9.18
CA ILE J 94 -58.94 -27.05 -9.97
C ILE J 94 -58.99 -27.64 -11.37
N VAL J 95 -59.06 -28.96 -11.45
CA VAL J 95 -59.12 -29.66 -12.73
C VAL J 95 -60.22 -29.08 -13.61
N GLU J 96 -61.35 -28.75 -13.01
CA GLU J 96 -62.48 -28.19 -13.73
C GLU J 96 -62.18 -26.74 -14.14
N SER J 97 -61.54 -26.01 -13.24
CA SER J 97 -61.20 -24.61 -13.50
C SER J 97 -60.17 -24.47 -14.62
N LEU J 98 -59.39 -25.51 -14.85
CA LEU J 98 -58.37 -25.50 -15.89
C LEU J 98 -58.84 -26.18 -17.17
N ASN J 99 -60.14 -26.44 -17.26
CA ASN J 99 -60.73 -27.08 -18.43
C ASN J 99 -60.07 -28.43 -18.72
N GLU J 100 -59.61 -29.10 -17.68
CA GLU J 100 -58.98 -30.41 -17.85
C GLU J 100 -59.92 -31.53 -17.44
N THR J 101 -61.15 -31.49 -17.96
CA THR J 101 -62.17 -32.48 -17.66
C THR J 101 -61.62 -33.91 -17.77
N GLU J 102 -60.57 -34.08 -18.55
CA GLU J 102 -59.95 -35.39 -18.75
C GLU J 102 -59.62 -36.09 -17.44
N LEU J 103 -59.57 -35.33 -16.35
CA LEU J 103 -59.26 -35.90 -15.04
C LEU J 103 -60.36 -35.61 -14.02
N LEU J 104 -61.53 -36.21 -14.24
CA LEU J 104 -62.66 -36.04 -13.33
C LEU J 104 -63.36 -37.36 -13.06
N VAL J 105 -64.24 -37.37 -12.06
CA VAL J 105 -64.98 -38.58 -11.70
C VAL J 105 -66.43 -38.24 -11.37
N ASP J 106 -67.35 -38.97 -11.99
CA ASP J 106 -68.78 -38.75 -11.75
C ASP J 106 -69.41 -40.00 -11.14
N GLU J 107 -69.84 -39.88 -9.89
CA GLU J 107 -70.46 -40.99 -9.17
C GLU J 107 -69.52 -42.18 -9.08
N GLN J 119 -59.60 -50.69 -5.48
CA GLN J 119 -58.29 -51.35 -5.45
C GLN J 119 -57.20 -50.43 -5.98
N VAL J 120 -56.10 -51.01 -6.42
CA VAL J 120 -54.97 -50.26 -6.96
C VAL J 120 -54.18 -49.53 -5.88
N LYS J 121 -52.86 -49.52 -6.03
CA LYS J 121 -51.97 -48.86 -5.07
C LYS J 121 -51.62 -47.47 -5.59
N GLY J 122 -50.54 -46.89 -5.07
CA GLY J 122 -50.11 -45.56 -5.50
C GLY J 122 -50.02 -45.46 -7.01
N ILE J 123 -50.06 -44.23 -7.52
CA ILE J 123 -49.99 -43.99 -8.96
C ILE J 123 -48.92 -44.85 -9.64
N PRO J 124 -49.35 -45.90 -10.35
CA PRO J 124 -48.41 -46.79 -11.06
C PRO J 124 -47.74 -46.09 -12.23
N SER J 125 -46.43 -46.24 -12.33
CA SER J 125 -45.67 -45.63 -13.41
C SER J 125 -45.87 -44.11 -13.47
N PHE J 126 -45.66 -43.45 -12.34
CA PHE J 126 -45.83 -42.00 -12.28
C PHE J 126 -44.70 -41.29 -13.02
N TRP J 127 -43.56 -41.16 -12.34
CA TRP J 127 -42.40 -40.49 -12.92
C TRP J 127 -41.99 -41.09 -14.25
N LEU J 128 -42.35 -42.35 -14.46
CA LEU J 128 -42.02 -43.03 -15.71
C LEU J 128 -42.77 -42.33 -16.84
N THR J 129 -44.05 -42.07 -16.62
CA THR J 129 -44.89 -41.41 -17.61
C THR J 129 -44.52 -39.94 -17.70
N ALA J 130 -44.25 -39.33 -16.56
CA ALA J 130 -43.89 -37.92 -16.50
C ALA J 130 -42.63 -37.65 -17.31
N LEU J 131 -41.69 -38.58 -17.27
CA LEU J 131 -40.44 -38.43 -18.01
C LEU J 131 -40.63 -38.66 -19.50
N GLU J 132 -41.54 -39.56 -19.86
CA GLU J 132 -41.79 -39.85 -21.27
C GLU J 132 -42.50 -38.68 -21.95
N ASN J 133 -42.87 -37.68 -21.16
CA ASN J 133 -43.53 -36.49 -21.68
C ASN J 133 -42.57 -35.31 -21.65
N LEU J 134 -41.50 -35.45 -20.89
CA LEU J 134 -40.50 -34.38 -20.79
C LEU J 134 -39.71 -34.35 -22.09
N PRO J 135 -39.88 -33.28 -22.89
CA PRO J 135 -39.23 -33.05 -24.19
C PRO J 135 -37.85 -33.67 -24.40
N ILE J 136 -36.84 -33.09 -23.77
CA ILE J 136 -35.47 -33.56 -23.91
C ILE J 136 -35.20 -34.96 -23.34
N VAL J 137 -35.72 -35.23 -22.15
CA VAL J 137 -35.50 -36.51 -21.50
C VAL J 137 -36.20 -37.69 -22.17
N CYS J 138 -37.52 -37.66 -22.23
CA CYS J 138 -38.32 -38.74 -22.82
C CYS J 138 -37.61 -39.51 -23.95
N ASP J 139 -37.00 -38.79 -24.87
CA ASP J 139 -36.33 -39.41 -26.01
C ASP J 139 -35.18 -40.34 -25.60
N THR J 140 -34.48 -40.00 -24.52
CA THR J 140 -33.35 -40.80 -24.05
C THR J 140 -33.70 -42.14 -23.41
N ILE J 141 -34.95 -42.36 -23.08
CA ILE J 141 -35.34 -43.62 -22.45
C ILE J 141 -35.55 -44.74 -23.47
N THR J 142 -35.07 -45.92 -23.15
CA THR J 142 -35.20 -47.08 -24.03
C THR J 142 -36.23 -48.04 -23.45
N ASP J 143 -36.66 -49.00 -24.26
CA ASP J 143 -37.66 -49.97 -23.82
C ASP J 143 -37.17 -50.79 -22.63
N ARG J 144 -35.85 -50.97 -22.52
CA ARG J 144 -35.26 -51.72 -21.44
C ARG J 144 -35.17 -50.92 -20.14
N ASP J 145 -34.65 -49.69 -20.22
CA ASP J 145 -34.52 -48.85 -19.04
C ASP J 145 -35.87 -48.31 -18.59
N ALA J 146 -36.89 -48.50 -19.42
CA ALA J 146 -38.23 -48.02 -19.10
C ALA J 146 -38.83 -48.92 -18.01
N GLU J 147 -38.52 -50.21 -18.09
CA GLU J 147 -39.02 -51.18 -17.13
C GLU J 147 -38.36 -50.93 -15.78
N VAL J 148 -37.18 -50.29 -15.82
CA VAL J 148 -36.44 -49.99 -14.60
C VAL J 148 -37.03 -48.76 -13.92
N LEU J 149 -37.26 -47.71 -14.70
CA LEU J 149 -37.83 -46.47 -14.17
C LEU J 149 -39.22 -46.74 -13.63
N GLU J 150 -39.70 -47.96 -13.82
CA GLU J 150 -41.02 -48.36 -13.35
C GLU J 150 -41.02 -48.40 -11.83
N TYR J 151 -39.83 -48.49 -11.25
CA TYR J 151 -39.68 -48.55 -9.79
C TYR J 151 -39.23 -47.21 -9.22
N LEU J 152 -39.24 -46.18 -10.05
CA LEU J 152 -38.85 -44.83 -9.61
C LEU J 152 -39.98 -44.25 -8.76
N GLN J 153 -39.66 -43.90 -7.52
CA GLN J 153 -40.67 -43.35 -6.62
C GLN J 153 -40.67 -41.83 -6.50
N ASP J 154 -39.48 -41.22 -6.57
CA ASP J 154 -39.39 -39.77 -6.46
C ASP J 154 -38.04 -39.21 -6.90
N ILE J 155 -38.05 -37.92 -7.25
CA ILE J 155 -36.84 -37.23 -7.69
C ILE J 155 -36.66 -35.95 -6.87
N GLY J 156 -35.73 -35.98 -5.92
CA GLY J 156 -35.50 -34.81 -5.09
C GLY J 156 -34.52 -33.82 -5.68
N LEU J 157 -34.34 -32.69 -5.00
CA LEU J 157 -33.43 -31.65 -5.46
C LEU J 157 -32.77 -30.97 -4.27
N GLU J 158 -31.46 -30.73 -4.38
CA GLU J 158 -30.71 -30.08 -3.31
C GLU J 158 -29.57 -29.23 -3.88
N TYR J 159 -29.49 -27.98 -3.44
CA TYR J 159 -28.43 -27.07 -3.89
C TYR J 159 -27.16 -27.40 -3.12
N LEU J 160 -26.07 -26.70 -3.45
CA LEU J 160 -24.81 -26.96 -2.78
C LEU J 160 -23.99 -25.72 -2.44
N THR J 161 -23.76 -25.53 -1.14
CA THR J 161 -22.96 -24.42 -0.64
C THR J 161 -21.80 -25.12 0.06
N ASP J 162 -21.83 -26.45 -0.02
CA ASP J 162 -20.82 -27.31 0.59
C ASP J 162 -19.54 -27.28 -0.24
N GLY J 163 -19.13 -26.08 -0.64
CA GLY J 163 -17.93 -25.93 -1.44
C GLY J 163 -18.22 -25.26 -2.77
N ARG J 164 -18.32 -26.07 -3.82
CA ARG J 164 -18.60 -25.56 -5.15
C ARG J 164 -20.10 -25.42 -5.38
N PRO J 165 -20.51 -24.38 -6.12
CA PRO J 165 -21.93 -24.15 -6.41
C PRO J 165 -22.51 -25.27 -7.26
N GLY J 166 -23.79 -25.55 -7.08
CA GLY J 166 -24.42 -26.61 -7.84
C GLY J 166 -25.60 -27.25 -7.14
N PHE J 167 -26.17 -28.29 -7.75
CA PHE J 167 -27.31 -28.98 -7.17
C PHE J 167 -27.22 -30.49 -7.39
N LYS J 168 -28.07 -31.24 -6.70
CA LYS J 168 -28.08 -32.69 -6.82
C LYS J 168 -29.49 -33.23 -7.08
N LEU J 169 -29.60 -34.08 -8.09
CA LEU J 169 -30.88 -34.69 -8.44
C LEU J 169 -30.93 -36.11 -7.89
N LEU J 170 -31.59 -36.26 -6.74
CA LEU J 170 -31.69 -37.56 -6.09
C LEU J 170 -32.87 -38.39 -6.59
N PHE J 171 -32.55 -39.56 -7.16
CA PHE J 171 -33.56 -40.47 -7.68
C PHE J 171 -33.80 -41.57 -6.64
N ARG J 172 -35.00 -41.59 -6.08
CA ARG J 172 -35.35 -42.57 -5.06
C ARG J 172 -36.14 -43.74 -5.64
N PHE J 173 -35.48 -44.88 -5.76
CA PHE J 173 -36.12 -46.09 -6.31
C PHE J 173 -36.61 -47.01 -5.21
N ASP J 174 -37.51 -47.92 -5.57
CA ASP J 174 -38.06 -48.88 -4.62
C ASP J 174 -37.16 -50.11 -4.55
N SER J 175 -36.09 -49.99 -3.78
CA SER J 175 -35.12 -51.07 -3.60
C SER J 175 -35.74 -52.42 -3.26
N SER J 176 -36.83 -52.39 -2.51
CA SER J 176 -37.51 -53.61 -2.11
C SER J 176 -38.07 -54.43 -3.27
N ALA J 177 -38.29 -53.77 -4.41
CA ALA J 177 -38.83 -54.47 -5.58
C ALA J 177 -37.91 -54.42 -6.79
N ASN J 178 -37.12 -53.36 -6.90
CA ASN J 178 -36.21 -53.19 -8.03
C ASN J 178 -35.34 -54.43 -8.26
N PRO J 179 -35.61 -55.17 -9.34
CA PRO J 179 -34.86 -56.39 -9.68
C PRO J 179 -33.53 -56.10 -10.37
N PHE J 180 -33.39 -54.88 -10.89
CA PHE J 180 -32.16 -54.50 -11.59
C PHE J 180 -30.99 -54.18 -10.67
N PHE J 181 -31.10 -53.07 -9.94
CA PHE J 181 -30.04 -52.68 -9.01
C PHE J 181 -30.56 -52.52 -7.59
N THR J 182 -29.71 -52.86 -6.62
CA THR J 182 -30.08 -52.77 -5.22
C THR J 182 -30.04 -51.34 -4.69
N ASN J 183 -29.37 -50.46 -5.42
CA ASN J 183 -29.26 -49.06 -5.00
C ASN J 183 -30.58 -48.52 -4.48
N ASP J 184 -30.50 -47.75 -3.39
CA ASP J 184 -31.68 -47.16 -2.78
C ASP J 184 -31.91 -45.75 -3.31
N ILE J 185 -30.83 -45.05 -3.60
CA ILE J 185 -30.93 -43.68 -4.12
C ILE J 185 -29.82 -43.34 -5.12
N LEU J 186 -30.22 -43.11 -6.37
CA LEU J 186 -29.28 -42.74 -7.42
C LEU J 186 -29.30 -41.22 -7.49
N CYS J 187 -28.33 -40.63 -8.17
CA CYS J 187 -28.29 -39.18 -8.27
C CYS J 187 -27.32 -38.60 -9.31
N LYS J 188 -27.35 -37.29 -9.44
CA LYS J 188 -26.51 -36.57 -10.39
C LYS J 188 -26.17 -35.21 -9.76
N THR J 189 -24.88 -34.86 -9.76
CA THR J 189 -24.45 -33.60 -9.18
C THR J 189 -23.73 -32.69 -10.18
N TYR J 190 -24.32 -31.52 -10.43
CA TYR J 190 -23.74 -30.55 -11.35
C TYR J 190 -22.97 -29.50 -10.55
N PHE J 191 -21.76 -29.19 -11.00
CA PHE J 191 -20.93 -28.21 -10.32
C PHE J 191 -20.65 -26.98 -11.17
N TYR J 192 -20.71 -25.81 -10.54
CA TYR J 192 -20.43 -24.54 -11.21
C TYR J 192 -19.06 -24.07 -10.75
N GLN J 193 -18.20 -23.69 -11.68
CA GLN J 193 -16.87 -23.23 -11.32
C GLN J 193 -16.91 -21.98 -10.45
N LYS J 194 -16.18 -22.03 -9.35
CA LYS J 194 -16.11 -20.94 -8.37
C LYS J 194 -16.22 -19.54 -8.96
N GLU J 195 -15.41 -19.25 -9.97
CA GLU J 195 -15.42 -17.93 -10.61
C GLU J 195 -16.62 -17.73 -11.52
N LEU J 196 -17.35 -16.64 -11.28
CA LEU J 196 -18.52 -16.32 -12.09
C LEU J 196 -18.10 -15.91 -13.50
N GLY J 197 -18.94 -16.25 -14.48
CA GLY J 197 -18.63 -15.92 -15.85
C GLY J 197 -18.73 -14.44 -16.14
N TYR J 198 -18.48 -14.06 -17.39
CA TYR J 198 -18.54 -12.67 -17.81
C TYR J 198 -19.93 -12.10 -17.52
N SER J 199 -20.97 -12.85 -17.90
CA SER J 199 -22.34 -12.41 -17.68
C SER J 199 -22.65 -12.20 -16.20
N GLY J 200 -21.71 -12.58 -15.34
CA GLY J 200 -21.89 -12.42 -13.91
C GLY J 200 -22.64 -13.59 -13.30
N ASP J 201 -22.87 -14.62 -14.10
CA ASP J 201 -23.59 -15.81 -13.64
C ASP J 201 -22.61 -16.97 -13.45
N PHE J 202 -23.15 -18.15 -13.18
CA PHE J 202 -22.33 -19.34 -12.97
C PHE J 202 -22.11 -20.07 -14.29
N ILE J 203 -21.04 -20.88 -14.34
CA ILE J 203 -20.72 -21.64 -15.53
C ILE J 203 -20.48 -23.11 -15.15
N TYR J 204 -21.26 -23.99 -15.75
CA TYR J 204 -21.15 -25.42 -15.46
C TYR J 204 -19.71 -25.92 -15.64
N ASP J 205 -19.15 -26.43 -14.54
CA ASP J 205 -17.79 -26.95 -14.55
C ASP J 205 -17.80 -28.39 -15.05
N HIS J 206 -18.55 -29.24 -14.37
CA HIS J 206 -18.67 -30.65 -14.74
C HIS J 206 -19.75 -31.31 -13.89
N ALA J 207 -20.04 -32.57 -14.17
CA ALA J 207 -21.07 -33.30 -13.43
C ALA J 207 -20.53 -34.61 -12.87
N GLU J 208 -20.95 -34.95 -11.65
CA GLU J 208 -20.53 -36.18 -11.00
C GLU J 208 -21.67 -37.18 -10.92
N GLY J 209 -21.56 -38.26 -11.69
CA GLY J 209 -22.59 -39.28 -11.68
C GLY J 209 -22.55 -40.08 -10.39
N CYS J 210 -23.71 -40.52 -9.93
CA CYS J 210 -23.80 -41.30 -8.71
C CYS J 210 -23.71 -42.80 -8.99
N GLU J 211 -23.35 -43.12 -10.22
CA GLU J 211 -23.20 -44.51 -10.67
C GLU J 211 -24.34 -45.44 -10.24
N ILE J 212 -24.21 -46.71 -10.58
CA ILE J 212 -25.22 -47.70 -10.23
C ILE J 212 -24.57 -49.07 -10.00
N SER J 213 -25.17 -49.84 -9.09
CA SER J 213 -24.67 -51.18 -8.76
C SER J 213 -25.72 -52.22 -9.14
N TRP J 214 -25.67 -52.66 -10.40
CA TRP J 214 -26.62 -53.65 -10.89
C TRP J 214 -26.31 -55.03 -10.31
N LYS J 215 -27.34 -55.85 -10.14
CA LYS J 215 -27.17 -57.19 -9.58
C LYS J 215 -27.12 -58.26 -10.65
N ASP J 216 -27.00 -57.85 -11.91
CA ASP J 216 -26.93 -58.79 -13.02
C ASP J 216 -26.67 -58.07 -14.34
N ASN J 217 -25.70 -58.56 -15.09
CA ASN J 217 -25.35 -57.97 -16.38
C ASN J 217 -26.56 -57.94 -17.31
N ALA J 218 -27.33 -59.02 -17.32
CA ALA J 218 -28.52 -59.11 -18.16
C ALA J 218 -29.53 -58.06 -17.73
N HIS J 219 -29.48 -57.70 -16.45
CA HIS J 219 -30.38 -56.69 -15.91
C HIS J 219 -29.77 -55.30 -16.03
N ASN J 220 -28.53 -55.25 -16.54
CA ASN J 220 -27.82 -53.99 -16.71
C ASN J 220 -28.21 -53.36 -18.05
N VAL J 221 -29.11 -52.39 -17.99
CA VAL J 221 -29.57 -51.70 -19.19
C VAL J 221 -28.45 -50.88 -19.82
N THR J 222 -27.58 -50.32 -18.97
CA THR J 222 -26.47 -49.50 -19.44
C THR J 222 -25.36 -50.37 -20.04
N PRO J 246 -20.84 -51.64 -23.52
CA PRO J 246 -21.75 -50.53 -23.21
C PRO J 246 -22.89 -50.38 -24.22
N ILE J 247 -24.10 -50.21 -23.71
CA ILE J 247 -25.27 -50.07 -24.57
C ILE J 247 -25.90 -48.69 -24.39
N GLU J 248 -26.62 -48.24 -25.41
CA GLU J 248 -27.28 -46.93 -25.37
C GLU J 248 -28.44 -47.00 -24.38
N SER J 249 -28.22 -46.48 -23.17
CA SER J 249 -29.24 -46.51 -22.14
C SER J 249 -29.48 -45.14 -21.50
N PHE J 250 -30.61 -45.02 -20.81
CA PHE J 250 -30.98 -43.79 -20.13
C PHE J 250 -30.17 -43.60 -18.85
N PHE J 251 -29.93 -44.69 -18.14
CA PHE J 251 -29.18 -44.63 -16.89
C PHE J 251 -27.73 -44.20 -17.06
N ASN J 252 -27.31 -43.99 -18.31
CA ASN J 252 -25.96 -43.52 -18.58
C ASN J 252 -25.92 -42.07 -18.11
N PHE J 253 -27.09 -41.57 -17.77
CA PHE J 253 -27.25 -40.21 -17.28
C PHE J 253 -26.46 -40.01 -16.00
N PHE J 254 -26.26 -41.11 -15.27
CA PHE J 254 -25.51 -41.08 -14.02
C PHE J 254 -24.04 -41.36 -14.28
N ASP J 255 -23.67 -41.34 -15.55
CA ASP J 255 -22.29 -41.57 -15.96
C ASP J 255 -21.98 -40.62 -17.12
N PRO J 256 -22.07 -39.31 -16.88
CA PRO J 256 -21.81 -38.27 -17.88
C PRO J 256 -20.36 -38.24 -18.36
N PRO J 257 -20.11 -37.63 -19.53
CA PRO J 257 -18.77 -37.52 -20.09
C PRO J 257 -17.88 -36.58 -19.28
N LYS J 258 -16.59 -36.88 -19.22
CA LYS J 258 -15.65 -36.06 -18.48
C LYS J 258 -14.91 -35.08 -19.38
N ILE J 259 -14.35 -34.05 -18.77
CA ILE J 259 -13.62 -33.01 -19.51
C ILE J 259 -12.44 -33.55 -20.32
N GLN J 260 -11.60 -34.36 -19.69
CA GLN J 260 -10.43 -34.92 -20.35
C GLN J 260 -10.72 -36.18 -21.17
N ASN J 261 -10.04 -36.29 -22.31
CA ASN J 261 -10.18 -37.43 -23.21
C ASN J 261 -9.51 -37.15 -24.55
N GLU J 266 -10.03 -33.09 -33.87
CA GLU J 266 -11.34 -33.05 -34.51
C GLU J 266 -12.14 -34.32 -34.20
N GLU J 267 -13.45 -34.24 -34.43
CA GLU J 267 -14.35 -35.36 -34.19
C GLU J 267 -14.51 -35.70 -32.71
N LEU J 268 -13.41 -35.65 -31.97
CA LEU J 268 -13.45 -35.95 -30.54
C LEU J 268 -14.18 -34.86 -29.77
N GLU J 269 -13.57 -33.68 -29.69
CA GLU J 269 -14.16 -32.56 -28.97
C GLU J 269 -15.53 -32.18 -29.53
N GLU J 270 -15.63 -32.14 -30.85
CA GLU J 270 -16.88 -31.79 -31.51
C GLU J 270 -18.01 -32.69 -31.06
N ASP J 271 -17.70 -33.96 -30.83
CA ASP J 271 -18.69 -34.93 -30.40
C ASP J 271 -18.81 -34.96 -28.87
N LEU J 272 -17.67 -34.99 -28.20
CA LEU J 272 -17.64 -35.02 -26.74
C LEU J 272 -18.06 -33.68 -26.13
N GLU J 273 -18.74 -32.86 -26.93
CA GLU J 273 -19.24 -31.57 -26.47
C GLU J 273 -20.75 -31.50 -26.66
N GLU J 274 -21.25 -32.23 -27.65
CA GLU J 274 -22.68 -32.27 -27.92
C GLU J 274 -23.39 -33.00 -26.78
N ARG J 275 -22.82 -34.12 -26.38
CA ARG J 275 -23.40 -34.91 -25.29
C ARG J 275 -23.19 -34.16 -23.99
N LEU J 276 -22.03 -33.53 -23.86
CA LEU J 276 -21.69 -32.75 -22.67
C LEU J 276 -22.70 -31.61 -22.55
N ALA J 277 -23.12 -31.08 -23.70
CA ALA J 277 -24.09 -29.98 -23.72
C ALA J 277 -25.47 -30.56 -23.45
N LEU J 278 -25.76 -31.72 -24.04
CA LEU J 278 -27.04 -32.38 -23.87
C LEU J 278 -27.23 -32.73 -22.39
N ASP J 279 -26.12 -33.04 -21.73
CA ASP J 279 -26.15 -33.40 -20.32
C ASP J 279 -26.68 -32.24 -19.48
N TYR J 280 -26.05 -31.08 -19.63
CA TYR J 280 -26.49 -29.89 -18.89
C TYR J 280 -27.93 -29.56 -19.25
N SER J 281 -28.25 -29.70 -20.53
CA SER J 281 -29.61 -29.43 -21.00
C SER J 281 -30.62 -30.24 -20.21
N ILE J 282 -30.38 -31.54 -20.11
CA ILE J 282 -31.26 -32.43 -19.37
C ILE J 282 -31.39 -31.95 -17.93
N GLY J 283 -30.25 -31.62 -17.33
CA GLY J 283 -30.25 -31.15 -15.95
C GLY J 283 -31.26 -30.06 -15.69
N GLU J 284 -31.26 -29.03 -16.54
CA GLU J 284 -32.19 -27.92 -16.40
C GLU J 284 -33.63 -28.37 -16.59
N GLN J 285 -33.84 -29.32 -17.48
CA GLN J 285 -35.18 -29.84 -17.76
C GLN J 285 -35.83 -30.41 -16.49
N LEU J 286 -35.06 -31.19 -15.74
CA LEU J 286 -35.56 -31.79 -14.52
C LEU J 286 -35.67 -30.75 -13.40
N LYS J 287 -34.70 -29.84 -13.37
CA LYS J 287 -34.67 -28.79 -12.35
C LYS J 287 -35.76 -27.74 -12.48
N ASP J 288 -35.83 -27.10 -13.65
CA ASP J 288 -36.81 -26.04 -13.89
C ASP J 288 -38.16 -26.48 -14.44
N LYS J 289 -38.38 -27.79 -14.58
CA LYS J 289 -39.65 -28.26 -15.11
C LYS J 289 -40.18 -29.55 -14.44
N LEU J 290 -39.54 -30.67 -14.76
CA LEU J 290 -39.96 -31.96 -14.22
C LEU J 290 -40.29 -31.92 -12.73
N ILE J 291 -39.34 -31.46 -11.92
CA ILE J 291 -39.55 -31.39 -10.47
C ILE J 291 -40.63 -30.39 -10.08
N PRO J 292 -40.56 -29.14 -10.56
CA PRO J 292 -41.57 -28.13 -10.23
C PRO J 292 -43.01 -28.51 -10.61
N ARG J 293 -43.19 -29.00 -11.83
CA ARG J 293 -44.52 -29.37 -12.30
C ARG J 293 -44.63 -30.86 -12.62
N ALA J 294 -44.09 -31.70 -11.74
CA ALA J 294 -44.13 -33.15 -11.94
C ALA J 294 -45.54 -33.66 -12.21
N VAL J 295 -46.51 -33.14 -11.46
CA VAL J 295 -47.91 -33.55 -11.62
C VAL J 295 -48.36 -33.41 -13.07
N ASP J 296 -48.32 -32.19 -13.59
CA ASP J 296 -48.73 -31.93 -14.96
C ASP J 296 -47.89 -32.69 -15.98
N TRP J 297 -46.62 -32.92 -15.65
CA TRP J 297 -45.73 -33.65 -16.55
C TRP J 297 -46.16 -35.10 -16.68
N PHE J 298 -46.89 -35.61 -15.68
CA PHE J 298 -47.37 -36.98 -15.71
C PHE J 298 -48.64 -37.07 -16.56
N THR J 299 -49.57 -36.16 -16.31
CA THR J 299 -50.83 -36.13 -17.06
C THR J 299 -50.57 -35.66 -18.49
N GLY J 300 -49.64 -34.73 -18.64
CA GLY J 300 -49.33 -34.22 -19.95
C GLY J 300 -49.75 -32.77 -20.13
N ALA J 301 -50.42 -32.23 -19.11
CA ALA J 301 -50.89 -30.84 -19.15
C ALA J 301 -49.73 -29.87 -19.34
N ALA J 302 -48.55 -30.25 -18.86
CA ALA J 302 -47.37 -29.40 -18.98
C ALA J 302 -46.99 -29.17 -20.43
N LEU J 303 -47.47 -30.06 -21.31
CA LEU J 303 -47.19 -29.95 -22.74
C LEU J 303 -48.02 -28.84 -23.37
N THR K 5 -39.05 -2.22 -38.58
CA THR K 5 -37.75 -2.40 -39.27
C THR K 5 -37.94 -2.46 -40.79
N ARG K 6 -37.05 -1.81 -41.53
CA ARG K 6 -37.13 -1.81 -42.98
C ARG K 6 -37.12 -3.24 -43.51
N SER K 7 -36.75 -4.18 -42.63
CA SER K 7 -36.70 -5.58 -42.98
C SER K 7 -38.12 -6.13 -43.10
N SER K 8 -38.98 -5.70 -42.18
CA SER K 8 -40.38 -6.14 -42.18
C SER K 8 -41.08 -5.61 -43.43
N ARG K 9 -40.79 -4.36 -43.77
CA ARG K 9 -41.38 -3.73 -44.95
C ARG K 9 -40.97 -4.49 -46.21
N ALA K 10 -39.88 -5.26 -46.10
CA ALA K 10 -39.38 -6.05 -47.23
C ALA K 10 -39.59 -7.54 -46.97
N GLY K 11 -40.14 -7.86 -45.80
CA GLY K 11 -40.38 -9.25 -45.47
C GLY K 11 -39.09 -10.07 -45.41
N LEU K 12 -38.09 -9.54 -44.72
CA LEU K 12 -36.81 -10.22 -44.60
C LEU K 12 -36.42 -10.41 -43.13
N GLN K 13 -35.68 -11.47 -42.85
CA GLN K 13 -35.23 -11.76 -41.50
C GLN K 13 -33.95 -11.00 -41.19
N PHE K 14 -33.11 -10.82 -42.21
CA PHE K 14 -31.85 -10.11 -42.04
C PHE K 14 -32.08 -8.61 -41.85
N PRO K 15 -31.16 -7.94 -41.14
CA PRO K 15 -31.24 -6.50 -40.86
C PRO K 15 -30.92 -5.63 -42.07
N VAL K 16 -31.94 -4.98 -42.62
CA VAL K 16 -31.76 -4.10 -43.77
C VAL K 16 -31.08 -2.82 -43.29
N GLY K 17 -31.13 -2.59 -41.98
CA GLY K 17 -30.52 -1.42 -41.40
C GLY K 17 -29.01 -1.51 -41.32
N ARG K 18 -28.49 -2.59 -40.73
CA ARG K 18 -27.06 -2.78 -40.61
C ARG K 18 -26.40 -2.89 -41.98
N VAL K 19 -26.99 -3.67 -42.86
CA VAL K 19 -26.44 -3.84 -44.21
C VAL K 19 -26.27 -2.48 -44.86
N HIS K 20 -27.22 -1.59 -44.60
CA HIS K 20 -27.17 -0.24 -45.15
C HIS K 20 -26.10 0.58 -44.44
N ARG K 21 -25.90 0.29 -43.15
CA ARG K 21 -24.90 0.98 -42.35
C ARG K 21 -23.50 0.59 -42.80
N LEU K 22 -23.29 -0.71 -42.95
CA LEU K 22 -22.00 -1.25 -43.36
C LEU K 22 -21.62 -0.79 -44.77
N LEU K 23 -22.62 -0.58 -45.62
CA LEU K 23 -22.38 -0.15 -46.98
C LEU K 23 -21.87 1.28 -47.05
N ARG K 24 -22.14 2.07 -46.01
CA ARG K 24 -21.71 3.45 -45.96
C ARG K 24 -20.39 3.62 -45.20
N LYS K 25 -20.02 2.61 -44.43
CA LYS K 25 -18.78 2.66 -43.65
C LYS K 25 -17.65 1.93 -44.36
N GLY K 26 -17.99 1.05 -45.28
CA GLY K 26 -16.98 0.31 -46.01
C GLY K 26 -16.33 1.11 -47.12
N ASN K 27 -16.77 2.34 -47.29
CA ASN K 27 -16.23 3.22 -48.33
C ASN K 27 -16.27 2.58 -49.71
N TYR K 28 -17.43 2.07 -50.09
CA TYR K 28 -17.58 1.43 -51.40
C TYR K 28 -18.00 2.45 -52.45
N ALA K 29 -18.59 3.55 -51.99
CA ALA K 29 -19.03 4.60 -52.90
C ALA K 29 -19.40 5.87 -52.12
N GLU K 30 -19.49 6.98 -52.85
CA GLU K 30 -19.84 8.27 -52.26
C GLU K 30 -21.23 8.25 -51.65
N ARG K 31 -22.14 7.51 -52.27
CA ARG K 31 -23.51 7.41 -51.79
C ARG K 31 -24.06 6.00 -51.96
N VAL K 32 -25.17 5.71 -51.28
CA VAL K 32 -25.78 4.38 -51.37
C VAL K 32 -27.29 4.50 -51.54
N GLY K 33 -27.82 3.78 -52.53
CA GLY K 33 -29.25 3.82 -52.78
C GLY K 33 -30.06 3.24 -51.63
N ALA K 34 -31.37 3.42 -51.69
CA ALA K 34 -32.27 2.92 -50.65
C ALA K 34 -32.60 1.46 -50.88
N GLY K 35 -32.63 1.04 -52.15
CA GLY K 35 -32.95 -0.33 -52.46
C GLY K 35 -31.73 -1.23 -52.47
N ALA K 36 -30.54 -0.61 -52.42
CA ALA K 36 -29.29 -1.36 -52.41
C ALA K 36 -29.17 -2.28 -51.20
N PRO K 37 -29.40 -1.74 -49.98
CA PRO K 37 -29.31 -2.57 -48.77
C PRO K 37 -30.38 -3.65 -48.71
N VAL K 38 -31.56 -3.34 -49.23
CA VAL K 38 -32.66 -4.30 -49.23
C VAL K 38 -32.37 -5.47 -50.16
N TYR K 39 -31.86 -5.17 -51.35
CA TYR K 39 -31.53 -6.18 -52.34
C TYR K 39 -30.42 -7.08 -51.79
N LEU K 40 -29.38 -6.46 -51.26
CA LEU K 40 -28.25 -7.20 -50.71
C LEU K 40 -28.66 -8.03 -49.50
N ALA K 41 -29.48 -7.45 -48.64
CA ALA K 41 -29.95 -8.13 -47.44
C ALA K 41 -30.70 -9.42 -47.81
N ALA K 42 -31.46 -9.35 -48.91
CA ALA K 42 -32.23 -10.50 -49.37
C ALA K 42 -31.30 -11.59 -49.89
N VAL K 43 -30.29 -11.19 -50.66
CA VAL K 43 -29.33 -12.13 -51.22
C VAL K 43 -28.61 -12.89 -50.10
N LEU K 44 -28.12 -12.14 -49.12
CA LEU K 44 -27.41 -12.74 -47.99
C LEU K 44 -28.30 -13.74 -47.27
N GLU K 45 -29.55 -13.36 -47.04
CA GLU K 45 -30.51 -14.23 -46.35
C GLU K 45 -30.71 -15.52 -47.13
N TYR K 46 -30.85 -15.40 -48.45
CA TYR K 46 -31.05 -16.57 -49.29
C TYR K 46 -29.90 -17.57 -49.15
N LEU K 47 -28.69 -17.10 -49.44
CA LEU K 47 -27.50 -17.95 -49.35
C LEU K 47 -27.41 -18.67 -48.01
N THR K 48 -27.57 -17.92 -46.92
CA THR K 48 -27.51 -18.51 -45.58
C THR K 48 -28.60 -19.56 -45.44
N ALA K 49 -29.73 -19.33 -46.09
CA ALA K 49 -30.85 -20.26 -46.04
C ALA K 49 -30.54 -21.48 -46.90
N GLU K 50 -29.80 -21.26 -47.98
CA GLU K 50 -29.42 -22.34 -48.89
C GLU K 50 -28.40 -23.25 -48.22
N ILE K 51 -27.51 -22.66 -47.43
CA ILE K 51 -26.48 -23.42 -46.74
C ILE K 51 -27.10 -24.25 -45.61
N LEU K 52 -27.76 -23.58 -44.67
CA LEU K 52 -28.39 -24.25 -43.55
C LEU K 52 -29.40 -25.29 -44.03
N GLU K 53 -29.90 -25.09 -45.25
CA GLU K 53 -30.88 -26.01 -45.83
C GLU K 53 -30.24 -27.38 -46.06
N LEU K 54 -29.05 -27.38 -46.64
CA LEU K 54 -28.34 -28.62 -46.92
C LEU K 54 -27.56 -29.09 -45.69
N ALA K 55 -27.00 -28.13 -44.95
CA ALA K 55 -26.23 -28.44 -43.76
C ALA K 55 -27.10 -29.20 -42.75
N GLY K 56 -28.38 -28.81 -42.69
CA GLY K 56 -29.30 -29.45 -41.78
C GLY K 56 -29.51 -30.92 -42.14
N ASN K 57 -29.70 -31.18 -43.43
CA ASN K 57 -29.91 -32.54 -43.91
C ASN K 57 -28.70 -33.40 -43.55
N ALA K 58 -27.51 -32.84 -43.76
CA ALA K 58 -26.27 -33.54 -43.45
C ALA K 58 -26.26 -33.93 -41.98
N ALA K 59 -26.77 -33.02 -41.14
CA ALA K 59 -26.83 -33.27 -39.71
C ALA K 59 -27.77 -34.45 -39.43
N ARG K 60 -28.85 -34.53 -40.18
CA ARG K 60 -29.81 -35.61 -40.00
C ARG K 60 -29.22 -36.94 -40.45
N ASP K 61 -28.57 -36.94 -41.61
CA ASP K 61 -27.97 -38.15 -42.14
C ASP K 61 -26.96 -38.73 -41.15
N ASN K 62 -26.31 -37.85 -40.40
CA ASN K 62 -25.33 -38.25 -39.40
C ASN K 62 -25.99 -38.39 -38.04
N LYS K 63 -27.32 -38.35 -38.03
CA LYS K 63 -28.10 -38.46 -36.79
C LYS K 63 -27.68 -37.41 -35.77
N LYS K 64 -27.87 -36.14 -36.11
CA LYS K 64 -27.52 -35.03 -35.23
C LYS K 64 -28.57 -33.93 -35.35
N THR K 65 -29.06 -33.47 -34.20
CA THR K 65 -30.08 -32.42 -34.18
C THR K 65 -29.45 -31.03 -34.11
N ARG K 66 -28.12 -30.97 -34.16
CA ARG K 66 -27.42 -29.70 -34.11
C ARG K 66 -26.29 -29.64 -35.13
N ILE K 67 -26.36 -28.65 -36.01
CA ILE K 67 -25.36 -28.47 -37.06
C ILE K 67 -23.98 -28.11 -36.52
N ILE K 68 -22.95 -28.70 -37.11
CA ILE K 68 -21.56 -28.45 -36.72
C ILE K 68 -20.72 -28.22 -37.97
N PRO K 69 -19.48 -27.72 -37.80
CA PRO K 69 -18.60 -27.47 -38.94
C PRO K 69 -18.58 -28.62 -39.94
N ARG K 70 -18.44 -29.84 -39.42
CA ARG K 70 -18.43 -31.05 -40.25
C ARG K 70 -19.60 -31.03 -41.22
N HIS K 71 -20.80 -30.76 -40.69
CA HIS K 71 -22.01 -30.72 -41.49
C HIS K 71 -21.96 -29.64 -42.56
N LEU K 72 -21.57 -28.42 -42.17
CA LEU K 72 -21.47 -27.32 -43.12
C LEU K 72 -20.53 -27.68 -44.26
N GLN K 73 -19.45 -28.38 -43.92
CA GLN K 73 -18.48 -28.80 -44.93
C GLN K 73 -19.12 -29.79 -45.90
N LEU K 74 -19.99 -30.64 -45.38
CA LEU K 74 -20.67 -31.63 -46.20
C LEU K 74 -21.58 -30.97 -47.23
N ALA K 75 -22.50 -30.13 -46.75
CA ALA K 75 -23.44 -29.44 -47.60
C ALA K 75 -22.76 -28.63 -48.71
N VAL K 76 -21.69 -27.93 -48.35
CA VAL K 76 -20.97 -27.09 -49.32
C VAL K 76 -20.26 -27.89 -50.41
N ARG K 77 -19.51 -28.91 -50.00
CA ARG K 77 -18.76 -29.72 -50.96
C ARG K 77 -19.64 -30.66 -51.78
N ASN K 78 -20.81 -31.00 -51.26
CA ASN K 78 -21.72 -31.89 -51.98
C ASN K 78 -22.49 -31.10 -53.03
N ASP K 79 -22.60 -29.78 -52.81
CA ASP K 79 -23.31 -28.92 -53.75
C ASP K 79 -22.31 -28.32 -54.74
N GLU K 80 -22.46 -28.70 -56.00
CA GLU K 80 -21.58 -28.23 -57.06
C GLU K 80 -21.33 -26.73 -57.04
N GLU K 81 -22.40 -25.94 -56.91
CA GLU K 81 -22.28 -24.50 -56.90
C GLU K 81 -21.69 -23.93 -55.62
N LEU K 82 -22.21 -24.34 -54.47
CA LEU K 82 -21.71 -23.85 -53.19
C LEU K 82 -20.22 -24.14 -53.07
N ASN K 83 -19.81 -25.28 -53.63
CA ASN K 83 -18.41 -25.67 -53.61
C ASN K 83 -17.60 -24.78 -54.54
N LYS K 84 -18.01 -23.59 -54.88
CA LYS K 84 -17.62 -22.64 -55.92
C LYS K 84 -17.71 -21.20 -55.42
N LEU K 85 -18.87 -20.84 -54.91
CA LEU K 85 -19.09 -19.49 -54.40
C LEU K 85 -18.17 -19.21 -53.21
N LEU K 86 -17.93 -20.23 -52.39
CA LEU K 86 -17.05 -20.07 -51.24
C LEU K 86 -15.66 -19.70 -51.72
N GLY K 87 -15.24 -20.30 -52.83
CA GLY K 87 -13.95 -20.02 -53.43
C GLY K 87 -13.82 -18.57 -53.85
N ARG K 88 -14.88 -18.00 -54.40
CA ARG K 88 -14.85 -16.62 -54.84
C ARG K 88 -14.62 -15.71 -53.64
N VAL K 89 -15.28 -16.02 -52.54
CA VAL K 89 -15.08 -15.31 -51.28
C VAL K 89 -13.65 -15.52 -50.79
N THR K 90 -13.16 -16.74 -50.94
CA THR K 90 -11.81 -17.08 -50.51
C THR K 90 -10.78 -16.14 -51.15
N ILE K 91 -10.67 -16.21 -52.47
CA ILE K 91 -9.72 -15.38 -53.21
C ILE K 91 -8.29 -15.64 -52.76
N ALA K 92 -7.53 -16.36 -53.59
CA ALA K 92 -6.14 -16.66 -53.28
C ALA K 92 -5.31 -15.40 -53.19
N GLN K 93 -5.55 -14.46 -54.09
CA GLN K 93 -4.81 -13.20 -54.10
C GLN K 93 -3.31 -13.44 -54.25
N GLY K 94 -2.96 -14.43 -55.07
CA GLY K 94 -1.57 -14.75 -55.29
C GLY K 94 -1.13 -14.46 -56.72
N TYR L 12 -24.04 -11.87 -37.19
CA TYR L 12 -25.37 -12.26 -37.74
C TYR L 12 -25.88 -13.53 -37.06
N ALA L 13 -25.23 -13.89 -35.96
CA ALA L 13 -25.59 -15.08 -35.19
C ALA L 13 -27.09 -15.31 -35.09
N ILE L 14 -27.79 -14.33 -34.53
CA ILE L 14 -29.24 -14.44 -34.35
C ILE L 14 -29.99 -14.53 -35.69
N TYR L 15 -29.64 -13.69 -36.64
CA TYR L 15 -30.30 -13.68 -37.94
C TYR L 15 -30.07 -14.99 -38.66
N VAL L 16 -28.96 -15.65 -38.35
CA VAL L 16 -28.62 -16.93 -38.96
C VAL L 16 -29.41 -18.04 -38.27
N TYR L 17 -29.64 -17.87 -36.98
CA TYR L 17 -30.39 -18.85 -36.20
C TYR L 17 -31.85 -18.87 -36.64
N LYS L 18 -32.41 -17.69 -36.90
CA LYS L 18 -33.79 -17.58 -37.34
C LYS L 18 -33.97 -18.32 -38.66
N VAL L 19 -33.09 -18.05 -39.60
CA VAL L 19 -33.14 -18.70 -40.90
C VAL L 19 -33.03 -20.21 -40.74
N LEU L 20 -32.24 -20.64 -39.76
CA LEU L 20 -32.04 -22.06 -39.50
C LEU L 20 -33.35 -22.70 -39.05
N LYS L 21 -34.21 -21.89 -38.44
CA LYS L 21 -35.50 -22.37 -37.95
C LYS L 21 -36.55 -22.37 -39.06
N GLN L 22 -36.36 -21.50 -40.05
CA GLN L 22 -37.29 -21.40 -41.16
C GLN L 22 -37.11 -22.59 -42.11
N VAL L 23 -35.93 -23.19 -42.06
CA VAL L 23 -35.62 -24.33 -42.92
C VAL L 23 -35.50 -25.61 -42.11
N HIS L 24 -35.05 -25.48 -40.86
CA HIS L 24 -34.89 -26.63 -39.98
C HIS L 24 -35.27 -26.28 -38.54
N PRO L 25 -36.58 -26.26 -38.24
CA PRO L 25 -37.09 -25.95 -36.91
C PRO L 25 -36.52 -26.83 -35.81
N ASP L 26 -36.35 -28.12 -36.11
CA ASP L 26 -35.82 -29.06 -35.14
C ASP L 26 -34.32 -29.28 -35.29
N THR L 27 -33.62 -28.26 -35.79
CA THR L 27 -32.17 -28.35 -35.96
C THR L 27 -31.47 -27.16 -35.32
N GLY L 28 -30.43 -27.44 -34.54
CA GLY L 28 -29.68 -26.38 -33.88
C GLY L 28 -28.37 -26.10 -34.57
N ILE L 29 -27.42 -25.52 -33.83
CA ILE L 29 -26.11 -25.19 -34.38
C ILE L 29 -25.10 -24.97 -33.26
N SER L 30 -23.88 -25.45 -33.47
CA SER L 30 -22.81 -25.30 -32.48
C SER L 30 -22.19 -23.91 -32.55
N SER L 31 -21.33 -23.60 -31.58
CA SER L 31 -20.67 -22.30 -31.53
C SER L 31 -19.71 -22.13 -32.70
N LYS L 32 -18.90 -23.15 -32.96
CA LYS L 32 -17.94 -23.10 -34.06
C LYS L 32 -18.64 -22.98 -35.40
N ALA L 33 -19.69 -23.77 -35.59
CA ALA L 33 -20.46 -23.75 -36.83
C ALA L 33 -21.02 -22.35 -37.06
N MET L 34 -21.43 -21.69 -35.98
CA MET L 34 -21.97 -20.34 -36.05
C MET L 34 -20.88 -19.37 -36.49
N SER L 35 -19.69 -19.53 -35.92
CA SER L 35 -18.55 -18.67 -36.24
C SER L 35 -18.23 -18.79 -37.72
N ILE L 36 -18.39 -19.98 -38.28
CA ILE L 36 -18.10 -20.23 -39.69
C ILE L 36 -19.15 -19.54 -40.55
N MET L 37 -20.40 -19.55 -40.09
CA MET L 37 -21.49 -18.92 -40.83
C MET L 37 -21.33 -17.40 -40.81
N ASN L 38 -20.83 -16.88 -39.69
CA ASN L 38 -20.63 -15.44 -39.55
C ASN L 38 -19.57 -14.98 -40.54
N SER L 39 -18.51 -15.77 -40.68
CA SER L 39 -17.43 -15.47 -41.60
C SER L 39 -17.94 -15.52 -43.03
N PHE L 40 -18.83 -16.48 -43.30
CA PHE L 40 -19.41 -16.65 -44.62
C PHE L 40 -20.17 -15.39 -45.02
N VAL L 41 -21.01 -14.90 -44.12
CA VAL L 41 -21.81 -13.71 -44.38
C VAL L 41 -20.91 -12.50 -44.66
N ASN L 42 -19.99 -12.22 -43.74
CA ASN L 42 -19.08 -11.11 -43.89
C ASN L 42 -18.26 -11.24 -45.17
N ASP L 43 -17.86 -12.46 -45.49
CA ASP L 43 -17.07 -12.72 -46.68
C ASP L 43 -17.86 -12.38 -47.94
N VAL L 44 -19.06 -12.95 -48.05
CA VAL L 44 -19.92 -12.70 -49.20
C VAL L 44 -20.24 -11.22 -49.32
N PHE L 45 -20.49 -10.59 -48.17
CA PHE L 45 -20.81 -9.17 -48.13
C PHE L 45 -19.71 -8.34 -48.78
N GLU L 46 -18.49 -8.51 -48.29
CA GLU L 46 -17.33 -7.78 -48.82
C GLU L 46 -17.14 -8.04 -50.32
N ARG L 47 -17.34 -9.27 -50.74
CA ARG L 47 -17.17 -9.64 -52.15
C ARG L 47 -18.14 -8.84 -53.01
N ILE L 48 -19.43 -9.01 -52.74
CA ILE L 48 -20.48 -8.31 -53.49
C ILE L 48 -20.26 -6.81 -53.45
N ALA L 49 -20.17 -6.27 -52.24
CA ALA L 49 -19.96 -4.83 -52.06
C ALA L 49 -18.70 -4.38 -52.80
N GLY L 50 -17.69 -5.24 -52.80
CA GLY L 50 -16.45 -4.91 -53.48
C GLY L 50 -16.70 -4.68 -54.96
N GLU L 51 -17.46 -5.57 -55.57
CA GLU L 51 -17.79 -5.45 -56.99
C GLU L 51 -18.60 -4.19 -57.22
N ALA L 52 -19.77 -4.11 -56.58
CA ALA L 52 -20.65 -2.95 -56.71
C ALA L 52 -19.84 -1.67 -56.63
N SER L 53 -18.81 -1.68 -55.80
CA SER L 53 -17.93 -0.52 -55.64
C SER L 53 -17.23 -0.23 -56.96
N ARG L 54 -16.67 -1.27 -57.56
CA ARG L 54 -15.97 -1.13 -58.84
C ARG L 54 -16.93 -0.66 -59.91
N LEU L 55 -18.06 -1.35 -60.04
CA LEU L 55 -19.07 -1.01 -61.03
C LEU L 55 -19.38 0.48 -60.99
N ALA L 56 -19.42 1.03 -59.78
CA ALA L 56 -19.70 2.45 -59.60
C ALA L 56 -18.57 3.28 -60.20
N HIS L 57 -17.34 2.96 -59.82
CA HIS L 57 -16.17 3.67 -60.32
C HIS L 57 -16.03 3.51 -61.83
N TYR L 58 -16.21 2.29 -62.32
CA TYR L 58 -16.11 2.00 -63.74
C TYR L 58 -17.04 2.91 -64.53
N ASN L 59 -18.32 2.89 -64.18
CA ASN L 59 -19.30 3.72 -64.86
C ASN L 59 -19.21 5.15 -64.34
N LYS L 60 -18.25 5.39 -63.46
CA LYS L 60 -18.02 6.70 -62.88
C LYS L 60 -19.27 7.29 -62.24
N ARG L 61 -19.85 6.55 -61.29
CA ARG L 61 -21.03 7.00 -60.57
C ARG L 61 -20.71 7.08 -59.09
N SER L 62 -21.32 8.04 -58.40
CA SER L 62 -21.06 8.24 -56.98
C SER L 62 -22.12 7.59 -56.09
N THR L 63 -22.77 6.54 -56.59
CA THR L 63 -23.79 5.85 -55.82
C THR L 63 -23.86 4.35 -56.11
N ILE L 64 -24.14 3.57 -55.08
CA ILE L 64 -24.26 2.12 -55.21
C ILE L 64 -25.70 1.72 -54.89
N THR L 65 -26.51 1.59 -55.94
CA THR L 65 -27.91 1.22 -55.78
C THR L 65 -28.07 -0.29 -55.85
N SER L 66 -29.31 -0.76 -55.77
CA SER L 66 -29.60 -2.19 -55.84
C SER L 66 -29.22 -2.72 -57.22
N ARG L 67 -28.90 -1.81 -58.12
CA ARG L 67 -28.53 -2.17 -59.49
C ARG L 67 -27.09 -2.71 -59.52
N GLU L 68 -26.18 -2.02 -58.84
CA GLU L 68 -24.79 -2.45 -58.79
C GLU L 68 -24.67 -3.73 -57.98
N ILE L 69 -25.55 -3.87 -56.98
CA ILE L 69 -25.55 -5.05 -56.13
C ILE L 69 -26.01 -6.27 -56.92
N GLN L 70 -27.05 -6.08 -57.73
CA GLN L 70 -27.60 -7.16 -58.54
C GLN L 70 -26.55 -7.75 -59.49
N THR L 71 -25.96 -6.89 -60.32
CA THR L 71 -24.95 -7.33 -61.27
C THR L 71 -23.76 -7.94 -60.55
N ALA L 72 -23.40 -7.36 -59.41
CA ALA L 72 -22.29 -7.85 -58.61
C ALA L 72 -22.56 -9.29 -58.20
N VAL L 73 -23.84 -9.64 -58.14
CA VAL L 73 -24.26 -10.99 -57.76
C VAL L 73 -24.10 -11.95 -58.93
N ARG L 74 -24.35 -11.45 -60.14
CA ARG L 74 -24.23 -12.27 -61.34
C ARG L 74 -22.76 -12.58 -61.62
N LEU L 75 -21.89 -11.67 -61.22
CA LEU L 75 -20.45 -11.83 -61.43
C LEU L 75 -19.81 -12.71 -60.35
N LEU L 76 -20.31 -12.62 -59.14
CA LEU L 76 -19.78 -13.39 -58.02
C LEU L 76 -20.38 -14.79 -57.93
N LEU L 77 -21.70 -14.84 -57.71
CA LEU L 77 -22.39 -16.11 -57.58
C LEU L 77 -22.50 -16.86 -58.91
N PRO L 78 -22.40 -18.20 -58.87
CA PRO L 78 -22.49 -19.05 -60.07
C PRO L 78 -23.89 -19.07 -60.67
N GLY L 79 -23.96 -19.45 -61.94
CA GLY L 79 -25.23 -19.51 -62.64
C GLY L 79 -26.52 -19.60 -61.83
N GLU L 80 -27.00 -20.82 -61.64
CA GLU L 80 -28.24 -21.05 -60.90
C GLU L 80 -28.31 -20.35 -59.54
N LEU L 81 -27.24 -20.47 -58.75
CA LEU L 81 -27.21 -19.85 -57.43
C LEU L 81 -27.41 -18.34 -57.49
N ALA L 82 -26.84 -17.70 -58.51
CA ALA L 82 -26.96 -16.26 -58.68
C ALA L 82 -28.39 -15.91 -59.10
N LYS L 83 -28.99 -16.78 -59.90
CA LYS L 83 -30.35 -16.59 -60.39
C LYS L 83 -31.31 -16.29 -59.24
N HIS L 84 -31.42 -17.23 -58.31
CA HIS L 84 -32.29 -17.09 -57.15
C HIS L 84 -31.97 -15.82 -56.38
N ALA L 85 -30.68 -15.56 -56.18
CA ALA L 85 -30.23 -14.38 -55.45
C ALA L 85 -30.85 -13.13 -56.08
N VAL L 86 -30.91 -13.12 -57.40
CA VAL L 86 -31.48 -11.99 -58.14
C VAL L 86 -32.99 -11.96 -57.92
N SER L 87 -33.58 -13.13 -57.75
CA SER L 87 -35.02 -13.23 -57.53
C SER L 87 -35.40 -12.72 -56.15
N GLU L 88 -34.76 -13.27 -55.12
CA GLU L 88 -35.02 -12.87 -53.74
C GLU L 88 -34.73 -11.39 -53.53
N GLY L 89 -33.66 -10.91 -54.16
CA GLY L 89 -33.28 -9.52 -54.04
C GLY L 89 -34.29 -8.58 -54.68
N THR L 90 -34.67 -8.89 -55.92
CA THR L 90 -35.63 -8.08 -56.65
C THR L 90 -36.97 -8.03 -55.92
N LYS L 91 -37.36 -9.17 -55.35
CA LYS L 91 -38.61 -9.27 -54.61
C LYS L 91 -38.58 -8.40 -53.36
N ALA L 92 -37.48 -8.49 -52.62
CA ALA L 92 -37.31 -7.71 -51.40
C ALA L 92 -37.48 -6.22 -51.67
N VAL L 93 -36.82 -5.74 -52.73
CA VAL L 93 -36.90 -4.33 -53.09
C VAL L 93 -38.32 -3.96 -53.49
N THR L 94 -38.99 -4.86 -54.20
CA THR L 94 -40.36 -4.63 -54.64
C THR L 94 -41.30 -4.50 -53.45
N LYS L 95 -41.21 -5.43 -52.52
CA LYS L 95 -42.06 -5.41 -51.33
C LYS L 95 -41.71 -4.24 -50.42
N TYR L 96 -40.42 -4.00 -50.25
CA TYR L 96 -39.94 -2.90 -49.42
C TYR L 96 -40.58 -1.57 -49.82
N THR L 97 -40.43 -1.22 -51.09
CA THR L 97 -40.98 0.02 -51.61
C THR L 97 -42.49 0.12 -51.39
N SER L 98 -43.16 -1.02 -51.49
CA SER L 98 -44.61 -1.09 -51.30
C SER L 98 -45.01 -0.63 -49.90
N ALA L 99 -44.43 -1.27 -48.89
CA ALA L 99 -44.73 -0.93 -47.49
C ALA L 99 -44.49 0.54 -47.22
N LYS L 100 -45.57 1.25 -46.89
CA LYS L 100 -45.49 2.68 -46.59
C LYS L 100 -46.27 3.01 -45.32
N SER M 20 29.28 -16.11 -71.97
CA SER M 20 30.67 -16.50 -72.36
C SER M 20 31.29 -15.45 -73.26
N GLY M 21 30.56 -15.07 -74.31
CA GLY M 21 31.08 -14.07 -75.23
C GLY M 21 31.18 -12.70 -74.58
N TYR M 22 30.53 -12.54 -73.44
CA TYR M 22 30.54 -11.29 -72.70
C TYR M 22 31.95 -11.01 -72.15
N VAL M 23 32.50 -11.99 -71.45
CA VAL M 23 33.83 -11.86 -70.87
C VAL M 23 34.92 -11.90 -71.94
N GLY M 24 34.64 -12.59 -73.03
CA GLY M 24 35.61 -12.69 -74.10
C GLY M 24 35.95 -11.36 -74.73
N GLY M 25 34.96 -10.47 -74.81
CA GLY M 25 35.18 -9.16 -75.39
C GLY M 25 35.67 -8.12 -74.41
N LEU M 26 36.16 -8.57 -73.26
CA LEU M 26 36.65 -7.66 -72.23
C LEU M 26 38.02 -7.09 -72.59
N PRO M 27 38.22 -5.78 -72.38
CA PRO M 27 39.48 -5.10 -72.68
C PRO M 27 40.68 -5.73 -71.98
N LYS M 28 41.86 -5.51 -72.55
CA LYS M 28 43.09 -6.06 -72.00
C LYS M 28 43.23 -5.69 -70.52
N ASN M 29 42.92 -4.43 -70.20
CA ASN M 29 43.01 -3.95 -68.83
C ASN M 29 42.07 -4.75 -67.93
N VAL M 30 40.78 -4.77 -68.29
CA VAL M 30 39.78 -5.48 -67.53
C VAL M 30 40.20 -6.91 -67.18
N LYS M 31 40.38 -7.73 -68.21
CA LYS M 31 40.78 -9.11 -68.02
C LYS M 31 41.85 -9.27 -66.93
N GLU M 32 42.98 -8.60 -67.11
CA GLU M 32 44.07 -8.66 -66.15
C GLU M 32 43.55 -8.46 -64.73
N LYS M 33 42.62 -7.51 -64.58
CA LYS M 33 42.03 -7.20 -63.28
C LYS M 33 41.36 -8.46 -62.73
N LEU M 34 40.79 -9.26 -63.61
CA LEU M 34 40.12 -10.50 -63.22
C LEU M 34 41.16 -11.58 -62.93
N LEU M 35 42.18 -11.66 -63.79
CA LEU M 35 43.24 -12.64 -63.62
C LEU M 35 43.78 -12.58 -62.20
N SER M 36 44.10 -11.37 -61.74
CA SER M 36 44.62 -11.19 -60.40
C SER M 36 43.65 -11.76 -59.37
N LEU M 37 42.40 -11.34 -59.45
CA LEU M 37 41.38 -11.81 -58.52
C LEU M 37 41.28 -13.33 -58.56
N LYS M 38 41.40 -13.90 -59.76
CA LYS M 38 41.33 -15.35 -59.93
C LYS M 38 42.45 -15.98 -59.10
N THR M 39 43.49 -15.19 -58.83
CA THR M 39 44.62 -15.66 -58.05
C THR M 39 44.32 -15.52 -56.56
N LEU M 40 43.75 -14.37 -56.19
CA LEU M 40 43.39 -14.12 -54.79
C LEU M 40 42.47 -15.22 -54.30
N GLN M 41 41.61 -15.71 -55.20
CA GLN M 41 40.68 -16.78 -54.84
C GLN M 41 41.48 -18.05 -54.57
N SER M 42 42.57 -18.22 -55.31
CA SER M 42 43.42 -19.39 -55.13
C SER M 42 44.02 -19.33 -53.73
N GLU M 43 44.43 -18.12 -53.33
CA GLU M 43 44.99 -17.92 -52.00
C GLU M 43 43.87 -18.10 -50.99
N LEU M 44 42.64 -17.85 -51.44
CA LEU M 44 41.46 -17.99 -50.61
C LEU M 44 41.20 -19.48 -50.43
N PHE M 45 41.47 -20.25 -51.50
CA PHE M 45 41.29 -21.69 -51.46
C PHE M 45 42.24 -22.26 -50.41
N GLU M 46 43.44 -21.70 -50.38
CA GLU M 46 44.49 -22.13 -49.46
C GLU M 46 44.01 -22.10 -48.01
N VAL M 47 43.50 -20.96 -47.57
CA VAL M 47 43.02 -20.81 -46.20
C VAL M 47 41.80 -21.69 -45.92
N GLU M 48 40.89 -21.77 -46.87
CA GLU M 48 39.69 -22.60 -46.71
C GLU M 48 40.12 -24.03 -46.47
N LYS M 49 41.25 -24.41 -47.06
CA LYS M 49 41.80 -25.75 -46.91
C LYS M 49 42.09 -26.02 -45.44
N GLU M 50 42.81 -25.09 -44.81
CA GLU M 50 43.17 -25.22 -43.41
C GLU M 50 41.91 -25.16 -42.54
N PHE M 51 40.90 -24.44 -43.03
CA PHE M 51 39.64 -24.32 -42.31
C PHE M 51 39.02 -25.70 -42.10
N GLN M 52 38.91 -26.45 -43.20
CA GLN M 52 38.35 -27.80 -43.15
C GLN M 52 39.18 -28.69 -42.24
N VAL M 53 40.48 -28.44 -42.21
CA VAL M 53 41.38 -29.22 -41.37
C VAL M 53 40.97 -29.12 -39.91
N GLU M 54 41.09 -27.91 -39.35
CA GLU M 54 40.71 -27.69 -37.96
C GLU M 54 39.23 -28.02 -37.78
N MET M 55 38.45 -27.82 -38.83
CA MET M 55 37.02 -28.10 -38.80
C MET M 55 36.81 -29.60 -38.58
N PHE M 56 37.65 -30.40 -39.22
CA PHE M 56 37.58 -31.85 -39.11
C PHE M 56 38.02 -32.29 -37.72
N GLU M 57 39.21 -31.87 -37.33
CA GLU M 57 39.77 -32.21 -36.03
C GLU M 57 38.85 -31.81 -34.87
N LEU M 58 38.34 -30.59 -34.91
CA LEU M 58 37.45 -30.11 -33.86
C LEU M 58 36.23 -31.01 -33.76
N GLU M 59 35.62 -31.28 -34.92
CA GLU M 59 34.43 -32.13 -34.98
C GLU M 59 34.76 -33.53 -34.46
N ASN M 60 36.03 -33.92 -34.58
CA ASN M 60 36.48 -35.22 -34.12
C ASN M 60 36.65 -35.19 -32.60
N LYS M 61 37.18 -34.08 -32.10
CA LYS M 61 37.40 -33.88 -30.68
C LYS M 61 36.13 -34.15 -29.88
N PHE M 62 35.04 -33.49 -30.28
CA PHE M 62 33.76 -33.64 -29.60
C PHE M 62 33.14 -35.03 -29.73
N LEU M 63 33.47 -35.74 -30.82
CA LEU M 63 32.93 -37.08 -31.00
C LEU M 63 33.39 -37.94 -29.83
N GLN M 64 34.61 -37.67 -29.36
CA GLN M 64 35.19 -38.41 -28.25
C GLN M 64 34.39 -38.14 -26.98
N LYS M 65 33.57 -37.09 -27.01
CA LYS M 65 32.74 -36.73 -25.87
C LYS M 65 31.34 -37.31 -26.04
N TYR M 66 30.93 -37.49 -27.28
CA TYR M 66 29.61 -38.04 -27.57
C TYR M 66 29.57 -39.53 -27.25
N LYS M 67 30.66 -40.22 -27.58
CA LYS M 67 30.76 -41.66 -27.34
C LYS M 67 30.46 -42.04 -25.88
N PRO M 68 31.13 -41.39 -24.92
CA PRO M 68 30.89 -41.70 -23.50
C PRO M 68 29.41 -41.81 -23.15
N ILE M 69 28.58 -41.05 -23.87
CA ILE M 69 27.14 -41.06 -23.65
C ILE M 69 26.49 -42.20 -24.41
N TRP M 70 26.89 -42.39 -25.66
CA TRP M 70 26.33 -43.46 -26.48
C TRP M 70 26.75 -44.81 -25.93
N GLU M 71 28.03 -44.93 -25.56
CA GLU M 71 28.55 -46.17 -25.00
C GLU M 71 27.80 -46.44 -23.70
N GLN M 72 27.29 -45.37 -23.10
CA GLN M 72 26.55 -45.47 -21.85
C GLN M 72 25.14 -45.99 -22.09
N ARG M 73 24.48 -45.44 -23.11
CA ARG M 73 23.12 -45.84 -23.45
C ARG M 73 23.09 -47.25 -24.01
N SER M 74 24.11 -47.60 -24.79
CA SER M 74 24.20 -48.92 -25.39
C SER M 74 23.96 -50.01 -24.34
N ARG M 75 24.60 -49.86 -23.19
CA ARG M 75 24.46 -50.83 -22.10
C ARG M 75 23.04 -50.78 -21.56
N ILE M 76 22.49 -49.57 -21.44
CA ILE M 76 21.13 -49.40 -20.94
C ILE M 76 20.15 -50.05 -21.91
N ILE M 77 20.58 -50.19 -23.16
CA ILE M 77 19.76 -50.79 -24.20
C ILE M 77 19.94 -52.30 -24.22
N SER M 78 21.15 -52.75 -23.85
CA SER M 78 21.46 -54.17 -23.82
C SER M 78 21.14 -54.76 -22.45
N GLY M 79 20.52 -53.95 -21.60
CA GLY M 79 20.18 -54.41 -20.27
C GLY M 79 21.47 -54.67 -19.51
N GLN M 80 22.58 -54.32 -20.14
CA GLN M 80 23.90 -54.50 -19.56
C GLN M 80 23.97 -53.76 -18.23
N GLU M 81 23.55 -52.51 -18.23
CA GLU M 81 23.55 -51.70 -17.01
C GLU M 81 22.14 -51.18 -16.79
N GLN M 82 21.74 -51.04 -15.54
CA GLN M 82 20.39 -50.56 -15.22
C GLN M 82 20.32 -49.08 -14.87
N PRO M 83 19.21 -48.42 -15.25
CA PRO M 83 18.97 -47.00 -15.00
C PRO M 83 18.98 -46.66 -13.52
N LYS M 84 19.35 -45.42 -13.21
CA LYS M 84 19.39 -44.96 -11.83
C LYS M 84 18.13 -44.16 -11.55
N PRO M 85 17.54 -44.32 -10.35
CA PRO M 85 16.32 -43.58 -10.01
C PRO M 85 16.46 -42.09 -10.32
N GLU M 86 17.70 -41.61 -10.32
CA GLU M 86 17.99 -40.21 -10.61
C GLU M 86 17.62 -39.90 -12.06
N GLN M 87 18.05 -40.78 -12.96
CA GLN M 87 17.79 -40.62 -14.38
C GLN M 87 16.31 -40.82 -14.68
N ILE M 88 15.72 -41.82 -14.04
CA ILE M 88 14.29 -42.13 -14.25
C ILE M 88 13.44 -40.89 -13.98
N ALA M 89 13.52 -40.37 -12.77
CA ALA M 89 12.76 -39.18 -12.40
C ALA M 89 13.13 -38.01 -13.30
N LYS M 90 14.42 -37.77 -13.44
CA LYS M 90 14.91 -36.68 -14.27
C LYS M 90 14.35 -36.80 -15.69
N GLY M 91 14.09 -38.04 -16.10
CA GLY M 91 13.56 -38.27 -17.43
C GLY M 91 12.12 -37.81 -17.55
N GLN M 92 11.28 -38.18 -16.59
CA GLN M 92 9.88 -37.81 -16.60
C GLN M 92 9.74 -36.30 -16.64
N GLU M 93 10.61 -35.61 -15.92
CA GLU M 93 10.59 -34.15 -15.87
C GLU M 93 10.90 -33.60 -17.26
N ILE M 94 11.50 -34.44 -18.09
CA ILE M 94 11.85 -34.06 -19.46
C ILE M 94 10.70 -34.43 -20.40
N VAL M 95 10.14 -35.62 -20.20
CA VAL M 95 9.04 -36.10 -21.02
C VAL M 95 7.86 -35.13 -20.89
N GLU M 96 7.62 -34.66 -19.68
CA GLU M 96 6.54 -33.74 -19.41
C GLU M 96 6.88 -32.35 -19.95
N SER M 97 8.16 -31.98 -19.86
CA SER M 97 8.63 -30.70 -20.34
C SER M 97 8.49 -30.60 -21.86
N LEU M 98 8.60 -31.75 -22.53
CA LEU M 98 8.48 -31.79 -23.99
C LEU M 98 7.07 -32.19 -24.38
N ASN M 99 6.25 -32.51 -23.40
CA ASN M 99 4.86 -32.90 -23.62
C ASN M 99 4.73 -34.14 -24.50
N GLU M 100 5.33 -35.24 -24.06
CA GLU M 100 5.25 -36.49 -24.81
C GLU M 100 4.25 -37.43 -24.13
N THR M 101 4.38 -37.56 -22.82
CA THR M 101 3.48 -38.40 -22.02
C THR M 101 3.61 -39.88 -22.35
N GLU M 102 3.88 -40.18 -23.62
CA GLU M 102 4.02 -41.57 -24.07
C GLU M 102 5.04 -42.34 -23.24
N LEU M 103 5.94 -41.61 -22.57
CA LEU M 103 6.97 -42.24 -21.76
C LEU M 103 6.63 -42.21 -20.27
N LEU M 104 5.37 -41.96 -19.96
CA LEU M 104 4.93 -41.91 -18.57
C LEU M 104 4.40 -43.27 -18.11
N VAL M 105 4.87 -43.71 -16.94
CA VAL M 105 4.46 -44.99 -16.38
C VAL M 105 3.24 -44.79 -15.48
N ASP M 106 2.50 -45.87 -15.22
CA ASP M 106 1.33 -45.81 -14.38
C ASP M 106 1.70 -45.83 -12.90
N GLU M 107 0.76 -45.45 -12.06
CA GLU M 107 0.96 -45.43 -10.61
C GLU M 107 0.89 -46.83 -10.03
N GLU M 108 2.05 -47.41 -9.73
CA GLU M 108 2.10 -48.76 -9.16
C GLU M 108 3.54 -49.14 -8.87
N GLU M 109 3.79 -49.57 -7.63
CA GLU M 109 5.12 -49.97 -7.19
C GLU M 109 5.92 -50.65 -8.29
N GLN M 119 10.73 -57.55 -16.48
CA GLN M 119 10.15 -58.35 -17.56
C GLN M 119 11.22 -58.82 -18.54
N VAL M 120 11.61 -57.93 -19.44
CA VAL M 120 12.62 -58.24 -20.45
C VAL M 120 14.02 -57.77 -20.04
N LYS M 121 14.98 -58.00 -20.93
CA LYS M 121 16.36 -57.60 -20.68
C LYS M 121 16.80 -56.45 -21.58
N GLY M 122 16.81 -55.25 -21.01
CA GLY M 122 17.22 -54.08 -21.76
C GLY M 122 16.40 -53.79 -23.00
N ILE M 123 15.38 -52.96 -22.84
CA ILE M 123 14.48 -52.55 -23.92
C ILE M 123 14.56 -53.38 -25.20
N PRO M 124 13.53 -54.20 -25.47
CA PRO M 124 13.46 -55.06 -26.66
C PRO M 124 13.50 -54.27 -27.97
N SER M 125 14.03 -54.90 -29.01
CA SER M 125 14.13 -54.30 -30.33
C SER M 125 14.23 -52.78 -30.32
N PHE M 126 15.35 -52.27 -29.80
CA PHE M 126 15.56 -50.83 -29.73
C PHE M 126 15.89 -50.25 -31.10
N TRP M 127 17.14 -50.46 -31.54
CA TRP M 127 17.60 -49.96 -32.82
C TRP M 127 16.71 -50.37 -33.98
N LEU M 128 16.15 -51.58 -33.90
CA LEU M 128 15.27 -52.07 -34.95
C LEU M 128 14.12 -51.08 -35.11
N THR M 129 13.39 -50.86 -34.01
CA THR M 129 12.26 -49.94 -34.02
C THR M 129 12.71 -48.54 -34.43
N ALA M 130 13.94 -48.18 -34.05
CA ALA M 130 14.49 -46.88 -34.39
C ALA M 130 14.59 -46.70 -35.90
N LEU M 131 15.31 -47.61 -36.54
CA LEU M 131 15.48 -47.57 -37.99
C LEU M 131 14.13 -47.67 -38.70
N GLU M 132 13.15 -48.23 -38.01
CA GLU M 132 11.80 -48.39 -38.56
C GLU M 132 11.15 -47.04 -38.83
N ASN M 133 11.70 -45.99 -38.24
CA ASN M 133 11.14 -44.65 -38.41
C ASN M 133 11.99 -43.73 -39.29
N LEU M 134 13.31 -43.83 -39.17
CA LEU M 134 14.21 -42.99 -39.96
C LEU M 134 13.78 -42.94 -41.42
N PRO M 135 13.33 -41.76 -41.89
CA PRO M 135 12.87 -41.49 -43.25
C PRO M 135 13.56 -42.27 -44.38
N ILE M 136 14.81 -41.92 -44.66
CA ILE M 136 15.56 -42.57 -45.72
C ILE M 136 15.72 -44.08 -45.51
N VAL M 137 16.34 -44.45 -44.40
CA VAL M 137 16.59 -45.85 -44.07
C VAL M 137 15.36 -46.75 -43.93
N CYS M 138 14.42 -46.34 -43.07
CA CYS M 138 13.21 -47.13 -42.82
C CYS M 138 12.69 -47.88 -44.05
N ASP M 139 12.73 -47.23 -45.21
CA ASP M 139 12.26 -47.85 -46.44
C ASP M 139 13.37 -48.62 -47.15
N THR M 140 14.06 -49.46 -46.39
CA THR M 140 15.15 -50.28 -46.92
C THR M 140 15.08 -51.65 -46.25
N ILE M 141 14.71 -51.64 -44.98
CA ILE M 141 14.60 -52.88 -44.22
C ILE M 141 13.40 -53.69 -44.69
N THR M 142 13.55 -55.01 -44.68
CA THR M 142 12.47 -55.90 -45.09
C THR M 142 12.16 -56.89 -43.97
N ASP M 143 11.02 -57.56 -44.08
CA ASP M 143 10.60 -58.52 -43.07
C ASP M 143 11.67 -59.55 -42.72
N ARG M 144 12.52 -59.90 -43.69
CA ARG M 144 13.57 -60.88 -43.44
C ARG M 144 14.82 -60.22 -42.86
N ASP M 145 14.87 -58.89 -42.93
CA ASP M 145 15.99 -58.14 -42.38
C ASP M 145 15.71 -57.72 -40.95
N ALA M 146 14.43 -57.55 -40.64
CA ALA M 146 14.00 -57.15 -39.31
C ALA M 146 14.46 -58.17 -38.26
N GLU M 147 14.32 -59.45 -38.60
CA GLU M 147 14.70 -60.53 -37.71
C GLU M 147 16.19 -60.45 -37.37
N VAL M 148 16.99 -59.98 -38.32
CA VAL M 148 18.42 -59.86 -38.11
C VAL M 148 18.75 -58.65 -37.25
N LEU M 149 18.23 -57.49 -37.64
CA LEU M 149 18.46 -56.26 -36.90
C LEU M 149 17.96 -56.40 -35.47
N GLU M 150 17.19 -57.46 -35.23
CA GLU M 150 16.63 -57.73 -33.91
C GLU M 150 17.77 -58.01 -32.93
N TYR M 151 18.95 -58.31 -33.47
CA TYR M 151 20.11 -58.61 -32.66
C TYR M 151 21.16 -57.50 -32.66
N LEU M 152 20.76 -56.31 -33.12
CA LEU M 152 21.67 -55.18 -33.16
C LEU M 152 21.68 -54.51 -31.79
N GLN M 153 22.87 -54.37 -31.21
CA GLN M 153 23.00 -53.77 -29.88
C GLN M 153 23.36 -52.29 -29.89
N ASP M 154 24.11 -51.85 -30.89
CA ASP M 154 24.50 -50.44 -30.97
C ASP M 154 25.09 -50.04 -32.31
N ILE M 155 25.02 -48.76 -32.61
CA ILE M 155 25.55 -48.21 -33.86
C ILE M 155 26.55 -47.11 -33.54
N GLY M 156 27.83 -47.40 -33.68
CA GLY M 156 28.87 -46.42 -33.38
C GLY M 156 29.20 -45.47 -34.52
N LEU M 157 30.16 -44.60 -34.27
CA LEU M 157 30.60 -43.62 -35.26
C LEU M 157 32.02 -43.18 -34.90
N GLU M 158 32.91 -43.17 -35.89
CA GLU M 158 34.29 -42.78 -35.68
C GLU M 158 34.92 -42.15 -36.91
N TYR M 159 35.69 -41.08 -36.70
CA TYR M 159 36.37 -40.40 -37.79
C TYR M 159 37.72 -41.09 -38.01
N LEU M 160 38.02 -41.42 -39.26
CA LEU M 160 39.27 -42.09 -39.60
C LEU M 160 40.47 -41.52 -38.85
N THR M 161 40.48 -40.20 -38.67
CA THR M 161 41.57 -39.53 -37.97
C THR M 161 42.90 -39.57 -38.71
N ASP M 162 43.35 -40.78 -39.03
CA ASP M 162 44.62 -40.97 -39.72
C ASP M 162 44.54 -40.55 -41.19
N GLY M 163 45.22 -41.30 -42.06
CA GLY M 163 45.21 -40.98 -43.48
C GLY M 163 43.83 -41.00 -44.10
N ARG M 164 43.63 -40.17 -45.12
CA ARG M 164 42.36 -40.09 -45.81
C ARG M 164 41.21 -39.76 -44.87
N PRO M 165 40.77 -38.48 -44.86
CA PRO M 165 39.67 -38.05 -44.00
C PRO M 165 38.38 -38.83 -44.27
N GLY M 166 37.54 -38.96 -43.26
CA GLY M 166 36.29 -39.68 -43.42
C GLY M 166 35.78 -40.27 -42.12
N PHE M 167 34.55 -40.76 -42.14
CA PHE M 167 33.94 -41.36 -40.95
C PHE M 167 33.55 -42.81 -41.22
N LYS M 168 33.50 -43.61 -40.17
CA LYS M 168 33.14 -45.01 -40.29
C LYS M 168 32.08 -45.41 -39.27
N LEU M 169 30.99 -45.99 -39.77
CA LEU M 169 29.89 -46.44 -38.91
C LEU M 169 30.10 -47.89 -38.50
N LEU M 170 29.94 -48.17 -37.21
CA LEU M 170 30.13 -49.52 -36.70
C LEU M 170 28.84 -50.12 -36.15
N PHE M 171 28.54 -51.34 -36.56
CA PHE M 171 27.35 -52.04 -36.11
C PHE M 171 27.79 -53.24 -35.27
N ARG M 172 27.34 -53.27 -34.01
CA ARG M 172 27.72 -54.35 -33.10
C ARG M 172 26.54 -55.28 -32.78
N PHE M 173 26.60 -56.49 -33.32
CA PHE M 173 25.56 -57.48 -33.08
C PHE M 173 26.00 -58.46 -32.01
N ASP M 174 25.03 -59.09 -31.35
CA ASP M 174 25.32 -60.06 -30.30
C ASP M 174 25.76 -61.38 -30.95
N SER M 175 27.08 -61.59 -31.01
CA SER M 175 27.65 -62.79 -31.61
C SER M 175 27.17 -64.09 -30.97
N SER M 176 26.85 -64.04 -29.69
CA SER M 176 26.39 -65.23 -28.97
C SER M 176 24.90 -65.48 -29.14
N ALA M 177 24.22 -64.59 -29.86
CA ALA M 177 22.79 -64.72 -30.08
C ALA M 177 22.44 -64.70 -31.57
N ASN M 178 23.11 -63.84 -32.32
CA ASN M 178 22.87 -63.69 -33.75
C ASN M 178 23.06 -65.01 -34.50
N PRO M 179 21.95 -65.59 -35.01
CA PRO M 179 21.99 -66.86 -35.75
C PRO M 179 22.37 -66.69 -37.21
N PHE M 180 22.28 -65.47 -37.71
CA PHE M 180 22.59 -65.18 -39.11
C PHE M 180 24.07 -65.16 -39.44
N PHE M 181 24.85 -64.33 -38.74
CA PHE M 181 26.28 -64.24 -38.99
C PHE M 181 27.11 -64.25 -37.71
N THR M 182 28.37 -64.68 -37.84
CA THR M 182 29.28 -64.75 -36.71
C THR M 182 29.96 -63.40 -36.45
N ASN M 183 29.75 -62.45 -37.34
CA ASN M 183 30.35 -61.13 -37.20
C ASN M 183 29.87 -60.43 -35.93
N ASP M 184 30.79 -59.79 -35.24
CA ASP M 184 30.48 -59.06 -34.01
C ASP M 184 30.30 -57.58 -34.32
N ILE M 185 31.06 -57.10 -35.29
CA ILE M 185 31.00 -55.70 -35.70
C ILE M 185 31.04 -55.54 -37.21
N LEU M 186 29.93 -55.06 -37.78
CA LEU M 186 29.84 -54.84 -39.22
C LEU M 186 30.11 -53.36 -39.48
N CYS M 187 31.23 -53.06 -40.11
CA CYS M 187 31.60 -51.69 -40.39
C CYS M 187 31.27 -51.14 -41.77
N LYS M 188 31.40 -49.82 -41.90
CA LYS M 188 31.14 -49.09 -43.14
C LYS M 188 31.93 -47.79 -43.08
N THR M 189 32.73 -47.53 -44.11
CA THR M 189 33.55 -46.32 -44.14
C THR M 189 33.30 -45.43 -45.35
N TYR M 190 33.27 -44.12 -45.12
CA TYR M 190 33.08 -43.13 -46.17
C TYR M 190 34.35 -42.28 -46.26
N PHE M 191 35.06 -42.42 -47.37
CA PHE M 191 36.31 -41.68 -47.58
C PHE M 191 36.10 -40.35 -48.31
N TYR M 192 36.59 -39.28 -47.70
CA TYR M 192 36.49 -37.95 -48.29
C TYR M 192 37.75 -37.70 -49.10
N GLN M 193 37.60 -37.56 -50.41
CA GLN M 193 38.75 -37.32 -51.29
C GLN M 193 39.58 -36.13 -50.79
N LYS M 194 40.87 -36.37 -50.58
CA LYS M 194 41.80 -35.35 -50.09
C LYS M 194 41.57 -33.98 -50.73
N GLU M 195 41.36 -33.96 -52.05
CA GLU M 195 41.14 -32.72 -52.77
C GLU M 195 39.86 -32.04 -52.30
N LEU M 196 40.01 -30.86 -51.69
CA LEU M 196 38.87 -30.12 -51.19
C LEU M 196 37.96 -29.69 -52.34
N GLY M 197 36.65 -29.71 -52.10
CA GLY M 197 35.70 -29.34 -53.13
C GLY M 197 35.75 -27.87 -53.49
N TYR M 198 35.10 -27.52 -54.60
CA TYR M 198 35.05 -26.15 -55.08
C TYR M 198 34.42 -25.23 -54.06
N SER M 199 33.34 -25.69 -53.43
CA SER M 199 32.64 -24.90 -52.43
C SER M 199 33.53 -24.66 -51.22
N GLY M 200 34.60 -25.44 -51.11
CA GLY M 200 35.52 -25.29 -50.00
C GLY M 200 35.34 -26.36 -48.92
N ASP M 201 34.46 -27.31 -49.18
CA ASP M 201 34.20 -28.38 -48.22
C ASP M 201 34.58 -29.76 -48.76
N PHE M 202 34.44 -30.77 -47.91
CA PHE M 202 34.77 -32.14 -48.28
C PHE M 202 33.78 -32.77 -49.26
N ILE M 203 34.30 -33.63 -50.13
CA ILE M 203 33.49 -34.32 -51.12
C ILE M 203 33.79 -35.82 -51.05
N TYR M 204 32.76 -36.64 -51.15
CA TYR M 204 32.90 -38.09 -51.09
C TYR M 204 33.86 -38.62 -52.16
N ASP M 205 34.36 -39.83 -51.93
CA ASP M 205 35.28 -40.47 -52.86
C ASP M 205 34.70 -41.83 -53.23
N HIS M 206 34.35 -42.62 -52.21
CA HIS M 206 33.77 -43.94 -52.40
C HIS M 206 33.52 -44.58 -51.05
N ALA M 207 32.56 -45.50 -51.00
CA ALA M 207 32.23 -46.20 -49.76
C ALA M 207 32.87 -47.58 -49.73
N GLU M 208 33.44 -47.95 -48.59
CA GLU M 208 34.08 -49.25 -48.44
C GLU M 208 33.40 -50.04 -47.32
N GLY M 209 32.48 -50.91 -47.72
CA GLY M 209 31.76 -51.71 -46.75
C GLY M 209 32.57 -52.83 -46.12
N CYS M 210 32.00 -53.45 -45.10
CA CYS M 210 32.65 -54.55 -44.40
C CYS M 210 31.85 -55.83 -44.57
N GLU M 211 32.17 -56.59 -45.61
CA GLU M 211 31.49 -57.84 -45.95
C GLU M 211 31.08 -58.66 -44.73
N ILE M 212 29.92 -59.31 -44.83
CA ILE M 212 29.37 -60.13 -43.77
C ILE M 212 29.67 -61.61 -44.00
N SER M 213 29.61 -62.40 -42.94
CA SER M 213 29.87 -63.83 -43.02
C SER M 213 28.66 -64.59 -42.47
N TRP M 214 27.67 -64.83 -43.32
CA TRP M 214 26.48 -65.54 -42.90
C TRP M 214 26.79 -66.98 -42.51
N LYS M 215 26.04 -67.50 -41.55
CA LYS M 215 26.22 -68.86 -41.06
C LYS M 215 25.39 -69.88 -41.83
N ASP M 216 24.65 -69.40 -42.83
CA ASP M 216 23.82 -70.28 -43.65
C ASP M 216 23.19 -69.49 -44.80
N ASN M 217 23.20 -70.08 -46.00
CA ASN M 217 22.63 -69.44 -47.17
C ASN M 217 21.15 -69.12 -46.96
N ALA M 218 20.54 -69.81 -46.02
CA ALA M 218 19.13 -69.60 -45.71
C ALA M 218 18.99 -68.34 -44.86
N HIS M 219 19.90 -68.18 -43.91
CA HIS M 219 19.91 -67.02 -43.03
C HIS M 219 20.75 -65.92 -43.67
N ASN M 220 20.93 -66.00 -44.98
CA ASN M 220 21.71 -65.03 -45.74
C ASN M 220 21.03 -63.67 -45.81
N VAL M 221 19.84 -63.62 -46.40
CA VAL M 221 19.08 -62.39 -46.53
C VAL M 221 19.55 -61.50 -47.69
N THR M 222 20.85 -61.23 -47.74
CA THR M 222 21.40 -60.40 -48.80
C THR M 222 21.25 -61.07 -50.17
N PRO M 246 20.93 -62.80 -55.71
CA PRO M 246 21.01 -61.52 -55.00
C PRO M 246 19.67 -60.79 -55.00
N ILE M 247 19.14 -60.55 -53.80
CA ILE M 247 17.87 -59.86 -53.65
C ILE M 247 18.05 -58.50 -53.00
N GLU M 248 16.95 -57.77 -52.84
CA GLU M 248 17.00 -56.44 -52.24
C GLU M 248 16.97 -56.55 -50.71
N SER M 249 18.12 -56.31 -50.09
CA SER M 249 18.23 -56.40 -48.64
C SER M 249 18.90 -55.15 -48.06
N PHE M 250 18.71 -54.95 -46.76
CA PHE M 250 19.29 -53.80 -46.06
C PHE M 250 20.79 -53.95 -45.91
N PHE M 251 21.24 -55.14 -45.56
CA PHE M 251 22.65 -55.41 -45.36
C PHE M 251 23.51 -55.22 -46.61
N ASN M 252 22.88 -54.93 -47.74
CA ASN M 252 23.62 -54.70 -48.96
C ASN M 252 24.36 -53.37 -48.77
N PHE M 253 24.04 -52.72 -47.66
CA PHE M 253 24.65 -51.45 -47.29
C PHE M 253 26.13 -51.64 -47.01
N PHE M 254 26.50 -52.88 -46.67
CA PHE M 254 27.90 -53.19 -46.36
C PHE M 254 28.64 -53.69 -47.60
N ASP M 255 28.00 -53.52 -48.75
CA ASP M 255 28.59 -53.91 -50.04
C ASP M 255 28.36 -52.75 -51.00
N PRO M 256 28.93 -51.57 -50.68
CA PRO M 256 28.82 -50.34 -51.48
C PRO M 256 29.13 -50.49 -52.96
N PRO M 257 28.44 -49.72 -53.82
CA PRO M 257 28.65 -49.77 -55.26
C PRO M 257 30.08 -49.34 -55.58
N LYS M 258 30.75 -50.10 -56.44
CA LYS M 258 32.12 -49.79 -56.81
C LYS M 258 32.21 -48.97 -58.09
N ILE M 259 33.11 -47.99 -58.10
CA ILE M 259 33.30 -47.14 -59.26
C ILE M 259 33.90 -47.99 -60.38
N GLN M 260 33.03 -48.66 -61.14
CA GLN M 260 33.44 -49.52 -62.24
C GLN M 260 34.71 -49.05 -62.93
N ASN M 261 34.54 -48.43 -64.09
CA ASN M 261 35.66 -47.92 -64.89
C ASN M 261 35.15 -46.96 -65.95
N GLU M 262 36.06 -46.44 -66.76
CA GLU M 262 35.71 -45.50 -67.81
C GLU M 262 35.40 -46.25 -69.11
N ASP M 263 34.78 -47.42 -68.97
CA ASP M 263 34.42 -48.24 -70.13
C ASP M 263 33.18 -47.68 -70.81
N GLN M 264 32.50 -46.76 -70.12
CA GLN M 264 31.30 -46.12 -70.65
C GLN M 264 30.12 -47.08 -70.78
N ASP M 265 28.94 -46.62 -70.37
CA ASP M 265 27.73 -47.42 -70.44
C ASP M 265 26.51 -46.50 -70.55
N GLU M 266 25.32 -47.09 -70.49
CA GLU M 266 24.09 -46.31 -70.58
C GLU M 266 23.05 -46.83 -69.60
N GLU M 267 22.42 -45.92 -68.87
CA GLU M 267 21.41 -46.26 -67.87
C GLU M 267 22.02 -47.04 -66.71
N LEU M 268 23.23 -47.55 -66.92
CA LEU M 268 23.93 -48.30 -65.89
C LEU M 268 24.91 -47.39 -65.18
N GLU M 269 25.02 -46.15 -65.67
CA GLU M 269 25.91 -45.16 -65.08
C GLU M 269 25.04 -44.20 -64.28
N GLU M 270 23.75 -44.20 -64.58
CA GLU M 270 22.78 -43.35 -63.90
C GLU M 270 22.16 -44.16 -62.76
N ASP M 271 21.87 -45.43 -63.04
CA ASP M 271 21.28 -46.32 -62.06
C ASP M 271 22.27 -46.57 -60.93
N LEU M 272 23.52 -46.86 -61.29
CA LEU M 272 24.56 -47.10 -60.30
C LEU M 272 25.10 -45.79 -59.75
N GLU M 273 24.34 -44.72 -59.96
CA GLU M 273 24.69 -43.39 -59.48
C GLU M 273 23.67 -43.03 -58.42
N GLU M 274 22.41 -43.31 -58.71
CA GLU M 274 21.32 -43.04 -57.78
C GLU M 274 21.50 -43.94 -56.57
N ARG M 275 22.22 -45.03 -56.78
CA ARG M 275 22.49 -45.99 -55.71
C ARG M 275 23.59 -45.44 -54.81
N LEU M 276 24.60 -44.83 -55.42
CA LEU M 276 25.71 -44.23 -54.66
C LEU M 276 25.15 -43.11 -53.80
N ALA M 277 24.30 -42.29 -54.41
CA ALA M 277 23.67 -41.17 -53.71
C ALA M 277 22.89 -41.71 -52.52
N LEU M 278 22.18 -42.81 -52.73
CA LEU M 278 21.39 -43.44 -51.68
C LEU M 278 22.32 -43.96 -50.59
N ASP M 279 23.45 -44.54 -51.02
CA ASP M 279 24.43 -45.08 -50.09
C ASP M 279 24.95 -43.96 -49.19
N TYR M 280 25.44 -42.89 -49.80
CA TYR M 280 25.95 -41.75 -49.06
C TYR M 280 24.83 -41.13 -48.24
N SER M 281 23.64 -41.09 -48.83
CA SER M 281 22.47 -40.52 -48.16
C SER M 281 22.20 -41.27 -46.87
N ILE M 282 22.08 -42.59 -46.96
CA ILE M 282 21.82 -43.41 -45.78
C ILE M 282 22.90 -43.14 -44.73
N GLY M 283 24.16 -43.13 -45.17
CA GLY M 283 25.25 -42.87 -44.25
C GLY M 283 25.02 -41.57 -43.49
N GLU M 284 24.53 -40.57 -44.20
CA GLU M 284 24.25 -39.26 -43.60
C GLU M 284 23.23 -39.40 -42.49
N GLN M 285 22.10 -40.04 -42.80
CA GLN M 285 21.03 -40.26 -41.84
C GLN M 285 21.52 -40.80 -40.50
N LEU M 286 22.14 -41.99 -40.54
CA LEU M 286 22.65 -42.62 -39.33
C LEU M 286 23.62 -41.72 -38.55
N LYS M 287 24.57 -41.13 -39.27
CA LYS M 287 25.56 -40.26 -38.65
C LYS M 287 25.01 -39.00 -38.00
N ASP M 288 24.40 -38.13 -38.81
CA ASP M 288 23.86 -36.87 -38.31
C ASP M 288 22.49 -36.90 -37.66
N LYS M 289 21.82 -38.05 -37.67
CA LYS M 289 20.50 -38.13 -37.06
C LYS M 289 20.28 -39.33 -36.14
N LEU M 290 20.08 -40.50 -36.74
CA LEU M 290 19.84 -41.73 -35.99
C LEU M 290 20.67 -41.85 -34.71
N ILE M 291 21.99 -41.80 -34.84
CA ILE M 291 22.88 -41.91 -33.69
C ILE M 291 22.72 -40.77 -32.68
N PRO M 292 22.83 -39.51 -33.14
CA PRO M 292 22.70 -38.36 -32.24
C PRO M 292 21.39 -38.29 -31.46
N ARG M 293 20.32 -38.84 -32.02
CA ARG M 293 19.03 -38.82 -31.35
C ARG M 293 18.32 -40.17 -31.39
N ALA M 294 19.09 -41.24 -31.22
CA ALA M 294 18.53 -42.60 -31.23
C ALA M 294 17.34 -42.75 -30.30
N VAL M 295 17.47 -42.20 -29.09
CA VAL M 295 16.42 -42.27 -28.09
C VAL M 295 15.06 -41.88 -28.66
N ASP M 296 14.96 -40.67 -29.18
CA ASP M 296 13.71 -40.18 -29.76
C ASP M 296 13.33 -40.89 -31.05
N TRP M 297 14.34 -41.33 -31.80
CA TRP M 297 14.08 -42.04 -33.06
C TRP M 297 13.37 -43.36 -32.77
N PHE M 298 13.53 -43.86 -31.55
CA PHE M 298 12.90 -45.12 -31.16
C PHE M 298 11.45 -44.86 -30.74
N THR M 299 11.23 -43.73 -30.07
CA THR M 299 9.90 -43.36 -29.62
C THR M 299 9.07 -42.82 -30.79
N GLY M 300 9.71 -42.01 -31.63
CA GLY M 300 9.02 -41.45 -32.78
C GLY M 300 8.92 -39.93 -32.69
N ALA M 301 9.53 -39.36 -31.66
CA ALA M 301 9.51 -37.92 -31.46
C ALA M 301 10.32 -37.19 -32.53
N ALA M 302 11.49 -37.73 -32.84
CA ALA M 302 12.37 -37.15 -33.84
C ALA M 302 11.64 -36.92 -35.16
N LEU M 303 10.63 -37.73 -35.43
CA LEU M 303 9.85 -37.62 -36.66
C LEU M 303 9.31 -36.21 -36.83
N GLY N 21 0.43 -43.74 -29.28
CA GLY N 21 -0.26 -44.68 -28.35
C GLY N 21 0.41 -46.04 -28.31
N TYR N 22 1.35 -46.27 -29.21
CA TYR N 22 2.06 -47.54 -29.27
C TYR N 22 3.15 -47.62 -28.20
N VAL N 23 3.01 -46.79 -27.16
CA VAL N 23 3.97 -46.77 -26.06
C VAL N 23 3.28 -46.35 -24.76
N GLY N 24 2.26 -45.51 -24.87
CA GLY N 24 1.53 -45.04 -23.71
C GLY N 24 1.16 -46.14 -22.74
N GLY N 25 0.34 -47.08 -23.19
CA GLY N 25 -0.08 -48.18 -22.34
C GLY N 25 0.64 -49.47 -22.66
N LEU N 26 1.89 -49.56 -22.21
CA LEU N 26 2.71 -50.75 -22.45
C LEU N 26 3.52 -51.11 -21.21
N PRO N 27 4.48 -52.04 -21.30
CA PRO N 27 5.27 -52.40 -20.12
C PRO N 27 5.86 -51.21 -19.36
N LYS N 28 6.15 -51.43 -18.08
CA LYS N 28 6.71 -50.39 -17.21
C LYS N 28 8.23 -50.41 -17.25
N ASN N 29 8.81 -51.57 -16.94
CA ASN N 29 10.27 -51.72 -16.92
C ASN N 29 10.91 -51.13 -18.17
N VAL N 30 10.18 -51.18 -19.28
CA VAL N 30 10.69 -50.64 -20.54
C VAL N 30 10.77 -49.12 -20.41
N LYS N 31 9.62 -48.50 -20.18
CA LYS N 31 9.56 -47.04 -20.03
C LYS N 31 10.66 -46.60 -19.08
N GLU N 32 10.77 -47.29 -17.95
CA GLU N 32 11.79 -46.98 -16.95
C GLU N 32 13.14 -46.80 -17.63
N LYS N 33 13.48 -47.75 -18.50
CA LYS N 33 14.75 -47.70 -19.24
C LYS N 33 14.84 -46.41 -20.04
N LEU N 34 13.79 -46.11 -20.80
CA LEU N 34 13.74 -44.91 -21.62
C LEU N 34 14.07 -43.64 -20.83
N LEU N 35 13.43 -43.48 -19.67
CA LEU N 35 13.66 -42.31 -18.83
C LEU N 35 15.14 -42.03 -18.63
N SER N 36 15.90 -43.07 -18.27
CA SER N 36 17.33 -42.91 -18.05
C SER N 36 18.00 -42.43 -19.33
N LEU N 37 17.61 -43.05 -20.45
CA LEU N 37 18.17 -42.67 -21.75
C LEU N 37 17.84 -41.23 -22.06
N LYS N 38 16.60 -40.84 -21.77
CA LYS N 38 16.14 -39.48 -22.02
C LYS N 38 17.05 -38.50 -21.28
N THR N 39 17.65 -38.98 -20.20
CA THR N 39 18.56 -38.16 -19.40
C THR N 39 19.89 -38.03 -20.13
N LEU N 40 20.45 -39.16 -20.54
CA LEU N 40 21.71 -39.16 -21.26
C LEU N 40 21.56 -38.31 -22.51
N GLN N 41 20.32 -38.19 -22.98
CA GLN N 41 20.01 -37.39 -24.15
C GLN N 41 20.39 -35.95 -23.83
N SER N 42 20.01 -35.51 -22.63
CA SER N 42 20.30 -34.16 -22.17
C SER N 42 21.80 -33.96 -22.06
N GLU N 43 22.51 -34.99 -21.62
CA GLU N 43 23.96 -34.91 -21.48
C GLU N 43 24.58 -34.60 -22.83
N LEU N 44 23.95 -35.10 -23.89
CA LEU N 44 24.43 -34.86 -25.25
C LEU N 44 24.23 -33.39 -25.60
N PHE N 45 23.07 -32.85 -25.23
CA PHE N 45 22.77 -31.45 -25.50
C PHE N 45 23.90 -30.53 -25.07
N GLU N 46 24.35 -30.70 -23.82
CA GLU N 46 25.43 -29.89 -23.28
C GLU N 46 26.75 -30.17 -23.98
N VAL N 47 26.97 -31.42 -24.37
CA VAL N 47 28.19 -31.80 -25.06
C VAL N 47 28.15 -31.20 -26.46
N GLU N 48 26.98 -31.27 -27.09
CA GLU N 48 26.79 -30.72 -28.43
C GLU N 48 26.76 -29.21 -28.29
N LYS N 49 26.47 -28.74 -27.08
CA LYS N 49 26.42 -27.32 -26.77
C LYS N 49 27.84 -26.79 -26.88
N GLU N 50 28.75 -27.46 -26.19
CA GLU N 50 30.17 -27.08 -26.19
C GLU N 50 30.72 -27.22 -27.60
N PHE N 51 30.13 -28.13 -28.38
CA PHE N 51 30.56 -28.37 -29.75
C PHE N 51 30.38 -27.11 -30.59
N GLN N 52 29.14 -26.66 -30.72
CA GLN N 52 28.83 -25.47 -31.49
C GLN N 52 29.66 -24.27 -31.05
N VAL N 53 30.10 -24.29 -29.79
CA VAL N 53 30.91 -23.20 -29.25
C VAL N 53 32.23 -23.12 -30.01
N GLU N 54 33.10 -24.10 -29.79
CA GLU N 54 34.39 -24.14 -30.46
C GLU N 54 34.17 -24.18 -31.97
N MET N 55 33.03 -24.73 -32.37
CA MET N 55 32.68 -24.83 -33.77
C MET N 55 32.52 -23.44 -34.37
N PHE N 56 31.86 -22.56 -33.64
CA PHE N 56 31.64 -21.19 -34.09
C PHE N 56 32.96 -20.44 -34.14
N GLU N 57 33.77 -20.62 -33.10
CA GLU N 57 35.08 -19.97 -33.02
C GLU N 57 35.97 -20.35 -34.20
N LEU N 58 35.98 -21.63 -34.53
CA LEU N 58 36.80 -22.13 -35.64
C LEU N 58 36.48 -21.37 -36.92
N GLU N 59 35.20 -21.17 -37.20
CA GLU N 59 34.78 -20.45 -38.40
C GLU N 59 35.29 -19.02 -38.37
N ASN N 60 34.97 -18.30 -37.30
CA ASN N 60 35.41 -16.91 -37.15
C ASN N 60 36.93 -16.87 -37.13
N LYS N 61 37.54 -17.97 -36.67
CA LYS N 61 38.98 -18.07 -36.59
C LYS N 61 39.62 -17.98 -37.97
N PHE N 62 38.94 -18.57 -38.95
CA PHE N 62 39.43 -18.56 -40.33
C PHE N 62 38.92 -17.37 -41.13
N LEU N 63 37.84 -16.75 -40.66
CA LEU N 63 37.29 -15.59 -41.35
C LEU N 63 38.36 -14.51 -41.40
N GLN N 64 39.14 -14.42 -40.33
CA GLN N 64 40.21 -13.44 -40.24
C GLN N 64 41.31 -13.75 -41.25
N LYS N 65 41.25 -14.94 -41.83
CA LYS N 65 42.23 -15.34 -42.84
C LYS N 65 41.67 -15.06 -44.22
N TYR N 66 40.35 -15.05 -44.33
CA TYR N 66 39.69 -14.79 -45.60
C TYR N 66 39.68 -13.31 -45.91
N LYS N 67 39.38 -12.50 -44.88
CA LYS N 67 39.32 -11.05 -45.03
C LYS N 67 40.54 -10.49 -45.77
N PRO N 68 41.75 -10.75 -45.26
CA PRO N 68 42.97 -10.25 -45.91
C PRO N 68 42.98 -10.55 -47.41
N ILE N 69 42.56 -11.75 -47.76
CA ILE N 69 42.52 -12.17 -49.16
C ILE N 69 41.43 -11.42 -49.92
N TRP N 70 40.26 -11.28 -49.30
CA TRP N 70 39.16 -10.57 -49.94
C TRP N 70 39.45 -9.08 -50.01
N GLU N 71 40.10 -8.54 -48.98
CA GLU N 71 40.45 -7.13 -48.95
C GLU N 71 41.28 -6.81 -50.19
N GLN N 72 42.19 -7.72 -50.52
CA GLN N 72 43.04 -7.56 -51.70
C GLN N 72 42.13 -7.39 -52.91
N ARG N 73 41.09 -8.22 -52.98
CA ARG N 73 40.13 -8.19 -54.06
C ARG N 73 39.43 -6.84 -54.13
N SER N 74 39.03 -6.32 -52.98
CA SER N 74 38.35 -5.04 -52.90
C SER N 74 39.13 -3.94 -53.59
N ARG N 75 40.40 -3.78 -53.21
CA ARG N 75 41.26 -2.76 -53.79
C ARG N 75 41.52 -2.99 -55.28
N ILE N 76 41.59 -4.26 -55.68
CA ILE N 76 41.82 -4.60 -57.07
C ILE N 76 40.60 -4.23 -57.91
N ILE N 77 39.43 -4.27 -57.27
CA ILE N 77 38.18 -3.95 -57.95
C ILE N 77 37.95 -2.44 -57.93
N SER N 78 38.26 -1.80 -56.81
CA SER N 78 38.09 -0.37 -56.67
C SER N 78 39.17 0.39 -57.43
N GLY N 79 40.11 -0.36 -57.99
CA GLY N 79 41.19 0.26 -58.74
C GLY N 79 42.18 0.94 -57.83
N GLN N 80 41.97 0.79 -56.52
CA GLN N 80 42.84 1.40 -55.53
C GLN N 80 44.21 0.72 -55.54
N GLU N 81 44.32 -0.35 -56.32
CA GLU N 81 45.58 -1.09 -56.42
C GLU N 81 45.61 -1.90 -57.70
N GLN N 82 46.69 -1.78 -58.46
CA GLN N 82 46.83 -2.49 -59.72
C GLN N 82 47.16 -3.97 -59.53
N PRO N 83 46.64 -4.83 -60.44
CA PRO N 83 46.87 -6.27 -60.39
C PRO N 83 48.34 -6.63 -60.50
N LYS N 84 48.73 -7.70 -59.80
CA LYS N 84 50.11 -8.16 -59.81
C LYS N 84 50.33 -9.06 -61.02
N PRO N 85 51.22 -8.68 -61.94
CA PRO N 85 51.49 -9.48 -63.13
C PRO N 85 51.69 -10.96 -62.78
N GLU N 86 52.09 -11.23 -61.54
CA GLU N 86 52.27 -12.59 -61.08
C GLU N 86 50.89 -13.23 -60.94
N GLN N 87 50.00 -12.52 -60.27
CA GLN N 87 48.63 -12.99 -60.08
C GLN N 87 48.04 -13.14 -61.48
N ILE N 88 48.46 -12.26 -62.39
CA ILE N 88 47.99 -12.30 -63.76
C ILE N 88 48.60 -13.53 -64.43
N ALA N 89 49.84 -13.83 -64.06
CA ALA N 89 50.54 -14.98 -64.61
C ALA N 89 49.84 -16.26 -64.16
N LYS N 90 49.70 -16.42 -62.85
CA LYS N 90 49.03 -17.59 -62.29
C LYS N 90 47.61 -17.66 -62.85
N GLY N 91 46.99 -16.50 -63.02
CA GLY N 91 45.64 -16.47 -63.55
C GLY N 91 45.60 -17.12 -64.92
N GLN N 92 46.58 -16.78 -65.76
CA GLN N 92 46.67 -17.34 -67.11
C GLN N 92 46.58 -18.86 -67.06
N GLU N 93 47.36 -19.46 -66.17
CA GLU N 93 47.38 -20.91 -66.03
C GLU N 93 46.03 -21.42 -65.51
N ILE N 94 45.67 -20.97 -64.32
CA ILE N 94 44.42 -21.37 -63.68
C ILE N 94 43.25 -21.35 -64.66
N VAL N 95 42.99 -20.19 -65.24
CA VAL N 95 41.90 -20.03 -66.21
C VAL N 95 41.99 -21.09 -67.30
N GLU N 96 43.21 -21.38 -67.75
CA GLU N 96 43.43 -22.37 -68.78
C GLU N 96 43.20 -23.77 -68.24
N SER N 97 43.65 -24.00 -67.00
CA SER N 97 43.51 -25.30 -66.36
C SER N 97 42.04 -25.65 -66.10
N LEU N 98 41.20 -24.63 -65.99
CA LEU N 98 39.78 -24.85 -65.74
C LEU N 98 38.94 -24.78 -67.01
N ASN N 99 39.62 -24.81 -68.15
CA ASN N 99 38.95 -24.77 -69.45
C ASN N 99 38.07 -23.53 -69.60
N GLU N 100 38.48 -22.44 -68.95
CA GLU N 100 37.72 -21.18 -69.02
C GLU N 100 38.40 -20.20 -69.95
N THR N 101 38.75 -20.66 -71.15
CA THR N 101 39.41 -19.82 -72.15
C THR N 101 38.74 -18.47 -72.30
N GLU N 102 37.45 -18.40 -71.96
CA GLU N 102 36.69 -17.17 -72.08
C GLU N 102 37.36 -15.98 -71.40
N LEU N 103 38.33 -16.27 -70.52
CA LEU N 103 39.04 -15.22 -69.80
C LEU N 103 40.55 -15.31 -70.02
N LEU N 104 40.98 -15.06 -71.25
CA LEU N 104 42.40 -15.11 -71.59
C LEU N 104 42.79 -13.93 -72.48
N VAL N 105 44.09 -13.72 -72.65
CA VAL N 105 44.60 -12.64 -73.48
C VAL N 105 45.79 -13.09 -74.30
N ASP N 106 45.74 -12.82 -75.61
CA ASP N 106 46.82 -13.21 -76.52
C ASP N 106 47.45 -11.96 -77.14
N GLU N 107 48.70 -11.70 -76.78
CA GLU N 107 49.42 -10.54 -77.29
C GLU N 107 48.71 -9.24 -76.95
N GLN N 119 43.90 1.69 -70.55
CA GLN N 119 43.02 2.55 -69.77
C GLN N 119 42.12 1.72 -68.86
N VAL N 120 40.99 2.30 -68.46
CA VAL N 120 40.03 1.63 -67.59
C VAL N 120 40.53 1.51 -66.14
N LYS N 121 39.62 1.69 -65.20
CA LYS N 121 39.94 1.60 -63.77
C LYS N 121 39.59 0.21 -63.26
N GLY N 122 39.45 0.08 -61.94
CA GLY N 122 39.10 -1.21 -61.35
C GLY N 122 37.89 -1.84 -62.02
N ILE N 123 37.75 -3.14 -61.86
CA ILE N 123 36.63 -3.87 -62.46
C ILE N 123 35.30 -3.15 -62.30
N PRO N 124 34.82 -2.53 -63.39
CA PRO N 124 33.54 -1.80 -63.35
C PRO N 124 32.36 -2.74 -63.18
N SER N 125 31.44 -2.39 -62.28
CA SER N 125 30.26 -3.20 -62.04
C SER N 125 30.63 -4.64 -61.67
N PHE N 126 31.50 -4.80 -60.66
CA PHE N 126 31.91 -6.13 -60.24
C PHE N 126 30.80 -6.84 -59.48
N TRP N 127 30.65 -6.49 -58.20
CA TRP N 127 29.63 -7.10 -57.36
C TRP N 127 28.24 -6.96 -57.96
N LEU N 128 28.05 -5.95 -58.80
CA LEU N 128 26.77 -5.73 -59.44
C LEU N 128 26.47 -6.91 -60.36
N THR N 129 27.47 -7.32 -61.13
CA THR N 129 27.33 -8.44 -62.05
C THR N 129 27.32 -9.75 -61.27
N ALA N 130 28.15 -9.83 -60.25
CA ALA N 130 28.23 -11.03 -59.41
C ALA N 130 26.89 -11.34 -58.77
N LEU N 131 26.18 -10.29 -58.35
CA LEU N 131 24.88 -10.46 -57.72
C LEU N 131 23.79 -10.84 -58.73
N GLU N 132 23.90 -10.31 -59.95
CA GLU N 132 22.91 -10.61 -60.98
C GLU N 132 23.03 -12.07 -61.44
N ASN N 133 24.06 -12.75 -60.95
CA ASN N 133 24.27 -14.15 -61.30
C ASN N 133 23.93 -15.05 -60.11
N LEU N 134 23.85 -14.43 -58.92
CA LEU N 134 23.51 -15.18 -57.72
C LEU N 134 22.03 -15.54 -57.77
N PRO N 135 21.73 -16.84 -57.92
CA PRO N 135 20.37 -17.39 -58.01
C PRO N 135 19.25 -16.66 -57.28
N ILE N 136 19.23 -16.76 -55.95
CA ILE N 136 18.20 -16.12 -55.14
C ILE N 136 18.22 -14.59 -55.14
N VAL N 137 19.41 -14.01 -55.04
CA VAL N 137 19.56 -12.56 -55.01
C VAL N 137 19.22 -11.85 -56.32
N CYS N 138 19.99 -12.15 -57.36
CA CYS N 138 19.81 -11.55 -58.68
C CYS N 138 18.37 -11.12 -59.00
N ASP N 139 17.42 -12.00 -58.75
CA ASP N 139 16.02 -11.72 -59.03
C ASP N 139 15.46 -10.51 -58.29
N THR N 140 15.94 -10.29 -57.06
CA THR N 140 15.46 -9.18 -56.24
C THR N 140 15.92 -7.78 -56.65
N ILE N 141 16.90 -7.70 -57.56
CA ILE N 141 17.39 -6.39 -57.99
C ILE N 141 16.52 -5.79 -59.09
N THR N 142 16.25 -4.50 -58.98
CA THR N 142 15.44 -3.79 -59.97
C THR N 142 16.34 -2.90 -60.81
N ASP N 143 15.80 -2.41 -61.93
CA ASP N 143 16.55 -1.54 -62.82
C ASP N 143 17.03 -0.27 -62.12
N ARG N 144 16.28 0.17 -61.12
CA ARG N 144 16.63 1.38 -60.37
C ARG N 144 17.72 1.14 -59.33
N ASP N 145 17.57 0.09 -58.53
CA ASP N 145 18.56 -0.22 -57.50
C ASP N 145 19.83 -0.82 -58.12
N ALA N 146 19.77 -1.14 -59.40
CA ALA N 146 20.92 -1.70 -60.10
C ALA N 146 21.96 -0.60 -60.34
N GLU N 147 21.47 0.60 -60.61
CA GLU N 147 22.33 1.75 -60.85
C GLU N 147 23.02 2.14 -59.55
N VAL N 148 22.40 1.77 -58.43
CA VAL N 148 22.95 2.07 -57.11
C VAL N 148 24.06 1.09 -56.76
N LEU N 149 23.79 -0.20 -56.96
CA LEU N 149 24.77 -1.24 -56.67
C LEU N 149 25.99 -1.06 -57.56
N GLU N 150 25.91 -0.10 -58.48
CA GLU N 150 26.99 0.18 -59.41
C GLU N 150 28.16 0.78 -58.63
N TYR N 151 27.87 1.29 -57.44
CA TYR N 151 28.89 1.91 -56.60
C TYR N 151 29.33 0.98 -55.46
N LEU N 152 28.87 -0.26 -55.52
CA LEU N 152 29.22 -1.25 -54.50
C LEU N 152 30.67 -1.68 -54.72
N GLN N 153 31.51 -1.50 -53.71
CA GLN N 153 32.91 -1.85 -53.81
C GLN N 153 33.29 -3.19 -53.18
N ASP N 154 32.63 -3.55 -52.09
CA ASP N 154 32.93 -4.82 -51.42
C ASP N 154 31.88 -5.24 -50.40
N ILE N 155 31.84 -6.53 -50.12
CA ILE N 155 30.90 -7.10 -49.16
C ILE N 155 31.67 -7.94 -48.13
N GLY N 156 31.83 -7.39 -46.93
CA GLY N 156 32.56 -8.10 -45.89
C GLY N 156 31.69 -9.04 -45.07
N LEU N 157 32.31 -9.78 -44.17
CA LEU N 157 31.59 -10.73 -43.32
C LEU N 157 32.24 -10.78 -41.94
N GLU N 158 31.42 -10.81 -40.90
CA GLU N 158 31.90 -10.87 -39.53
C GLU N 158 30.93 -11.64 -38.64
N TYR N 159 31.46 -12.59 -37.88
CA TYR N 159 30.64 -13.38 -36.98
C TYR N 159 30.39 -12.57 -35.70
N LEU N 160 29.61 -13.13 -34.78
CA LEU N 160 29.32 -12.40 -33.54
C LEU N 160 29.31 -13.25 -32.28
N THR N 161 30.21 -12.90 -31.37
CA THR N 161 30.33 -13.58 -30.07
C THR N 161 30.03 -12.47 -29.08
N ASP N 162 29.74 -11.29 -29.62
CA ASP N 162 29.45 -10.10 -28.85
C ASP N 162 28.03 -10.19 -28.28
N GLY N 163 27.69 -11.35 -27.72
CA GLY N 163 26.37 -11.55 -27.15
C GLY N 163 25.64 -12.69 -27.83
N ARG N 164 24.74 -12.36 -28.74
CA ARG N 164 23.98 -13.37 -29.47
C ARG N 164 24.74 -13.86 -30.69
N PRO N 165 24.61 -15.17 -31.00
CA PRO N 165 25.29 -15.76 -32.17
C PRO N 165 24.78 -15.14 -33.47
N GLY N 166 25.63 -15.06 -34.47
CA GLY N 166 25.23 -14.50 -35.75
C GLY N 166 26.38 -13.88 -36.53
N PHE N 167 26.05 -13.27 -37.66
CA PHE N 167 27.06 -12.63 -38.49
C PHE N 167 26.55 -11.33 -39.09
N LYS N 168 27.46 -10.56 -39.67
CA LYS N 168 27.12 -9.27 -40.27
C LYS N 168 27.66 -9.14 -41.68
N LEU N 169 26.79 -8.75 -42.62
CA LEU N 169 27.18 -8.58 -44.01
C LEU N 169 27.38 -7.09 -44.28
N LEU N 170 28.64 -6.65 -44.25
CA LEU N 170 28.96 -5.24 -44.47
C LEU N 170 29.12 -4.90 -45.95
N PHE N 171 28.29 -3.97 -46.42
CA PHE N 171 28.32 -3.52 -47.81
C PHE N 171 29.07 -2.19 -47.86
N ARG N 172 30.22 -2.19 -48.51
CA ARG N 172 31.05 -1.00 -48.61
C ARG N 172 30.85 -0.28 -49.95
N PHE N 173 30.15 0.84 -49.93
CA PHE N 173 29.89 1.61 -51.14
C PHE N 173 30.86 2.77 -51.29
N ASP N 174 30.97 3.29 -52.51
CA ASP N 174 31.86 4.41 -52.80
C ASP N 174 31.14 5.73 -52.51
N SER N 175 31.11 6.11 -51.23
CA SER N 175 30.46 7.33 -50.80
C SER N 175 30.85 8.56 -51.60
N SER N 176 32.10 8.61 -52.04
CA SER N 176 32.61 9.75 -52.81
C SER N 176 31.88 9.95 -54.14
N ALA N 177 31.26 8.90 -54.66
CA ALA N 177 30.55 9.01 -55.94
C ALA N 177 29.06 8.69 -55.84
N ASN N 178 28.70 7.83 -54.90
CA ASN N 178 27.30 7.43 -54.70
C ASN N 178 26.37 8.64 -54.61
N PRO N 179 25.56 8.88 -55.65
CA PRO N 179 24.62 10.00 -55.70
C PRO N 179 23.33 9.74 -54.93
N PHE N 180 23.05 8.47 -54.63
CA PHE N 180 21.84 8.09 -53.91
C PHE N 180 21.92 8.36 -52.41
N PHE N 181 22.75 7.60 -51.71
CA PHE N 181 22.90 7.78 -50.27
C PHE N 181 24.34 8.06 -49.88
N THR N 182 24.52 8.88 -48.85
CA THR N 182 25.84 9.25 -48.37
C THR N 182 26.49 8.14 -47.53
N ASN N 183 25.68 7.19 -47.07
CA ASN N 183 26.20 6.09 -46.26
C ASN N 183 27.50 5.54 -46.80
N ASP N 184 28.43 5.25 -45.90
CA ASP N 184 29.74 4.73 -46.28
C ASP N 184 29.72 3.20 -46.23
N ILE N 185 28.97 2.64 -45.26
CA ILE N 185 28.89 1.20 -45.11
C ILE N 185 27.51 0.73 -44.66
N LEU N 186 26.83 -0.01 -45.51
CA LEU N 186 25.52 -0.56 -45.20
C LEU N 186 25.75 -1.97 -44.69
N CYS N 187 24.74 -2.58 -44.07
CA CYS N 187 24.91 -3.93 -43.56
C CYS N 187 23.63 -4.65 -43.15
N LYS N 188 23.79 -5.91 -42.75
CA LYS N 188 22.68 -6.75 -42.32
C LYS N 188 23.21 -7.69 -41.24
N THR N 189 22.49 -7.77 -40.12
CA THR N 189 22.92 -8.62 -39.02
C THR N 189 21.88 -9.68 -38.65
N TYR N 190 22.26 -10.95 -38.80
CA TYR N 190 21.37 -12.05 -38.47
C TYR N 190 21.72 -12.58 -37.08
N PHE N 191 20.70 -12.80 -36.26
CA PHE N 191 20.90 -13.29 -34.90
C PHE N 191 20.30 -14.67 -34.67
N TYR N 192 21.04 -15.52 -33.97
CA TYR N 192 20.59 -16.86 -33.64
C TYR N 192 20.21 -16.86 -32.16
N GLN N 193 19.03 -17.39 -31.85
CA GLN N 193 18.58 -17.43 -30.45
C GLN N 193 19.52 -18.26 -29.59
N LYS N 194 19.92 -17.67 -28.46
CA LYS N 194 20.84 -18.29 -27.50
C LYS N 194 20.71 -19.81 -27.38
N GLU N 195 19.49 -20.28 -27.17
CA GLU N 195 19.24 -21.71 -27.02
C GLU N 195 19.30 -22.47 -28.35
N LEU N 196 20.12 -23.51 -28.39
CA LEU N 196 20.28 -24.31 -29.60
C LEU N 196 19.01 -25.13 -29.85
N GLY N 197 18.69 -25.33 -31.12
CA GLY N 197 17.51 -26.08 -31.48
C GLY N 197 17.62 -27.56 -31.16
N TYR N 198 16.57 -28.31 -31.47
CA TYR N 198 16.53 -29.74 -31.24
C TYR N 198 17.71 -30.42 -31.94
N SER N 199 17.92 -30.07 -33.21
CA SER N 199 19.00 -30.65 -34.00
C SER N 199 20.36 -30.36 -33.39
N GLY N 200 20.38 -29.52 -32.36
CA GLY N 200 21.63 -29.18 -31.71
C GLY N 200 22.34 -28.02 -32.40
N ASP N 201 21.67 -27.43 -33.38
CA ASP N 201 22.24 -26.30 -34.12
C ASP N 201 21.58 -25.00 -33.70
N PHE N 202 21.90 -23.92 -34.41
CA PHE N 202 21.34 -22.61 -34.11
C PHE N 202 20.05 -22.38 -34.88
N ILE N 203 19.22 -21.46 -34.39
CA ILE N 203 17.96 -21.14 -35.03
C ILE N 203 17.84 -19.63 -35.18
N TYR N 204 17.69 -19.18 -36.42
CA TYR N 204 17.56 -17.75 -36.71
C TYR N 204 16.48 -17.09 -35.88
N ASP N 205 16.88 -16.12 -35.06
CA ASP N 205 15.95 -15.39 -34.21
C ASP N 205 15.30 -14.26 -35.00
N HIS N 206 16.14 -13.38 -35.54
CA HIS N 206 15.66 -12.25 -36.35
C HIS N 206 16.85 -11.55 -36.98
N ALA N 207 16.57 -10.55 -37.81
CA ALA N 207 17.63 -9.81 -38.49
C ALA N 207 17.50 -8.31 -38.26
N GLU N 208 18.63 -7.64 -38.10
CA GLU N 208 18.65 -6.19 -37.88
C GLU N 208 19.23 -5.47 -39.09
N GLY N 209 18.36 -4.75 -39.80
CA GLY N 209 18.80 -4.01 -40.96
C GLY N 209 19.63 -2.80 -40.56
N CYS N 210 20.61 -2.45 -41.38
CA CYS N 210 21.47 -1.31 -41.10
C CYS N 210 20.92 -0.03 -41.73
N GLU N 211 19.68 -0.11 -42.20
CA GLU N 211 18.98 1.02 -42.84
C GLU N 211 19.83 1.80 -43.82
N ILE N 212 19.26 2.86 -44.38
CA ILE N 212 19.95 3.70 -45.34
C ILE N 212 19.50 5.16 -45.23
N SER N 213 20.41 6.08 -45.49
CA SER N 213 20.11 7.51 -45.43
C SER N 213 20.26 8.13 -46.83
N TRP N 214 19.18 8.08 -47.60
CA TRP N 214 19.19 8.62 -48.95
C TRP N 214 19.19 10.15 -48.91
N LYS N 215 19.80 10.76 -49.93
CA LYS N 215 19.89 12.22 -50.00
C LYS N 215 18.83 12.81 -50.91
N ASP N 216 17.85 12.00 -51.31
CA ASP N 216 16.78 12.47 -52.18
C ASP N 216 15.74 11.37 -52.39
N ASN N 217 14.47 11.73 -52.22
CA ASN N 217 13.38 10.78 -52.40
C ASN N 217 13.39 10.19 -53.80
N ALA N 218 13.65 11.03 -54.79
CA ALA N 218 13.71 10.58 -56.19
C ALA N 218 14.85 9.58 -56.35
N HIS N 219 15.88 9.73 -55.53
CA HIS N 219 17.02 8.84 -55.57
C HIS N 219 16.81 7.65 -54.65
N ASN N 220 15.69 7.66 -53.94
CA ASN N 220 15.35 6.57 -53.02
C ASN N 220 14.67 5.44 -53.77
N VAL N 221 15.44 4.40 -54.08
CA VAL N 221 14.91 3.25 -54.81
C VAL N 221 13.91 2.48 -53.96
N THR N 222 14.14 2.45 -52.65
CA THR N 222 13.25 1.74 -51.73
C THR N 222 11.96 2.51 -51.51
N PRO N 246 6.29 3.26 -50.28
CA PRO N 246 7.29 2.20 -50.40
C PRO N 246 7.23 1.48 -51.75
N ILE N 247 8.39 1.28 -52.37
CA ILE N 247 8.46 0.61 -53.66
C ILE N 247 9.22 -0.70 -53.54
N GLU N 248 8.96 -1.62 -54.47
CA GLU N 248 9.63 -2.91 -54.48
C GLU N 248 11.08 -2.70 -54.89
N SER N 249 11.98 -2.70 -53.90
CA SER N 249 13.40 -2.50 -54.17
C SER N 249 14.29 -3.55 -53.52
N PHE N 250 15.54 -3.61 -53.99
CA PHE N 250 16.52 -4.56 -53.48
C PHE N 250 17.05 -4.11 -52.12
N PHE N 251 17.25 -2.81 -51.96
CA PHE N 251 17.77 -2.27 -50.72
C PHE N 251 16.84 -2.45 -49.53
N ASN N 252 15.67 -3.02 -49.77
CA ASN N 252 14.72 -3.29 -48.69
C ASN N 252 15.32 -4.43 -47.89
N PHE N 253 16.40 -4.99 -48.43
CA PHE N 253 17.13 -6.09 -47.81
C PHE N 253 17.67 -5.64 -46.45
N PHE N 254 17.92 -4.34 -46.33
CA PHE N 254 18.43 -3.77 -45.09
C PHE N 254 17.29 -3.33 -44.19
N ASP N 255 16.08 -3.75 -44.55
CA ASP N 255 14.89 -3.43 -43.78
C ASP N 255 13.97 -4.65 -43.79
N PRO N 256 14.47 -5.78 -43.26
CA PRO N 256 13.72 -7.04 -43.19
C PRO N 256 12.48 -6.97 -42.31
N PRO N 257 11.54 -7.90 -42.49
CA PRO N 257 10.30 -7.95 -41.71
C PRO N 257 10.58 -8.35 -40.27
N LYS N 258 9.77 -7.81 -39.35
CA LYS N 258 9.94 -8.11 -37.93
C LYS N 258 8.97 -9.20 -37.47
N ILE N 259 9.29 -9.81 -36.34
CA ILE N 259 8.47 -10.89 -35.77
C ILE N 259 7.03 -10.47 -35.48
N GLN N 260 6.86 -9.34 -34.81
CA GLN N 260 5.54 -8.86 -34.45
C GLN N 260 4.84 -8.06 -35.56
N ASN N 261 3.53 -8.25 -35.66
CA ASN N 261 2.71 -7.57 -36.65
C ASN N 261 1.32 -8.18 -36.72
N GLU N 266 -4.83 -15.41 -40.47
CA GLU N 266 -4.52 -15.92 -41.80
C GLU N 266 -4.03 -14.81 -42.72
N GLU N 267 -3.40 -15.20 -43.82
CA GLU N 267 -2.88 -14.27 -44.82
C GLU N 267 -1.70 -13.45 -44.29
N LEU N 268 -1.78 -13.01 -43.04
CA LEU N 268 -0.71 -12.23 -42.43
C LEU N 268 0.53 -13.07 -42.20
N GLU N 269 0.44 -14.00 -41.25
CA GLU N 269 1.56 -14.87 -40.93
C GLU N 269 2.03 -15.68 -42.13
N GLU N 270 1.07 -16.22 -42.88
CA GLU N 270 1.38 -17.02 -44.07
C GLU N 270 2.25 -16.25 -45.04
N ASP N 271 2.01 -14.94 -45.14
CA ASP N 271 2.76 -14.09 -46.04
C ASP N 271 4.00 -13.53 -45.35
N LEU N 272 3.84 -13.04 -44.13
CA LEU N 272 4.95 -12.48 -43.37
C LEU N 272 5.91 -13.55 -42.89
N GLU N 273 5.86 -14.71 -43.52
CA GLU N 273 6.75 -15.82 -43.20
C GLU N 273 7.54 -16.22 -44.44
N GLU N 274 6.95 -16.03 -45.60
CA GLU N 274 7.59 -16.36 -46.86
C GLU N 274 8.76 -15.41 -47.09
N ARG N 275 8.53 -14.13 -46.85
CA ARG N 275 9.57 -13.12 -47.03
C ARG N 275 10.59 -13.30 -45.91
N LEU N 276 10.10 -13.61 -44.72
CA LEU N 276 10.96 -13.82 -43.56
C LEU N 276 11.88 -15.00 -43.86
N ALA N 277 11.34 -15.98 -44.58
CA ALA N 277 12.12 -17.17 -44.94
C ALA N 277 13.06 -16.81 -46.08
N LEU N 278 12.56 -16.03 -47.03
CA LEU N 278 13.35 -15.59 -48.18
C LEU N 278 14.54 -14.77 -47.68
N ASP N 279 14.32 -14.04 -46.60
CA ASP N 279 15.37 -13.20 -46.02
C ASP N 279 16.54 -14.05 -45.57
N TYR N 280 16.27 -15.05 -44.74
CA TYR N 280 17.32 -15.94 -44.25
C TYR N 280 17.98 -16.64 -45.43
N SER N 281 17.17 -17.04 -46.41
CA SER N 281 17.66 -17.73 -47.59
C SER N 281 18.74 -16.89 -48.26
N ILE N 282 18.43 -15.62 -48.51
CA ILE N 282 19.38 -14.70 -49.14
C ILE N 282 20.66 -14.64 -48.31
N GLY N 283 20.50 -14.49 -46.99
CA GLY N 283 21.65 -14.42 -46.11
C GLY N 283 22.66 -15.53 -46.36
N GLU N 284 22.19 -16.76 -46.42
CA GLU N 284 23.06 -17.90 -46.65
C GLU N 284 23.72 -17.83 -48.03
N GLN N 285 22.97 -17.33 -49.01
CA GLN N 285 23.49 -17.20 -50.36
C GLN N 285 24.75 -16.35 -50.42
N LEU N 286 24.71 -15.22 -49.73
CA LEU N 286 25.86 -14.32 -49.70
C LEU N 286 26.97 -14.88 -48.83
N LYS N 287 26.59 -15.51 -47.73
CA LYS N 287 27.54 -16.09 -46.79
C LYS N 287 28.29 -17.31 -47.31
N ASP N 288 27.55 -18.33 -47.74
CA ASP N 288 28.16 -19.56 -48.23
C ASP N 288 28.49 -19.61 -49.72
N LYS N 289 28.26 -18.52 -50.44
CA LYS N 289 28.53 -18.51 -51.87
C LYS N 289 29.12 -17.21 -52.41
N LEU N 290 28.29 -16.18 -52.50
CA LEU N 290 28.73 -14.88 -53.01
C LEU N 290 30.08 -14.44 -52.48
N ILE N 291 30.22 -14.38 -51.16
CA ILE N 291 31.47 -13.96 -50.54
C ILE N 291 32.63 -14.92 -50.82
N PRO N 292 32.44 -16.23 -50.55
CA PRO N 292 33.49 -17.21 -50.78
C PRO N 292 34.00 -17.28 -52.22
N ARG N 293 33.07 -17.32 -53.18
CA ARG N 293 33.45 -17.40 -54.60
C ARG N 293 33.00 -16.18 -55.39
N ALA N 294 33.18 -14.99 -54.82
CA ALA N 294 32.79 -13.75 -55.49
C ALA N 294 33.35 -13.65 -56.90
N VAL N 295 34.60 -14.04 -57.08
CA VAL N 295 35.25 -13.97 -58.38
C VAL N 295 34.43 -14.72 -59.44
N ASP N 296 34.23 -16.01 -59.23
CA ASP N 296 33.48 -16.83 -60.16
C ASP N 296 32.04 -16.35 -60.32
N TRP N 297 31.48 -15.78 -59.25
CA TRP N 297 30.11 -15.28 -59.29
C TRP N 297 29.99 -14.08 -60.24
N PHE N 298 31.11 -13.40 -60.46
CA PHE N 298 31.13 -12.25 -61.35
C PHE N 298 31.22 -12.71 -62.80
N THR N 299 32.15 -13.62 -63.06
CA THR N 299 32.34 -14.15 -64.41
C THR N 299 31.17 -15.07 -64.79
N GLY N 300 30.65 -15.79 -63.80
CA GLY N 300 29.54 -16.69 -64.04
C GLY N 300 29.93 -18.15 -63.94
N ALA N 301 31.22 -18.40 -63.72
CA ALA N 301 31.73 -19.76 -63.60
C ALA N 301 31.07 -20.49 -62.45
N ALA N 302 30.66 -19.75 -61.42
CA ALA N 302 30.01 -20.35 -60.26
C ALA N 302 28.70 -21.01 -60.64
N LEU N 303 28.14 -20.62 -61.78
CA LEU N 303 26.89 -21.19 -62.27
C LEU N 303 27.10 -22.59 -62.82
N THR O 5 16.86 -50.82 -54.56
CA THR O 5 15.48 -50.68 -54.03
C THR O 5 14.45 -51.21 -55.03
N ARG O 6 13.44 -51.90 -54.52
CA ARG O 6 12.40 -52.44 -55.37
C ARG O 6 11.74 -51.32 -56.19
N SER O 7 12.01 -50.08 -55.78
CA SER O 7 11.47 -48.92 -56.46
C SER O 7 12.19 -48.73 -57.79
N SER O 8 13.50 -48.94 -57.78
CA SER O 8 14.31 -48.81 -58.99
C SER O 8 13.90 -49.88 -59.99
N ARG O 9 13.67 -51.08 -59.50
CA ARG O 9 13.27 -52.20 -60.35
C ARG O 9 11.94 -51.89 -61.01
N ALA O 10 11.20 -50.95 -60.43
CA ALA O 10 9.90 -50.55 -60.96
C ALA O 10 9.96 -49.14 -61.53
N GLY O 11 11.13 -48.52 -61.43
CA GLY O 11 11.30 -47.16 -61.94
C GLY O 11 10.39 -46.16 -61.26
N LEU O 12 10.36 -46.21 -59.93
CA LEU O 12 9.53 -45.29 -59.15
C LEU O 12 10.35 -44.53 -58.12
N GLN O 13 9.90 -43.31 -57.82
CA GLN O 13 10.60 -42.46 -56.84
C GLN O 13 10.14 -42.81 -55.43
N PHE O 14 8.88 -43.19 -55.29
CA PHE O 14 8.32 -43.55 -54.00
C PHE O 14 8.87 -44.88 -53.50
N PRO O 15 8.94 -45.06 -52.18
CA PRO O 15 9.44 -46.29 -51.56
C PRO O 15 8.48 -47.46 -51.64
N VAL O 16 8.83 -48.45 -52.47
CA VAL O 16 8.01 -49.64 -52.62
C VAL O 16 8.15 -50.50 -51.38
N GLY O 17 9.21 -50.23 -50.62
CA GLY O 17 9.46 -50.99 -49.40
C GLY O 17 8.53 -50.59 -48.26
N ARG O 18 8.47 -49.29 -47.96
CA ARG O 18 7.62 -48.81 -46.88
C ARG O 18 6.15 -49.08 -47.18
N VAL O 19 5.73 -48.80 -48.40
CA VAL O 19 4.34 -49.04 -48.79
C VAL O 19 3.98 -50.49 -48.50
N HIS O 20 4.92 -51.39 -48.74
CA HIS O 20 4.71 -52.80 -48.50
C HIS O 20 4.71 -53.09 -47.01
N ARG O 21 5.50 -52.32 -46.27
CA ARG O 21 5.59 -52.47 -44.82
C ARG O 21 4.30 -52.01 -44.15
N LEU O 22 3.82 -50.84 -44.57
CA LEU O 22 2.61 -50.26 -44.02
C LEU O 22 1.38 -51.11 -44.34
N LEU O 23 1.42 -51.81 -45.47
CA LEU O 23 0.30 -52.66 -45.88
C LEU O 23 0.18 -53.90 -44.99
N ARG O 24 1.27 -54.28 -44.33
CA ARG O 24 1.27 -55.44 -43.47
C ARG O 24 1.04 -55.08 -42.01
N LYS O 25 1.22 -53.80 -41.68
CA LYS O 25 1.02 -53.33 -40.31
C LYS O 25 -0.36 -52.71 -40.11
N GLY O 26 -0.99 -52.31 -41.21
CA GLY O 26 -2.30 -51.71 -41.13
C GLY O 26 -3.42 -52.72 -40.94
N ASN O 27 -3.05 -54.00 -40.92
CA ASN O 27 -4.03 -55.07 -40.75
C ASN O 27 -5.16 -54.99 -41.76
N TYR O 28 -4.80 -54.89 -43.04
CA TYR O 28 -5.80 -54.81 -44.09
C TYR O 28 -6.15 -56.21 -44.60
N ALA O 29 -5.23 -57.15 -44.40
CA ALA O 29 -5.45 -58.53 -44.82
C ALA O 29 -4.43 -59.47 -44.21
N GLU O 30 -4.73 -60.76 -44.26
CA GLU O 30 -3.84 -61.79 -43.72
C GLU O 30 -2.50 -61.81 -44.43
N ARG O 31 -2.51 -61.52 -45.73
CA ARG O 31 -1.29 -61.53 -46.54
C ARG O 31 -1.32 -60.40 -47.56
N VAL O 32 -0.17 -60.09 -48.13
CA VAL O 32 -0.06 -59.03 -49.13
C VAL O 32 0.79 -59.48 -50.32
N GLY O 33 0.26 -59.29 -51.52
CA GLY O 33 0.98 -59.68 -52.72
C GLY O 33 2.26 -58.89 -52.91
N ALA O 34 3.08 -59.32 -53.86
CA ALA O 34 4.34 -58.64 -54.15
C ALA O 34 4.13 -57.46 -55.07
N GLY O 35 3.12 -57.55 -55.94
CA GLY O 35 2.84 -56.47 -56.87
C GLY O 35 1.91 -55.42 -56.28
N ALA O 36 1.31 -55.74 -55.14
CA ALA O 36 0.39 -54.83 -54.47
C ALA O 36 1.07 -53.53 -54.08
N PRO O 37 2.23 -53.61 -53.38
CA PRO O 37 2.93 -52.41 -52.95
C PRO O 37 3.47 -51.59 -54.12
N VAL O 38 3.89 -52.28 -55.18
CA VAL O 38 4.42 -51.62 -56.37
C VAL O 38 3.33 -50.84 -57.09
N TYR O 39 2.17 -51.46 -57.25
CA TYR O 39 1.05 -50.82 -57.92
C TYR O 39 0.58 -49.60 -57.12
N LEU O 40 0.43 -49.78 -55.81
CA LEU O 40 0.01 -48.70 -54.94
C LEU O 40 1.04 -47.57 -54.90
N ALA O 41 2.31 -47.94 -54.83
CA ALA O 41 3.39 -46.96 -54.79
C ALA O 41 3.36 -46.07 -56.03
N ALA O 42 3.04 -46.67 -57.17
CA ALA O 42 2.97 -45.94 -58.43
C ALA O 42 1.81 -44.96 -58.42
N VAL O 43 0.65 -45.41 -57.93
CA VAL O 43 -0.54 -44.58 -57.87
C VAL O 43 -0.28 -43.35 -57.00
N LEU O 44 0.27 -43.58 -55.82
CA LEU O 44 0.57 -42.48 -54.90
C LEU O 44 1.50 -41.47 -55.54
N GLU O 45 2.54 -41.98 -56.21
CA GLU O 45 3.51 -41.11 -56.88
C GLU O 45 2.84 -40.25 -57.93
N TYR O 46 1.95 -40.87 -58.71
CA TYR O 46 1.24 -40.15 -59.76
C TYR O 46 0.45 -38.98 -59.19
N LEU O 47 -0.46 -39.27 -58.27
CA LEU O 47 -1.29 -38.25 -57.64
C LEU O 47 -0.46 -37.08 -57.12
N THR O 48 0.59 -37.40 -56.36
CA THR O 48 1.46 -36.37 -55.80
C THR O 48 2.07 -35.56 -56.94
N ALA O 49 2.34 -36.22 -58.05
CA ALA O 49 2.93 -35.56 -59.22
C ALA O 49 1.88 -34.70 -59.91
N GLU O 50 0.62 -35.16 -59.86
CA GLU O 50 -0.48 -34.44 -60.47
C GLU O 50 -0.78 -33.17 -59.68
N ILE O 51 -0.65 -33.25 -58.36
CA ILE O 51 -0.90 -32.13 -57.49
C ILE O 51 0.19 -31.07 -57.65
N LEU O 52 1.42 -31.46 -57.38
CA LEU O 52 2.56 -30.56 -57.49
C LEU O 52 2.66 -29.98 -58.91
N GLU O 53 2.09 -30.69 -59.87
CA GLU O 53 2.12 -30.25 -61.26
C GLU O 53 1.31 -28.96 -61.42
N LEU O 54 0.11 -28.95 -60.85
CA LEU O 54 -0.76 -27.79 -60.92
C LEU O 54 -0.42 -26.78 -59.84
N ALA O 55 -0.05 -27.26 -58.66
CA ALA O 55 0.31 -26.40 -57.54
C ALA O 55 1.48 -25.52 -57.94
N GLY O 56 2.41 -26.07 -58.71
CA GLY O 56 3.57 -25.33 -59.14
C GLY O 56 3.19 -24.17 -60.05
N ASN O 57 2.29 -24.43 -60.99
CA ASN O 57 1.83 -23.40 -61.92
C ASN O 57 1.18 -22.27 -61.14
N ALA O 58 0.37 -22.64 -60.15
CA ALA O 58 -0.31 -21.66 -59.32
C ALA O 58 0.73 -20.76 -58.65
N ALA O 59 1.83 -21.37 -58.24
CA ALA O 59 2.91 -20.63 -57.59
C ALA O 59 3.52 -19.62 -58.57
N ARG O 60 3.62 -20.03 -59.83
CA ARG O 60 4.18 -19.17 -60.86
C ARG O 60 3.24 -18.00 -61.15
N ASP O 61 1.96 -18.30 -61.31
CA ASP O 61 0.96 -17.28 -61.59
C ASP O 61 0.97 -16.21 -60.50
N ASN O 62 1.28 -16.61 -59.28
CA ASN O 62 1.33 -15.69 -58.16
C ASN O 62 2.76 -15.20 -57.95
N LYS O 63 3.62 -15.48 -58.93
CA LYS O 63 5.02 -15.07 -58.88
C LYS O 63 5.71 -15.57 -57.61
N LYS O 64 5.79 -16.89 -57.47
CA LYS O 64 6.43 -17.52 -56.32
C LYS O 64 7.19 -18.75 -56.77
N THR O 65 8.45 -18.85 -56.32
CA THR O 65 9.29 -19.99 -56.69
C THR O 65 9.18 -21.12 -55.66
N ARG O 66 8.31 -20.95 -54.67
CA ARG O 66 8.13 -21.96 -53.64
C ARG O 66 6.65 -22.17 -53.34
N ILE O 67 6.19 -23.41 -53.49
CA ILE O 67 4.79 -23.75 -53.26
C ILE O 67 4.40 -23.64 -51.79
N ILE O 68 3.19 -23.13 -51.56
CA ILE O 68 2.65 -22.95 -50.21
C ILE O 68 1.21 -23.46 -50.17
N PRO O 69 0.64 -23.62 -48.97
CA PRO O 69 -0.73 -24.10 -48.83
C PRO O 69 -1.69 -23.41 -49.80
N ARG O 70 -1.60 -22.09 -49.87
CA ARG O 70 -2.44 -21.28 -50.75
C ARG O 70 -2.43 -21.88 -52.16
N HIS O 71 -1.22 -22.15 -52.66
CA HIS O 71 -1.05 -22.71 -53.99
C HIS O 71 -1.70 -24.08 -54.14
N LEU O 72 -1.45 -24.96 -53.18
CA LEU O 72 -2.03 -26.31 -53.21
C LEU O 72 -3.55 -26.22 -53.26
N GLN O 73 -4.10 -25.25 -52.54
CA GLN O 73 -5.55 -25.04 -52.51
C GLN O 73 -6.05 -24.63 -53.89
N LEU O 74 -5.25 -23.82 -54.58
CA LEU O 74 -5.60 -23.35 -55.91
C LEU O 74 -5.69 -24.50 -56.90
N ALA O 75 -4.60 -25.25 -57.01
CA ALA O 75 -4.53 -26.39 -57.93
C ALA O 75 -5.66 -27.40 -57.73
N VAL O 76 -5.94 -27.71 -56.47
CA VAL O 76 -6.98 -28.67 -56.14
C VAL O 76 -8.39 -28.22 -56.49
N ARG O 77 -8.74 -26.99 -56.09
CA ARG O 77 -10.07 -26.47 -56.35
C ARG O 77 -10.30 -26.07 -57.82
N ASN O 78 -9.22 -25.79 -58.53
CA ASN O 78 -9.33 -25.43 -59.94
C ASN O 78 -9.51 -26.67 -60.80
N ASP O 79 -9.04 -27.81 -60.28
CA ASP O 79 -9.15 -29.07 -60.99
C ASP O 79 -10.42 -29.79 -60.57
N GLU O 80 -11.35 -29.94 -61.51
CA GLU O 80 -12.63 -30.58 -61.25
C GLU O 80 -12.52 -31.90 -60.50
N GLU O 81 -11.61 -32.77 -60.93
CA GLU O 81 -11.42 -34.07 -60.29
C GLU O 81 -10.74 -34.00 -58.94
N LEU O 82 -9.59 -33.31 -58.86
CA LEU O 82 -8.87 -33.19 -57.60
C LEU O 82 -9.78 -32.60 -56.53
N ASN O 83 -10.66 -31.69 -56.94
CA ASN O 83 -11.59 -31.07 -56.02
C ASN O 83 -12.65 -32.07 -55.60
N LYS O 84 -12.88 -33.06 -56.46
CA LYS O 84 -13.87 -34.11 -56.19
C LYS O 84 -13.26 -35.17 -55.28
N LEU O 85 -12.18 -36.07 -54.91
CA LEU O 85 -11.32 -36.88 -54.05
C LEU O 85 -11.16 -36.15 -52.73
N LEU O 86 -10.98 -34.84 -52.81
CA LEU O 86 -10.92 -33.99 -51.64
C LEU O 86 -12.26 -34.00 -50.92
N GLY O 87 -13.34 -33.98 -51.69
CA GLY O 87 -14.69 -33.95 -51.13
C GLY O 87 -15.03 -35.17 -50.32
N ARG O 88 -14.63 -36.34 -50.80
CA ARG O 88 -14.90 -37.59 -50.08
C ARG O 88 -14.18 -37.55 -48.74
N VAL O 89 -12.94 -37.08 -48.76
CA VAL O 89 -12.18 -36.88 -47.54
C VAL O 89 -12.74 -35.68 -46.77
N THR O 90 -12.73 -35.75 -45.46
CA THR O 90 -13.19 -34.63 -44.65
C THR O 90 -12.27 -33.43 -44.85
N ILE O 91 -12.86 -32.24 -44.94
CA ILE O 91 -12.07 -31.01 -45.04
C ILE O 91 -12.73 -29.85 -44.29
N ALA O 92 -11.91 -28.89 -43.88
CA ALA O 92 -12.39 -27.69 -43.21
C ALA O 92 -12.41 -26.69 -44.31
N GLN O 93 -13.54 -26.02 -44.42
CA GLN O 93 -13.75 -25.14 -45.53
C GLN O 93 -12.90 -23.90 -45.29
N GLY O 94 -12.46 -23.28 -46.38
CA GLY O 94 -11.61 -22.11 -46.29
C GLY O 94 -12.33 -20.93 -46.93
N TYR P 12 6.77 -38.63 -46.25
CA TYR P 12 7.10 -38.72 -47.70
C TYR P 12 7.71 -37.40 -48.19
N ALA P 13 8.08 -36.55 -47.24
CA ALA P 13 8.66 -35.24 -47.54
C ALA P 13 9.64 -35.28 -48.72
N ILE P 14 10.68 -36.09 -48.60
CA ILE P 14 11.69 -36.20 -49.64
C ILE P 14 11.14 -36.74 -50.97
N TYR P 15 10.34 -37.80 -50.89
CA TYR P 15 9.77 -38.41 -52.08
C TYR P 15 8.83 -37.43 -52.78
N VAL P 16 8.26 -36.51 -52.01
CA VAL P 16 7.35 -35.51 -52.56
C VAL P 16 8.16 -34.40 -53.19
N TYR P 17 9.33 -34.12 -52.62
CA TYR P 17 10.20 -33.07 -53.13
C TYR P 17 10.78 -33.49 -54.49
N LYS P 18 11.14 -34.76 -54.60
CA LYS P 18 11.69 -35.28 -55.86
C LYS P 18 10.67 -35.11 -56.97
N VAL P 19 9.44 -35.54 -56.70
CA VAL P 19 8.36 -35.44 -57.68
C VAL P 19 8.14 -33.98 -58.07
N LEU P 20 8.32 -33.09 -57.09
CA LEU P 20 8.15 -31.66 -57.33
C LEU P 20 9.19 -31.16 -58.32
N LYS P 21 10.34 -31.82 -58.36
CA LYS P 21 11.42 -31.44 -59.25
C LYS P 21 11.23 -32.05 -60.65
N GLN P 22 10.52 -33.17 -60.70
CA GLN P 22 10.27 -33.84 -61.98
C GLN P 22 9.22 -33.08 -62.78
N VAL P 23 8.40 -32.29 -62.08
CA VAL P 23 7.36 -31.51 -62.72
C VAL P 23 7.67 -30.02 -62.67
N HIS P 24 8.35 -29.60 -61.62
CA HIS P 24 8.73 -28.20 -61.45
C HIS P 24 10.13 -28.05 -60.84
N PRO P 25 11.16 -28.21 -61.67
CA PRO P 25 12.56 -28.10 -61.23
C PRO P 25 12.88 -26.78 -60.52
N ASP P 26 12.31 -25.70 -61.04
CA ASP P 26 12.55 -24.37 -60.47
C ASP P 26 11.46 -23.96 -59.47
N THR P 27 10.83 -24.93 -58.83
CA THR P 27 9.79 -24.66 -57.87
C THR P 27 10.04 -25.37 -56.54
N GLY P 28 9.94 -24.64 -55.44
CA GLY P 28 10.17 -25.22 -54.13
C GLY P 28 8.88 -25.49 -53.39
N ILE P 29 8.96 -25.57 -52.07
CA ILE P 29 7.79 -25.83 -51.24
C ILE P 29 8.05 -25.45 -49.79
N SER P 30 7.05 -24.85 -49.15
CA SER P 30 7.17 -24.43 -47.76
C SER P 30 6.97 -25.60 -46.81
N SER P 31 7.23 -25.38 -45.53
CA SER P 31 7.09 -26.41 -44.52
C SER P 31 5.63 -26.83 -44.35
N LYS P 32 4.75 -25.84 -44.24
CA LYS P 32 3.32 -26.11 -44.08
C LYS P 32 2.76 -26.85 -45.29
N ALA P 33 3.13 -26.39 -46.49
CA ALA P 33 2.67 -27.01 -47.72
C ALA P 33 3.09 -28.47 -47.76
N MET P 34 4.28 -28.74 -47.24
CA MET P 34 4.81 -30.11 -47.20
C MET P 34 3.98 -30.95 -46.24
N SER P 35 3.64 -30.38 -45.10
CA SER P 35 2.85 -31.06 -44.09
C SER P 35 1.49 -31.45 -44.67
N ILE P 36 0.95 -30.58 -45.52
CA ILE P 36 -0.33 -30.83 -46.16
C ILE P 36 -0.22 -31.97 -47.16
N MET P 37 0.90 -32.02 -47.87
CA MET P 37 1.14 -33.07 -48.85
C MET P 37 1.33 -34.42 -48.17
N ASN P 38 1.96 -34.39 -47.00
CA ASN P 38 2.20 -35.61 -46.23
C ASN P 38 0.87 -36.20 -45.79
N SER P 39 -0.03 -35.32 -45.35
CA SER P 39 -1.35 -35.75 -44.91
C SER P 39 -2.13 -36.33 -46.08
N PHE P 40 -1.96 -35.70 -47.25
CA PHE P 40 -2.64 -36.15 -48.47
C PHE P 40 -2.25 -37.58 -48.80
N VAL P 41 -0.95 -37.85 -48.77
CA VAL P 41 -0.43 -39.18 -49.07
C VAL P 41 -0.98 -40.21 -48.09
N ASN P 42 -0.81 -39.95 -46.81
CA ASN P 42 -1.29 -40.86 -45.77
C ASN P 42 -2.79 -41.06 -45.88
N ASP P 43 -3.51 -40.00 -46.20
CA ASP P 43 -4.96 -40.04 -46.34
C ASP P 43 -5.36 -40.97 -47.49
N VAL P 44 -4.80 -40.71 -48.66
CA VAL P 44 -5.10 -41.52 -49.84
C VAL P 44 -4.71 -42.98 -49.60
N PHE P 45 -3.57 -43.18 -48.95
CA PHE P 45 -3.08 -44.52 -48.64
C PHE P 45 -4.11 -45.30 -47.85
N GLU P 46 -4.54 -44.75 -46.71
CA GLU P 46 -5.53 -45.39 -45.85
C GLU P 46 -6.83 -45.67 -46.59
N ARG P 47 -7.25 -44.73 -47.43
CA ARG P 47 -8.49 -44.89 -48.18
C ARG P 47 -8.40 -46.12 -49.10
N ILE P 48 -7.42 -46.10 -50.00
CA ILE P 48 -7.22 -47.20 -50.94
C ILE P 48 -7.05 -48.51 -50.20
N ALA P 49 -6.09 -48.55 -49.27
CA ALA P 49 -5.82 -49.75 -48.49
C ALA P 49 -7.09 -50.20 -47.76
N GLY P 50 -7.88 -49.23 -47.31
CA GLY P 50 -9.11 -49.55 -46.61
C GLY P 50 -10.03 -50.36 -47.50
N GLU P 51 -10.19 -49.90 -48.74
CA GLU P 51 -11.04 -50.60 -49.70
C GLU P 51 -10.48 -51.98 -49.99
N ALA P 52 -9.26 -52.03 -50.49
CA ALA P 52 -8.60 -53.30 -50.81
C ALA P 52 -8.81 -54.30 -49.67
N SER P 53 -8.83 -53.78 -48.44
CA SER P 53 -9.03 -54.61 -47.27
C SER P 53 -10.42 -55.24 -47.33
N ARG P 54 -11.42 -54.41 -47.61
CA ARG P 54 -12.80 -54.88 -47.70
C ARG P 54 -12.93 -55.88 -48.84
N LEU P 55 -12.46 -55.50 -50.03
CA LEU P 55 -12.52 -56.37 -51.19
C LEU P 55 -12.03 -57.77 -50.86
N ALA P 56 -10.98 -57.84 -50.04
CA ALA P 56 -10.41 -59.12 -49.63
C ALA P 56 -11.41 -59.88 -48.79
N HIS P 57 -11.95 -59.22 -47.77
CA HIS P 57 -12.94 -59.84 -46.88
C HIS P 57 -14.20 -60.23 -47.64
N TYR P 58 -14.67 -59.32 -48.49
CA TYR P 58 -15.88 -59.56 -49.27
C TYR P 58 -15.74 -60.85 -50.07
N ASN P 59 -14.68 -60.94 -50.86
CA ASN P 59 -14.43 -62.13 -51.67
C ASN P 59 -13.84 -63.23 -50.79
N LYS P 60 -13.72 -62.94 -49.50
CA LYS P 60 -13.17 -63.88 -48.54
C LYS P 60 -11.81 -64.42 -48.93
N ARG P 61 -10.86 -63.50 -49.13
CA ARG P 61 -9.50 -63.86 -49.49
C ARG P 61 -8.56 -63.33 -48.42
N SER P 62 -7.48 -64.07 -48.16
CA SER P 62 -6.52 -63.68 -47.13
C SER P 62 -5.30 -62.95 -47.70
N THR P 63 -5.47 -62.31 -48.84
CA THR P 63 -4.37 -61.58 -49.46
C THR P 63 -4.82 -60.33 -50.23
N ILE P 64 -4.00 -59.29 -50.18
CA ILE P 64 -4.29 -58.04 -50.88
C ILE P 64 -3.22 -57.83 -51.96
N THR P 65 -3.54 -58.25 -53.17
CA THR P 65 -2.62 -58.10 -54.29
C THR P 65 -2.85 -56.77 -55.01
N SER P 66 -2.10 -56.55 -56.09
CA SER P 66 -2.23 -55.33 -56.87
C SER P 66 -3.61 -55.28 -57.51
N ARG P 67 -4.33 -56.39 -57.42
CA ARG P 67 -5.67 -56.49 -57.99
C ARG P 67 -6.67 -55.74 -57.12
N GLU P 68 -6.61 -55.96 -55.81
CA GLU P 68 -7.51 -55.29 -54.88
C GLU P 68 -7.20 -53.80 -54.83
N ILE P 69 -5.92 -53.47 -55.01
CA ILE P 69 -5.48 -52.08 -54.99
C ILE P 69 -6.02 -51.34 -56.22
N GLN P 70 -5.96 -52.00 -57.37
CA GLN P 70 -6.43 -51.42 -58.62
C GLN P 70 -7.90 -51.04 -58.55
N THR P 71 -8.75 -52.01 -58.23
CA THR P 71 -10.18 -51.78 -58.13
C THR P 71 -10.48 -50.75 -57.06
N ALA P 72 -9.73 -50.79 -55.97
CA ALA P 72 -9.91 -49.84 -54.88
C ALA P 72 -9.69 -48.42 -55.40
N VAL P 73 -8.90 -48.32 -56.46
CA VAL P 73 -8.60 -47.03 -57.07
C VAL P 73 -9.77 -46.55 -57.93
N ARG P 74 -10.44 -47.50 -58.59
CA ARG P 74 -11.58 -47.16 -59.44
C ARG P 74 -12.76 -46.71 -58.59
N LEU P 75 -12.84 -47.24 -57.37
CA LEU P 75 -13.93 -46.90 -56.45
C LEU P 75 -13.66 -45.60 -55.72
N LEU P 76 -12.40 -45.33 -55.41
CA LEU P 76 -12.03 -44.11 -54.70
C LEU P 76 -11.83 -42.92 -55.62
N LEU P 77 -10.86 -43.02 -56.52
CA LEU P 77 -10.56 -41.94 -57.46
C LEU P 77 -11.64 -41.77 -58.52
N PRO P 78 -11.91 -40.51 -58.92
CA PRO P 78 -12.93 -40.20 -59.93
C PRO P 78 -12.51 -40.65 -61.33
N GLY P 79 -13.49 -40.79 -62.21
CA GLY P 79 -13.26 -41.22 -63.58
C GLY P 79 -11.86 -41.09 -64.14
N GLU P 80 -11.62 -40.00 -64.86
CA GLU P 80 -10.33 -39.73 -65.49
C GLU P 80 -9.13 -39.89 -64.56
N LEU P 81 -9.22 -39.30 -63.37
CA LEU P 81 -8.12 -39.37 -62.41
C LEU P 81 -7.77 -40.80 -62.04
N ALA P 82 -8.79 -41.66 -61.92
CA ALA P 82 -8.57 -43.05 -61.57
C ALA P 82 -7.94 -43.79 -62.75
N LYS P 83 -8.34 -43.41 -63.95
CA LYS P 83 -7.82 -44.01 -65.18
C LYS P 83 -6.30 -44.03 -65.18
N HIS P 84 -5.69 -42.85 -65.12
CA HIS P 84 -4.25 -42.74 -65.11
C HIS P 84 -3.62 -43.54 -63.98
N ALA P 85 -4.23 -43.46 -62.81
CA ALA P 85 -3.74 -44.19 -61.65
C ALA P 85 -3.61 -45.67 -61.99
N VAL P 86 -4.58 -46.18 -62.73
CA VAL P 86 -4.58 -47.58 -63.14
C VAL P 86 -3.47 -47.81 -64.16
N SER P 87 -3.17 -46.79 -64.96
CA SER P 87 -2.14 -46.87 -65.96
C SER P 87 -0.75 -46.91 -65.32
N GLU P 88 -0.47 -45.91 -64.50
CA GLU P 88 0.81 -45.82 -63.81
C GLU P 88 1.06 -47.04 -62.93
N GLY P 89 -0.01 -47.51 -62.28
CA GLY P 89 0.12 -48.67 -61.41
C GLY P 89 0.42 -49.94 -62.17
N THR P 90 -0.34 -50.18 -63.24
CA THR P 90 -0.16 -51.37 -64.06
C THR P 90 1.25 -51.39 -64.67
N LYS P 91 1.72 -50.21 -65.09
CA LYS P 91 3.03 -50.09 -65.69
C LYS P 91 4.13 -50.40 -64.67
N ALA P 92 3.99 -49.86 -63.47
CA ALA P 92 4.96 -50.09 -62.41
C ALA P 92 5.12 -51.58 -62.12
N VAL P 93 4.00 -52.28 -62.01
CA VAL P 93 4.02 -53.71 -61.74
C VAL P 93 4.67 -54.47 -62.90
N THR P 94 4.38 -54.02 -64.12
CA THR P 94 4.94 -54.64 -65.31
C THR P 94 6.46 -54.51 -65.35
N LYS P 95 6.95 -53.29 -65.13
CA LYS P 95 8.38 -53.03 -65.13
C LYS P 95 9.06 -53.70 -63.95
N TYR P 96 8.44 -53.62 -62.78
CA TYR P 96 8.98 -54.22 -61.56
C TYR P 96 9.30 -55.71 -61.77
N THR P 97 8.30 -56.47 -62.21
CA THR P 97 8.47 -57.90 -62.45
C THR P 97 9.61 -58.17 -63.45
N SER P 98 9.75 -57.29 -64.43
CA SER P 98 10.77 -57.44 -65.45
C SER P 98 12.18 -57.41 -64.84
N ALA P 99 12.47 -56.35 -64.09
CA ALA P 99 13.77 -56.19 -63.46
C ALA P 99 14.11 -57.39 -62.58
N LYS P 100 15.16 -58.12 -62.96
CA LYS P 100 15.58 -59.30 -62.22
C LYS P 100 17.10 -59.28 -62.01
N SER Q 20 -52.68 -24.52 32.57
CA SER Q 20 -51.70 -25.36 31.81
C SER Q 20 -52.41 -26.52 31.13
N GLY Q 21 -53.20 -27.27 31.91
CA GLY Q 21 -53.92 -28.40 31.36
C GLY Q 21 -54.97 -27.97 30.36
N TYR Q 22 -55.31 -26.69 30.37
CA TYR Q 22 -56.31 -26.14 29.47
C TYR Q 22 -55.80 -26.17 28.03
N VAL Q 23 -54.61 -25.65 27.82
CA VAL Q 23 -54.01 -25.60 26.49
C VAL Q 23 -53.56 -27.00 26.04
N GLY Q 24 -53.20 -27.83 27.01
CA GLY Q 24 -52.76 -29.18 26.68
C GLY Q 24 -53.81 -30.02 25.99
N GLY Q 25 -55.08 -29.80 26.36
CA GLY Q 25 -56.16 -30.56 25.76
C GLY Q 25 -56.72 -29.92 24.50
N LEU Q 26 -55.97 -28.99 23.91
CA LEU Q 26 -56.41 -28.33 22.69
C LEU Q 26 -56.27 -29.23 21.47
N PRO Q 27 -57.29 -29.23 20.59
CA PRO Q 27 -57.29 -30.04 19.37
C PRO Q 27 -56.08 -29.79 18.48
N LYS Q 28 -55.74 -30.76 17.65
CA LYS Q 28 -54.62 -30.66 16.74
C LYS Q 28 -54.71 -29.38 15.92
N ASN Q 29 -55.91 -29.10 15.42
CA ASN Q 29 -56.14 -27.91 14.61
C ASN Q 29 -55.82 -26.65 15.41
N VAL Q 30 -56.47 -26.51 16.56
CA VAL Q 30 -56.27 -25.36 17.43
C VAL Q 30 -54.79 -25.06 17.67
N LYS Q 31 -54.09 -25.99 18.30
CA LYS Q 31 -52.68 -25.82 18.60
C LYS Q 31 -51.91 -25.21 17.44
N GLU Q 32 -51.95 -25.86 16.28
CA GLU Q 32 -51.26 -25.36 15.09
C GLU Q 32 -51.55 -23.88 14.88
N LYS Q 33 -52.80 -23.50 15.10
CA LYS Q 33 -53.22 -22.11 14.93
C LYS Q 33 -52.40 -21.22 15.87
N LEU Q 34 -52.09 -21.75 17.05
CA LEU Q 34 -51.30 -21.01 18.03
C LEU Q 34 -49.83 -21.04 17.63
N LEU Q 35 -49.35 -22.19 17.20
CA LEU Q 35 -47.96 -22.34 16.76
C LEU Q 35 -47.59 -21.23 15.79
N SER Q 36 -48.43 -21.05 14.78
CA SER Q 36 -48.20 -20.02 13.78
C SER Q 36 -48.07 -18.66 14.44
N LEU Q 37 -49.06 -18.30 15.25
CA LEU Q 37 -49.05 -17.02 15.95
C LEU Q 37 -47.78 -16.87 16.79
N LYS Q 38 -47.37 -17.97 17.42
CA LYS Q 38 -46.16 -17.96 18.24
C LYS Q 38 -44.98 -17.54 17.37
N THR Q 39 -45.12 -17.77 16.07
CA THR Q 39 -44.08 -17.41 15.11
C THR Q 39 -44.21 -15.94 14.73
N LEU Q 40 -45.44 -15.50 14.48
CA LEU Q 40 -45.68 -14.11 14.12
C LEU Q 40 -45.12 -13.20 15.20
N GLN Q 41 -45.21 -13.65 16.45
CA GLN Q 41 -44.71 -12.87 17.58
C GLN Q 41 -43.19 -12.81 17.47
N SER Q 42 -42.58 -13.88 16.98
CA SER Q 42 -41.13 -13.91 16.81
C SER Q 42 -40.75 -12.85 15.79
N GLU Q 43 -41.55 -12.74 14.73
CA GLU Q 43 -41.31 -11.74 13.69
C GLU Q 43 -41.59 -10.38 14.30
N LEU Q 44 -42.46 -10.36 15.31
CA LEU Q 44 -42.83 -9.14 15.99
C LEU Q 44 -41.65 -8.74 16.88
N PHE Q 45 -40.97 -9.74 17.43
CA PHE Q 45 -39.80 -9.51 18.27
C PHE Q 45 -38.73 -8.84 17.41
N GLU Q 46 -38.62 -9.30 16.18
CA GLU Q 46 -37.64 -8.80 15.22
C GLU Q 46 -37.75 -7.28 15.05
N VAL Q 47 -38.94 -6.80 14.72
CA VAL Q 47 -39.15 -5.37 14.53
C VAL Q 47 -38.96 -4.58 15.82
N GLU Q 48 -39.45 -5.11 16.93
CA GLU Q 48 -39.30 -4.44 18.22
C GLU Q 48 -37.82 -4.22 18.50
N LYS Q 49 -37.00 -5.15 18.00
CA LYS Q 49 -35.56 -5.08 18.19
C LYS Q 49 -35.03 -3.82 17.53
N GLU Q 50 -35.41 -3.60 16.28
CA GLU Q 50 -34.98 -2.41 15.55
C GLU Q 50 -35.56 -1.16 16.19
N PHE Q 51 -36.71 -1.30 16.82
CA PHE Q 51 -37.37 -0.18 17.48
C PHE Q 51 -36.45 0.37 18.57
N GLN Q 52 -35.98 -0.52 19.43
CA GLN Q 52 -35.08 -0.14 20.52
C GLN Q 52 -33.81 0.48 19.97
N VAL Q 53 -33.37 0.00 18.80
CA VAL Q 53 -32.17 0.52 18.17
C VAL Q 53 -32.31 2.01 17.91
N GLU Q 54 -33.23 2.36 17.01
CA GLU Q 54 -33.47 3.76 16.69
C GLU Q 54 -33.89 4.51 17.94
N MET Q 55 -34.55 3.80 18.85
CA MET Q 55 -35.01 4.39 20.11
C MET Q 55 -33.79 4.83 20.93
N PHE Q 56 -32.76 4.00 20.89
CA PHE Q 56 -31.52 4.27 21.62
C PHE Q 56 -30.78 5.44 20.98
N GLU Q 57 -30.52 5.32 19.68
CA GLU Q 57 -29.81 6.35 18.94
C GLU Q 57 -30.47 7.72 19.04
N LEU Q 58 -31.79 7.75 18.85
CA LEU Q 58 -32.54 8.99 18.93
C LEU Q 58 -32.34 9.63 20.31
N GLU Q 59 -32.53 8.81 21.34
CA GLU Q 59 -32.38 9.29 22.72
C GLU Q 59 -30.96 9.78 22.96
N ASN Q 60 -30.01 9.23 22.19
CA ASN Q 60 -28.61 9.61 22.31
C ASN Q 60 -28.40 10.95 21.61
N LYS Q 61 -29.05 11.10 20.45
CA LYS Q 61 -28.96 12.31 19.65
C LYS Q 61 -29.27 13.55 20.49
N PHE Q 62 -30.41 13.53 21.17
CA PHE Q 62 -30.84 14.65 22.01
C PHE Q 62 -29.95 14.89 23.23
N LEU Q 63 -29.30 13.84 23.72
CA LEU Q 63 -28.42 14.00 24.87
C LEU Q 63 -27.33 14.99 24.50
N GLN Q 64 -26.91 14.94 23.23
CA GLN Q 64 -25.87 15.82 22.73
C GLN Q 64 -26.36 17.27 22.75
N LYS Q 65 -27.67 17.44 22.90
CA LYS Q 65 -28.27 18.78 22.95
C LYS Q 65 -28.47 19.20 24.39
N TYR Q 66 -28.65 18.21 25.28
CA TYR Q 66 -28.85 18.49 26.70
C TYR Q 66 -27.55 18.95 27.34
N LYS Q 67 -26.45 18.31 26.94
CA LYS Q 67 -25.13 18.63 27.48
C LYS Q 67 -24.78 20.12 27.36
N PRO Q 68 -24.93 20.71 26.16
CA PRO Q 68 -24.62 22.13 25.99
C PRO Q 68 -25.22 23.01 27.08
N ILE Q 69 -26.36 22.58 27.62
CA ILE Q 69 -27.03 23.32 28.67
C ILE Q 69 -26.44 22.98 30.03
N TRP Q 70 -26.22 21.69 30.27
CA TRP Q 70 -25.66 21.24 31.54
C TRP Q 70 -24.21 21.73 31.67
N GLU Q 71 -23.45 21.61 30.58
CA GLU Q 71 -22.07 22.06 30.57
C GLU Q 71 -22.06 23.56 30.81
N GLN Q 72 -23.17 24.20 30.48
CA GLN Q 72 -23.31 25.64 30.64
C GLN Q 72 -23.59 25.98 32.10
N ARG Q 73 -24.49 25.24 32.72
CA ARG Q 73 -24.85 25.47 34.12
C ARG Q 73 -23.70 25.09 35.06
N SER Q 74 -22.97 24.04 34.70
CA SER Q 74 -21.85 23.57 35.51
C SER Q 74 -20.92 24.73 35.84
N ARG Q 75 -20.61 25.55 34.83
CA ARG Q 75 -19.74 26.70 35.02
C ARG Q 75 -20.40 27.73 35.92
N ILE Q 76 -21.70 27.92 35.72
CA ILE Q 76 -22.48 28.87 36.52
C ILE Q 76 -22.49 28.41 37.96
N ILE Q 77 -22.29 27.10 38.16
CA ILE Q 77 -22.29 26.51 39.48
C ILE Q 77 -20.89 26.56 40.09
N SER Q 78 -19.88 26.51 39.23
CA SER Q 78 -18.49 26.56 39.66
C SER Q 78 -18.00 27.99 39.70
N GLY Q 79 -18.91 28.93 39.48
CA GLY Q 79 -18.54 30.33 39.48
C GLY Q 79 -17.60 30.59 38.31
N GLN Q 80 -17.43 29.56 37.49
CA GLN Q 80 -16.56 29.61 36.33
C GLN Q 80 -17.02 30.75 35.42
N GLU Q 81 -18.32 30.77 35.13
CA GLU Q 81 -18.88 31.82 34.29
C GLU Q 81 -20.00 32.50 35.07
N GLN Q 82 -20.18 33.80 34.85
CA GLN Q 82 -21.22 34.55 35.56
C GLN Q 82 -22.50 34.75 34.75
N PRO Q 83 -23.65 34.74 35.45
CA PRO Q 83 -24.98 34.92 34.85
C PRO Q 83 -25.11 36.25 34.12
N LYS Q 84 -25.98 36.28 33.10
CA LYS Q 84 -26.20 37.49 32.33
C LYS Q 84 -27.49 38.14 32.84
N PRO Q 85 -27.52 39.48 32.94
CA PRO Q 85 -28.71 40.18 33.41
C PRO Q 85 -29.96 39.70 32.69
N GLU Q 86 -29.77 39.20 31.47
CA GLU Q 86 -30.88 38.68 30.67
C GLU Q 86 -31.47 37.45 31.33
N GLN Q 87 -30.59 36.54 31.76
CA GLN Q 87 -31.01 35.31 32.41
C GLN Q 87 -31.60 35.60 33.79
N ILE Q 88 -30.96 36.52 34.51
CA ILE Q 88 -31.41 36.88 35.86
C ILE Q 88 -32.87 37.31 35.83
N ALA Q 89 -33.16 38.36 35.06
CA ALA Q 89 -34.51 38.88 34.94
C ALA Q 89 -35.44 37.79 34.40
N LYS Q 90 -35.04 37.15 33.31
CA LYS Q 90 -35.82 36.10 32.70
C LYS Q 90 -36.14 35.01 33.72
N GLY Q 91 -35.25 34.84 34.69
CA GLY Q 91 -35.45 33.84 35.71
C GLY Q 91 -36.56 34.21 36.68
N GLN Q 92 -36.54 35.45 37.15
CA GLN Q 92 -37.56 35.93 38.09
C GLN Q 92 -38.95 35.79 37.47
N GLU Q 93 -39.04 36.08 36.17
CA GLU Q 93 -40.30 35.98 35.46
C GLU Q 93 -40.77 34.53 35.46
N ILE Q 94 -39.83 33.61 35.71
CA ILE Q 94 -40.14 32.19 35.75
C ILE Q 94 -40.48 31.78 37.18
N VAL Q 95 -39.70 32.29 38.13
CA VAL Q 95 -39.92 31.99 39.54
C VAL Q 95 -41.31 32.46 39.95
N GLU Q 96 -41.70 33.62 39.45
CA GLU Q 96 -43.02 34.18 39.76
C GLU Q 96 -44.10 33.41 39.00
N SER Q 97 -43.79 32.99 37.78
CA SER Q 97 -44.72 32.24 36.96
C SER Q 97 -45.03 30.89 37.59
N LEU Q 98 -44.05 30.34 38.30
CA LEU Q 98 -44.22 29.04 38.96
C LEU Q 98 -44.62 29.23 40.42
N ASN Q 99 -44.63 30.49 40.85
CA ASN Q 99 -45.00 30.84 42.23
C ASN Q 99 -44.09 30.19 43.27
N GLU Q 100 -42.79 30.48 43.17
CA GLU Q 100 -41.83 29.94 44.12
C GLU Q 100 -41.44 31.03 45.12
N THR Q 101 -41.13 32.21 44.60
CA THR Q 101 -40.75 33.35 45.42
C THR Q 101 -39.44 33.15 46.17
N GLU Q 102 -39.18 31.91 46.57
CA GLU Q 102 -37.97 31.57 47.31
C GLU Q 102 -36.71 32.03 46.58
N LEU Q 103 -36.83 32.24 45.27
CA LEU Q 103 -35.70 32.68 44.46
C LEU Q 103 -35.72 34.17 44.18
N LEU Q 104 -36.53 34.91 44.92
CA LEU Q 104 -36.64 36.35 44.74
C LEU Q 104 -35.68 37.11 45.65
N VAL Q 105 -34.94 38.04 45.07
CA VAL Q 105 -33.98 38.85 45.82
C VAL Q 105 -34.66 40.11 46.34
N ASP Q 106 -34.05 40.72 47.35
CA ASP Q 106 -34.59 41.93 47.95
C ASP Q 106 -34.23 43.16 47.12
N GLU Q 107 -34.94 44.26 47.36
CA GLU Q 107 -34.70 45.51 46.66
C GLU Q 107 -33.46 46.21 47.19
N GLU Q 108 -32.36 46.12 46.45
CA GLU Q 108 -31.11 46.75 46.86
C GLU Q 108 -30.04 46.53 45.81
N GLU Q 109 -29.42 47.62 45.36
CA GLU Q 109 -28.38 47.58 44.34
C GLU Q 109 -27.51 46.33 44.46
N GLN Q 119 -20.04 37.65 47.07
CA GLN Q 119 -19.75 36.95 48.32
C GLN Q 119 -18.92 35.69 48.07
N VAL Q 120 -19.59 34.61 47.66
CA VAL Q 120 -18.93 33.35 47.39
C VAL Q 120 -18.61 33.16 45.91
N LYS Q 121 -18.03 32.01 45.58
CA LYS Q 121 -17.67 31.68 44.21
C LYS Q 121 -18.55 30.57 43.64
N GLY Q 122 -19.53 30.98 42.82
CA GLY Q 122 -20.42 30.01 42.20
C GLY Q 122 -21.20 29.14 43.16
N ILE Q 123 -22.41 29.60 43.50
CA ILE Q 123 -23.32 28.89 44.40
C ILE Q 123 -22.70 27.76 45.22
N PRO Q 124 -22.52 27.99 46.54
CA PRO Q 124 -21.94 26.99 47.45
C PRO Q 124 -22.74 25.70 47.52
N SER Q 125 -22.04 24.59 47.79
CA SER Q 125 -22.65 23.27 47.92
C SER Q 125 -23.91 23.10 47.08
N PHE Q 126 -23.75 23.11 45.76
CA PHE Q 126 -24.89 22.96 44.86
C PHE Q 126 -25.36 21.51 44.82
N TRP Q 127 -24.62 20.68 44.10
CA TRP Q 127 -24.97 19.27 43.96
C TRP Q 127 -25.17 18.57 45.30
N LEU Q 128 -24.39 18.96 46.30
CA LEU Q 128 -24.52 18.37 47.62
C LEU Q 128 -25.95 18.56 48.10
N THR Q 129 -26.38 19.81 48.17
CA THR Q 129 -27.73 20.14 48.60
C THR Q 129 -28.77 19.46 47.71
N ALA Q 130 -28.43 19.31 46.43
CA ALA Q 130 -29.33 18.68 45.48
C ALA Q 130 -29.58 17.23 45.88
N LEU Q 131 -28.52 16.46 46.00
CA LEU Q 131 -28.62 15.04 46.37
C LEU Q 131 -29.27 14.90 47.74
N GLU Q 132 -29.19 15.97 48.54
CA GLU Q 132 -29.77 15.97 49.88
C GLU Q 132 -31.29 15.83 49.83
N ASN Q 133 -31.87 16.07 48.66
CA ASN Q 133 -33.32 15.98 48.51
C ASN Q 133 -33.80 14.77 47.72
N LEU Q 134 -33.05 14.40 46.68
CA LEU Q 134 -33.42 13.26 45.84
C LEU Q 134 -33.83 12.06 46.70
N PRO Q 135 -35.12 11.69 46.65
CA PRO Q 135 -35.72 10.57 47.38
C PRO Q 135 -34.82 9.36 47.64
N ILE Q 136 -34.54 8.59 46.59
CA ILE Q 136 -33.72 7.39 46.72
C ILE Q 136 -32.32 7.67 47.25
N VAL Q 137 -31.58 8.52 46.54
CA VAL Q 137 -30.21 8.86 46.91
C VAL Q 137 -30.02 9.53 48.26
N CYS Q 138 -30.74 10.63 48.48
CA CYS Q 138 -30.63 11.38 49.73
C CYS Q 138 -30.37 10.52 50.96
N ASP Q 139 -31.03 9.37 51.04
CA ASP Q 139 -30.85 8.47 52.17
C ASP Q 139 -29.72 7.48 51.94
N THR Q 140 -28.58 8.01 51.52
CA THR Q 140 -27.39 7.19 51.26
C THR Q 140 -26.16 7.97 51.74
N ILE Q 141 -26.21 9.29 51.56
CA ILE Q 141 -25.11 10.15 51.97
C ILE Q 141 -25.05 10.24 53.49
N THR Q 142 -23.84 10.32 54.03
CA THR Q 142 -23.65 10.43 55.47
C THR Q 142 -22.82 11.67 55.78
N ASP Q 143 -22.81 12.06 57.05
CA ASP Q 143 -22.07 13.23 57.48
C ASP Q 143 -20.63 13.26 57.01
N ARG Q 144 -20.01 12.10 56.87
CA ARG Q 144 -18.63 12.02 56.43
C ARG Q 144 -18.52 12.03 54.92
N ASP Q 145 -19.65 11.82 54.24
CA ASP Q 145 -19.69 11.83 52.79
C ASP Q 145 -20.04 13.22 52.27
N ALA Q 146 -20.78 13.97 53.08
CA ALA Q 146 -21.19 15.32 52.72
C ALA Q 146 -19.99 16.21 52.49
N GLU Q 147 -18.98 16.07 53.36
CA GLU Q 147 -17.76 16.87 53.25
C GLU Q 147 -17.06 16.62 51.91
N VAL Q 148 -17.19 15.40 51.41
CA VAL Q 148 -16.56 15.04 50.14
C VAL Q 148 -17.35 15.60 48.97
N LEU Q 149 -18.65 15.31 48.95
CA LEU Q 149 -19.53 15.79 47.88
C LEU Q 149 -19.50 17.32 47.82
N GLU Q 150 -18.94 17.92 48.86
CA GLU Q 150 -18.83 19.37 48.95
C GLU Q 150 -17.93 19.88 47.83
N TYR Q 151 -17.15 18.97 47.25
CA TYR Q 151 -16.23 19.32 46.17
C TYR Q 151 -16.69 18.82 44.81
N LEU Q 152 -17.96 18.43 44.71
CA LEU Q 152 -18.50 17.95 43.45
C LEU Q 152 -18.93 19.15 42.60
N GLN Q 153 -18.41 19.22 41.39
CA GLN Q 153 -18.72 20.34 40.49
C GLN Q 153 -19.82 20.06 39.48
N ASP Q 154 -19.95 18.81 39.05
CA ASP Q 154 -20.97 18.46 38.08
C ASP Q 154 -21.17 16.96 37.91
N ILE Q 155 -22.36 16.58 37.44
CA ILE Q 155 -22.70 15.18 37.22
C ILE Q 155 -23.13 15.00 35.76
N GLY Q 156 -22.26 14.42 34.96
CA GLY Q 156 -22.57 14.22 33.55
C GLY Q 156 -23.35 12.95 33.24
N LEU Q 157 -23.60 12.73 31.96
CA LEU Q 157 -24.34 11.56 31.50
C LEU Q 157 -24.00 11.31 30.03
N GLU Q 158 -23.66 10.07 29.70
CA GLU Q 158 -23.31 9.72 28.33
C GLU Q 158 -23.68 8.29 27.98
N TYR Q 159 -24.20 8.10 26.77
CA TYR Q 159 -24.58 6.76 26.31
C TYR Q 159 -23.35 6.13 25.66
N LEU Q 160 -23.04 4.89 26.05
CA LEU Q 160 -21.88 4.18 25.52
C LEU Q 160 -21.71 4.37 24.00
N THR Q 161 -22.82 4.40 23.29
CA THR Q 161 -22.81 4.59 21.83
C THR Q 161 -22.19 3.41 21.08
N ASP Q 162 -20.96 3.07 21.44
CA ASP Q 162 -20.25 1.97 20.80
C ASP Q 162 -20.80 0.60 21.19
N GLY Q 163 -19.92 -0.37 21.34
CA GLY Q 163 -20.34 -1.71 21.71
C GLY Q 163 -21.08 -1.77 23.04
N ARG Q 164 -21.99 -2.73 23.17
CA ARG Q 164 -22.77 -2.90 24.39
C ARG Q 164 -23.52 -1.63 24.79
N PRO Q 165 -24.83 -1.58 24.50
CA PRO Q 165 -25.66 -0.42 24.84
C PRO Q 165 -25.64 -0.13 26.34
N GLY Q 166 -25.83 1.14 26.69
CA GLY Q 166 -25.84 1.53 28.09
C GLY Q 166 -25.44 2.98 28.30
N PHE Q 167 -25.62 3.47 29.53
CA PHE Q 167 -25.27 4.85 29.84
C PHE Q 167 -24.24 4.88 30.97
N LYS Q 168 -23.46 5.96 31.02
CA LYS Q 168 -22.43 6.11 32.04
C LYS Q 168 -22.50 7.49 32.70
N LEU Q 169 -22.58 7.50 34.03
CA LEU Q 169 -22.65 8.74 34.78
C LEU Q 169 -21.25 9.17 35.18
N LEU Q 170 -20.94 10.45 34.97
CA LEU Q 170 -19.63 10.98 35.31
C LEU Q 170 -19.68 12.03 36.41
N PHE Q 171 -18.81 11.88 37.40
CA PHE Q 171 -18.74 12.80 38.52
C PHE Q 171 -17.40 13.54 38.45
N ARG Q 172 -17.45 14.86 38.35
CA ARG Q 172 -16.25 15.67 38.25
C ARG Q 172 -15.99 16.49 39.51
N PHE Q 173 -14.96 16.09 40.26
CA PHE Q 173 -14.59 16.80 41.48
C PHE Q 173 -13.40 17.72 41.23
N ASP Q 174 -13.27 18.74 42.06
CA ASP Q 174 -12.17 19.70 41.91
C ASP Q 174 -10.89 19.08 42.45
N SER Q 175 -10.08 18.55 41.54
CA SER Q 175 -8.82 17.89 41.90
C SER Q 175 -7.86 18.79 42.68
N SER Q 176 -7.93 20.09 42.43
CA SER Q 176 -7.04 21.03 43.11
C SER Q 176 -7.57 21.45 44.48
N ALA Q 177 -8.75 20.96 44.84
CA ALA Q 177 -9.36 21.30 46.12
C ALA Q 177 -9.71 20.07 46.93
N ASN Q 178 -10.21 19.03 46.26
CA ASN Q 178 -10.60 17.79 46.91
C ASN Q 178 -9.45 17.15 47.68
N PRO Q 179 -9.54 17.16 49.02
CA PRO Q 179 -8.51 16.58 49.89
C PRO Q 179 -8.62 15.07 50.05
N PHE Q 180 -9.78 14.53 49.70
CA PHE Q 180 -10.02 13.09 49.84
C PHE Q 180 -9.34 12.23 48.77
N PHE Q 181 -9.61 12.51 47.50
CA PHE Q 181 -9.00 11.74 46.42
C PHE Q 181 -8.46 12.61 45.29
N THR Q 182 -7.49 12.06 44.57
CA THR Q 182 -6.86 12.77 43.46
C THR Q 182 -7.66 12.64 42.16
N ASN Q 183 -8.68 11.79 42.20
CA ASN Q 183 -9.53 11.57 41.02
C ASN Q 183 -10.23 12.85 40.59
N ASP Q 184 -10.26 13.09 39.29
CA ASP Q 184 -10.91 14.27 38.73
C ASP Q 184 -12.31 13.91 38.26
N ILE Q 185 -12.46 12.67 37.77
CA ILE Q 185 -13.74 12.18 37.28
C ILE Q 185 -14.02 10.76 37.74
N LEU Q 186 -15.03 10.60 38.58
CA LEU Q 186 -15.44 9.29 39.07
C LEU Q 186 -16.61 8.81 38.24
N CYS Q 187 -16.38 7.78 37.44
CA CYS Q 187 -17.42 7.24 36.56
C CYS Q 187 -18.20 6.03 37.07
N LYS Q 188 -19.29 5.74 36.38
CA LYS Q 188 -20.18 4.62 36.68
C LYS Q 188 -20.92 4.25 35.39
N THR Q 189 -20.86 2.98 35.01
CA THR Q 189 -21.51 2.54 33.79
C THR Q 189 -22.53 1.42 33.98
N TYR Q 190 -23.65 1.52 33.28
CA TYR Q 190 -24.70 0.52 33.33
C TYR Q 190 -24.83 -0.12 31.95
N PHE Q 191 -24.47 -1.40 31.87
CA PHE Q 191 -24.53 -2.12 30.60
C PHE Q 191 -25.86 -2.84 30.37
N TYR Q 192 -26.49 -2.57 29.24
CA TYR Q 192 -27.75 -3.21 28.89
C TYR Q 192 -27.44 -4.45 28.06
N GLN Q 193 -27.76 -5.62 28.60
CA GLN Q 193 -27.51 -6.88 27.89
C GLN Q 193 -28.08 -6.85 26.48
N LYS Q 194 -27.22 -7.11 25.50
CA LYS Q 194 -27.59 -7.10 24.09
C LYS Q 194 -28.95 -7.74 23.83
N GLU Q 195 -29.21 -8.87 24.46
CA GLU Q 195 -30.47 -9.58 24.29
C GLU Q 195 -31.64 -8.74 24.80
N LEU Q 196 -32.52 -8.34 23.89
CA LEU Q 196 -33.68 -7.53 24.22
C LEU Q 196 -34.61 -8.30 25.16
N GLY Q 197 -35.20 -7.59 26.11
CA GLY Q 197 -36.10 -8.22 27.05
C GLY Q 197 -37.38 -8.73 26.44
N TYR Q 198 -38.12 -9.54 27.19
CA TYR Q 198 -39.38 -10.10 26.71
C TYR Q 198 -40.39 -9.00 26.39
N SER Q 199 -40.45 -7.98 27.24
CA SER Q 199 -41.36 -6.87 27.03
C SER Q 199 -41.01 -6.11 25.76
N GLY Q 200 -39.79 -6.33 25.27
CA GLY Q 200 -39.36 -5.66 24.06
C GLY Q 200 -38.41 -4.50 24.33
N ASP Q 201 -38.04 -4.31 25.58
CA ASP Q 201 -37.14 -3.23 25.96
C ASP Q 201 -35.83 -3.73 26.54
N PHE Q 202 -34.92 -2.81 26.82
CA PHE Q 202 -33.61 -3.14 27.38
C PHE Q 202 -33.66 -3.61 28.83
N ILE Q 203 -32.75 -4.52 29.17
CA ILE Q 203 -32.66 -5.06 30.52
C ILE Q 203 -31.21 -4.96 30.98
N TYR Q 204 -31.02 -4.58 32.24
CA TYR Q 204 -29.69 -4.45 32.81
C TYR Q 204 -28.87 -5.73 32.72
N ASP Q 205 -27.55 -5.59 32.83
CA ASP Q 205 -26.64 -6.73 32.77
C ASP Q 205 -25.79 -6.73 34.03
N HIS Q 206 -25.17 -5.58 34.31
CA HIS Q 206 -24.33 -5.41 35.49
C HIS Q 206 -23.75 -4.01 35.50
N ALA Q 207 -23.43 -3.51 36.69
CA ALA Q 207 -22.85 -2.18 36.83
C ALA Q 207 -21.34 -2.26 37.00
N GLU Q 208 -20.62 -1.38 36.31
CA GLU Q 208 -19.17 -1.35 36.38
C GLU Q 208 -18.70 0.01 36.91
N GLY Q 209 -18.44 0.07 38.20
CA GLY Q 209 -18.00 1.31 38.81
C GLY Q 209 -16.57 1.69 38.48
N CYS Q 210 -16.19 2.92 38.86
CA CYS Q 210 -14.85 3.43 38.63
C CYS Q 210 -14.15 3.69 39.97
N GLU Q 211 -13.46 2.69 40.46
CA GLU Q 211 -12.74 2.75 41.73
C GLU Q 211 -12.11 4.11 42.02
N ILE Q 212 -12.12 4.50 43.28
CA ILE Q 212 -11.56 5.77 43.72
C ILE Q 212 -10.16 5.59 44.31
N SER Q 213 -9.38 6.67 44.34
CA SER Q 213 -8.03 6.64 44.88
C SER Q 213 -7.90 7.68 46.00
N TRP Q 214 -8.28 7.29 47.20
CA TRP Q 214 -8.21 8.17 48.35
C TRP Q 214 -6.77 8.56 48.67
N LYS Q 215 -6.59 9.78 49.16
CA LYS Q 215 -5.27 10.30 49.49
C LYS Q 215 -4.88 9.99 50.94
N ASP Q 216 -5.75 9.29 51.65
CA ASP Q 216 -5.48 8.93 53.04
C ASP Q 216 -6.59 8.03 53.58
N ASN Q 217 -6.21 6.98 54.30
CA ASN Q 217 -7.17 6.05 54.87
C ASN Q 217 -8.14 6.75 55.81
N ALA Q 218 -7.74 7.93 56.28
CA ALA Q 218 -8.59 8.72 57.17
C ALA Q 218 -9.66 9.43 56.35
N HIS Q 219 -9.25 9.95 55.20
CA HIS Q 219 -10.15 10.64 54.30
C HIS Q 219 -10.78 9.64 53.33
N ASN Q 220 -10.74 8.37 53.72
CA ASN Q 220 -11.28 7.29 52.91
C ASN Q 220 -12.80 7.34 52.79
N VAL Q 221 -13.48 7.23 53.93
CA VAL Q 221 -14.95 7.27 53.98
C VAL Q 221 -15.60 5.94 53.59
N THR Q 222 -15.21 5.38 52.46
CA THR Q 222 -15.76 4.11 52.01
C THR Q 222 -15.40 2.98 52.96
N PRO Q 246 -14.65 -1.84 56.11
CA PRO Q 246 -15.65 -1.34 55.16
C PRO Q 246 -16.94 -0.90 55.85
N ILE Q 247 -17.28 0.38 55.72
CA ILE Q 247 -18.49 0.91 56.32
C ILE Q 247 -19.50 1.31 55.26
N GLU Q 248 -20.66 1.79 55.71
CA GLU Q 248 -21.71 2.21 54.80
C GLU Q 248 -21.48 3.63 54.32
N SER Q 249 -21.05 3.76 53.06
CA SER Q 249 -20.77 5.06 52.47
C SER Q 249 -21.46 5.23 51.12
N PHE Q 250 -21.60 6.49 50.69
CA PHE Q 250 -22.23 6.80 49.42
C PHE Q 250 -21.35 6.38 48.24
N PHE Q 251 -20.06 6.66 48.35
CA PHE Q 251 -19.12 6.35 47.29
C PHE Q 251 -18.98 4.86 46.99
N ASN Q 252 -19.68 4.02 47.76
CA ASN Q 252 -19.65 2.60 47.51
C ASN Q 252 -20.40 2.37 46.21
N PHE Q 253 -21.01 3.45 45.72
CA PHE Q 253 -21.78 3.44 44.48
C PHE Q 253 -20.85 3.17 43.31
N PHE Q 254 -19.56 3.47 43.49
CA PHE Q 254 -18.57 3.26 42.44
C PHE Q 254 -17.92 1.89 42.55
N ASP Q 255 -18.49 1.04 43.40
CA ASP Q 255 -18.00 -0.32 43.60
C ASP Q 255 -19.22 -1.24 43.56
N PRO Q 256 -19.93 -1.27 42.43
CA PRO Q 256 -21.13 -2.09 42.20
C PRO Q 256 -21.00 -3.55 42.56
N PRO Q 257 -22.09 -4.16 43.06
CA PRO Q 257 -22.11 -5.57 43.45
C PRO Q 257 -21.81 -6.44 42.22
N LYS Q 258 -20.92 -7.40 42.39
CA LYS Q 258 -20.55 -8.29 41.29
C LYS Q 258 -21.35 -9.58 41.30
N ILE Q 259 -21.75 -10.03 40.12
CA ILE Q 259 -22.52 -11.25 39.98
C ILE Q 259 -21.62 -12.43 40.33
N GLN Q 260 -21.54 -12.73 41.63
CA GLN Q 260 -20.70 -13.81 42.14
C GLN Q 260 -20.56 -14.98 41.15
N ASN Q 261 -21.31 -16.05 41.41
CA ASN Q 261 -21.29 -17.24 40.58
C ASN Q 261 -22.48 -18.13 40.89
N GLU Q 262 -22.57 -19.26 40.21
CA GLU Q 262 -23.67 -20.20 40.43
C GLU Q 262 -23.30 -21.20 41.52
N ASP Q 263 -22.58 -20.73 42.53
CA ASP Q 263 -22.17 -21.58 43.64
C ASP Q 263 -23.34 -21.82 44.60
N GLN Q 264 -24.39 -21.02 44.43
CA GLN Q 264 -25.59 -21.12 45.25
C GLN Q 264 -25.34 -20.71 46.70
N ASP Q 265 -26.28 -19.93 47.26
CA ASP Q 265 -26.20 -19.46 48.63
C ASP Q 265 -27.60 -19.21 49.18
N GLU Q 266 -27.67 -18.65 50.38
CA GLU Q 266 -28.95 -18.35 51.01
C GLU Q 266 -28.91 -17.01 51.73
N GLU Q 267 -29.92 -16.19 51.49
CA GLU Q 267 -30.02 -14.86 52.10
C GLU Q 267 -28.93 -13.94 51.57
N LEU Q 268 -27.91 -14.53 50.94
CA LEU Q 268 -26.81 -13.77 50.38
C LEU Q 268 -27.04 -13.58 48.89
N GLU Q 269 -28.11 -14.18 48.38
CA GLU Q 269 -28.47 -14.07 46.98
C GLU Q 269 -29.64 -13.09 46.89
N GLU Q 270 -30.31 -12.90 48.02
CA GLU Q 270 -31.44 -11.99 48.12
C GLU Q 270 -30.93 -10.63 48.58
N ASP Q 271 -30.00 -10.66 49.53
CA ASP Q 271 -29.42 -9.44 50.08
C ASP Q 271 -28.59 -8.74 49.01
N LEU Q 272 -27.77 -9.51 48.29
CA LEU Q 272 -26.95 -8.96 47.23
C LEU Q 272 -27.76 -8.78 45.96
N GLU Q 273 -29.09 -8.80 46.11
CA GLU Q 273 -30.00 -8.62 45.00
C GLU Q 273 -30.71 -7.29 45.22
N GLU Q 274 -31.11 -7.07 46.47
CA GLU Q 274 -31.79 -5.83 46.86
C GLU Q 274 -30.79 -4.70 46.71
N ARG Q 275 -29.50 -5.04 46.75
CA ARG Q 275 -28.44 -4.06 46.61
C ARG Q 275 -28.28 -3.70 45.14
N LEU Q 276 -28.38 -4.69 44.26
CA LEU Q 276 -28.27 -4.47 42.84
C LEU Q 276 -29.43 -3.57 42.40
N ALA Q 277 -30.63 -3.89 42.89
CA ALA Q 277 -31.81 -3.13 42.57
C ALA Q 277 -31.61 -1.69 43.01
N LEU Q 278 -31.03 -1.52 44.20
CA LEU Q 278 -30.76 -0.19 44.74
C LEU Q 278 -29.74 0.52 43.86
N ASP Q 279 -28.73 -0.23 43.42
CA ASP Q 279 -27.68 0.32 42.56
C ASP Q 279 -28.31 0.85 41.27
N TYR Q 280 -29.05 -0.01 40.58
CA TYR Q 280 -29.71 0.37 39.34
C TYR Q 280 -30.71 1.48 39.62
N SER Q 281 -31.39 1.38 40.76
CA SER Q 281 -32.38 2.38 41.16
C SER Q 281 -31.73 3.75 41.25
N ILE Q 282 -30.66 3.84 42.03
CA ILE Q 282 -29.95 5.10 42.20
C ILE Q 282 -29.55 5.64 40.84
N GLY Q 283 -28.98 4.77 40.00
CA GLY Q 283 -28.57 5.19 38.67
C GLY Q 283 -29.73 5.85 37.94
N GLU Q 284 -30.92 5.27 38.09
CA GLU Q 284 -32.12 5.80 37.45
C GLU Q 284 -32.37 7.23 37.91
N GLN Q 285 -32.41 7.42 39.22
CA GLN Q 285 -32.65 8.73 39.82
C GLN Q 285 -31.80 9.83 39.21
N LEU Q 286 -30.47 9.68 39.31
CA LEU Q 286 -29.54 10.66 38.78
C LEU Q 286 -29.77 10.93 37.29
N LYS Q 287 -29.89 9.86 36.51
CA LYS Q 287 -30.09 9.98 35.07
C LYS Q 287 -31.39 10.66 34.64
N ASP Q 288 -32.52 10.07 35.01
CA ASP Q 288 -33.83 10.59 34.62
C ASP Q 288 -34.40 11.71 35.48
N LYS Q 289 -33.73 12.06 36.57
CA LYS Q 289 -34.24 13.13 37.43
C LYS Q 289 -33.22 14.18 37.86
N LEU Q 290 -32.36 13.81 38.80
CA LEU Q 290 -31.34 14.71 39.32
C LEU Q 290 -30.70 15.59 38.25
N ILE Q 291 -30.11 14.98 37.25
CA ILE Q 291 -29.45 15.73 36.17
C ILE Q 291 -30.41 16.60 35.36
N PRO Q 292 -31.49 16.01 34.81
CA PRO Q 292 -32.47 16.77 34.02
C PRO Q 292 -33.08 17.98 34.73
N ARG Q 293 -33.18 17.91 36.06
CA ARG Q 293 -33.76 19.01 36.83
C ARG Q 293 -32.95 19.37 38.05
N ALA Q 294 -31.62 19.35 37.92
CA ALA Q 294 -30.73 19.67 39.03
C ALA Q 294 -31.08 21.00 39.69
N VAL Q 295 -31.36 22.01 38.87
CA VAL Q 295 -31.71 23.34 39.38
C VAL Q 295 -32.78 23.27 40.47
N ASP Q 296 -33.93 22.70 40.14
CA ASP Q 296 -35.03 22.59 41.09
C ASP Q 296 -34.73 21.60 42.21
N TRP Q 297 -33.93 20.58 41.92
CA TRP Q 297 -33.58 19.59 42.93
C TRP Q 297 -32.75 20.24 44.04
N PHE Q 298 -32.12 21.36 43.71
CA PHE Q 298 -31.31 22.08 44.68
C PHE Q 298 -32.20 22.97 45.53
N THR Q 299 -33.21 23.56 44.91
CA THR Q 299 -34.13 24.44 45.62
C THR Q 299 -35.13 23.63 46.42
N GLY Q 300 -35.60 22.52 45.84
CA GLY Q 300 -36.55 21.67 46.53
C GLY Q 300 -37.90 21.64 45.84
N ALA Q 301 -37.98 22.31 44.69
CA ALA Q 301 -39.23 22.36 43.93
C ALA Q 301 -39.56 21.00 43.32
N ALA Q 302 -38.56 20.33 42.78
CA ALA Q 302 -38.74 19.02 42.16
C ALA Q 302 -39.44 18.05 43.12
N LEU Q 303 -39.25 18.26 44.41
CA LEU Q 303 -39.85 17.40 45.43
C LEU Q 303 -41.37 17.31 45.23
N GLY R 21 -38.09 27.50 53.14
CA GLY R 21 -37.53 28.71 53.81
C GLY R 21 -36.01 28.67 53.90
N TYR R 22 -35.43 27.52 53.55
CA TYR R 22 -33.98 27.36 53.59
C TYR R 22 -33.32 27.99 52.37
N VAL R 23 -34.03 28.91 51.72
CA VAL R 23 -33.52 29.60 50.55
C VAL R 23 -34.11 31.01 50.45
N GLY R 24 -35.34 31.15 50.92
CA GLY R 24 -36.01 32.45 50.88
C GLY R 24 -35.14 33.61 51.35
N GLY R 25 -34.75 33.57 52.62
CA GLY R 25 -33.92 34.63 53.17
C GLY R 25 -32.47 34.22 53.30
N LEU R 26 -31.75 34.21 52.17
CA LEU R 26 -30.35 33.83 52.16
C LEU R 26 -29.56 34.75 51.22
N PRO R 27 -28.29 34.43 50.91
CA PRO R 27 -27.51 35.29 50.02
C PRO R 27 -28.22 35.67 48.72
N LYS R 28 -27.79 36.78 48.13
CA LYS R 28 -28.37 37.29 46.89
C LYS R 28 -27.64 36.73 45.67
N ASN R 29 -26.33 36.94 45.64
CA ASN R 29 -25.51 36.48 44.53
C ASN R 29 -25.80 35.02 44.17
N VAL R 30 -26.19 34.24 45.18
CA VAL R 30 -26.52 32.84 44.96
C VAL R 30 -27.81 32.77 44.14
N LYS R 31 -28.89 33.31 44.71
CA LYS R 31 -30.18 33.31 44.01
C LYS R 31 -29.97 33.77 42.58
N GLU R 32 -29.22 34.86 42.42
CA GLU R 32 -28.93 35.40 41.09
C GLU R 32 -28.50 34.28 40.15
N LYS R 33 -27.58 33.44 40.63
CA LYS R 33 -27.08 32.32 39.83
C LYS R 33 -28.23 31.41 39.45
N LEU R 34 -29.04 31.04 40.43
CA LEU R 34 -30.18 30.16 40.19
C LEU R 34 -31.09 30.64 39.06
N LEU R 35 -31.43 31.92 39.08
CA LEU R 35 -32.29 32.50 38.05
C LEU R 35 -31.81 32.16 36.65
N SER R 36 -30.52 32.33 36.40
CA SER R 36 -29.96 32.03 35.08
C SER R 36 -30.16 30.55 34.78
N LEU R 37 -29.89 29.70 35.77
CA LEU R 37 -30.05 28.27 35.61
C LEU R 37 -31.50 27.92 35.32
N LYS R 38 -32.41 28.59 36.03
CA LYS R 38 -33.84 28.37 35.86
C LYS R 38 -34.21 28.64 34.40
N THR R 39 -33.43 29.49 33.75
CA THR R 39 -33.66 29.83 32.35
C THR R 39 -33.18 28.68 31.47
N LEU R 40 -31.96 28.22 31.70
CA LEU R 40 -31.41 27.11 30.93
C LEU R 40 -32.33 25.91 31.09
N GLN R 41 -33.06 25.89 32.20
CA GLN R 41 -34.00 24.81 32.50
C GLN R 41 -35.05 24.83 31.40
N SER R 42 -35.53 26.04 31.09
CA SER R 42 -36.55 26.22 30.05
C SER R 42 -36.01 25.78 28.69
N GLU R 43 -34.73 26.06 28.45
CA GLU R 43 -34.10 25.68 27.20
C GLU R 43 -34.19 24.16 27.03
N LEU R 44 -34.11 23.45 28.15
CA LEU R 44 -34.21 21.99 28.14
C LEU R 44 -35.61 21.58 27.73
N PHE R 45 -36.61 22.27 28.28
CA PHE R 45 -38.00 21.97 27.96
C PHE R 45 -38.24 21.89 26.46
N GLU R 46 -37.78 22.90 25.74
CA GLU R 46 -37.95 22.95 24.30
C GLU R 46 -37.13 21.87 23.60
N VAL R 47 -35.96 21.56 24.16
CA VAL R 47 -35.10 20.54 23.58
C VAL R 47 -35.75 19.18 23.83
N GLU R 48 -36.28 19.01 25.03
CA GLU R 48 -36.96 17.77 25.41
C GLU R 48 -38.29 17.74 24.67
N LYS R 49 -38.74 18.92 24.26
CA LYS R 49 -39.99 19.08 23.54
C LYS R 49 -39.80 18.43 22.17
N GLU R 50 -38.72 18.82 21.50
CA GLU R 50 -38.39 18.29 20.19
C GLU R 50 -38.10 16.80 20.29
N PHE R 51 -37.64 16.38 21.47
CA PHE R 51 -37.33 14.98 21.73
C PHE R 51 -38.58 14.12 21.58
N GLN R 52 -39.58 14.38 22.42
CA GLN R 52 -40.83 13.64 22.39
C GLN R 52 -41.45 13.64 21.00
N VAL R 53 -41.13 14.66 20.20
CA VAL R 53 -41.66 14.77 18.85
C VAL R 53 -41.16 13.60 18.00
N GLU R 54 -39.87 13.61 17.68
CA GLU R 54 -39.28 12.54 16.89
C GLU R 54 -39.46 11.21 17.63
N MET R 55 -39.55 11.29 18.95
CA MET R 55 -39.73 10.12 19.79
C MET R 55 -41.08 9.46 19.47
N PHE R 56 -42.11 10.28 19.33
CA PHE R 56 -43.44 9.79 19.03
C PHE R 56 -43.48 9.20 17.63
N GLU R 57 -42.85 9.91 16.68
CA GLU R 57 -42.81 9.47 15.30
C GLU R 57 -42.14 8.10 15.18
N LEU R 58 -41.03 7.92 15.88
CA LEU R 58 -40.29 6.66 15.84
C LEU R 58 -41.20 5.49 16.20
N GLU R 59 -42.00 5.66 17.24
CA GLU R 59 -42.93 4.61 17.68
C GLU R 59 -43.94 4.31 16.59
N ASN R 60 -44.65 5.33 16.12
CA ASN R 60 -45.64 5.17 15.07
C ASN R 60 -44.96 4.66 13.81
N LYS R 61 -43.68 4.99 13.67
CA LYS R 61 -42.89 4.59 12.52
C LYS R 61 -42.78 3.07 12.45
N PHE R 62 -42.65 2.44 13.62
CA PHE R 62 -42.53 0.99 13.70
C PHE R 62 -43.87 0.29 13.85
N LEU R 63 -44.90 1.04 14.26
CA LEU R 63 -46.22 0.46 14.42
C LEU R 63 -46.67 -0.07 13.06
N GLN R 64 -46.29 0.65 12.00
CA GLN R 64 -46.65 0.26 10.65
C GLN R 64 -45.93 -1.03 10.26
N LYS R 65 -44.96 -1.43 11.07
CA LYS R 65 -44.21 -2.65 10.83
C LYS R 65 -44.82 -3.79 11.63
N TYR R 66 -45.46 -3.43 12.75
CA TYR R 66 -46.10 -4.41 13.61
C TYR R 66 -47.44 -4.85 13.03
N LYS R 67 -48.22 -3.88 12.54
CA LYS R 67 -49.52 -4.16 11.95
C LYS R 67 -49.50 -5.32 10.97
N PRO R 68 -48.65 -5.24 9.93
CA PRO R 68 -48.56 -6.32 8.95
C PRO R 68 -48.40 -7.69 9.60
N ILE R 69 -47.57 -7.74 10.63
CA ILE R 69 -47.33 -8.99 11.35
C ILE R 69 -48.56 -9.40 12.15
N TRP R 70 -49.20 -8.43 12.82
CA TRP R 70 -50.39 -8.72 13.60
C TRP R 70 -51.58 -9.05 12.69
N GLU R 71 -51.65 -8.38 11.55
CA GLU R 71 -52.73 -8.62 10.60
C GLU R 71 -52.71 -10.09 10.21
N GLN R 72 -51.50 -10.63 10.02
CA GLN R 72 -51.33 -12.03 9.68
C GLN R 72 -51.99 -12.87 10.76
N ARG R 73 -51.77 -12.48 12.01
CA ARG R 73 -52.33 -13.16 13.17
C ARG R 73 -53.85 -13.13 13.13
N SER R 74 -54.41 -11.97 12.80
CA SER R 74 -55.85 -11.80 12.73
C SER R 74 -56.49 -12.83 11.81
N ARG R 75 -56.00 -12.92 10.57
CA ARG R 75 -56.54 -13.89 9.62
C ARG R 75 -56.31 -15.33 10.04
N ILE R 76 -55.20 -15.59 10.72
CA ILE R 76 -54.90 -16.95 11.18
C ILE R 76 -55.86 -17.33 12.29
N ILE R 77 -56.33 -16.33 13.04
CA ILE R 77 -57.26 -16.56 14.13
C ILE R 77 -58.70 -16.63 13.61
N SER R 78 -59.02 -15.76 12.67
CA SER R 78 -60.35 -15.72 12.08
C SER R 78 -60.57 -16.88 11.13
N GLY R 79 -59.50 -17.66 10.91
CA GLY R 79 -59.59 -18.79 10.02
C GLY R 79 -59.65 -18.36 8.57
N GLN R 80 -59.53 -17.06 8.34
CA GLN R 80 -59.57 -16.49 7.00
C GLN R 80 -58.32 -16.89 6.22
N GLU R 81 -57.38 -17.55 6.90
CA GLU R 81 -56.15 -18.00 6.27
C GLU R 81 -55.51 -19.12 7.09
N GLN R 82 -55.18 -20.22 6.41
CA GLN R 82 -54.58 -21.37 7.08
C GLN R 82 -53.11 -21.16 7.44
N PRO R 83 -52.67 -21.71 8.58
CA PRO R 83 -51.29 -21.60 9.07
C PRO R 83 -50.28 -22.17 8.07
N LYS R 84 -49.11 -21.54 8.01
CA LYS R 84 -48.06 -21.97 7.11
C LYS R 84 -47.24 -23.08 7.79
N PRO R 85 -47.23 -24.29 7.21
CA PRO R 85 -46.48 -25.40 7.79
C PRO R 85 -45.07 -24.99 8.19
N GLU R 86 -44.56 -23.94 7.56
CA GLU R 86 -43.23 -23.43 7.89
C GLU R 86 -43.32 -22.76 9.25
N GLN R 87 -44.32 -21.90 9.40
CA GLN R 87 -44.54 -21.21 10.66
C GLN R 87 -44.78 -22.28 11.71
N ILE R 88 -45.43 -23.37 11.27
CA ILE R 88 -45.72 -24.48 12.16
C ILE R 88 -44.41 -25.18 12.48
N ALA R 89 -43.53 -25.24 11.50
CA ALA R 89 -42.22 -25.86 11.65
C ALA R 89 -41.41 -25.07 12.67
N LYS R 90 -41.22 -23.78 12.39
CA LYS R 90 -40.49 -22.90 13.28
C LYS R 90 -41.13 -22.92 14.65
N GLY R 91 -42.45 -22.99 14.68
CA GLY R 91 -43.17 -23.03 15.94
C GLY R 91 -42.72 -24.22 16.76
N GLN R 92 -42.62 -25.38 16.11
CA GLN R 92 -42.19 -26.60 16.78
C GLN R 92 -40.89 -26.37 17.54
N GLU R 93 -39.92 -25.75 16.88
CA GLU R 93 -38.63 -25.46 17.50
C GLU R 93 -38.78 -24.46 18.64
N ILE R 94 -39.26 -23.25 18.30
CA ILE R 94 -39.45 -22.19 19.27
C ILE R 94 -40.10 -22.71 20.56
N VAL R 95 -41.29 -23.29 20.43
CA VAL R 95 -42.01 -23.82 21.57
C VAL R 95 -41.13 -24.76 22.39
N GLU R 96 -40.33 -25.56 21.69
CA GLU R 96 -39.42 -26.50 22.35
C GLU R 96 -38.26 -25.76 23.00
N SER R 97 -37.76 -24.74 22.31
CA SER R 97 -36.64 -23.95 22.81
C SER R 97 -37.00 -23.16 24.05
N LEU R 98 -38.29 -22.88 24.23
CA LEU R 98 -38.76 -22.13 25.38
C LEU R 98 -39.31 -23.04 26.48
N ASN R 99 -39.05 -24.33 26.35
CA ASN R 99 -39.50 -25.32 27.34
C ASN R 99 -41.01 -25.28 27.52
N GLU R 100 -41.73 -24.93 26.45
CA GLU R 100 -43.19 -24.87 26.50
C GLU R 100 -43.81 -26.08 25.81
N THR R 101 -43.33 -27.26 26.17
CA THR R 101 -43.82 -28.52 25.60
C THR R 101 -45.34 -28.58 25.57
N GLU R 102 -45.98 -27.82 26.46
CA GLU R 102 -47.44 -27.79 26.54
C GLU R 102 -48.09 -27.52 25.19
N LEU R 103 -47.33 -27.00 24.24
CA LEU R 103 -47.86 -26.70 22.92
C LEU R 103 -47.08 -27.41 21.82
N LEU R 104 -47.19 -28.74 21.79
CA LEU R 104 -46.50 -29.54 20.78
C LEU R 104 -47.41 -30.63 20.23
N VAL R 105 -46.99 -31.26 19.15
CA VAL R 105 -47.78 -32.32 18.51
C VAL R 105 -46.87 -33.46 18.05
N ASP R 106 -47.22 -34.68 18.43
CA ASP R 106 -46.44 -35.86 18.06
C ASP R 106 -47.28 -36.79 17.19
N GLU R 107 -46.90 -36.92 15.93
CA GLU R 107 -47.60 -37.77 14.98
C GLU R 107 -49.06 -37.35 14.83
N GLN R 119 -60.44 -30.89 11.33
CA GLN R 119 -61.56 -29.95 11.37
C GLN R 119 -61.19 -28.70 12.16
N VAL R 120 -62.20 -27.99 12.66
CA VAL R 120 -62.01 -26.78 13.44
C VAL R 120 -61.55 -25.60 12.58
N LYS R 121 -62.07 -24.41 12.90
CA LYS R 121 -61.73 -23.20 12.18
C LYS R 121 -60.64 -22.44 12.94
N GLY R 122 -60.50 -21.15 12.64
CA GLY R 122 -59.50 -20.34 13.31
C GLY R 122 -59.57 -20.47 14.82
N ILE R 123 -58.47 -20.15 15.50
CA ILE R 123 -58.40 -20.23 16.96
C ILE R 123 -59.66 -19.71 17.64
N PRO R 124 -60.51 -20.62 18.13
CA PRO R 124 -61.75 -20.22 18.80
C PRO R 124 -61.47 -19.56 20.14
N SER R 125 -62.14 -18.43 20.39
CA SER R 125 -61.97 -17.70 21.65
C SER R 125 -60.52 -17.33 21.89
N PHE R 126 -59.89 -16.69 20.91
CA PHE R 126 -58.50 -16.28 21.04
C PHE R 126 -58.34 -15.12 22.01
N TRP R 127 -58.62 -13.92 21.51
CA TRP R 127 -58.51 -12.71 22.32
C TRP R 127 -59.33 -12.80 23.60
N LEU R 128 -60.37 -13.63 23.56
CA LEU R 128 -61.23 -13.81 24.73
C LEU R 128 -60.39 -14.43 25.85
N THR R 129 -59.63 -15.46 25.51
CA THR R 129 -58.78 -16.15 26.46
C THR R 129 -57.57 -15.27 26.82
N ALA R 130 -57.03 -14.60 25.81
CA ALA R 130 -55.88 -13.72 26.01
C ALA R 130 -56.20 -12.62 27.02
N LEU R 131 -57.41 -12.11 26.96
CA LEU R 131 -57.84 -11.04 27.86
C LEU R 131 -58.09 -11.56 29.27
N GLU R 132 -58.60 -12.79 29.38
CA GLU R 132 -58.88 -13.38 30.68
C GLU R 132 -57.58 -13.69 31.43
N ASN R 133 -56.46 -13.52 30.75
CA ASN R 133 -55.16 -13.77 31.35
C ASN R 133 -54.45 -12.44 31.63
N LEU R 134 -54.93 -11.38 30.99
CA LEU R 134 -54.35 -10.06 31.17
C LEU R 134 -54.74 -9.55 32.56
N PRO R 135 -53.76 -9.45 33.47
CA PRO R 135 -53.91 -9.00 34.86
C PRO R 135 -55.04 -8.02 35.16
N ILE R 136 -54.86 -6.76 34.75
CA ILE R 136 -55.85 -5.72 35.00
C ILE R 136 -57.18 -5.90 34.28
N VAL R 137 -57.12 -6.26 33.00
CA VAL R 137 -58.32 -6.44 32.19
C VAL R 137 -59.19 -7.63 32.59
N CYS R 138 -58.65 -8.83 32.49
CA CYS R 138 -59.36 -10.06 32.81
C CYS R 138 -60.44 -9.92 33.89
N ASP R 139 -60.10 -9.25 34.99
CA ASP R 139 -61.03 -9.06 36.09
C ASP R 139 -62.30 -8.31 35.71
N THR R 140 -62.18 -7.35 34.79
CA THR R 140 -63.31 -6.54 34.37
C THR R 140 -64.35 -7.24 33.49
N ILE R 141 -64.03 -8.42 32.97
CA ILE R 141 -64.98 -9.13 32.12
C ILE R 141 -66.00 -9.92 32.93
N THR R 142 -67.25 -9.87 32.50
CA THR R 142 -68.33 -10.59 33.18
C THR R 142 -68.75 -11.78 32.34
N ASP R 143 -69.53 -12.68 32.94
CA ASP R 143 -69.99 -13.87 32.24
C ASP R 143 -70.83 -13.51 31.02
N ARG R 144 -71.49 -12.37 31.06
CA ARG R 144 -72.33 -11.92 29.95
C ARG R 144 -71.52 -11.31 28.81
N ASP R 145 -70.62 -10.40 29.14
CA ASP R 145 -69.80 -9.76 28.11
C ASP R 145 -68.72 -10.70 27.58
N ALA R 146 -68.57 -11.84 28.24
CA ALA R 146 -67.58 -12.83 27.81
C ALA R 146 -68.07 -13.53 26.55
N GLU R 147 -69.38 -13.74 26.47
CA GLU R 147 -69.99 -14.39 25.32
C GLU R 147 -69.91 -13.45 24.12
N VAL R 148 -69.79 -12.16 24.40
CA VAL R 148 -69.70 -11.16 23.35
C VAL R 148 -68.28 -11.10 22.78
N LEU R 149 -67.30 -11.06 23.67
CA LEU R 149 -65.90 -11.02 23.27
C LEU R 149 -65.55 -12.30 22.51
N GLU R 150 -66.49 -13.22 22.46
CA GLU R 150 -66.30 -14.49 21.77
C GLU R 150 -66.21 -14.24 20.27
N TYR R 151 -66.71 -13.08 19.84
CA TYR R 151 -66.70 -12.71 18.44
C TYR R 151 -65.61 -11.70 18.11
N LEU R 152 -64.73 -11.46 19.08
CA LEU R 152 -63.62 -10.54 18.89
C LEU R 152 -62.57 -11.20 18.00
N GLN R 153 -62.25 -10.56 16.88
CA GLN R 153 -61.28 -11.12 15.94
C GLN R 153 -59.89 -10.51 16.05
N ASP R 154 -59.80 -9.22 16.37
CA ASP R 154 -58.50 -8.56 16.47
C ASP R 154 -58.55 -7.21 17.16
N ILE R 155 -57.40 -6.79 17.69
CA ILE R 155 -57.28 -5.51 18.38
C ILE R 155 -56.10 -4.73 17.78
N GLY R 156 -56.42 -3.73 16.97
CA GLY R 156 -55.38 -2.92 16.35
C GLY R 156 -54.90 -1.77 17.20
N LEU R 157 -53.89 -1.06 16.72
CA LEU R 157 -53.34 0.08 17.45
C LEU R 157 -52.87 1.15 16.46
N GLU R 158 -53.17 2.40 16.77
CA GLU R 158 -52.78 3.53 15.91
C GLU R 158 -52.50 4.78 16.74
N TYR R 159 -51.36 5.40 16.50
CA TYR R 159 -50.99 6.62 17.21
C TYR R 159 -51.72 7.79 16.58
N LEU R 160 -51.54 8.99 17.14
CA LEU R 160 -52.22 10.16 16.61
C LEU R 160 -51.38 11.43 16.56
N THR R 161 -51.19 11.93 15.35
CA THR R 161 -50.44 13.17 15.11
C THR R 161 -51.48 14.09 14.47
N ASP R 162 -52.69 13.55 14.35
CA ASP R 162 -53.82 14.25 13.76
C ASP R 162 -54.37 15.28 14.74
N GLY R 163 -53.46 16.03 15.37
CA GLY R 163 -53.87 17.04 16.32
C GLY R 163 -53.27 16.79 17.69
N ARG R 164 -54.06 16.22 18.59
CA ARG R 164 -53.59 15.91 19.94
C ARG R 164 -52.89 14.56 19.99
N PRO R 165 -51.83 14.46 20.80
CA PRO R 165 -51.08 13.20 20.94
C PRO R 165 -51.95 12.10 21.54
N GLY R 166 -51.69 10.86 21.16
CA GLY R 166 -52.48 9.75 21.67
C GLY R 166 -52.53 8.56 20.74
N PHE R 167 -53.31 7.56 21.11
CA PHE R 167 -53.45 6.36 20.29
C PHE R 167 -54.88 5.84 20.31
N LYS R 168 -55.17 4.89 19.41
CA LYS R 168 -56.51 4.31 19.31
C LYS R 168 -56.47 2.80 19.31
N LEU R 169 -57.29 2.19 20.16
CA LEU R 169 -57.37 0.74 20.26
C LEU R 169 -58.61 0.26 19.49
N LEU R 170 -58.38 -0.20 18.26
CA LEU R 170 -59.48 -0.67 17.42
C LEU R 170 -59.83 -2.14 17.65
N PHE R 171 -61.07 -2.38 18.06
CA PHE R 171 -61.54 -3.73 18.31
C PHE R 171 -62.36 -4.19 17.11
N ARG R 172 -61.87 -5.20 16.40
CA ARG R 172 -62.53 -5.70 15.21
C ARG R 172 -63.35 -6.96 15.51
N PHE R 173 -64.67 -6.81 15.55
CA PHE R 173 -65.56 -7.94 15.82
C PHE R 173 -66.12 -8.55 14.55
N ASP R 174 -66.62 -9.77 14.65
CA ASP R 174 -67.21 -10.47 13.51
C ASP R 174 -68.68 -10.09 13.38
N SER R 175 -68.92 -8.94 12.77
CA SER R 175 -70.28 -8.43 12.57
C SER R 175 -71.24 -9.44 11.96
N SER R 176 -70.72 -10.30 11.08
CA SER R 176 -71.54 -11.31 10.42
C SER R 176 -72.16 -12.32 11.38
N ALA R 177 -71.58 -12.48 12.56
CA ALA R 177 -72.09 -13.44 13.53
C ALA R 177 -72.52 -12.79 14.85
N ASN R 178 -71.86 -11.69 15.22
CA ASN R 178 -72.16 -11.00 16.46
C ASN R 178 -73.66 -10.71 16.61
N PRO R 179 -74.32 -11.42 17.54
CA PRO R 179 -75.76 -11.27 17.79
C PRO R 179 -76.08 -10.06 18.68
N PHE R 180 -75.07 -9.56 19.38
CA PHE R 180 -75.26 -8.44 20.29
C PHE R 180 -75.35 -7.09 19.58
N PHE R 181 -74.24 -6.64 19.01
CA PHE R 181 -74.21 -5.37 18.29
C PHE R 181 -73.74 -5.54 16.85
N THR R 182 -74.31 -4.72 15.96
CA THR R 182 -73.97 -4.77 14.55
C THR R 182 -72.63 -4.10 14.24
N ASN R 183 -72.14 -3.29 15.18
CA ASN R 183 -70.87 -2.59 14.99
C ASN R 183 -69.81 -3.50 14.39
N ASP R 184 -69.04 -2.94 13.44
CA ASP R 184 -67.99 -3.69 12.77
C ASP R 184 -66.66 -3.47 13.48
N ILE R 185 -66.46 -2.26 14.00
CA ILE R 185 -65.22 -1.93 14.70
C ILE R 185 -65.43 -0.97 15.87
N LEU R 186 -65.16 -1.47 17.07
CA LEU R 186 -65.28 -0.66 18.28
C LEU R 186 -63.89 -0.12 18.56
N CYS R 187 -63.80 0.87 19.45
CA CYS R 187 -62.49 1.44 19.77
C CYS R 187 -62.44 2.35 20.99
N LYS R 188 -61.23 2.79 21.31
CA LYS R 188 -60.98 3.67 22.45
C LYS R 188 -59.83 4.60 22.08
N THR R 189 -60.01 5.89 22.30
CA THR R 189 -58.98 6.87 21.96
C THR R 189 -58.51 7.68 23.16
N TYR R 190 -57.23 7.55 23.50
CA TYR R 190 -56.66 8.28 24.62
C TYR R 190 -55.92 9.51 24.09
N PHE R 191 -56.16 10.66 24.74
CA PHE R 191 -55.52 11.90 24.32
C PHE R 191 -54.58 12.48 25.37
N TYR R 192 -53.44 12.97 24.91
CA TYR R 192 -52.44 13.57 25.79
C TYR R 192 -52.52 15.08 25.58
N GLN R 193 -52.58 15.85 26.66
CA GLN R 193 -52.66 17.29 26.55
C GLN R 193 -51.43 17.87 25.87
N LYS R 194 -51.67 18.71 24.88
CA LYS R 194 -50.61 19.36 24.08
C LYS R 194 -49.34 19.67 24.86
N GLU R 195 -49.48 20.35 25.99
CA GLU R 195 -48.33 20.72 26.81
C GLU R 195 -47.74 19.55 27.58
N LEU R 196 -46.44 19.34 27.41
CA LEU R 196 -45.74 18.25 28.09
C LEU R 196 -45.66 18.54 29.59
N GLY R 197 -45.73 17.48 30.39
CA GLY R 197 -45.65 17.65 31.84
C GLY R 197 -44.28 18.06 32.32
N TYR R 198 -44.15 18.21 33.63
CA TYR R 198 -42.89 18.59 34.24
C TYR R 198 -41.79 17.61 33.86
N SER R 199 -42.10 16.32 33.99
CA SER R 199 -41.14 15.27 33.66
C SER R 199 -40.70 15.33 32.21
N GLY R 200 -41.34 16.19 31.43
CA GLY R 200 -41.01 16.33 30.02
C GLY R 200 -41.72 15.32 29.16
N ASP R 201 -42.65 14.58 29.76
CA ASP R 201 -43.42 13.57 29.04
C ASP R 201 -44.84 14.05 28.81
N PHE R 202 -45.69 13.16 28.31
CA PHE R 202 -47.08 13.50 28.03
C PHE R 202 -47.96 13.20 29.25
N ILE R 203 -49.11 13.85 29.31
CA ILE R 203 -50.05 13.65 30.42
C ILE R 203 -51.44 13.38 29.86
N TYR R 204 -52.01 12.23 30.21
CA TYR R 204 -53.33 11.85 29.74
C TYR R 204 -54.36 12.94 30.01
N ASP R 205 -54.96 13.45 28.95
CA ASP R 205 -55.97 14.49 29.06
C ASP R 205 -57.33 13.86 29.33
N HIS R 206 -57.75 12.97 28.45
CA HIS R 206 -59.03 12.26 28.58
C HIS R 206 -59.13 11.18 27.52
N ALA R 207 -60.20 10.40 27.57
CA ALA R 207 -60.40 9.32 26.60
C ALA R 207 -61.77 9.41 25.93
N GLU R 208 -61.80 9.11 24.63
CA GLU R 208 -63.04 9.15 23.87
C GLU R 208 -63.50 7.74 23.50
N GLY R 209 -64.60 7.30 24.11
CA GLY R 209 -65.12 5.98 23.82
C GLY R 209 -65.76 5.95 22.45
N CYS R 210 -65.66 4.81 21.78
CA CYS R 210 -66.24 4.65 20.45
C CYS R 210 -67.66 4.11 20.52
N GLU R 211 -68.22 4.11 21.73
CA GLU R 211 -69.58 3.64 21.99
C GLU R 211 -69.94 2.34 21.28
N ILE R 212 -71.18 1.91 21.45
CA ILE R 212 -71.67 0.68 20.83
C ILE R 212 -73.15 0.79 20.49
N SER R 213 -73.55 0.12 19.41
CA SER R 213 -74.93 0.13 18.96
C SER R 213 -75.51 -1.28 19.05
N TRP R 214 -76.04 -1.62 20.22
CA TRP R 214 -76.61 -2.95 20.43
C TRP R 214 -77.95 -3.08 19.70
N LYS R 215 -78.27 -4.30 19.28
CA LYS R 215 -79.51 -4.54 18.56
C LYS R 215 -80.61 -5.10 19.46
N ASP R 216 -80.39 -5.04 20.77
CA ASP R 216 -81.37 -5.54 21.72
C ASP R 216 -80.93 -5.25 23.16
N ASN R 217 -81.83 -4.69 23.96
CA ASN R 217 -81.53 -4.38 25.35
C ASN R 217 -81.10 -5.63 26.11
N ALA R 218 -81.79 -6.74 25.86
CA ALA R 218 -81.48 -7.99 26.52
C ALA R 218 -80.08 -8.44 26.12
N HIS R 219 -79.66 -8.04 24.93
CA HIS R 219 -78.33 -8.39 24.43
C HIS R 219 -77.32 -7.33 24.84
N ASN R 220 -77.81 -6.28 25.49
CA ASN R 220 -76.94 -5.19 25.94
C ASN R 220 -76.33 -5.54 27.29
N VAL R 221 -75.07 -5.98 27.27
CA VAL R 221 -74.37 -6.35 28.49
C VAL R 221 -74.11 -5.13 29.36
N THR R 222 -73.86 -3.98 28.72
CA THR R 222 -73.60 -2.75 29.44
C THR R 222 -74.87 -2.17 30.05
N PRO R 246 -78.12 0.85 33.87
CA PRO R 246 -76.72 0.49 33.60
C PRO R 246 -76.22 -0.66 34.47
N ILE R 247 -75.54 -1.61 33.84
CA ILE R 247 -75.01 -2.78 34.55
C ILE R 247 -73.49 -2.79 34.50
N GLU R 248 -72.89 -3.46 35.48
CA GLU R 248 -71.43 -3.56 35.54
C GLU R 248 -70.96 -4.47 34.41
N SER R 249 -70.46 -3.87 33.33
CA SER R 249 -69.99 -4.62 32.18
C SER R 249 -68.59 -4.22 31.72
N PHE R 250 -67.98 -5.08 30.91
CA PHE R 250 -66.65 -4.83 30.37
C PHE R 250 -66.68 -3.80 29.25
N PHE R 251 -67.73 -3.86 28.43
CA PHE R 251 -67.87 -2.95 27.30
C PHE R 251 -68.05 -1.49 27.72
N ASN R 252 -68.13 -1.26 29.03
CA ASN R 252 -68.26 0.10 29.54
C ASN R 252 -66.91 0.77 29.29
N PHE R 253 -65.95 -0.04 28.88
CA PHE R 253 -64.60 0.41 28.57
C PHE R 253 -64.64 1.43 27.45
N PHE R 254 -65.66 1.32 26.60
CA PHE R 254 -65.81 2.23 25.47
C PHE R 254 -66.67 3.42 25.88
N ASP R 255 -66.90 3.55 27.18
CA ASP R 255 -67.70 4.64 27.72
C ASP R 255 -67.06 5.08 29.04
N PRO R 256 -65.79 5.53 28.97
CA PRO R 256 -65.04 5.99 30.15
C PRO R 256 -65.62 7.23 30.80
N PRO R 257 -65.26 7.48 32.08
CA PRO R 257 -65.74 8.64 32.81
C PRO R 257 -65.16 9.95 32.26
N LYS R 258 -65.93 11.01 32.34
CA LYS R 258 -65.50 12.32 31.85
C LYS R 258 -64.96 13.20 32.97
N ILE R 259 -64.19 14.21 32.60
CA ILE R 259 -63.59 15.13 33.56
C ILE R 259 -64.61 15.85 34.43
N GLN R 260 -65.63 16.43 33.80
CA GLN R 260 -66.66 17.17 34.53
C GLN R 260 -67.77 16.28 35.11
N ASN R 261 -68.24 16.66 36.29
CA ASN R 261 -69.31 15.95 36.99
C ASN R 261 -69.41 16.43 38.43
N GLU R 266 -66.28 15.86 48.10
CA GLU R 266 -65.78 14.57 48.56
C GLU R 266 -66.59 13.42 47.98
N GLU R 267 -66.04 12.22 48.04
CA GLU R 267 -66.69 11.01 47.53
C GLU R 267 -66.81 11.00 46.01
N LEU R 268 -67.13 12.15 45.43
CA LEU R 268 -67.27 12.26 43.98
C LEU R 268 -65.92 12.14 43.28
N GLU R 269 -65.08 13.16 43.45
CA GLU R 269 -63.76 13.16 42.84
C GLU R 269 -62.92 11.96 43.27
N GLU R 270 -62.95 11.65 44.56
CA GLU R 270 -62.20 10.53 45.11
C GLU R 270 -62.53 9.24 44.38
N ASP R 271 -63.80 9.08 44.01
CA ASP R 271 -64.26 7.90 43.32
C ASP R 271 -64.11 8.05 41.81
N LEU R 272 -64.53 9.20 41.28
CA LEU R 272 -64.44 9.46 39.85
C LEU R 272 -63.00 9.68 39.40
N GLU R 273 -62.04 9.24 40.21
CA GLU R 273 -60.63 9.36 39.89
C GLU R 273 -60.00 7.96 39.88
N GLU R 274 -60.54 7.06 40.69
CA GLU R 274 -60.04 5.70 40.76
C GLU R 274 -60.34 4.98 39.46
N ARG R 275 -61.56 5.14 38.96
CA ARG R 275 -61.96 4.52 37.70
C ARG R 275 -61.23 5.21 36.56
N LEU R 276 -61.10 6.53 36.68
CA LEU R 276 -60.42 7.34 35.67
C LEU R 276 -58.97 6.87 35.60
N ALA R 277 -58.42 6.49 36.74
CA ALA R 277 -57.04 6.01 36.80
C ALA R 277 -56.99 4.58 36.27
N LEU R 278 -57.99 3.79 36.65
CA LEU R 278 -58.08 2.40 36.21
C LEU R 278 -58.21 2.36 34.70
N ASP R 279 -58.87 3.37 34.13
CA ASP R 279 -59.07 3.45 32.70
C ASP R 279 -57.72 3.55 31.98
N TYR R 280 -56.91 4.53 32.37
CA TYR R 280 -55.60 4.72 31.76
C TYR R 280 -54.76 3.46 31.98
N SER R 281 -54.88 2.88 33.17
CA SER R 281 -54.12 1.68 33.51
C SER R 281 -54.40 0.59 32.48
N ILE R 282 -55.67 0.34 32.23
CA ILE R 282 -56.08 -0.67 31.25
C ILE R 282 -55.47 -0.36 29.90
N GLY R 283 -55.56 0.91 29.49
CA GLY R 283 -55.02 1.33 28.21
C GLY R 283 -53.59 0.86 27.99
N GLU R 284 -52.73 1.10 28.98
CA GLU R 284 -51.33 0.70 28.88
C GLU R 284 -51.19 -0.82 28.81
N GLN R 285 -52.06 -1.53 29.53
CA GLN R 285 -52.03 -2.98 29.54
C GLN R 285 -52.19 -3.56 28.14
N LEU R 286 -53.14 -3.04 27.39
CA LEU R 286 -53.39 -3.49 26.03
C LEU R 286 -52.30 -3.01 25.08
N LYS R 287 -51.84 -1.78 25.30
CA LYS R 287 -50.81 -1.17 24.46
C LYS R 287 -49.42 -1.80 24.61
N ASP R 288 -48.91 -1.83 25.83
CA ASP R 288 -47.58 -2.36 26.10
C ASP R 288 -47.50 -3.85 26.40
N LYS R 289 -48.62 -4.56 26.33
CA LYS R 289 -48.60 -5.99 26.60
C LYS R 289 -49.51 -6.84 25.70
N LEU R 290 -50.81 -6.74 25.92
CA LEU R 290 -51.79 -7.51 25.15
C LEU R 290 -51.48 -7.53 23.66
N ILE R 291 -51.38 -6.35 23.05
CA ILE R 291 -51.10 -6.26 21.62
C ILE R 291 -49.73 -6.82 21.24
N PRO R 292 -48.66 -6.36 21.90
CA PRO R 292 -47.31 -6.84 21.60
C PRO R 292 -47.12 -8.35 21.73
N ARG R 293 -47.59 -8.92 22.82
CA ARG R 293 -47.45 -10.35 23.07
C ARG R 293 -48.80 -11.07 23.14
N ALA R 294 -49.71 -10.73 22.23
CA ALA R 294 -51.03 -11.35 22.21
C ALA R 294 -50.97 -12.87 22.22
N VAL R 295 -50.04 -13.43 21.43
CA VAL R 295 -49.89 -14.88 21.35
C VAL R 295 -49.70 -15.50 22.73
N ASP R 296 -48.65 -15.09 23.42
CA ASP R 296 -48.36 -15.61 24.75
C ASP R 296 -49.48 -15.31 25.75
N TRP R 297 -50.16 -14.18 25.56
CA TRP R 297 -51.26 -13.81 26.45
C TRP R 297 -52.43 -14.77 26.31
N PHE R 298 -52.51 -15.44 25.17
CA PHE R 298 -53.58 -16.40 24.93
C PHE R 298 -53.24 -17.73 25.58
N THR R 299 -52.03 -18.21 25.36
CA THR R 299 -51.57 -19.46 25.93
C THR R 299 -51.36 -19.32 27.43
N GLY R 300 -50.89 -18.13 27.84
CA GLY R 300 -50.65 -17.88 29.25
C GLY R 300 -49.17 -17.76 29.57
N ALA R 301 -48.32 -17.98 28.58
CA ALA R 301 -46.88 -17.90 28.75
C ALA R 301 -46.46 -16.52 29.23
N ALA R 302 -47.23 -15.50 28.85
CA ALA R 302 -46.93 -14.12 29.23
C ALA R 302 -47.00 -13.96 30.76
N LEU R 303 -47.69 -14.87 31.42
CA LEU R 303 -47.81 -14.83 32.87
C LEU R 303 -46.53 -15.27 33.55
N THR S 5 -26.44 -0.59 53.78
CA THR S 5 -27.22 0.39 54.58
C THR S 5 -27.37 -0.07 56.02
N ARG S 6 -27.26 0.87 56.96
CA ARG S 6 -27.39 0.54 58.37
C ARG S 6 -28.74 -0.10 58.63
N SER S 7 -29.63 0.01 57.65
CA SER S 7 -30.97 -0.57 57.74
C SER S 7 -30.88 -2.08 57.60
N SER S 8 -30.02 -2.54 56.69
CA SER S 8 -29.83 -3.96 56.47
C SER S 8 -29.21 -4.60 57.71
N ARG S 9 -28.25 -3.89 58.30
CA ARG S 9 -27.58 -4.39 59.49
C ARG S 9 -28.58 -4.53 60.64
N ALA S 10 -29.71 -3.85 60.51
CA ALA S 10 -30.76 -3.90 61.52
C ALA S 10 -31.99 -4.63 60.99
N GLY S 11 -31.91 -5.06 59.73
CA GLY S 11 -33.02 -5.76 59.12
C GLY S 11 -34.28 -4.93 59.07
N LEU S 12 -34.15 -3.70 58.59
CA LEU S 12 -35.29 -2.79 58.49
C LEU S 12 -35.44 -2.25 57.07
N GLN S 13 -36.68 -1.97 56.68
CA GLN S 13 -36.97 -1.44 55.35
C GLN S 13 -36.79 0.07 55.32
N PHE S 14 -37.11 0.72 56.43
CA PHE S 14 -36.96 2.16 56.55
C PHE S 14 -35.50 2.58 56.60
N PRO S 15 -35.20 3.81 56.12
CA PRO S 15 -33.84 4.35 56.10
C PRO S 15 -33.33 4.79 57.47
N VAL S 16 -32.38 4.02 58.01
CA VAL S 16 -31.80 4.34 59.30
C VAL S 16 -30.88 5.54 59.14
N GLY S 17 -30.50 5.82 57.89
CA GLY S 17 -29.63 6.94 57.60
C GLY S 17 -30.34 8.28 57.68
N ARG S 18 -31.45 8.40 56.96
CA ARG S 18 -32.21 9.65 56.97
C ARG S 18 -32.75 9.96 58.35
N VAL S 19 -33.31 8.96 59.01
CA VAL S 19 -33.85 9.16 60.35
C VAL S 19 -32.77 9.75 61.25
N HIS S 20 -31.54 9.29 61.07
CA HIS S 20 -30.41 9.77 61.84
C HIS S 20 -30.04 11.18 61.40
N ARG S 21 -30.24 11.47 60.13
CA ARG S 21 -29.93 12.78 59.56
C ARG S 21 -30.93 13.82 60.08
N LEU S 22 -32.22 13.46 60.02
CA LEU S 22 -33.28 14.35 60.47
C LEU S 22 -33.20 14.63 61.96
N LEU S 23 -32.68 13.66 62.72
CA LEU S 23 -32.56 13.82 64.17
C LEU S 23 -31.48 14.84 64.54
N ARG S 24 -30.55 15.08 63.63
CA ARG S 24 -29.48 16.03 63.88
C ARG S 24 -29.79 17.41 63.31
N LYS S 25 -30.76 17.48 62.41
CA LYS S 25 -31.15 18.74 61.79
C LYS S 25 -32.36 19.36 62.47
N GLY S 26 -33.12 18.54 63.19
CA GLY S 26 -34.30 19.03 63.87
C GLY S 26 -33.99 19.75 65.17
N ASN S 27 -32.71 19.80 65.52
CA ASN S 27 -32.26 20.47 66.74
C ASN S 27 -33.00 19.94 67.97
N TYR S 28 -33.01 18.63 68.14
CA TYR S 28 -33.67 18.01 69.28
C TYR S 28 -32.71 17.86 70.45
N ALA S 29 -31.41 17.84 70.14
CA ALA S 29 -30.38 17.70 71.16
C ALA S 29 -29.00 18.01 70.60
N GLU S 30 -28.05 18.24 71.49
CA GLU S 30 -26.67 18.55 71.11
C GLU S 30 -26.03 17.39 70.35
N ARG S 31 -26.39 16.17 70.72
CA ARG S 31 -25.84 14.98 70.10
C ARG S 31 -26.90 13.90 69.95
N VAL S 32 -26.63 12.90 69.12
CA VAL S 32 -27.57 11.81 68.90
C VAL S 32 -26.85 10.46 68.92
N GLY S 33 -27.38 9.53 69.71
CA GLY S 33 -26.78 8.20 69.81
C GLY S 33 -26.83 7.45 68.49
N ALA S 34 -26.12 6.32 68.44
CA ALA S 34 -26.07 5.50 67.24
C ALA S 34 -27.29 4.57 67.16
N GLY S 35 -27.78 4.16 68.32
CA GLY S 35 -28.93 3.28 68.36
C GLY S 35 -30.25 4.02 68.33
N ALA S 36 -30.19 5.34 68.52
CA ALA S 36 -31.39 6.17 68.51
C ALA S 36 -32.12 6.12 67.17
N PRO S 37 -31.40 6.34 66.06
CA PRO S 37 -32.04 6.30 64.74
C PRO S 37 -32.57 4.92 64.37
N VAL S 38 -31.84 3.89 64.81
CA VAL S 38 -32.24 2.51 64.53
C VAL S 38 -33.54 2.15 65.25
N TYR S 39 -33.61 2.52 66.53
CA TYR S 39 -34.78 2.24 67.34
C TYR S 39 -35.99 2.98 66.78
N LEU S 40 -35.80 4.26 66.47
CA LEU S 40 -36.88 5.08 65.93
C LEU S 40 -37.31 4.59 64.55
N ALA S 41 -36.35 4.22 63.72
CA ALA S 41 -36.63 3.73 62.38
C ALA S 41 -37.51 2.49 62.43
N ALA S 42 -37.25 1.64 63.43
CA ALA S 42 -38.02 0.41 63.60
C ALA S 42 -39.45 0.73 64.02
N VAL S 43 -39.60 1.66 64.94
CA VAL S 43 -40.92 2.06 65.43
C VAL S 43 -41.77 2.59 64.28
N LEU S 44 -41.19 3.51 63.50
CA LEU S 44 -41.90 4.10 62.37
C LEU S 44 -42.35 3.02 61.39
N GLU S 45 -41.45 2.08 61.10
CA GLU S 45 -41.74 1.00 60.17
C GLU S 45 -42.92 0.16 60.67
N TYR S 46 -42.91 -0.13 61.97
CA TYR S 46 -43.98 -0.93 62.57
C TYR S 46 -45.34 -0.26 62.38
N LEU S 47 -45.46 0.96 62.87
CA LEU S 47 -46.71 1.71 62.76
C LEU S 47 -47.24 1.73 61.33
N THR S 48 -46.37 2.08 60.38
CA THR S 48 -46.76 2.13 58.98
C THR S 48 -47.24 0.75 58.53
N ALA S 49 -46.63 -0.29 59.08
CA ALA S 49 -46.99 -1.67 58.76
C ALA S 49 -48.33 -2.01 59.41
N GLU S 50 -48.57 -1.45 60.59
CA GLU S 50 -49.80 -1.68 61.32
C GLU S 50 -50.97 -1.02 60.62
N ILE S 51 -50.72 0.15 60.04
CA ILE S 51 -51.75 0.91 59.33
C ILE S 51 -52.11 0.21 58.03
N LEU S 52 -51.12 0.05 57.16
CA LEU S 52 -51.32 -0.60 55.87
C LEU S 52 -51.89 -2.01 56.04
N GLU S 53 -51.65 -2.59 57.21
CA GLU S 53 -52.13 -3.94 57.51
C GLU S 53 -53.65 -3.95 57.57
N LEU S 54 -54.22 -2.97 58.27
CA LEU S 54 -55.68 -2.87 58.39
C LEU S 54 -56.28 -2.14 57.19
N ALA S 55 -55.57 -1.13 56.70
CA ALA S 55 -56.03 -0.36 55.56
C ALA S 55 -56.21 -1.27 54.36
N GLY S 56 -55.34 -2.26 54.22
CA GLY S 56 -55.42 -3.18 53.11
C GLY S 56 -56.69 -4.02 53.18
N ASN S 57 -57.00 -4.52 54.38
CA ASN S 57 -58.19 -5.33 54.58
C ASN S 57 -59.43 -4.52 54.21
N ALA S 58 -59.44 -3.26 54.64
CA ALA S 58 -60.56 -2.37 54.35
C ALA S 58 -60.74 -2.27 52.84
N ALA S 59 -59.62 -2.22 52.13
CA ALA S 59 -59.65 -2.13 50.68
C ALA S 59 -60.28 -3.38 50.09
N ARG S 60 -59.99 -4.53 50.69
CA ARG S 60 -60.53 -5.80 50.22
C ARG S 60 -62.03 -5.87 50.48
N ASP S 61 -62.44 -5.48 51.68
CA ASP S 61 -63.86 -5.51 52.06
C ASP S 61 -64.67 -4.66 51.10
N ASN S 62 -64.06 -3.59 50.59
CA ASN S 62 -64.73 -2.71 49.65
C ASN S 62 -64.40 -3.12 48.22
N LYS S 63 -63.81 -4.30 48.07
CA LYS S 63 -63.44 -4.83 46.76
C LYS S 63 -62.55 -3.86 45.98
N LYS S 64 -61.37 -3.59 46.53
CA LYS S 64 -60.41 -2.68 45.91
C LYS S 64 -59.00 -3.21 46.10
N THR S 65 -58.23 -3.27 45.01
CA THR S 65 -56.87 -3.76 45.06
C THR S 65 -55.87 -2.63 45.31
N ARG S 66 -56.38 -1.42 45.52
CA ARG S 66 -55.52 -0.27 45.77
C ARG S 66 -56.07 0.58 46.90
N ILE S 67 -55.25 0.77 47.93
CA ILE S 67 -55.64 1.57 49.10
C ILE S 67 -55.82 3.05 48.78
N ILE S 68 -56.86 3.63 49.37
CA ILE S 68 -57.17 5.05 49.17
C ILE S 68 -57.46 5.69 50.53
N PRO S 69 -57.51 7.03 50.58
CA PRO S 69 -57.79 7.74 51.84
C PRO S 69 -58.95 7.12 52.61
N ARG S 70 -60.04 6.85 51.91
CA ARG S 70 -61.23 6.24 52.50
C ARG S 70 -60.83 5.02 53.33
N HIS S 71 -60.03 4.15 52.73
CA HIS S 71 -59.58 2.93 53.39
C HIS S 71 -58.76 3.23 54.64
N LEU S 72 -57.78 4.13 54.51
CA LEU S 72 -56.94 4.49 55.64
C LEU S 72 -57.79 5.00 56.79
N GLN S 73 -58.84 5.75 56.47
CA GLN S 73 -59.75 6.28 57.48
C GLN S 73 -60.47 5.15 58.19
N LEU S 74 -60.82 4.11 57.43
CA LEU S 74 -61.52 2.96 57.98
C LEU S 74 -60.67 2.23 59.00
N ALA S 75 -59.48 1.82 58.58
CA ALA S 75 -58.54 1.10 59.45
C ALA S 75 -58.23 1.84 60.75
N VAL S 76 -58.01 3.15 60.64
CA VAL S 76 -57.68 3.96 61.81
C VAL S 76 -58.82 4.10 62.81
N ARG S 77 -60.01 4.44 62.31
CA ARG S 77 -61.17 4.63 63.18
C ARG S 77 -61.73 3.32 63.72
N ASN S 78 -61.49 2.22 63.02
CA ASN S 78 -61.98 0.92 63.47
C ASN S 78 -61.08 0.37 64.56
N ASP S 79 -59.82 0.82 64.57
CA ASP S 79 -58.86 0.37 65.55
C ASP S 79 -58.85 1.34 66.74
N GLU S 80 -59.29 0.84 67.89
CA GLU S 80 -59.36 1.63 69.12
C GLU S 80 -58.10 2.46 69.38
N GLU S 81 -56.94 1.83 69.28
CA GLU S 81 -55.68 2.52 69.54
C GLU S 81 -55.26 3.49 68.45
N LEU S 82 -55.28 3.06 67.20
CA LEU S 82 -54.90 3.92 66.09
C LEU S 82 -55.78 5.16 66.08
N ASN S 83 -57.03 5.00 66.48
CA ASN S 83 -57.97 6.11 66.53
C ASN S 83 -57.61 7.03 67.69
N LYS S 84 -56.98 6.79 67.79
CA LYS S 84 -56.39 7.50 68.91
C LYS S 84 -55.11 8.20 68.49
N LEU S 85 -54.18 7.44 67.91
CA LEU S 85 -52.91 7.99 67.48
C LEU S 85 -53.12 9.03 66.38
N LEU S 86 -54.10 8.80 65.52
CA LEU S 86 -54.40 9.74 64.45
C LEU S 86 -54.80 11.09 65.06
N GLY S 87 -55.55 11.02 66.16
CA GLY S 87 -55.97 12.21 66.86
C GLY S 87 -54.81 13.03 67.39
N ARG S 88 -53.79 12.34 67.90
CA ARG S 88 -52.61 13.03 68.42
C ARG S 88 -51.94 13.82 67.31
N VAL S 89 -51.84 13.19 66.14
CA VAL S 89 -51.31 13.85 64.94
C VAL S 89 -52.22 15.00 64.54
N THR S 90 -53.53 14.79 64.66
CA THR S 90 -54.52 15.77 64.23
C THR S 90 -54.44 17.08 65.00
N ILE S 91 -54.22 17.00 66.31
CA ILE S 91 -54.15 18.22 67.12
C ILE S 91 -53.16 19.22 66.53
N ALA S 92 -52.67 20.13 67.37
CA ALA S 92 -51.71 21.13 66.93
C ALA S 92 -50.38 20.99 67.65
N GLN S 93 -49.30 20.99 66.89
CA GLN S 93 -47.96 20.85 67.46
C GLN S 93 -47.61 22.04 68.34
N GLY S 94 -46.92 21.78 69.44
CA GLY S 94 -46.52 22.82 70.36
C GLY S 94 -45.09 22.68 70.83
N TYR T 12 -41.02 9.10 52.24
CA TYR T 12 -40.89 7.65 52.59
C TYR T 12 -41.73 6.81 51.64
N ALA T 13 -42.19 7.43 50.56
CA ALA T 13 -43.01 6.76 49.55
C ALA T 13 -42.58 5.32 49.27
N ILE T 14 -41.32 5.16 48.84
CA ILE T 14 -40.80 3.84 48.52
C ILE T 14 -40.75 2.90 49.72
N TYR T 15 -40.26 3.41 50.84
CA TYR T 15 -40.15 2.60 52.05
C TYR T 15 -41.53 2.17 52.55
N VAL T 16 -42.54 2.97 52.22
CA VAL T 16 -43.91 2.67 52.61
C VAL T 16 -44.49 1.63 51.66
N TYR T 17 -44.06 1.70 50.40
CA TYR T 17 -44.54 0.77 49.38
C TYR T 17 -44.01 -0.64 49.68
N LYS T 18 -42.75 -0.72 50.10
CA LYS T 18 -42.13 -2.00 50.41
C LYS T 18 -42.90 -2.67 51.54
N VAL T 19 -43.16 -1.91 52.60
CA VAL T 19 -43.88 -2.43 53.75
C VAL T 19 -45.27 -2.89 53.32
N LEU T 20 -45.86 -2.19 52.36
CA LEU T 20 -47.17 -2.53 51.85
C LEU T 20 -47.15 -3.89 51.17
N LYS T 21 -45.98 -4.26 50.63
CA LYS T 21 -45.81 -5.54 49.95
C LYS T 21 -45.53 -6.66 50.94
N GLN T 22 -44.95 -6.30 52.08
CA GLN T 22 -44.63 -7.30 53.11
C GLN T 22 -45.89 -7.74 53.83
N VAL T 23 -46.92 -6.90 53.78
CA VAL T 23 -48.20 -7.21 54.43
C VAL T 23 -49.29 -7.49 53.41
N HIS T 24 -49.20 -6.82 52.27
CA HIS T 24 -50.18 -6.98 51.19
C HIS T 24 -49.51 -6.96 49.81
N PRO T 25 -48.90 -8.09 49.41
CA PRO T 25 -48.23 -8.21 48.12
C PRO T 25 -49.13 -7.86 46.92
N ASP T 26 -50.38 -8.26 47.00
CA ASP T 26 -51.33 -8.01 45.92
C ASP T 26 -52.16 -6.74 46.16
N THR T 27 -51.60 -5.79 46.91
CA THR T 27 -52.31 -4.55 47.19
C THR T 27 -51.45 -3.33 46.86
N GLY T 28 -52.03 -2.38 46.15
CA GLY T 28 -51.31 -1.19 45.76
C GLY T 28 -51.69 0.01 46.62
N ILE T 29 -51.45 1.21 46.09
CA ILE T 29 -51.78 2.43 46.81
C ILE T 29 -51.85 3.62 45.85
N SER T 30 -52.82 4.50 46.08
CA SER T 30 -52.99 5.68 45.24
C SER T 30 -52.01 6.78 45.62
N SER T 31 -51.96 7.83 44.82
CA SER T 31 -51.07 8.96 45.08
C SER T 31 -51.46 9.70 46.34
N LYS T 32 -52.75 10.00 46.48
CA LYS T 32 -53.25 10.70 47.65
C LYS T 32 -53.03 9.89 48.93
N ALA T 33 -53.33 8.60 48.86
CA ALA T 33 -53.14 7.72 50.00
C ALA T 33 -51.69 7.73 50.45
N MET T 34 -50.79 7.80 49.47
CA MET T 34 -49.36 7.82 49.74
C MET T 34 -48.99 9.12 50.45
N SER T 35 -49.55 10.23 49.97
CA SER T 35 -49.30 11.53 50.56
C SER T 35 -49.74 11.55 52.02
N ILE T 36 -50.82 10.84 52.32
CA ILE T 36 -51.34 10.78 53.67
C ILE T 36 -50.40 9.96 54.56
N MET T 37 -49.84 8.90 53.99
CA MET T 37 -48.91 8.05 54.72
C MET T 37 -47.61 8.79 55.00
N ASN T 38 -47.20 9.62 54.05
CA ASN T 38 -45.97 10.40 54.20
C ASN T 38 -46.13 11.38 55.36
N SER T 39 -47.30 12.00 55.45
CA SER T 39 -47.59 12.95 56.50
C SER T 39 -47.61 12.22 57.85
N PHE T 40 -48.15 11.02 57.85
CA PHE T 40 -48.23 10.21 59.06
C PHE T 40 -46.84 9.94 59.62
N VAL T 41 -45.93 9.52 58.75
CA VAL T 41 -44.56 9.23 59.15
C VAL T 41 -43.88 10.47 59.72
N ASN T 42 -43.90 11.55 58.97
CA ASN T 42 -43.29 12.80 59.40
C ASN T 42 -43.92 13.29 60.70
N ASP T 43 -45.23 13.11 60.83
CA ASP T 43 -45.95 13.53 62.02
C ASP T 43 -45.48 12.75 63.24
N VAL T 44 -45.51 11.42 63.14
CA VAL T 44 -45.08 10.54 64.22
C VAL T 44 -43.63 10.82 64.58
N PHE T 45 -42.80 11.03 63.56
CA PHE T 45 -41.39 11.31 63.75
C PHE T 45 -41.19 12.52 64.65
N GLU T 46 -41.79 13.65 64.26
CA GLU T 46 -41.67 14.89 65.01
C GLU T 46 -42.18 14.74 66.45
N ARG T 47 -43.27 14.00 66.61
CA ARG T 47 -43.84 13.77 67.94
C ARG T 47 -42.84 13.06 68.84
N ILE T 48 -42.42 11.87 68.42
CA ILE T 48 -41.47 11.08 69.19
C ILE T 48 -40.19 11.87 69.45
N ALA T 49 -39.59 12.37 68.38
CA ALA T 49 -38.36 13.15 68.49
C ALA T 49 -38.57 14.34 69.41
N GLY T 50 -39.77 14.93 69.35
CA GLY T 50 -40.08 16.07 70.20
C GLY T 50 -39.96 15.69 71.66
N GLU T 51 -40.53 14.55 72.02
CA GLU T 51 -40.47 14.07 73.39
C GLU T 51 -39.03 13.79 73.79
N ALA T 52 -38.39 12.88 73.06
CA ALA T 52 -37.00 12.51 73.33
C ALA T 52 -36.17 13.76 73.57
N SER T 53 -36.50 14.83 72.85
CA SER T 53 -35.80 16.10 72.98
C SER T 53 -36.00 16.64 74.40
N ARG T 54 -37.25 16.65 74.85
CA ARG T 54 -37.59 17.12 76.18
C ARG T 54 -36.91 16.26 77.23
N LEU T 55 -37.08 14.95 77.12
CA LEU T 55 -36.49 14.01 78.07
C LEU T 55 -35.01 14.33 78.27
N ALA T 56 -34.33 14.69 77.19
CA ALA T 56 -32.91 15.02 77.25
C ALA T 56 -32.72 16.28 78.10
N HIS T 57 -33.47 17.33 77.79
CA HIS T 57 -33.37 18.59 78.52
C HIS T 57 -33.78 18.41 79.97
N TYR T 58 -34.86 17.68 80.20
CA TYR T 58 -35.36 17.44 81.55
C TYR T 58 -34.27 16.82 82.41
N ASN T 59 -33.70 15.71 81.95
CA ASN T 59 -32.64 15.04 82.67
C ASN T 59 -31.32 15.77 82.45
N LYS T 60 -31.39 16.88 81.71
CA LYS T 60 -30.22 17.70 81.41
C LYS T 60 -29.08 16.90 80.78
N ARG T 61 -29.38 16.24 79.67
CA ARG T 61 -28.40 15.45 78.93
C ARG T 61 -28.26 16.03 77.53
N SER T 62 -27.06 15.97 76.98
CA SER T 62 -26.79 16.51 75.65
C SER T 62 -26.82 15.43 74.56
N THR T 63 -27.56 14.36 74.79
CA THR T 63 -27.66 13.28 73.81
C THR T 63 -29.01 12.58 73.81
N ILE T 64 -29.46 12.19 72.62
CA ILE T 64 -30.73 11.48 72.48
C ILE T 64 -30.46 10.07 71.96
N THR T 65 -30.37 9.12 72.88
CA THR T 65 -30.10 7.73 72.52
C THR T 65 -31.41 6.99 72.30
N SER T 66 -31.31 5.69 72.02
CA SER T 66 -32.48 4.86 71.78
C SER T 66 -33.30 4.76 73.06
N ARG T 67 -32.73 5.27 74.15
CA ARG T 67 -33.39 5.25 75.45
C ARG T 67 -34.48 6.32 75.51
N GLU T 68 -34.14 7.53 75.07
CA GLU T 68 -35.10 8.62 75.06
C GLU T 68 -36.19 8.36 74.05
N ILE T 69 -35.83 7.68 72.96
CA ILE T 69 -36.78 7.35 71.91
C ILE T 69 -37.78 6.32 72.41
N GLN T 70 -37.30 5.33 73.14
CA GLN T 70 -38.14 4.27 73.67
C GLN T 70 -39.23 4.84 74.59
N THR T 71 -38.82 5.56 75.61
CA THR T 71 -39.76 6.16 76.56
C THR T 71 -40.70 7.12 75.85
N ALA T 72 -40.17 7.85 74.88
CA ALA T 72 -40.98 8.79 74.12
C ALA T 72 -42.11 8.05 73.42
N VAL T 73 -41.88 6.76 73.16
CA VAL T 73 -42.87 5.91 72.51
C VAL T 73 -43.96 5.49 73.49
N ARG T 74 -43.56 5.26 74.75
CA ARG T 74 -44.52 4.86 75.77
C ARG T 74 -45.44 6.02 76.12
N LEU T 75 -44.93 7.23 75.99
CA LEU T 75 -45.70 8.43 76.30
C LEU T 75 -46.61 8.85 75.15
N LEU T 76 -46.16 8.62 73.92
CA LEU T 76 -46.93 8.98 72.74
C LEU T 76 -47.92 7.90 72.32
N LEU T 77 -47.40 6.72 71.98
CA LEU T 77 -48.24 5.61 71.56
C LEU T 77 -49.05 5.01 72.70
N PRO T 78 -50.28 4.58 72.42
CA PRO T 78 -51.16 3.98 73.42
C PRO T 78 -50.69 2.60 73.86
N GLY T 79 -51.16 2.17 75.04
CA GLY T 79 -50.79 0.88 75.59
C GLY T 79 -50.23 -0.18 74.67
N GLU T 80 -51.09 -1.07 74.20
CA GLU T 80 -50.69 -2.16 73.31
C GLU T 80 -49.86 -1.72 72.11
N LEU T 81 -50.30 -0.68 71.42
CA LEU T 81 -49.59 -0.19 70.24
C LEU T 81 -48.15 0.21 70.58
N ALA T 82 -47.95 0.82 71.74
CA ALA T 82 -46.61 1.24 72.17
C ALA T 82 -45.77 0.02 72.51
N LYS T 83 -46.41 -0.99 73.08
CA LYS T 83 -45.74 -2.23 73.45
C LYS T 83 -44.92 -2.79 72.30
N HIS T 84 -45.59 -3.11 71.20
CA HIS T 84 -44.94 -3.66 70.02
C HIS T 84 -43.83 -2.73 69.53
N ALA T 85 -44.11 -1.43 69.50
CA ALA T 85 -43.14 -0.45 69.06
C ALA T 85 -41.85 -0.62 69.85
N VAL T 86 -41.98 -0.88 71.14
CA VAL T 86 -40.83 -1.08 72.02
C VAL T 86 -40.14 -2.39 71.67
N SER T 87 -40.92 -3.36 71.22
CA SER T 87 -40.40 -4.67 70.85
C SER T 87 -39.59 -4.59 69.56
N GLU T 88 -40.22 -4.05 68.52
CA GLU T 88 -39.57 -3.91 67.22
C GLU T 88 -38.33 -3.03 67.32
N GLY T 89 -38.42 -1.97 68.12
CA GLY T 89 -37.30 -1.07 68.30
C GLY T 89 -36.14 -1.72 69.01
N THR T 90 -36.41 -2.38 70.13
CA THR T 90 -35.38 -3.05 70.91
C THR T 90 -34.69 -4.12 70.07
N LYS T 91 -35.47 -4.84 69.27
CA LYS T 91 -34.95 -5.89 68.41
C LYS T 91 -34.01 -5.31 67.35
N ALA T 92 -34.45 -4.23 66.72
CA ALA T 92 -33.66 -3.57 65.69
C ALA T 92 -32.28 -3.19 66.22
N VAL T 93 -32.26 -2.57 67.39
CA VAL T 93 -31.01 -2.15 68.02
C VAL T 93 -30.14 -3.36 68.34
N THR T 94 -30.77 -4.43 68.80
CA THR T 94 -30.05 -5.65 69.15
C THR T 94 -29.38 -6.25 67.92
N LYS T 95 -30.14 -6.39 66.84
CA LYS T 95 -29.61 -6.96 65.60
C LYS T 95 -28.58 -6.03 64.97
N TYR T 96 -28.87 -4.74 64.97
CA TYR T 96 -27.97 -3.75 64.40
C TYR T 96 -26.57 -3.86 64.98
N THR T 97 -26.48 -3.79 66.30
CA THR T 97 -25.20 -3.89 67.00
C THR T 97 -24.47 -5.18 66.66
N SER T 98 -25.22 -6.26 66.47
CA SER T 98 -24.65 -7.55 66.15
C SER T 98 -23.88 -7.51 64.82
N ALA T 99 -24.57 -7.07 63.77
CA ALA T 99 -23.96 -6.99 62.45
C ALA T 99 -22.69 -6.15 62.46
N LYS T 100 -21.56 -6.79 62.18
CA LYS T 100 -20.28 -6.11 62.17
C LYS T 100 -19.48 -6.48 60.92
N SER U 20 -13.25 58.38 -25.44
CA SER U 20 -14.63 58.93 -25.37
C SER U 20 -15.16 59.29 -26.76
N GLY U 21 -14.37 60.03 -27.51
CA GLY U 21 -14.78 60.42 -28.85
C GLY U 21 -14.83 59.22 -29.79
N TYR U 22 -14.23 58.12 -29.36
CA TYR U 22 -14.22 56.90 -30.16
C TYR U 22 -15.61 56.29 -30.26
N VAL U 23 -16.26 56.13 -29.11
CA VAL U 23 -17.60 55.57 -29.05
C VAL U 23 -18.65 56.56 -29.58
N GLY U 24 -18.36 57.85 -29.43
CA GLY U 24 -19.28 58.87 -29.89
C GLY U 24 -19.52 58.84 -31.39
N GLY U 25 -18.48 58.48 -32.15
CA GLY U 25 -18.60 58.42 -33.59
C GLY U 25 -19.07 57.08 -34.11
N LEU U 26 -19.64 56.26 -33.22
CA LEU U 26 -20.13 54.94 -33.61
C LEU U 26 -21.45 55.04 -34.38
N PRO U 27 -21.58 54.26 -35.47
CA PRO U 27 -22.78 54.24 -36.30
C PRO U 27 -24.05 53.93 -35.51
N LYS U 28 -25.19 54.36 -36.03
CA LYS U 28 -26.48 54.13 -35.38
C LYS U 28 -26.66 52.64 -35.07
N ASN U 29 -26.30 51.80 -36.02
CA ASN U 29 -26.42 50.35 -35.83
C ASN U 29 -25.58 49.89 -34.66
N VAL U 30 -24.28 50.20 -34.71
CA VAL U 30 -23.34 49.82 -33.66
C VAL U 30 -23.86 50.16 -32.27
N LYS U 31 -24.04 51.46 -32.01
CA LYS U 31 -24.53 51.91 -30.71
C LYS U 31 -25.65 51.03 -30.16
N GLU U 32 -26.73 50.91 -30.92
CA GLU U 32 -27.87 50.10 -30.51
C GLU U 32 -27.40 48.73 -30.03
N LYS U 33 -26.43 48.16 -30.73
CA LYS U 33 -25.89 46.85 -30.38
C LYS U 33 -25.33 46.90 -28.97
N LEU U 34 -24.74 48.05 -28.61
CA LEU U 34 -24.17 48.25 -27.29
C LEU U 34 -25.28 48.48 -26.27
N LEU U 35 -26.25 49.31 -26.65
CA LEU U 35 -27.38 49.62 -25.78
C LEU U 35 -27.98 48.33 -25.23
N SER U 36 -28.26 47.39 -26.12
CA SER U 36 -28.84 46.11 -25.72
C SER U 36 -27.95 45.43 -24.69
N LEU U 37 -26.66 45.29 -25.01
CA LEU U 37 -25.72 44.66 -24.09
C LEU U 37 -25.70 45.38 -22.76
N LYS U 38 -25.80 46.70 -22.80
CA LYS U 38 -25.81 47.50 -21.58
C LYS U 38 -26.99 47.08 -20.72
N THR U 39 -28.00 46.50 -21.37
CA THR U 39 -29.19 46.03 -20.68
C THR U 39 -28.94 44.63 -20.13
N LEU U 40 -28.34 43.77 -20.95
CA LEU U 40 -28.04 42.41 -20.52
C LEU U 40 -27.19 42.45 -19.25
N GLN U 41 -26.32 43.44 -19.15
CA GLN U 41 -25.48 43.59 -17.98
C GLN U 41 -26.35 43.94 -16.78
N SER U 42 -27.42 44.71 -17.03
CA SER U 42 -28.35 45.08 -15.97
C SER U 42 -29.00 43.81 -15.45
N GLU U 43 -29.36 42.92 -16.36
CA GLU U 43 -29.97 41.66 -15.99
C GLU U 43 -28.90 40.81 -15.30
N LEU U 44 -27.64 41.09 -15.64
CA LEU U 44 -26.52 40.38 -15.06
C LEU U 44 -26.35 40.89 -13.63
N PHE U 45 -26.61 42.19 -13.44
CA PHE U 45 -26.51 42.81 -12.12
C PHE U 45 -27.54 42.14 -11.21
N GLU U 46 -28.71 41.89 -11.78
CA GLU U 46 -29.81 41.27 -11.07
C GLU U 46 -29.41 39.96 -10.40
N VAL U 47 -28.87 39.03 -11.19
CA VAL U 47 -28.44 37.74 -10.67
C VAL U 47 -27.29 37.87 -9.68
N GLU U 48 -26.33 38.74 -9.97
CA GLU U 48 -25.19 38.95 -9.08
C GLU U 48 -25.71 39.38 -7.72
N LYS U 49 -26.84 40.10 -7.72
CA LYS U 49 -27.45 40.58 -6.50
C LYS U 49 -27.84 39.39 -5.62
N GLU U 50 -28.53 38.42 -6.23
CA GLU U 50 -28.96 37.24 -5.51
C GLU U 50 -27.75 36.41 -5.09
N PHE U 51 -26.67 36.51 -5.87
CA PHE U 51 -25.44 35.79 -5.56
C PHE U 51 -24.92 36.22 -4.20
N GLN U 52 -24.79 37.52 -4.01
CA GLN U 52 -24.31 38.07 -2.76
C GLN U 52 -25.23 37.68 -1.61
N VAL U 53 -26.52 37.57 -1.90
CA VAL U 53 -27.50 37.19 -0.89
C VAL U 53 -27.15 35.83 -0.31
N GLU U 54 -27.22 34.79 -1.14
CA GLU U 54 -26.90 33.44 -0.69
C GLU U 54 -25.46 33.40 -0.21
N MET U 55 -24.62 34.24 -0.81
CA MET U 55 -23.21 34.32 -0.44
C MET U 55 -23.09 34.78 1.01
N PHE U 56 -23.94 35.74 1.38
CA PHE U 56 -23.95 36.29 2.73
C PHE U 56 -24.49 35.26 3.71
N GLU U 57 -25.67 34.73 3.42
CA GLU U 57 -26.31 33.73 4.28
C GLU U 57 -25.42 32.51 4.51
N LEU U 58 -24.84 31.99 3.44
CA LEU U 58 -23.98 30.81 3.53
C LEU U 58 -22.82 31.12 4.47
N GLU U 59 -22.17 32.25 4.24
CA GLU U 59 -21.03 32.67 5.05
C GLU U 59 -21.47 32.84 6.50
N ASN U 60 -22.74 33.16 6.71
CA ASN U 60 -23.28 33.34 8.04
C ASN U 60 -23.52 31.97 8.68
N LYS U 61 -24.01 31.04 7.87
CA LYS U 61 -24.29 29.67 8.33
C LYS U 61 -23.07 29.06 9.01
N PHE U 62 -21.94 29.10 8.32
CA PHE U 62 -20.71 28.54 8.85
C PHE U 62 -20.16 29.28 10.07
N LEU U 63 -20.46 30.56 10.20
CA LEU U 63 -19.99 31.32 11.35
C LEU U 63 -20.56 30.67 12.61
N GLN U 64 -21.77 30.16 12.49
CA GLN U 64 -22.45 29.51 13.60
C GLN U 64 -21.70 28.24 14.00
N LYS U 65 -20.82 27.78 13.10
CA LYS U 65 -20.03 26.58 13.36
C LYS U 65 -18.66 26.96 13.89
N TYR U 66 -18.19 28.14 13.53
CA TYR U 66 -16.90 28.64 13.98
C TYR U 66 -16.96 29.02 15.45
N LYS U 67 -18.07 29.64 15.85
CA LYS U 67 -18.26 30.08 17.22
C LYS U 67 -18.06 28.95 18.25
N PRO U 68 -18.72 27.80 18.04
CA PRO U 68 -18.57 26.67 18.98
C PRO U 68 -17.12 26.39 19.32
N ILE U 69 -16.22 26.67 18.39
CA ILE U 69 -14.79 26.44 18.60
C ILE U 69 -14.17 27.64 19.32
N TRP U 70 -14.52 28.84 18.90
CA TRP U 70 -13.98 30.05 19.52
C TRP U 70 -14.51 30.16 20.95
N GLU U 71 -15.80 29.92 21.13
CA GLU U 71 -16.41 29.98 22.45
C GLU U 71 -15.75 28.93 23.33
N GLN U 72 -15.19 27.90 22.68
CA GLN U 72 -14.53 26.81 23.38
C GLN U 72 -13.14 27.25 23.83
N ARG U 73 -12.40 27.89 22.93
CA ARG U 73 -11.06 28.36 23.23
C ARG U 73 -11.07 29.49 24.24
N SER U 74 -12.08 30.36 24.14
CA SER U 74 -12.22 31.50 25.04
C SER U 74 -12.08 31.05 26.49
N ARG U 75 -12.78 29.96 26.83
CA ARG U 75 -12.73 29.42 28.18
C ARG U 75 -11.33 28.89 28.50
N ILE U 76 -10.72 28.23 27.51
CA ILE U 76 -9.39 27.68 27.67
C ILE U 76 -8.40 28.82 27.89
N ILE U 77 -8.77 30.00 27.42
CA ILE U 77 -7.94 31.19 27.55
C ILE U 77 -8.21 31.90 28.87
N SER U 78 -9.45 31.79 29.35
CA SER U 78 -9.85 32.41 30.61
C SER U 78 -9.61 31.45 31.77
N GLY U 79 -8.99 30.32 31.47
CA GLY U 79 -8.74 29.32 32.50
C GLY U 79 -10.08 28.79 32.98
N GLN U 80 -11.14 29.21 32.31
CA GLN U 80 -12.49 28.81 32.64
C GLN U 80 -12.58 27.28 32.57
N GLU U 81 -12.09 26.70 31.48
CA GLU U 81 -12.10 25.26 31.31
C GLU U 81 -10.68 24.81 31.04
N GLN U 82 -10.34 23.61 31.51
CA GLN U 82 -8.99 23.09 31.33
C GLN U 82 -8.85 22.11 30.17
N PRO U 83 -7.69 22.13 29.48
CA PRO U 83 -7.39 21.27 28.35
C PRO U 83 -7.45 19.79 28.70
N LYS U 84 -7.76 18.96 27.71
CA LYS U 84 -7.84 17.52 27.92
C LYS U 84 -6.55 16.89 27.41
N PRO U 85 -6.02 15.88 28.14
CA PRO U 85 -4.79 15.22 27.72
C PRO U 85 -4.82 14.83 26.24
N GLU U 86 -6.04 14.63 25.73
CA GLU U 86 -6.24 14.27 24.33
C GLU U 86 -5.78 15.42 23.44
N GLN U 87 -6.22 16.62 23.78
CA GLN U 87 -5.88 17.82 23.02
C GLN U 87 -4.40 18.15 23.17
N ILE U 88 -3.89 18.02 24.40
CA ILE U 88 -2.49 18.31 24.68
C ILE U 88 -1.58 17.51 23.74
N ALA U 89 -1.68 16.19 23.81
CA ALA U 89 -0.87 15.31 22.98
C ALA U 89 -1.13 15.59 21.51
N LYS U 90 -2.41 15.63 21.14
CA LYS U 90 -2.81 15.89 19.76
C LYS U 90 -2.18 17.20 19.28
N GLY U 91 -1.97 18.12 20.20
CA GLY U 91 -1.38 19.40 19.87
C GLY U 91 0.08 19.29 19.50
N GLN U 92 0.84 18.57 20.32
CA GLN U 92 2.27 18.39 20.09
C GLN U 92 2.49 17.75 18.72
N GLU U 93 1.64 16.80 18.37
CA GLU U 93 1.72 16.10 17.09
C GLU U 93 1.51 17.11 15.96
N ILE U 94 0.91 18.24 16.29
CA ILE U 94 0.65 19.30 15.32
C ILE U 94 1.81 20.28 15.31
N VAL U 95 2.30 20.62 16.50
CA VAL U 95 3.41 21.55 16.63
C VAL U 95 4.63 20.98 15.92
N GLU U 96 4.84 19.68 16.06
CA GLU U 96 5.96 19.00 15.43
C GLU U 96 5.72 18.88 13.93
N SER U 97 4.46 18.65 13.55
CA SER U 97 4.08 18.51 12.16
C SER U 97 4.31 19.82 11.40
N LEU U 98 4.15 20.93 12.11
CA LEU U 98 4.34 22.25 11.52
C LEU U 98 5.75 22.76 11.78
N ASN U 99 6.51 22.01 12.58
CA ASN U 99 7.88 22.35 12.92
C ASN U 99 7.99 23.69 13.64
N GLU U 100 7.30 23.82 14.77
CA GLU U 100 7.35 25.05 15.55
C GLU U 100 8.26 24.84 16.76
N THR U 101 8.07 23.73 17.46
CA THR U 101 8.87 23.39 18.63
C THR U 101 8.68 24.35 19.79
N GLU U 102 8.45 25.61 19.48
CA GLU U 102 8.25 26.65 20.49
C GLU U 102 7.16 26.28 21.48
N LEU U 103 6.27 25.37 21.07
CA LEU U 103 5.18 24.94 21.92
C LEU U 103 5.44 23.60 22.60
N LEU U 104 6.70 23.17 22.59
CA LEU U 104 7.08 21.91 23.20
C LEU U 104 7.50 22.10 24.65
N VAL U 105 6.95 21.27 25.54
CA VAL U 105 7.27 21.34 26.97
C VAL U 105 8.45 20.42 27.27
N ASP U 106 9.11 20.67 28.39
CA ASP U 106 10.25 19.86 28.80
C ASP U 106 9.80 18.56 29.48
N GLU U 107 10.73 17.61 29.57
CA GLU U 107 10.46 16.32 30.19
C GLU U 107 10.43 16.43 31.71
N GLU U 108 9.22 16.44 32.27
CA GLU U 108 9.07 16.54 33.72
C GLU U 108 7.60 16.48 34.10
N GLU U 109 7.27 15.57 35.01
CA GLU U 109 5.90 15.38 35.47
C GLU U 109 5.11 16.68 35.53
N GLN U 119 0.33 27.20 37.68
CA GLN U 119 0.91 28.51 37.95
C GLN U 119 -0.14 29.61 37.85
N VAL U 120 -0.44 30.03 36.62
CA VAL U 120 -1.41 31.08 36.39
C VAL U 120 -2.80 30.53 36.04
N LYS U 121 -3.73 31.44 35.77
CA LYS U 121 -5.10 31.06 35.43
C LYS U 121 -5.42 31.36 33.98
N GLY U 122 -5.41 30.32 33.16
CA GLY U 122 -5.71 30.47 31.75
C GLY U 122 -4.82 31.43 30.99
N ILE U 123 -3.76 30.89 30.40
CA ILE U 123 -2.79 31.65 29.61
C ILE U 123 -2.85 33.17 29.78
N PRO U 124 -1.86 33.75 30.46
CA PRO U 124 -1.79 35.20 30.69
C PRO U 124 -1.71 36.02 29.40
N SER U 125 -2.23 37.24 29.46
CA SER U 125 -2.23 38.16 28.32
C SER U 125 -2.25 37.46 26.97
N PHE U 126 -3.36 36.79 26.67
CA PHE U 126 -3.49 36.08 25.40
C PHE U 126 -3.73 37.05 24.25
N TRP U 127 -4.96 37.56 24.16
CA TRP U 127 -5.34 38.48 23.10
C TRP U 127 -4.41 39.68 23.01
N LEU U 128 -3.93 40.15 24.16
CA LEU U 128 -3.03 41.29 24.18
C LEU U 128 -1.81 40.96 23.32
N THR U 129 -1.13 39.88 23.66
CA THR U 129 0.05 39.45 22.92
C THR U 129 -0.30 39.19 21.46
N ALA U 130 -1.52 38.73 21.22
CA ALA U 130 -1.99 38.44 19.87
C ALA U 130 -2.00 39.71 19.03
N LEU U 131 -2.74 40.71 19.51
CA LEU U 131 -2.85 41.98 18.80
C LEU U 131 -1.48 42.64 18.67
N GLU U 132 -0.56 42.25 19.55
CA GLU U 132 0.80 42.79 19.54
C GLU U 132 1.54 42.42 18.27
N ASN U 133 1.03 41.43 17.55
CA ASN U 133 1.66 40.97 16.32
C ASN U 133 0.92 41.36 15.04
N LEU U 134 -0.41 41.31 15.09
CA LEU U 134 -1.23 41.65 13.93
C LEU U 134 -0.73 42.92 13.25
N PRO U 135 -0.20 42.80 12.03
CA PRO U 135 0.35 43.89 11.21
C PRO U 135 -0.33 45.25 11.36
N ILE U 136 -1.53 45.38 10.82
CA ILE U 136 -2.28 46.65 10.88
C ILE U 136 -2.53 47.13 12.30
N VAL U 137 -3.22 46.32 13.10
CA VAL U 137 -3.56 46.66 14.46
C VAL U 137 -2.39 46.91 15.41
N CYS U 138 -1.47 45.95 15.51
CA CYS U 138 -0.32 46.07 16.41
C CYS U 138 0.21 47.48 16.55
N ASP U 139 0.26 48.22 15.45
CA ASP U 139 0.76 49.59 15.49
C ASP U 139 -0.36 50.60 15.78
N THR U 140 -1.13 50.31 16.82
CA THR U 140 -2.23 51.17 17.24
C THR U 140 -2.28 51.19 18.75
N ILE U 141 -1.97 50.05 19.36
CA ILE U 141 -1.96 49.92 20.81
C ILE U 141 -0.79 50.67 21.41
N THR U 142 -1.00 51.28 22.57
CA THR U 142 0.04 52.02 23.25
C THR U 142 0.24 51.47 24.65
N ASP U 143 1.34 51.84 25.29
CA ASP U 143 1.67 51.37 26.63
C ASP U 143 0.52 51.54 27.62
N ARG U 144 -0.29 52.57 27.43
CA ARG U 144 -1.41 52.82 28.35
C ARG U 144 -2.65 52.03 27.93
N ASP U 145 -2.62 51.47 26.73
CA ASP U 145 -3.73 50.69 26.21
C ASP U 145 -3.49 49.21 26.50
N ALA U 146 -2.22 48.83 26.59
CA ALA U 146 -1.85 47.45 26.85
C ALA U 146 -2.39 46.99 28.20
N GLU U 147 -2.31 47.87 29.19
CA GLU U 147 -2.80 47.56 30.53
C GLU U 147 -4.29 47.25 30.51
N VAL U 148 -5.01 47.89 29.60
CA VAL U 148 -6.45 47.68 29.48
C VAL U 148 -6.75 46.37 28.77
N LEU U 149 -6.15 46.19 27.60
CA LEU U 149 -6.35 44.97 26.82
C LEU U 149 -5.92 43.75 27.63
N GLU U 150 -5.22 44.01 28.72
CA GLU U 150 -4.75 42.94 29.60
C GLU U 150 -5.95 42.21 30.21
N TYR U 151 -7.11 42.86 30.15
CA TYR U 151 -8.33 42.28 30.71
C TYR U 151 -9.31 41.81 29.64
N LEU U 152 -8.82 41.68 28.40
CA LEU U 152 -9.66 41.21 27.30
C LEU U 152 -9.70 39.68 27.33
N GLN U 153 -10.90 39.13 27.37
CA GLN U 153 -11.07 37.68 27.42
C GLN U 153 -11.34 37.02 26.07
N ASP U 154 -12.02 37.73 25.18
CA ASP U 154 -12.33 37.16 23.87
C ASP U 154 -12.84 38.21 22.87
N ILE U 155 -12.69 37.89 21.59
CA ILE U 155 -13.12 38.77 20.51
C ILE U 155 -14.06 37.99 19.60
N GLY U 156 -15.36 38.28 19.71
CA GLY U 156 -16.35 37.60 18.90
C GLY U 156 -16.57 38.19 17.52
N LEU U 157 -17.50 37.59 16.78
CA LEU U 157 -17.83 38.03 15.44
C LEU U 157 -19.24 37.55 15.09
N GLU U 158 -20.07 38.45 14.59
CA GLU U 158 -21.45 38.10 14.24
C GLU U 158 -21.98 38.92 13.08
N TYR U 159 -22.70 38.26 12.17
CA TYR U 159 -23.29 38.96 11.02
C TYR U 159 -24.66 39.47 11.45
N LEU U 160 -24.92 40.74 11.15
CA LEU U 160 -26.19 41.37 11.51
C LEU U 160 -27.39 40.47 11.25
N THR U 161 -27.33 39.72 10.15
CA THR U 161 -28.42 38.80 9.79
C THR U 161 -29.71 39.51 9.41
N ASP U 162 -30.21 40.35 10.31
CA ASP U 162 -31.45 41.08 10.08
C ASP U 162 -31.28 42.19 9.05
N GLY U 163 -31.95 43.32 9.28
CA GLY U 163 -31.86 44.44 8.37
C GLY U 163 -30.46 44.98 8.20
N ARG U 164 -30.17 45.52 7.01
CA ARG U 164 -28.86 46.07 6.72
C ARG U 164 -27.74 45.06 6.93
N PRO U 165 -27.23 44.47 5.83
CA PRO U 165 -26.15 43.48 5.91
C PRO U 165 -24.90 44.06 6.57
N GLY U 166 -24.11 43.20 7.20
CA GLY U 166 -22.90 43.64 7.86
C GLY U 166 -22.49 42.74 9.00
N PHE U 167 -21.28 42.96 9.52
CA PHE U 167 -20.78 42.15 10.63
C PHE U 167 -20.44 43.03 11.83
N LYS U 168 -20.49 42.45 13.02
CA LYS U 168 -20.20 43.20 14.24
C LYS U 168 -19.21 42.45 15.13
N LEU U 169 -18.13 43.13 15.50
CA LEU U 169 -17.11 42.54 16.35
C LEU U 169 -17.42 42.84 17.81
N LEU U 170 -17.33 41.81 18.66
CA LEU U 170 -17.63 41.97 20.08
C LEU U 170 -16.39 41.72 20.95
N PHE U 171 -16.14 42.65 21.88
CA PHE U 171 -15.02 42.53 22.80
C PHE U 171 -15.55 42.33 24.20
N ARG U 172 -15.18 41.22 24.82
CA ARG U 172 -15.66 40.89 26.16
C ARG U 172 -14.56 41.00 27.22
N PHE U 173 -14.65 42.03 28.06
CA PHE U 173 -13.67 42.25 29.12
C PHE U 173 -14.22 41.74 30.45
N ASP U 174 -13.31 41.42 31.36
CA ASP U 174 -13.71 40.93 32.68
C ASP U 174 -14.20 42.10 33.54
N SER U 175 -15.51 42.28 33.60
CA SER U 175 -16.12 43.36 34.36
C SER U 175 -15.75 43.37 35.84
N SER U 176 -15.48 42.20 36.40
CA SER U 176 -15.13 42.09 37.80
C SER U 176 -13.65 42.32 38.06
N ALA U 177 -12.89 42.55 36.99
CA ALA U 177 -11.46 42.78 37.11
C ALA U 177 -11.03 44.09 36.46
N ASN U 178 -11.61 44.39 35.29
CA ASN U 178 -11.31 45.60 34.54
C ASN U 178 -11.53 46.87 35.37
N PRO U 179 -10.43 47.56 35.74
CA PRO U 179 -10.50 48.78 36.53
C PRO U 179 -10.80 50.02 35.70
N PHE U 180 -10.62 49.91 34.38
CA PHE U 180 -10.85 51.05 33.49
C PHE U 180 -12.31 51.35 33.21
N PHE U 181 -13.07 50.37 32.75
CA PHE U 181 -14.48 50.58 32.45
C PHE U 181 -15.37 49.45 32.96
N THR U 182 -16.65 49.79 33.20
CA THR U 182 -17.61 48.83 33.70
C THR U 182 -18.23 48.00 32.58
N ASN U 183 -17.93 48.36 31.34
CA ASN U 183 -18.45 47.65 30.18
C ASN U 183 -18.00 46.20 30.16
N ASP U 184 -18.92 45.30 29.83
CA ASP U 184 -18.62 43.88 29.77
C ASP U 184 -18.35 43.48 28.32
N ILE U 185 -19.04 44.15 27.39
CA ILE U 185 -18.88 43.87 25.98
C ILE U 185 -18.83 45.16 25.15
N LEU U 186 -17.68 45.43 24.54
CA LEU U 186 -17.50 46.61 23.71
C LEU U 186 -17.67 46.17 22.26
N CYS U 187 -18.75 46.63 21.63
CA CYS U 187 -19.03 46.26 20.25
C CYS U 187 -18.60 47.25 19.16
N LYS U 188 -18.66 46.78 17.93
CA LYS U 188 -18.30 47.54 16.74
C LYS U 188 -19.02 46.92 15.55
N THR U 189 -19.75 47.74 14.80
CA THR U 189 -20.50 47.23 13.65
C THR U 189 -20.14 47.91 12.33
N TYR U 190 -20.06 47.11 11.27
CA TYR U 190 -19.76 47.60 9.94
C TYR U 190 -20.97 47.32 9.05
N PHE U 191 -21.64 48.39 8.63
CA PHE U 191 -22.83 48.26 7.78
C PHE U 191 -22.51 48.30 6.29
N TYR U 192 -22.97 47.29 5.56
CA TYR U 192 -22.76 47.22 4.12
C TYR U 192 -23.98 47.85 3.44
N GLN U 193 -23.76 48.96 2.75
CA GLN U 193 -24.85 49.64 2.06
C GLN U 193 -25.62 48.69 1.16
N LYS U 194 -26.94 48.63 1.37
CA LYS U 194 -27.83 47.76 0.62
C LYS U 194 -27.50 47.70 -0.87
N GLU U 195 -27.23 48.86 -1.46
CA GLU U 195 -26.91 48.94 -2.87
C GLU U 195 -25.61 48.20 -3.18
N LEU U 196 -25.72 47.12 -3.96
CA LEU U 196 -24.57 46.32 -4.33
C LEU U 196 -23.59 47.13 -5.17
N GLY U 197 -22.30 46.91 -4.93
CA GLY U 197 -21.27 47.64 -5.67
C GLY U 197 -21.23 47.31 -7.14
N TYR U 198 -20.51 48.13 -7.90
CA TYR U 198 -20.37 47.94 -9.33
C TYR U 198 -19.73 46.59 -9.66
N SER U 199 -18.70 46.23 -8.88
CA SER U 199 -18.01 44.96 -9.09
C SER U 199 -18.95 43.78 -8.82
N GLY U 200 -20.06 44.07 -8.15
CA GLY U 200 -21.03 43.02 -7.85
C GLY U 200 -20.96 42.54 -6.42
N ASP U 201 -20.11 43.18 -5.61
CA ASP U 201 -19.97 42.80 -4.21
C ASP U 201 -20.39 43.91 -3.26
N PHE U 202 -20.36 43.61 -1.96
CA PHE U 202 -20.74 44.57 -0.93
C PHE U 202 -19.74 45.71 -0.74
N ILE U 203 -20.26 46.88 -0.41
CA ILE U 203 -19.45 48.06 -0.17
C ILE U 203 -19.83 48.67 1.18
N TYR U 204 -18.83 49.12 1.94
CA TYR U 204 -19.07 49.72 3.24
C TYR U 204 -20.00 50.92 3.17
N ASP U 205 -20.58 51.27 4.32
CA ASP U 205 -21.48 52.41 4.42
C ASP U 205 -20.96 53.35 5.49
N HIS U 206 -20.71 52.78 6.67
CA HIS U 206 -20.19 53.54 7.81
C HIS U 206 -20.05 52.62 9.02
N ALA U 207 -19.14 52.96 9.92
CA ALA U 207 -18.91 52.17 11.12
C ALA U 207 -19.62 52.78 12.30
N GLU U 208 -20.27 51.93 13.11
CA GLU U 208 -20.99 52.40 14.29
C GLU U 208 -20.40 51.74 15.54
N GLY U 209 -19.51 52.47 16.21
CA GLY U 209 -18.89 51.95 17.41
C GLY U 209 -19.79 51.92 18.63
N CYS U 210 -19.30 51.27 19.68
CA CYS U 210 -20.05 51.15 20.93
C CYS U 210 -19.30 51.87 22.06
N GLU U 211 -19.62 53.15 22.24
CA GLU U 211 -18.99 53.99 23.25
C GLU U 211 -18.69 53.27 24.56
N ILE U 212 -17.57 53.64 25.17
CA ILE U 212 -17.12 53.04 26.42
C ILE U 212 -17.48 53.93 27.61
N SER U 213 -17.53 53.34 28.79
CA SER U 213 -17.85 54.06 30.02
C SER U 213 -16.72 53.88 31.03
N TRP U 214 -15.70 54.73 30.92
CA TRP U 214 -14.57 54.66 31.83
C TRP U 214 -14.97 54.97 33.27
N LYS U 215 -14.30 54.33 34.21
CA LYS U 215 -14.58 54.51 35.63
C LYS U 215 -13.78 55.65 36.25
N ASP U 216 -12.97 56.31 35.43
CA ASP U 216 -12.15 57.42 35.91
C ASP U 216 -11.42 58.08 34.74
N ASN U 217 -11.41 59.41 34.73
CA ASN U 217 -10.75 60.16 33.66
C ASN U 217 -9.27 59.80 33.58
N ALA U 218 -8.73 59.26 34.66
CA ALA U 218 -7.33 58.87 34.71
C ALA U 218 -7.16 57.54 33.98
N HIS U 219 -8.11 56.63 34.20
CA HIS U 219 -8.09 55.32 33.55
C HIS U 219 -8.84 55.41 32.23
N ASN U 220 -8.96 56.62 31.71
CA ASN U 220 -9.65 56.88 30.45
C ASN U 220 -8.90 56.31 29.25
N VAL U 221 -7.68 56.79 29.03
CA VAL U 221 -6.83 56.35 27.92
C VAL U 221 -7.20 56.99 26.59
N THR U 222 -8.49 56.94 26.22
CA THR U 222 -8.94 57.52 24.97
C THR U 222 -8.77 59.04 24.97
N PRO U 246 -8.27 64.75 24.04
CA PRO U 246 -8.30 63.55 23.21
C PRO U 246 -6.92 63.18 22.66
N ILE U 247 -6.44 62.00 23.02
CA ILE U 247 -5.13 61.54 22.55
C ILE U 247 -5.28 60.34 21.62
N GLU U 248 -4.16 59.85 21.11
CA GLU U 248 -4.16 58.72 20.21
C GLU U 248 -4.21 57.41 20.99
N SER U 249 -5.36 56.77 20.98
CA SER U 249 -5.56 55.51 21.69
C SER U 249 -6.18 54.44 20.79
N PHE U 250 -6.04 53.18 21.20
CA PHE U 250 -6.58 52.05 20.47
C PHE U 250 -8.10 52.01 20.55
N PHE U 251 -8.64 52.25 21.74
CA PHE U 251 -10.07 52.21 21.96
C PHE U 251 -10.86 53.26 21.19
N ASN U 252 -10.15 54.12 20.45
CA ASN U 252 -10.82 55.14 19.64
C ASN U 252 -11.49 54.37 18.51
N PHE U 253 -11.19 53.08 18.44
CA PHE U 253 -11.75 52.19 17.43
C PHE U 253 -13.25 52.05 17.63
N PHE U 254 -13.71 52.31 18.86
CA PHE U 254 -15.12 52.21 19.18
C PHE U 254 -15.83 53.54 19.00
N ASP U 255 -15.14 54.49 18.38
CA ASP U 255 -15.69 55.81 18.12
C ASP U 255 -15.35 56.16 16.67
N PRO U 256 -15.86 55.36 15.72
CA PRO U 256 -15.65 55.50 14.28
C PRO U 256 -15.91 56.90 13.72
N PRO U 257 -15.12 57.30 12.71
CA PRO U 257 -15.27 58.61 12.08
C PRO U 257 -16.65 58.74 11.45
N LYS U 258 -17.32 59.86 11.69
CA LYS U 258 -18.66 60.07 11.16
C LYS U 258 -18.63 60.85 9.85
N ILE U 259 -19.47 60.44 8.91
CA ILE U 259 -19.56 61.09 7.62
C ILE U 259 -20.15 62.49 7.82
N GLN U 260 -19.29 63.45 8.15
CA GLN U 260 -19.69 64.83 8.40
C GLN U 260 -20.91 65.26 7.58
N ASN U 261 -20.64 66.01 6.52
CA ASN U 261 -21.69 66.51 5.63
C ASN U 261 -21.08 67.01 4.32
N GLU U 262 -21.93 67.51 3.44
CA GLU U 262 -21.47 68.03 2.16
C GLU U 262 -21.14 69.52 2.27
N ASP U 263 -20.60 69.91 3.41
CA ASP U 263 -20.22 71.31 3.65
C ASP U 263 -18.93 71.63 2.93
N GLN U 264 -18.23 70.61 2.47
CA GLN U 264 -16.98 70.76 1.74
C GLN U 264 -15.85 71.30 2.62
N ASP U 265 -14.67 70.69 2.49
CA ASP U 265 -13.49 71.09 3.25
C ASP U 265 -12.22 70.76 2.46
N GLU U 266 -11.07 70.95 3.10
CA GLU U 266 -9.79 70.66 2.46
C GLU U 266 -8.83 70.00 3.44
N GLU U 267 -8.19 68.91 2.99
CA GLU U 267 -7.25 68.17 3.81
C GLU U 267 -7.96 67.50 4.98
N LEU U 268 -9.18 67.93 5.27
CA LEU U 268 -9.97 67.37 6.34
C LEU U 268 -10.94 66.33 5.78
N GLU U 269 -10.95 66.22 4.46
CA GLU U 269 -11.81 65.26 3.77
C GLU U 269 -10.93 64.09 3.34
N GLU U 270 -9.63 64.35 3.28
CA GLU U 270 -8.65 63.34 2.91
C GLU U 270 -8.13 62.67 4.17
N ASP U 271 -7.90 63.50 5.21
CA ASP U 271 -7.40 63.00 6.49
C ASP U 271 -8.46 62.13 7.14
N LEU U 272 -9.71 62.60 7.15
CA LEU U 272 -10.80 61.84 7.74
C LEU U 272 -11.29 60.77 6.77
N GLU U 273 -10.46 60.47 5.77
CA GLU U 273 -10.77 59.45 4.79
C GLU U 273 -9.78 58.31 5.01
N GLU U 274 -8.52 58.68 5.22
CA GLU U 274 -7.46 57.71 5.47
C GLU U 274 -7.75 57.04 6.80
N ARG U 275 -8.53 57.72 7.64
CA ARG U 275 -8.90 57.20 8.95
C ARG U 275 -10.00 56.18 8.78
N LEU U 276 -10.95 56.46 7.89
CA LEU U 276 -12.05 55.54 7.62
C LEU U 276 -11.48 54.26 7.04
N ALA U 277 -10.55 54.42 6.10
CA ALA U 277 -9.90 53.27 5.47
C ALA U 277 -9.22 52.44 6.54
N LEU U 278 -8.56 53.12 7.47
CA LEU U 278 -7.85 52.44 8.56
C LEU U 278 -8.86 51.73 9.45
N ASP U 279 -9.99 52.38 9.69
CA ASP U 279 -11.04 51.81 10.52
C ASP U 279 -11.54 50.52 9.89
N TYR U 280 -11.95 50.60 8.62
CA TYR U 280 -12.44 49.43 7.91
C TYR U 280 -11.31 48.40 7.80
N SER U 281 -10.09 48.88 7.59
CA SER U 281 -8.93 48.01 7.46
C SER U 281 -8.76 47.18 8.73
N ILE U 282 -8.72 47.85 9.87
CA ILE U 282 -8.56 47.17 11.15
C ILE U 282 -9.67 46.14 11.30
N GLY U 283 -10.91 46.54 11.01
CA GLY U 283 -12.02 45.62 11.11
C GLY U 283 -11.76 44.36 10.31
N GLU U 284 -11.18 44.53 9.13
CA GLU U 284 -10.86 43.40 8.26
C GLU U 284 -9.90 42.45 8.96
N GLN U 285 -8.79 43.00 9.46
CA GLN U 285 -7.79 42.22 10.16
C GLN U 285 -8.37 41.28 11.21
N LEU U 286 -9.04 41.86 12.21
CA LEU U 286 -9.65 41.08 13.27
C LEU U 286 -10.59 40.00 12.76
N LYS U 287 -11.48 40.38 11.84
CA LYS U 287 -12.46 39.46 11.27
C LYS U 287 -11.87 38.29 10.48
N ASP U 288 -11.17 38.61 9.39
CA ASP U 288 -10.59 37.60 8.51
C ASP U 288 -9.26 37.00 8.94
N LYS U 289 -8.65 37.52 10.01
CA LYS U 289 -7.36 36.99 10.45
C LYS U 289 -7.26 36.70 11.94
N LEU U 290 -7.11 37.76 12.73
CA LEU U 290 -6.96 37.64 14.18
C LEU U 290 -7.85 36.56 14.79
N ILE U 291 -9.16 36.69 14.61
CA ILE U 291 -10.10 35.72 15.16
C ILE U 291 -9.94 34.30 14.61
N PRO U 292 -9.96 34.15 13.27
CA PRO U 292 -9.80 32.83 12.64
C PRO U 292 -8.54 32.07 13.03
N ARG U 293 -7.47 32.80 13.35
CA ARG U 293 -6.20 32.18 13.72
C ARG U 293 -5.57 32.80 14.97
N ALA U 294 -6.41 33.15 15.94
CA ALA U 294 -5.93 33.76 17.17
C ALA U 294 -4.79 32.97 17.81
N VAL U 295 -4.95 31.64 17.86
CA VAL U 295 -3.95 30.78 18.45
C VAL U 295 -2.54 31.08 17.94
N ASP U 296 -2.36 31.00 16.62
CA ASP U 296 -1.06 31.26 16.02
C ASP U 296 -0.67 32.73 16.10
N TRP U 297 -1.65 33.62 16.09
CA TRP U 297 -1.37 35.06 16.17
C TRP U 297 -0.75 35.39 17.53
N PHE U 298 -1.00 34.53 18.51
CA PHE U 298 -0.45 34.73 19.85
C PHE U 298 0.98 34.22 19.90
N THR U 299 1.24 33.11 19.22
CA THR U 299 2.57 32.51 19.19
C THR U 299 3.47 33.29 18.24
N GLY U 300 2.92 33.70 17.10
CA GLY U 300 3.69 34.45 16.13
C GLY U 300 3.88 33.69 14.83
N ALA U 301 3.24 32.52 14.74
CA ALA U 301 3.34 31.69 13.54
C ALA U 301 2.62 32.34 12.36
N ALA U 302 1.44 32.88 12.62
CA ALA U 302 0.65 33.52 11.58
C ALA U 302 1.44 34.59 10.84
N LEU U 303 2.42 35.17 11.52
CA LEU U 303 3.26 36.21 10.92
C LEU U 303 3.90 35.72 9.62
N GLY V 21 11.91 32.99 20.65
CA GLY V 21 12.51 32.57 21.96
C GLY V 21 11.73 33.10 23.15
N TYR V 22 10.79 34.00 22.87
CA TYR V 22 9.98 34.59 23.93
C TYR V 22 8.87 33.63 24.38
N VAL V 23 9.05 32.35 24.10
CA VAL V 23 8.08 31.33 24.47
C VAL V 23 8.77 29.99 24.72
N GLY V 24 9.86 29.75 23.99
CA GLY V 24 10.60 28.51 24.14
C GLY V 24 10.87 28.12 25.59
N GLY V 25 11.63 28.95 26.30
CA GLY V 25 11.94 28.66 27.68
C GLY V 25 11.12 29.50 28.65
N LEU V 26 9.86 29.12 28.83
CA LEU V 26 8.95 29.82 29.72
C LEU V 26 8.09 28.83 30.52
N PRO V 27 7.05 29.32 31.23
CA PRO V 27 6.21 28.39 31.99
C PRO V 27 5.71 27.18 31.21
N LYS V 28 5.39 26.12 31.94
CA LYS V 28 4.90 24.87 31.34
C LYS V 28 3.38 24.88 31.22
N ASN V 29 2.70 25.09 32.34
CA ASN V 29 1.25 25.11 32.37
C ASN V 29 0.67 25.97 31.24
N VAL V 30 1.41 27.01 30.87
CA VAL V 30 0.97 27.89 29.80
C VAL V 30 1.02 27.12 28.49
N LYS V 31 2.21 26.68 28.11
CA LYS V 31 2.38 25.91 26.88
C LYS V 31 1.30 24.84 26.81
N GLU V 32 1.12 24.12 27.91
CA GLU V 32 0.11 23.06 27.98
C GLU V 32 -1.21 23.58 27.42
N LYS V 33 -1.61 24.76 27.86
CA LYS V 33 -2.85 25.37 27.39
C LYS V 33 -2.83 25.53 25.88
N LEU V 34 -1.74 26.10 25.37
CA LEU V 34 -1.59 26.33 23.94
C LEU V 34 -1.82 25.06 23.11
N LEU V 35 -1.20 23.96 23.53
CA LEU V 35 -1.34 22.70 22.82
C LEU V 35 -2.80 22.35 22.54
N SER V 36 -3.64 22.47 23.56
CA SER V 36 -5.06 22.17 23.40
C SER V 36 -5.66 23.11 22.36
N LEU V 37 -5.31 24.38 22.46
CA LEU V 37 -5.81 25.39 21.52
C LEU V 37 -5.35 25.06 20.11
N LYS V 38 -4.10 24.64 19.99
CA LYS V 38 -3.52 24.30 18.70
C LYS V 38 -4.36 23.19 18.07
N THR V 39 -5.02 22.40 18.91
CA THR V 39 -5.87 21.30 18.45
C THR V 39 -7.18 21.88 17.91
N LEU V 40 -7.82 22.74 18.71
CA LEU V 40 -9.07 23.36 18.30
C LEU V 40 -8.82 24.12 16.99
N GLN V 41 -7.57 24.51 16.78
CA GLN V 41 -7.18 25.23 15.58
C GLN V 41 -7.44 24.30 14.39
N SER V 42 -7.04 23.04 14.56
CA SER V 42 -7.22 22.04 13.52
C SER V 42 -8.72 21.81 13.26
N GLU V 43 -9.51 21.86 14.33
CA GLU V 43 -10.95 21.67 14.19
C GLU V 43 -11.51 22.75 13.28
N LEU V 44 -10.91 23.93 13.32
CA LEU V 44 -11.34 25.04 12.48
C LEU V 44 -11.02 24.71 11.03
N PHE V 45 -9.83 24.18 10.79
CA PHE V 45 -9.41 23.81 9.44
C PHE V 45 -10.48 23.00 8.72
N GLU V 46 -10.95 21.94 9.37
CA GLU V 46 -11.97 21.08 8.79
C GLU V 46 -13.30 21.81 8.63
N VAL V 47 -13.61 22.70 9.57
CA VAL V 47 -14.85 23.46 9.50
C VAL V 47 -14.74 24.47 8.36
N GLU V 48 -13.57 25.08 8.25
CA GLU V 48 -13.31 26.05 7.20
C GLU V 48 -13.16 25.28 5.89
N LYS V 49 -12.85 23.99 6.03
CA LYS V 49 -12.68 23.10 4.89
C LYS V 49 -14.05 22.93 4.25
N GLU V 50 -15.04 22.58 5.08
CA GLU V 50 -16.41 22.39 4.63
C GLU V 50 -16.95 23.72 4.09
N PHE V 51 -16.43 24.82 4.62
CA PHE V 51 -16.84 26.15 4.21
C PHE V 51 -16.55 26.37 2.72
N GLN V 52 -15.27 26.31 2.36
CA GLN V 52 -14.85 26.49 0.98
C GLN V 52 -15.59 25.56 0.04
N VAL V 53 -16.05 24.43 0.56
CA VAL V 53 -16.78 23.46 -0.25
C VAL V 53 -18.08 24.08 -0.75
N GLU V 54 -19.03 24.28 0.15
CA GLU V 54 -20.31 24.88 -0.21
C GLU V 54 -20.07 26.26 -0.81
N MET V 55 -18.97 26.88 -0.39
CA MET V 55 -18.60 28.20 -0.89
C MET V 55 -18.32 28.14 -2.39
N PHE V 56 -17.60 27.11 -2.81
CA PHE V 56 -17.26 26.93 -4.21
C PHE V 56 -18.51 26.63 -5.01
N GLU V 57 -19.36 25.76 -4.47
CA GLU V 57 -20.60 25.38 -5.12
C GLU V 57 -21.51 26.58 -5.36
N LEU V 58 -21.62 27.45 -4.36
CA LEU V 58 -22.45 28.63 -4.46
C LEU V 58 -22.05 29.47 -5.68
N GLU V 59 -20.75 29.65 -5.86
CA GLU V 59 -20.26 30.43 -6.99
C GLU V 59 -20.64 29.77 -8.31
N ASN V 60 -20.29 28.50 -8.46
CA ASN V 60 -20.61 27.76 -9.68
C ASN V 60 -22.13 27.70 -9.83
N LYS V 61 -22.82 27.74 -8.70
CA LYS V 61 -24.28 27.69 -8.68
C LYS V 61 -24.88 28.88 -9.43
N PHE V 62 -24.23 30.04 -9.26
CA PHE V 62 -24.70 31.26 -9.91
C PHE V 62 -24.08 31.47 -11.29
N LEU V 63 -22.97 30.80 -11.55
CA LEU V 63 -22.31 30.93 -12.84
C LEU V 63 -23.28 30.48 -13.92
N GLN V 64 -24.07 29.47 -13.60
CA GLN V 64 -25.06 28.93 -14.53
C GLN V 64 -26.16 29.96 -14.78
N LYS V 65 -26.19 31.01 -13.96
CA LYS V 65 -27.19 32.06 -14.11
C LYS V 65 -26.58 33.21 -14.91
N TYR V 66 -25.25 33.33 -14.86
CA TYR V 66 -24.56 34.37 -15.60
C TYR V 66 -24.42 34.00 -17.06
N LYS V 67 -24.07 32.74 -17.32
CA LYS V 67 -23.89 32.25 -18.68
C LYS V 67 -25.04 32.64 -19.60
N PRO V 68 -26.29 32.27 -19.24
CA PRO V 68 -27.44 32.62 -20.07
C PRO V 68 -27.46 34.09 -20.46
N ILE V 69 -27.13 34.95 -19.49
CA ILE V 69 -27.10 36.38 -19.72
C ILE V 69 -25.94 36.76 -20.64
N TRP V 70 -24.77 36.17 -20.40
CA TRP V 70 -23.61 36.45 -21.22
C TRP V 70 -23.77 35.86 -22.62
N GLU V 71 -24.40 34.70 -22.71
CA GLU V 71 -24.63 34.05 -23.99
C GLU V 71 -25.41 35.01 -24.88
N GLN V 72 -26.38 35.69 -24.28
CA GLN V 72 -27.19 36.66 -25.00
C GLN V 72 -26.26 37.70 -25.61
N ARG V 73 -25.29 38.14 -24.81
CA ARG V 73 -24.31 39.13 -25.23
C ARG V 73 -23.50 38.61 -26.41
N SER V 74 -23.08 37.36 -26.34
CA SER V 74 -22.29 36.74 -27.40
C SER V 74 -22.98 36.87 -28.75
N ARG V 75 -24.23 36.43 -28.83
CA ARG V 75 -24.99 36.51 -30.07
C ARG V 75 -25.25 37.94 -30.52
N ILE V 76 -25.40 38.85 -29.57
CA ILE V 76 -25.65 40.25 -29.89
C ILE V 76 -24.39 40.86 -30.49
N ILE V 77 -23.24 40.33 -30.08
CA ILE V 77 -21.94 40.82 -30.56
C ILE V 77 -21.59 40.16 -31.88
N SER V 78 -21.87 38.87 -31.99
CA SER V 78 -21.58 38.11 -33.21
C SER V 78 -22.58 38.46 -34.31
N GLY V 79 -23.58 39.27 -33.96
CA GLY V 79 -24.59 39.65 -34.92
C GLY V 79 -25.54 38.52 -35.22
N GLN V 80 -25.36 37.40 -34.51
CA GLN V 80 -26.20 36.23 -34.68
C GLN V 80 -27.62 36.50 -34.19
N GLU V 81 -27.81 37.67 -33.58
CA GLU V 81 -29.11 38.06 -33.06
C GLU V 81 -29.18 39.58 -32.88
N GLN V 82 -30.24 40.17 -33.42
CA GLN V 82 -30.42 41.63 -33.34
C GLN V 82 -30.88 42.09 -31.96
N PRO V 83 -30.40 43.27 -31.54
CA PRO V 83 -30.74 43.86 -30.24
C PRO V 83 -32.25 44.09 -30.08
N LYS V 84 -32.73 43.91 -28.85
CA LYS V 84 -34.14 44.10 -28.55
C LYS V 84 -34.42 45.57 -28.27
N PRO V 85 -35.25 46.22 -29.11
CA PRO V 85 -35.58 47.63 -28.91
C PRO V 85 -35.90 47.95 -27.45
N GLU V 86 -36.34 46.94 -26.72
CA GLU V 86 -36.64 47.11 -25.30
C GLU V 86 -35.33 47.29 -24.57
N GLN V 87 -34.39 46.39 -24.84
CA GLN V 87 -33.07 46.46 -24.22
C GLN V 87 -32.47 47.79 -24.64
N ILE V 88 -32.79 48.22 -25.86
CA ILE V 88 -32.31 49.48 -26.38
C ILE V 88 -33.00 50.61 -25.62
N ALA V 89 -34.27 50.38 -25.29
CA ALA V 89 -35.05 51.36 -24.54
C ALA V 89 -34.46 51.52 -23.15
N LYS V 90 -34.37 50.42 -22.43
CA LYS V 90 -33.80 50.44 -21.08
C LYS V 90 -32.38 51.00 -21.14
N GLY V 91 -31.66 50.66 -22.21
CA GLY V 91 -30.31 51.15 -22.36
C GLY V 91 -30.29 52.67 -22.37
N GLN V 92 -31.23 53.26 -23.11
CA GLN V 92 -31.33 54.71 -23.21
C GLN V 92 -31.37 55.33 -21.82
N GLU V 93 -32.21 54.78 -20.95
CA GLU V 93 -32.36 55.28 -19.59
C GLU V 93 -31.06 55.05 -18.80
N ILE V 94 -30.69 53.79 -18.65
CA ILE V 94 -29.48 53.41 -17.91
C ILE V 94 -28.31 54.31 -18.26
N VAL V 95 -27.94 54.34 -19.54
CA VAL V 95 -26.83 55.16 -20.01
C VAL V 95 -26.98 56.61 -19.55
N GLU V 96 -28.21 57.10 -19.57
CA GLU V 96 -28.50 58.47 -19.14
C GLU V 96 -28.40 58.59 -17.63
N SER V 97 -28.87 57.57 -16.93
CA SER V 97 -28.85 57.56 -15.47
C SER V 97 -27.43 57.50 -14.93
N LEU V 98 -26.50 56.97 -15.73
CA LEU V 98 -25.11 56.87 -15.31
C LEU V 98 -24.26 58.00 -15.85
N ASN V 99 -24.91 59.04 -16.38
CA ASN V 99 -24.21 60.20 -16.92
C ASN V 99 -23.24 59.80 -18.03
N GLU V 100 -23.55 58.74 -18.76
CA GLU V 100 -22.70 58.28 -19.85
C GLU V 100 -23.28 58.68 -21.21
N THR V 101 -23.64 59.95 -21.33
CA THR V 101 -24.22 60.47 -22.56
C THR V 101 -23.43 60.04 -23.80
N GLU V 102 -22.16 59.73 -23.60
CA GLU V 102 -21.29 59.31 -24.69
C GLU V 102 -21.89 58.17 -25.52
N LEU V 103 -22.88 57.49 -24.96
CA LEU V 103 -23.52 56.38 -25.66
C LEU V 103 -25.03 56.58 -25.79
N LEU V 104 -25.41 57.57 -26.58
CA LEU V 104 -26.83 57.87 -26.80
C LEU V 104 -27.10 58.15 -28.28
N VAL V 105 -28.38 58.19 -28.64
CA VAL V 105 -28.78 58.45 -30.01
C VAL V 105 -29.99 59.37 -30.07
N ASP V 106 -29.90 60.43 -30.86
CA ASP V 106 -30.99 61.39 -31.00
C ASP V 106 -31.50 61.41 -32.43
N GLU V 107 -32.73 60.93 -32.62
CA GLU V 107 -33.36 60.88 -33.94
C GLU V 107 -32.54 60.03 -34.91
N GLN V 119 -26.97 49.61 -41.55
CA GLN V 119 -26.03 48.56 -41.92
C GLN V 119 -25.21 48.12 -40.70
N VAL V 120 -24.05 47.52 -40.95
CA VAL V 120 -23.17 47.05 -39.90
C VAL V 120 -23.70 45.79 -39.21
N LYS V 121 -22.80 44.88 -38.87
CA LYS V 121 -23.15 43.63 -38.21
C LYS V 121 -22.92 43.77 -36.71
N GLY V 122 -22.81 42.65 -36.01
CA GLY V 122 -22.58 42.68 -34.58
C GLY V 122 -21.41 43.57 -34.20
N ILE V 123 -21.39 44.01 -32.94
CA ILE V 123 -20.32 44.88 -32.45
C ILE V 123 -18.94 44.44 -32.93
N PRO V 124 -18.38 45.17 -33.92
CA PRO V 124 -17.05 44.85 -34.46
C PRO V 124 -15.95 45.12 -33.44
N SER V 125 -15.04 44.18 -33.29
CA SER V 125 -13.92 44.33 -32.36
C SER V 125 -14.41 44.61 -30.94
N PHE V 126 -15.31 43.76 -30.43
CA PHE V 126 -15.83 43.95 -29.09
C PHE V 126 -14.80 43.59 -28.02
N TRP V 127 -14.64 42.29 -27.78
CA TRP V 127 -13.70 41.82 -26.78
C TRP V 127 -12.29 42.33 -27.06
N LEU V 128 -12.01 42.65 -28.31
CA LEU V 128 -10.69 43.16 -28.69
C LEU V 128 -10.48 44.50 -27.99
N THR V 129 -11.49 45.35 -28.06
CA THR V 129 -11.43 46.67 -27.43
C THR V 129 -11.53 46.54 -25.91
N ALA V 130 -12.39 45.63 -25.46
CA ALA V 130 -12.59 45.40 -24.04
C ALA V 130 -11.28 44.98 -23.37
N LEU V 131 -10.50 44.17 -24.08
CA LEU V 131 -9.23 43.69 -23.54
C LEU V 131 -8.16 44.79 -23.54
N GLU V 132 -8.20 45.65 -24.56
CA GLU V 132 -7.23 46.73 -24.65
C GLU V 132 -7.45 47.77 -23.56
N ASN V 133 -8.54 47.61 -22.81
CA ASN V 133 -8.87 48.52 -21.73
C ASN V 133 -8.61 47.85 -20.39
N LEU V 134 -8.50 46.53 -20.40
CA LEU V 134 -8.25 45.76 -19.19
C LEU V 134 -6.80 46.00 -18.78
N PRO V 135 -6.60 46.70 -17.66
CA PRO V 135 -5.29 47.05 -17.07
C PRO V 135 -4.13 46.09 -17.33
N ILE V 136 -4.15 44.94 -16.67
CA ILE V 136 -3.08 43.96 -16.80
C ILE V 136 -2.98 43.30 -18.17
N VAL V 137 -4.11 42.92 -18.74
CA VAL V 137 -4.15 42.26 -20.05
C VAL V 137 -3.73 43.14 -21.22
N CYS V 138 -4.50 44.20 -21.47
CA CYS V 138 -4.25 45.13 -22.57
C CYS V 138 -2.79 45.26 -22.98
N ASP V 139 -1.90 45.44 -21.99
CA ASP V 139 -0.48 45.59 -22.26
C ASP V 139 0.16 44.41 -22.97
N THR V 140 -0.32 43.21 -22.68
CA THR V 140 0.23 41.99 -23.28
C THR V 140 -0.10 41.75 -24.75
N ILE V 141 -1.05 42.50 -25.30
CA ILE V 141 -1.44 42.32 -26.70
C ILE V 141 -0.50 43.07 -27.64
N THR V 142 -0.13 42.41 -28.73
CA THR V 142 0.76 43.01 -29.73
C THR V 142 -0.05 43.37 -30.97
N ASP V 143 0.55 44.17 -31.86
CA ASP V 143 -0.12 44.59 -33.08
C ASP V 143 -0.50 43.39 -33.96
N ARG V 144 0.27 42.31 -33.85
CA ARG V 144 0.00 41.11 -34.64
C ARG V 144 -1.12 40.26 -34.06
N ASP V 145 -1.07 39.99 -32.76
CA ASP V 145 -2.10 39.19 -32.12
C ASP V 145 -3.41 39.98 -31.96
N ALA V 146 -3.35 41.27 -32.23
CA ALA V 146 -4.52 42.12 -32.11
C ALA V 146 -5.46 41.84 -33.28
N GLU V 147 -4.88 41.57 -34.45
CA GLU V 147 -5.64 41.27 -35.64
C GLU V 147 -6.32 39.91 -35.49
N VAL V 148 -5.76 39.08 -34.62
CA VAL V 148 -6.30 37.75 -34.36
C VAL V 148 -7.50 37.84 -33.42
N LEU V 149 -7.33 38.58 -32.33
CA LEU V 149 -8.39 38.76 -31.35
C LEU V 149 -9.58 39.46 -32.00
N GLU V 150 -9.40 39.88 -33.25
CA GLU V 150 -10.44 40.56 -33.99
C GLU V 150 -11.57 39.58 -34.29
N TYR V 151 -11.26 38.29 -34.21
CA TYR V 151 -12.24 37.25 -34.47
C TYR V 151 -12.77 36.61 -33.19
N LEU V 152 -12.42 37.22 -32.06
CA LEU V 152 -12.87 36.71 -30.76
C LEU V 152 -14.34 37.07 -30.59
N GLN V 153 -15.18 36.07 -30.38
CA GLN V 153 -16.61 36.29 -30.22
C GLN V 153 -17.10 36.30 -28.77
N ASP V 154 -16.49 35.48 -27.92
CA ASP V 154 -16.90 35.42 -26.52
C ASP V 154 -15.91 34.70 -25.62
N ILE V 155 -15.99 35.00 -24.32
CA ILE V 155 -15.12 34.41 -23.32
C ILE V 155 -15.96 33.83 -22.19
N GLY V 156 -16.10 32.51 -22.17
CA GLY V 156 -16.90 31.86 -21.15
C GLY V 156 -16.12 31.55 -19.89
N LEU V 157 -16.82 31.05 -18.87
CA LEU V 157 -16.19 30.71 -17.59
C LEU V 157 -16.88 29.48 -17.00
N GLU V 158 -16.07 28.56 -16.46
CA GLU V 158 -16.58 27.34 -15.86
C GLU V 158 -15.70 26.89 -14.69
N TYR V 159 -16.31 26.62 -13.56
CA TYR V 159 -15.57 26.16 -12.39
C TYR V 159 -15.28 24.67 -12.54
N LEU V 160 -14.57 24.08 -11.58
CA LEU V 160 -14.24 22.67 -11.68
C LEU V 160 -14.32 21.90 -10.36
N THR V 161 -15.21 20.91 -10.35
CA THR V 161 -15.40 20.04 -9.19
C THR V 161 -15.03 18.66 -9.73
N ASP V 162 -14.64 18.65 -11.00
CA ASP V 162 -14.25 17.44 -11.72
C ASP V 162 -12.87 16.99 -11.27
N GLY V 163 -12.64 17.01 -9.96
CA GLY V 163 -11.35 16.60 -9.43
C GLY V 163 -10.71 17.72 -8.63
N ARG V 164 -9.76 18.42 -9.25
CA ARG V 164 -9.06 19.52 -8.60
C ARG V 164 -9.84 20.82 -8.75
N PRO V 165 -9.82 21.67 -7.71
CA PRO V 165 -10.53 22.96 -7.74
C PRO V 165 -9.93 23.88 -8.81
N GLY V 166 -10.77 24.73 -9.39
CA GLY V 166 -10.30 25.64 -10.41
C GLY V 166 -11.38 26.05 -11.39
N PHE V 167 -10.98 26.81 -12.42
CA PHE V 167 -11.92 27.28 -13.43
C PHE V 167 -11.30 27.26 -14.82
N LYS V 168 -12.14 27.42 -15.84
CA LYS V 168 -11.67 27.42 -17.22
C LYS V 168 -12.18 28.62 -18.00
N LEU V 169 -11.27 29.31 -18.68
CA LEU V 169 -11.61 30.47 -19.47
C LEU V 169 -11.69 30.07 -20.93
N LEU V 170 -12.90 29.84 -21.42
CA LEU V 170 -13.11 29.42 -22.80
C LEU V 170 -13.21 30.59 -23.77
N PHE V 171 -12.29 30.64 -24.73
CA PHE V 171 -12.28 31.69 -25.74
C PHE V 171 -12.91 31.14 -27.02
N ARG V 172 -14.05 31.71 -27.40
CA ARG V 172 -14.76 31.26 -28.58
C ARG V 172 -14.50 32.17 -29.78
N PHE V 173 -13.70 31.67 -30.73
CA PHE V 173 -13.35 32.43 -31.92
C PHE V 173 -14.24 32.05 -33.11
N ASP V 174 -14.27 32.92 -34.11
CA ASP V 174 -15.06 32.68 -35.31
C ASP V 174 -14.24 31.87 -36.31
N SER V 175 -14.21 30.55 -36.10
CA SER V 175 -13.45 29.64 -36.96
C SER V 175 -13.74 29.82 -38.44
N SER V 176 -14.97 30.17 -38.77
CA SER V 176 -15.36 30.36 -40.17
C SER V 176 -14.60 31.48 -40.87
N ALA V 177 -14.06 32.42 -40.11
CA ALA V 177 -13.33 33.54 -40.70
C ALA V 177 -11.87 33.62 -40.24
N ASN V 178 -11.59 33.15 -39.03
CA ASN V 178 -10.24 33.17 -38.49
C ASN V 178 -9.21 32.59 -39.46
N PRO V 179 -8.36 33.43 -40.05
CA PRO V 179 -7.33 33.01 -41.00
C PRO V 179 -6.09 32.45 -40.32
N PHE V 180 -5.93 32.74 -39.04
CA PHE V 180 -4.76 32.28 -38.28
C PHE V 180 -4.84 30.81 -37.88
N PHE V 181 -5.74 30.49 -36.96
CA PHE V 181 -5.90 29.12 -36.50
C PHE V 181 -7.33 28.61 -36.71
N THR V 182 -7.45 27.32 -37.01
CA THR V 182 -8.75 26.71 -37.24
C THR V 182 -9.50 26.42 -35.95
N ASN V 183 -8.78 26.43 -34.83
CA ASN V 183 -9.39 26.17 -33.53
C ASN V 183 -10.74 26.88 -33.38
N ASP V 184 -11.70 26.17 -32.80
CA ASP V 184 -13.03 26.71 -32.60
C ASP V 184 -13.15 27.31 -31.20
N ILE V 185 -12.46 26.71 -30.23
CA ILE V 185 -12.49 27.20 -28.86
C ILE V 185 -11.16 27.02 -28.13
N LEU V 186 -10.53 28.14 -27.78
CA LEU V 186 -9.27 28.11 -27.05
C LEU V 186 -9.64 28.26 -25.58
N CYS V 187 -8.69 27.99 -24.68
CA CYS V 187 -8.98 28.11 -23.26
C CYS V 187 -7.77 28.08 -22.33
N LYS V 188 -8.04 28.26 -21.04
CA LYS V 188 -7.02 28.26 -20.01
C LYS V 188 -7.63 27.68 -18.74
N THR V 189 -6.95 26.72 -18.13
CA THR V 189 -7.46 26.09 -16.91
C THR V 189 -6.51 26.24 -15.73
N TYR V 190 -6.99 26.92 -14.68
CA TYR V 190 -6.21 27.11 -13.47
C TYR V 190 -6.62 26.08 -12.43
N PHE V 191 -5.63 25.46 -11.80
CA PHE V 191 -5.90 24.45 -10.78
C PHE V 191 -5.42 24.85 -9.40
N TYR V 192 -6.25 24.56 -8.39
CA TYR V 192 -5.90 24.87 -7.00
C TYR V 192 -5.54 23.54 -6.33
N GLN V 193 -4.43 23.50 -5.62
CA GLN V 193 -4.01 22.28 -4.95
C GLN V 193 -5.02 21.83 -3.90
N LYS V 194 -5.40 20.56 -3.98
CA LYS V 194 -6.37 19.95 -3.08
C LYS V 194 -6.37 20.50 -1.66
N GLU V 195 -5.20 20.54 -1.03
CA GLU V 195 -5.07 21.03 0.33
C GLU V 195 -5.17 22.55 0.42
N LEU V 196 -6.07 23.02 1.27
CA LEU V 196 -6.27 24.45 1.47
C LEU V 196 -5.07 25.06 2.19
N GLY V 197 -4.75 26.30 1.84
CA GLY V 197 -3.63 26.97 2.46
C GLY V 197 -3.87 27.32 3.91
N TYR V 198 -2.87 27.95 4.54
CA TYR V 198 -2.95 28.36 5.93
C TYR V 198 -4.17 29.27 6.14
N SER V 199 -4.32 30.26 5.26
CA SER V 199 -5.43 31.19 5.34
C SER V 199 -6.78 30.49 5.24
N GLY V 200 -6.75 29.20 4.93
CA GLY V 200 -7.99 28.44 4.81
C GLY V 200 -8.59 28.55 3.41
N ASP V 201 -7.85 29.18 2.50
CA ASP V 201 -8.31 29.35 1.13
C ASP V 201 -7.56 28.42 0.19
N PHE V 202 -7.77 28.59 -1.11
CA PHE V 202 -7.11 27.75 -2.11
C PHE V 202 -5.79 28.38 -2.55
N ILE V 203 -4.90 27.55 -3.08
CA ILE V 203 -3.61 28.01 -3.55
C ILE V 203 -3.36 27.51 -4.97
N TYR V 204 -3.15 28.43 -5.90
CA TYR V 204 -2.91 28.08 -7.29
C TYR V 204 -1.78 27.05 -7.44
N ASP V 205 -2.12 25.89 -7.98
CA ASP V 205 -1.15 24.82 -8.19
C ASP V 205 -0.40 25.06 -9.49
N HIS V 206 -1.14 25.16 -10.59
CA HIS V 206 -0.57 25.40 -11.91
C HIS V 206 -1.69 25.65 -12.92
N ALA V 207 -1.32 25.97 -14.15
CA ALA V 207 -2.30 26.23 -15.20
C ALA V 207 -2.05 25.38 -16.43
N GLU V 208 -3.12 24.91 -17.05
CA GLU V 208 -3.04 24.10 -18.26
C GLU V 208 -3.51 24.86 -19.48
N GLY V 209 -2.58 25.20 -20.36
CA GLY V 209 -2.95 25.92 -21.56
C GLY V 209 -3.67 25.02 -22.54
N CYS V 210 -4.61 25.58 -23.29
CA CYS V 210 -5.38 24.83 -24.27
C CYS V 210 -4.72 24.84 -25.65
N GLU V 211 -3.48 25.33 -25.68
CA GLU V 211 -2.68 25.43 -26.90
C GLU V 211 -3.45 25.96 -28.11
N ILE V 212 -2.77 26.01 -29.25
CA ILE V 212 -3.38 26.50 -30.48
C ILE V 212 -2.81 25.78 -31.69
N SER V 213 -3.64 25.60 -32.73
CA SER V 213 -3.23 24.93 -33.95
C SER V 213 -3.31 25.91 -35.12
N TRP V 214 -2.22 26.65 -35.32
CA TRP V 214 -2.16 27.63 -36.40
C TRP V 214 -2.04 26.94 -37.75
N LYS V 215 -2.58 27.57 -38.79
CA LYS V 215 -2.55 27.01 -40.13
C LYS V 215 -1.42 27.58 -40.98
N ASP V 216 -0.51 28.31 -40.34
CA ASP V 216 0.61 28.92 -41.05
C ASP V 216 1.56 29.61 -40.09
N ASN V 217 2.85 29.33 -40.23
CA ASN V 217 3.88 29.92 -39.36
C ASN V 217 3.83 31.44 -39.44
N ALA V 218 3.65 31.97 -40.65
CA ALA V 218 3.59 33.41 -40.85
C ALA V 218 2.39 33.97 -40.12
N HIS V 219 1.35 33.14 -39.97
CA HIS V 219 0.13 33.54 -39.28
C HIS V 219 0.23 33.24 -37.80
N ASN V 220 1.34 32.62 -37.41
CA ASN V 220 1.57 32.26 -36.01
C ASN V 220 2.17 33.45 -35.26
N VAL V 221 1.32 34.16 -34.53
CA VAL V 221 1.77 35.32 -33.76
C VAL V 221 2.69 34.91 -32.63
N THR V 222 2.43 33.75 -32.05
CA THR V 222 3.24 33.24 -30.95
C THR V 222 4.60 32.74 -31.44
N PRO V 246 10.29 31.43 -31.12
CA PRO V 246 9.21 31.97 -30.30
C PRO V 246 9.24 33.50 -30.24
N ILE V 247 8.08 34.12 -30.41
CA ILE V 247 7.97 35.57 -30.38
C ILE V 247 7.09 36.02 -29.22
N GLU V 248 7.30 37.25 -28.78
CA GLU V 248 6.53 37.82 -27.67
C GLU V 248 5.10 38.06 -28.15
N SER V 249 4.19 37.15 -27.80
CA SER V 249 2.80 37.28 -28.22
C SER V 249 1.81 37.14 -27.06
N PHE V 250 0.57 37.56 -27.32
CA PHE V 250 -0.49 37.49 -26.32
C PHE V 250 -1.01 36.06 -26.18
N PHE V 251 -1.11 35.35 -27.29
CA PHE V 251 -1.60 33.99 -27.29
C PHE V 251 -0.71 33.01 -26.52
N ASN V 252 0.42 33.51 -26.02
CA ASN V 252 1.32 32.67 -25.24
C ASN V 252 0.61 32.42 -23.92
N PHE V 253 -0.50 33.12 -23.74
CA PHE V 253 -1.32 33.02 -22.55
C PHE V 253 -1.85 31.60 -22.41
N PHE V 254 -1.99 30.92 -23.54
CA PHE V 254 -2.49 29.55 -23.56
C PHE V 254 -1.33 28.57 -23.47
N ASP V 255 -0.14 29.10 -23.15
CA ASP V 255 1.06 28.29 -23.01
C ASP V 255 1.87 28.85 -21.84
N PRO V 256 1.27 28.84 -20.63
CA PRO V 256 1.91 29.35 -19.42
C PRO V 256 3.14 28.54 -18.99
N PRO V 257 4.00 29.14 -18.16
CA PRO V 257 5.21 28.47 -17.67
C PRO V 257 4.89 27.34 -16.71
N LYS V 258 5.70 26.29 -16.73
CA LYS V 258 5.50 25.14 -15.86
C LYS V 258 6.36 25.22 -14.61
N ILE V 259 5.98 24.46 -13.59
CA ILE V 259 6.68 24.42 -12.32
C ILE V 259 8.15 24.01 -12.44
N GLN V 260 8.40 22.92 -13.15
CA GLN V 260 9.76 22.42 -13.33
C GLN V 260 10.53 23.08 -14.46
N ASN V 261 11.83 23.28 -14.23
CA ASN V 261 12.72 23.90 -15.21
C ASN V 261 14.06 24.26 -14.57
N GLU V 266 19.66 30.87 -9.21
CA GLU V 266 19.34 32.29 -9.35
C GLU V 266 18.95 32.62 -10.78
N GLU V 267 18.33 33.78 -10.96
CA GLU V 267 17.90 34.25 -12.27
C GLU V 267 16.78 33.41 -12.88
N LEU V 268 16.87 32.09 -12.72
CA LEU V 268 15.86 31.18 -13.25
C LEU V 268 14.55 31.32 -12.49
N GLU V 269 14.54 30.87 -11.24
CA GLU V 269 13.35 30.93 -10.40
C GLU V 269 12.84 32.36 -10.24
N GLU V 270 13.75 33.29 -10.00
CA GLU V 270 13.40 34.69 -9.82
C GLU V 270 12.61 35.22 -11.01
N ASP V 271 12.97 34.75 -12.21
CA ASP V 271 12.30 35.17 -13.43
C ASP V 271 11.11 34.29 -13.73
N LEU V 272 11.29 32.97 -13.62
CA LEU V 272 10.22 32.03 -13.89
C LEU V 272 9.15 32.04 -12.80
N GLU V 273 9.12 33.12 -12.02
CA GLU V 273 8.14 33.29 -10.96
C GLU V 273 7.34 34.57 -11.20
N GLU V 274 7.98 35.53 -11.84
CA GLU V 274 7.33 36.81 -12.13
C GLU V 274 6.23 36.58 -13.18
N ARG V 275 6.57 35.82 -14.21
CA ARG V 275 5.62 35.51 -15.28
C ARG V 275 4.57 34.57 -14.72
N LEU V 276 5.01 33.64 -13.88
CA LEU V 276 4.11 32.67 -13.26
C LEU V 276 3.11 33.43 -12.40
N ALA V 277 3.57 34.51 -11.78
CA ALA V 277 2.71 35.34 -10.94
C ALA V 277 1.82 36.20 -11.84
N LEU V 278 2.40 36.72 -12.92
CA LEU V 278 1.67 37.55 -13.86
C LEU V 278 0.55 36.73 -14.48
N ASP V 279 0.80 35.43 -14.66
CA ASP V 279 -0.18 34.52 -15.24
C ASP V 279 -1.43 34.48 -14.37
N TYR V 280 -1.26 34.16 -13.09
CA TYR V 280 -2.38 34.09 -12.17
C TYR V 280 -3.08 35.45 -12.10
N SER V 281 -2.28 36.51 -12.10
CA SER V 281 -2.81 37.87 -12.05
C SER V 281 -3.81 38.08 -13.18
N ILE V 282 -3.39 37.76 -14.39
CA ILE V 282 -4.25 37.91 -15.57
C ILE V 282 -5.53 37.11 -15.37
N GLY V 283 -5.39 35.86 -14.92
CA GLY V 283 -6.53 35.02 -14.69
C GLY V 283 -7.63 35.70 -13.89
N GLU V 284 -7.27 36.30 -12.77
CA GLU V 284 -8.22 36.99 -11.92
C GLU V 284 -8.85 38.19 -12.63
N GLN V 285 -8.05 38.86 -13.45
CA GLN V 285 -8.52 40.03 -14.19
C GLN V 285 -9.71 39.69 -15.08
N LEU V 286 -9.59 38.57 -15.80
CA LEU V 286 -10.66 38.13 -16.69
C LEU V 286 -11.83 37.57 -15.90
N LYS V 287 -11.52 36.85 -14.81
CA LYS V 287 -12.53 36.24 -13.96
C LYS V 287 -13.38 37.23 -13.16
N ASP V 288 -12.72 38.07 -12.38
CA ASP V 288 -13.40 39.04 -11.53
C ASP V 288 -13.71 40.40 -12.15
N LYS V 289 -13.38 40.58 -13.43
CA LYS V 289 -13.63 41.86 -14.09
C LYS V 289 -14.11 41.76 -15.52
N LEU V 290 -13.19 41.41 -16.43
CA LEU V 290 -13.50 41.30 -17.85
C LEU V 290 -14.83 40.60 -18.12
N ILE V 291 -14.98 39.38 -17.61
CA ILE V 291 -16.21 38.62 -17.82
C ILE V 291 -17.44 39.27 -17.18
N PRO V 292 -17.36 39.59 -15.87
CA PRO V 292 -18.49 40.22 -15.17
C PRO V 292 -18.97 41.53 -15.78
N ARG V 293 -18.03 42.43 -16.08
CA ARG V 293 -18.39 43.72 -16.66
C ARG V 293 -17.83 43.93 -18.06
N ALA V 294 -17.93 42.89 -18.90
CA ALA V 294 -17.42 42.96 -20.27
C ALA V 294 -17.94 44.19 -21.01
N VAL V 295 -19.22 44.48 -20.85
CA VAL V 295 -19.84 45.62 -21.51
C VAL V 295 -19.07 46.91 -21.24
N ASP V 296 -18.97 47.28 -19.98
CA ASP V 296 -18.27 48.50 -19.58
C ASP V 296 -16.79 48.45 -19.96
N TRP V 297 -16.20 47.26 -19.97
CA TRP V 297 -14.80 47.11 -20.34
C TRP V 297 -14.57 47.44 -21.80
N PHE V 298 -15.62 47.33 -22.60
CA PHE V 298 -15.54 47.63 -24.02
C PHE V 298 -15.64 49.13 -24.24
N THR V 299 -16.63 49.75 -23.62
CA THR V 299 -16.84 51.19 -23.74
C THR V 299 -15.74 51.94 -22.99
N GLY V 300 -15.31 51.38 -21.87
CA GLY V 300 -14.26 52.00 -21.08
C GLY V 300 -14.77 52.54 -19.75
N ALA V 301 -16.09 52.42 -19.54
CA ALA V 301 -16.71 52.90 -18.31
C ALA V 301 -16.12 52.19 -17.09
N ALA V 302 -15.67 50.96 -17.28
CA ALA V 302 -15.10 50.18 -16.20
C ALA V 302 -13.84 50.84 -15.65
N LEU V 303 -13.23 51.71 -16.45
CA LEU V 303 -12.02 52.41 -16.06
C LEU V 303 -12.35 53.52 -15.05
N THR W 5 -3.45 58.79 14.54
CA THR W 5 -2.07 58.25 14.72
C THR W 5 -1.05 59.36 14.83
N ARG W 6 -0.08 59.21 15.73
CA ARG W 6 0.95 60.22 15.91
C ARG W 6 1.69 60.44 14.59
N SER W 7 1.48 59.54 13.64
CA SER W 7 2.10 59.63 12.33
C SER W 7 1.43 60.74 11.53
N SER W 8 0.11 60.83 11.65
CA SER W 8 -0.65 61.86 10.95
C SER W 8 -0.27 63.23 11.49
N ARG W 9 -0.12 63.32 12.80
CA ARG W 9 0.26 64.58 13.45
C ARG W 9 1.63 65.02 12.97
N ALA W 10 2.39 64.08 12.42
CA ALA W 10 3.72 64.37 11.91
C ALA W 10 3.76 64.27 10.39
N GLY W 11 2.62 63.91 9.80
CA GLY W 11 2.54 63.77 8.36
C GLY W 11 3.48 62.71 7.82
N LEU W 12 3.46 61.54 8.44
CA LEU W 12 4.32 60.44 8.02
C LEU W 12 3.50 59.18 7.73
N GLN W 13 4.00 58.37 6.80
CA GLN W 13 3.32 57.12 6.43
C GLN W 13 3.71 56.00 7.38
N PHE W 14 4.95 56.03 7.86
CA PHE W 14 5.43 55.02 8.79
C PHE W 14 4.80 55.18 10.17
N PRO W 15 4.68 54.06 10.91
CA PRO W 15 4.10 54.05 12.25
C PRO W 15 5.00 54.65 13.33
N VAL W 16 4.63 55.82 13.82
CA VAL W 16 5.39 56.48 14.87
C VAL W 16 5.16 55.73 16.18
N GLY W 17 4.09 54.94 16.22
CA GLY W 17 3.77 54.19 17.41
C GLY W 17 4.67 52.98 17.61
N ARG W 18 4.78 52.14 16.58
CA ARG W 18 5.62 50.96 16.67
C ARG W 18 7.09 51.33 16.88
N VAL W 19 7.56 52.30 16.12
CA VAL W 19 8.96 52.75 16.24
C VAL W 19 9.24 53.13 17.69
N HIS W 20 8.25 53.74 18.33
CA HIS W 20 8.38 54.15 19.72
C HIS W 20 8.31 52.93 20.63
N ARG W 21 7.55 51.94 20.22
CA ARG W 21 7.40 50.70 20.99
C ARG W 21 8.69 49.90 20.94
N LEU W 22 9.24 49.74 19.74
CA LEU W 22 10.47 48.99 19.55
C LEU W 22 11.66 49.65 20.24
N LEU W 23 11.62 50.97 20.36
CA LEU W 23 12.70 51.70 21.02
C LEU W 23 12.73 51.46 22.52
N ARG W 24 11.60 51.04 23.08
CA ARG W 24 11.51 50.78 24.51
C ARG W 24 11.71 49.30 24.84
N LYS W 25 11.59 48.44 23.83
CA LYS W 25 11.77 47.01 24.03
C LYS W 25 13.17 46.55 23.64
N GLY W 26 13.86 47.35 22.83
CA GLY W 26 15.20 47.00 22.41
C GLY W 26 16.25 47.28 23.47
N ASN W 27 15.82 47.81 24.60
CA ASN W 27 16.73 48.13 25.70
C ASN W 27 17.89 49.00 25.25
N TYR W 28 17.58 50.11 24.57
CA TYR W 28 18.62 51.02 24.11
C TYR W 28 18.91 52.08 25.15
N ALA W 29 17.95 52.32 26.03
CA ALA W 29 18.10 53.31 27.09
C ALA W 29 17.01 53.18 28.15
N GLU W 30 17.24 53.79 29.29
CA GLU W 30 16.29 53.76 30.40
C GLU W 30 14.97 54.42 30.02
N ARG W 31 15.05 55.46 29.20
CA ARG W 31 13.85 56.18 28.77
C ARG W 31 13.98 56.61 27.31
N VAL W 32 12.85 57.00 26.71
CA VAL W 32 12.84 57.43 25.32
C VAL W 32 12.01 58.70 25.15
N GLY W 33 12.59 59.69 24.49
CA GLY W 33 11.89 60.94 24.26
C GLY W 33 10.66 60.78 23.39
N ALA W 34 9.84 61.82 23.31
CA ALA W 34 8.63 61.79 22.50
C ALA W 34 8.93 62.10 21.04
N GLY W 35 9.96 62.91 20.80
CA GLY W 35 10.32 63.27 19.45
C GLY W 35 11.28 62.27 18.82
N ALA W 36 11.83 61.39 19.65
CA ALA W 36 12.78 60.38 19.18
C ALA W 36 12.16 59.44 18.14
N PRO W 37 10.98 58.86 18.45
CA PRO W 37 10.31 57.96 17.51
C PRO W 37 9.86 58.65 16.24
N VAL W 38 9.45 59.92 16.37
CA VAL W 38 8.99 60.69 15.22
C VAL W 38 10.14 60.98 14.27
N TYR W 39 11.27 61.39 14.82
CA TYR W 39 12.46 61.71 14.03
C TYR W 39 12.95 60.46 13.32
N LEU W 40 13.04 59.36 14.05
CA LEU W 40 13.50 58.09 13.49
C LEU W 40 12.53 57.57 12.44
N ALA W 41 11.24 57.67 12.73
CA ALA W 41 10.21 57.21 11.80
C ALA W 41 10.32 57.94 10.47
N ALA W 42 10.66 59.22 10.52
CA ALA W 42 10.80 60.03 9.32
C ALA W 42 12.01 59.58 8.51
N VAL W 43 13.12 59.34 9.20
CA VAL W 43 14.36 58.90 8.56
C VAL W 43 14.14 57.58 7.82
N LEU W 44 13.53 56.62 8.51
CA LEU W 44 13.26 55.32 7.92
C LEU W 44 12.39 55.46 6.67
N GLU W 45 11.36 56.29 6.76
CA GLU W 45 10.46 56.51 5.64
C GLU W 45 11.21 57.09 4.45
N TYR W 46 12.09 58.04 4.70
CA TYR W 46 12.87 58.66 3.65
C TYR W 46 13.71 57.63 2.89
N LEU W 47 14.57 56.93 3.63
CA LEU W 47 15.43 55.91 3.03
C LEU W 47 14.63 54.93 2.17
N THR W 48 13.56 54.39 2.72
CA THR W 48 12.72 53.45 1.99
C THR W 48 12.19 54.11 0.72
N ALA W 49 11.92 55.40 0.80
CA ALA W 49 11.41 56.16 -0.33
C ALA W 49 12.53 56.40 -1.34
N GLU W 50 13.75 56.54 -0.83
CA GLU W 50 14.91 56.77 -1.68
C GLU W 50 15.26 55.51 -2.45
N ILE W 51 15.07 54.36 -1.81
CA ILE W 51 15.36 53.07 -2.42
C ILE W 51 14.33 52.75 -3.50
N LEU W 52 13.07 52.70 -3.11
CA LEU W 52 11.98 52.41 -4.03
C LEU W 52 11.96 53.42 -5.18
N GLU W 53 12.51 54.60 -4.94
CA GLU W 53 12.56 55.65 -5.94
C GLU W 53 13.44 55.23 -7.11
N LEU W 54 14.62 54.69 -6.80
CA LEU W 54 15.55 54.24 -7.82
C LEU W 54 15.23 52.83 -8.28
N ALA W 55 14.80 51.99 -7.34
CA ALA W 55 14.44 50.61 -7.65
C ALA W 55 13.32 50.58 -8.68
N GLY W 56 12.40 51.53 -8.57
CA GLY W 56 11.30 51.59 -9.51
C GLY W 56 11.77 51.89 -10.92
N ASN W 57 12.68 52.85 -11.05
CA ASN W 57 13.22 53.23 -12.34
C ASN W 57 13.91 52.03 -12.97
N ALA W 58 14.67 51.29 -12.17
CA ALA W 58 15.37 50.11 -12.64
C ALA W 58 14.36 49.12 -13.21
N ALA W 59 13.21 49.03 -12.56
CA ALA W 59 12.15 48.13 -13.00
C ALA W 59 11.63 48.57 -14.36
N ARG W 60 11.55 49.88 -14.56
CA ARG W 60 11.06 50.42 -15.83
C ARG W 60 12.07 50.17 -16.94
N ASP W 61 13.35 50.42 -16.65
CA ASP W 61 14.41 50.23 -17.63
C ASP W 61 14.41 48.78 -18.12
N ASN W 62 14.05 47.86 -17.24
CA ASN W 62 14.00 46.44 -17.58
C ASN W 62 12.59 46.05 -18.01
N LYS W 63 11.76 47.06 -18.25
CA LYS W 63 10.38 46.85 -18.68
C LYS W 63 9.62 45.93 -17.71
N LYS W 64 9.47 46.39 -16.47
CA LYS W 64 8.76 45.63 -15.44
C LYS W 64 7.95 46.58 -14.58
N THR W 65 6.68 46.24 -14.37
CA THR W 65 5.79 47.08 -13.56
C THR W 65 5.80 46.65 -12.10
N ARG W 66 6.66 45.68 -11.77
CA ARG W 66 6.75 45.19 -10.39
C ARG W 66 8.20 45.01 -9.98
N ILE W 67 8.60 45.69 -8.90
CA ILE W 67 9.96 45.62 -8.40
C ILE W 67 10.33 44.25 -7.84
N ILE W 68 11.54 43.81 -8.13
CA ILE W 68 12.04 42.52 -7.66
C ILE W 68 13.45 42.70 -7.09
N PRO W 69 13.98 41.69 -6.39
CA PRO W 69 15.32 41.76 -5.81
C PRO W 69 16.35 42.32 -6.79
N ARG W 70 16.33 41.80 -8.02
CA ARG W 70 17.23 42.24 -9.07
C ARG W 70 17.23 43.76 -9.16
N HIS W 71 16.04 44.34 -9.21
CA HIS W 71 15.88 45.79 -9.30
C HIS W 71 16.46 46.51 -8.10
N LEU W 72 16.13 46.04 -6.91
CA LEU W 72 16.64 46.66 -5.68
C LEU W 72 18.17 46.66 -5.69
N GLN W 73 18.75 45.58 -6.21
CA GLN W 73 20.20 45.46 -6.29
C GLN W 73 20.77 46.50 -7.23
N LEU W 74 20.03 46.77 -8.31
CA LEU W 74 20.45 47.75 -9.30
C LEU W 74 20.51 49.15 -8.70
N ALA W 75 19.39 49.60 -8.14
CA ALA W 75 19.29 50.92 -7.54
C ALA W 75 20.35 51.18 -6.46
N VAL W 76 20.58 50.18 -5.62
CA VAL W 76 21.55 50.30 -4.54
C VAL W 76 23.00 50.41 -5.02
N ARG W 77 23.40 49.51 -5.91
CA ARG W 77 24.76 49.51 -6.43
C ARG W 77 25.06 50.65 -7.40
N ASN W 78 24.02 51.17 -8.05
CA ASN W 78 24.20 52.27 -8.98
C ASN W 78 24.33 53.59 -8.22
N ASP W 79 23.79 53.62 -7.02
CA ASP W 79 23.86 54.82 -6.19
C ASP W 79 25.08 54.74 -5.28
N GLU W 80 26.03 55.64 -5.50
CA GLU W 80 27.27 55.70 -4.74
C GLU W 80 27.06 55.60 -3.23
N GLU W 81 26.12 56.38 -2.69
CA GLU W 81 25.85 56.37 -1.26
C GLU W 81 25.11 55.14 -0.77
N LEU W 82 24.02 54.78 -1.43
CA LEU W 82 23.26 53.60 -1.02
C LEU W 82 24.16 52.37 -1.03
N ASN W 83 25.10 52.33 -1.96
CA ASN W 83 26.04 51.23 -2.07
C ASN W 83 27.03 51.28 -0.91
N LYS W 84 27.24 52.49 -0.39
CA LYS W 84 28.23 52.69 0.66
C LYS W 84 27.73 52.27 2.04
N LEU W 85 26.66 52.89 2.51
CA LEU W 85 26.08 52.55 3.81
C LEU W 85 25.74 51.07 3.88
N LEU W 86 25.03 50.58 2.87
CA LEU W 86 24.64 49.18 2.82
C LEU W 86 25.85 48.27 2.78
N GLY W 87 26.85 48.65 2.00
CA GLY W 87 28.08 47.88 1.89
C GLY W 87 28.79 47.82 3.23
N ARG W 88 28.82 48.96 3.93
CA ARG W 88 29.42 49.02 5.25
C ARG W 88 28.70 48.10 6.22
N VAL W 89 27.37 48.09 6.11
CA VAL W 89 26.54 47.23 6.95
C VAL W 89 26.85 45.76 6.69
N THR W 90 27.05 45.43 5.41
CA THR W 90 27.36 44.07 5.01
C THR W 90 28.57 43.53 5.79
N ILE W 91 28.96 44.25 6.83
CA ILE W 91 30.10 43.85 7.64
C ILE W 91 29.85 42.53 8.34
N ALA W 92 28.62 42.33 8.83
CA ALA W 92 28.26 41.10 9.51
C ALA W 92 28.35 39.90 8.58
N GLN W 93 27.92 40.09 7.34
CA GLN W 93 27.96 39.03 6.33
C GLN W 93 26.81 38.04 6.51
N GLY W 94 25.87 38.39 7.38
CA GLY W 94 24.72 37.54 7.65
C GLY W 94 24.12 36.98 6.38
N TYR X 12 6.77 45.91 7.85
CA TYR X 12 6.50 47.26 7.27
C TYR X 12 5.98 47.12 5.84
N ALA X 13 5.62 45.90 5.47
CA ALA X 13 5.11 45.60 4.13
C ALA X 13 4.19 46.68 3.57
N ILE X 14 3.11 46.96 4.29
CA ILE X 14 2.14 47.96 3.85
C ILE X 14 2.72 49.36 3.79
N TYR X 15 3.45 49.75 4.82
CA TYR X 15 4.05 51.09 4.87
C TYR X 15 5.07 51.27 3.75
N VAL X 16 5.65 50.16 3.32
CA VAL X 16 6.63 50.18 2.24
C VAL X 16 5.91 50.28 0.90
N TYR X 17 4.74 49.66 0.82
CA TYR X 17 3.94 49.67 -0.39
C TYR X 17 3.40 51.07 -0.65
N LYS X 18 2.98 51.75 0.40
CA LYS X 18 2.46 53.11 0.28
C LYS X 18 3.54 54.01 -0.29
N VAL X 19 4.73 53.95 0.28
CA VAL X 19 5.85 54.76 -0.16
C VAL X 19 6.16 54.46 -1.62
N LEU X 20 5.99 53.19 -2.01
CA LEU X 20 6.25 52.77 -3.37
C LEU X 20 5.27 53.45 -4.34
N LYS X 21 4.09 53.79 -3.82
CA LYS X 21 3.08 54.44 -4.64
C LYS X 21 3.30 55.95 -4.70
N GLN X 22 3.94 56.49 -3.68
CA GLN X 22 4.22 57.92 -3.63
C GLN X 22 5.34 58.29 -4.59
N VAL X 23 6.17 57.29 -4.93
CA VAL X 23 7.29 57.51 -5.85
C VAL X 23 7.05 56.81 -7.18
N HIS X 24 6.34 55.68 -7.13
CA HIS X 24 6.04 54.91 -8.33
C HIS X 24 4.62 54.33 -8.29
N PRO X 25 3.61 55.16 -8.58
CA PRO X 25 2.20 54.75 -8.57
C PRO X 25 1.92 53.53 -9.46
N ASP X 26 2.57 53.50 -10.64
CA ASP X 26 2.38 52.40 -11.58
C ASP X 26 3.44 51.31 -11.44
N THR X 27 3.98 51.16 -10.23
CA THR X 27 5.01 50.15 -9.99
C THR X 27 4.65 49.29 -8.78
N GLY X 28 4.74 47.98 -8.94
CA GLY X 28 4.43 47.07 -7.85
C GLY X 28 5.68 46.51 -7.20
N ILE X 29 5.52 45.36 -6.54
CA ILE X 29 6.64 44.71 -5.87
C ILE X 29 6.34 43.25 -5.59
N SER X 30 7.35 42.40 -5.77
CA SER X 30 7.19 40.96 -5.54
C SER X 30 7.28 40.63 -4.05
N SER X 31 6.97 39.38 -3.71
CA SER X 31 7.01 38.93 -2.32
C SER X 31 8.44 38.94 -1.77
N LYS X 32 9.37 38.40 -2.56
CA LYS X 32 10.77 38.35 -2.15
C LYS X 32 11.34 39.75 -1.99
N ALA X 33 11.05 40.63 -2.96
CA ALA X 33 11.54 42.00 -2.91
C ALA X 33 11.04 42.69 -1.64
N MET X 34 9.81 42.36 -1.26
CA MET X 34 9.21 42.94 -0.05
C MET X 34 9.96 42.45 1.18
N SER X 35 10.27 41.16 1.19
CA SER X 35 10.99 40.55 2.31
C SER X 35 12.35 41.22 2.48
N ILE X 36 12.96 41.60 1.37
CA ILE X 36 14.26 42.26 1.40
C ILE X 36 14.14 43.66 1.97
N MET X 37 13.04 44.34 1.62
CA MET X 37 12.80 45.69 2.11
C MET X 37 12.51 45.66 3.60
N ASN X 38 11.82 44.63 4.05
CA ASN X 38 11.48 44.48 5.46
C ASN X 38 12.77 44.33 6.27
N SER X 39 13.69 43.53 5.75
CA SER X 39 14.97 43.30 6.42
C SER X 39 15.77 44.60 6.46
N PHE X 40 15.69 45.37 5.38
CA PHE X 40 16.38 46.64 5.29
C PHE X 40 15.94 47.58 6.40
N VAL X 41 14.62 47.71 6.56
CA VAL X 41 14.05 48.58 7.58
C VAL X 41 14.50 48.15 8.97
N ASN X 42 14.28 46.88 9.30
CA ASN X 42 14.67 46.35 10.61
C ASN X 42 16.17 46.51 10.84
N ASP X 43 16.95 46.31 9.78
CA ASP X 43 18.40 46.44 9.86
C ASP X 43 18.80 47.87 10.21
N VAL X 44 18.32 48.82 9.41
CA VAL X 44 18.61 50.23 9.63
C VAL X 44 18.14 50.67 11.01
N PHE X 45 16.97 50.18 11.41
CA PHE X 45 16.40 50.51 12.71
C PHE X 45 17.35 50.14 13.84
N GLU X 46 17.75 48.87 13.87
CA GLU X 46 18.67 48.38 14.90
C GLU X 46 19.99 49.14 14.90
N ARG X 47 20.50 49.46 13.72
CA ARG X 47 21.75 50.20 13.62
C ARG X 47 21.64 51.55 14.29
N ILE X 48 20.70 52.37 13.82
CA ILE X 48 20.49 53.70 14.37
C ILE X 48 20.21 53.62 15.87
N ALA X 49 19.22 52.83 16.24
CA ALA X 49 18.85 52.67 17.65
C ALA X 49 20.05 52.20 18.45
N GLY X 50 20.87 51.35 17.84
CA GLY X 50 22.05 50.84 18.51
C GLY X 50 22.98 51.98 18.90
N GLU X 51 23.21 52.89 17.96
CA GLU X 51 24.06 54.05 18.21
C GLU X 51 23.44 54.93 19.29
N ALA X 52 22.24 55.42 19.03
CA ALA X 52 21.53 56.27 19.98
C ALA X 52 21.64 55.70 21.38
N SER X 53 21.63 54.37 21.47
CA SER X 53 21.74 53.69 22.75
C SER X 53 23.10 54.00 23.37
N ARG X 54 24.15 53.86 22.58
CA ARG X 54 25.51 54.14 23.04
C ARG X 54 25.64 55.60 23.44
N LEU X 55 25.23 56.49 22.54
CA LEU X 55 25.31 57.93 22.80
C LEU X 55 24.72 58.25 24.17
N ALA X 56 23.64 57.57 24.53
CA ALA X 56 22.98 57.78 25.82
C ALA X 56 23.91 57.35 26.95
N HIS X 57 24.43 56.14 26.84
CA HIS X 57 25.34 55.60 27.85
C HIS X 57 26.62 56.43 27.94
N TYR X 58 27.18 56.78 26.79
CA TYR X 58 28.40 57.57 26.74
C TYR X 58 28.24 58.87 27.52
N ASN X 59 27.21 59.63 27.19
CA ASN X 59 26.93 60.89 27.88
C ASN X 59 26.24 60.61 29.20
N LYS X 60 26.08 59.32 29.51
CA LYS X 60 25.45 58.88 30.75
C LYS X 60 24.07 59.49 30.96
N ARG X 61 23.18 59.28 29.99
CA ARG X 61 21.82 59.78 30.05
C ARG X 61 20.86 58.60 30.00
N SER X 62 19.74 58.71 30.70
CA SER X 62 18.76 57.64 30.74
C SER X 62 17.60 57.84 29.76
N THR X 63 17.85 58.58 28.68
CA THR X 63 16.82 58.83 27.69
C THR X 63 17.37 58.94 26.27
N ILE X 64 16.61 58.45 25.30
CA ILE X 64 16.99 58.53 23.90
C ILE X 64 15.99 59.40 23.16
N THR X 65 16.33 60.68 23.01
CA THR X 65 15.46 61.63 22.33
C THR X 65 15.80 61.69 20.84
N SER X 66 15.11 62.56 20.11
CA SER X 66 15.34 62.70 18.68
C SER X 66 16.74 63.24 18.44
N ARG X 67 17.40 63.64 19.53
CA ARG X 67 18.76 64.16 19.45
C ARG X 67 19.76 63.04 19.23
N GLU X 68 19.63 61.98 20.01
CA GLU X 68 20.53 60.83 19.88
C GLU X 68 20.29 60.12 18.54
N ILE X 69 19.04 60.16 18.08
CA ILE X 69 18.67 59.53 16.82
C ILE X 69 19.30 60.30 15.65
N GLN X 70 19.25 61.63 15.73
CA GLN X 70 19.81 62.47 14.69
C GLN X 70 21.30 62.22 14.48
N THR X 71 22.07 62.36 15.55
CA THR X 71 23.51 62.14 15.48
C THR X 71 23.82 60.71 15.04
N ALA X 72 23.02 59.76 15.52
CA ALA X 72 23.21 58.37 15.16
C ALA X 72 23.08 58.21 13.65
N VAL X 73 22.35 59.12 13.03
CA VAL X 73 22.14 59.10 11.59
C VAL X 73 23.37 59.64 10.87
N ARG X 74 24.01 60.64 11.46
CA ARG X 74 25.21 61.23 10.87
C ARG X 74 26.37 60.25 10.92
N LEU X 75 26.37 59.39 11.93
CA LEU X 75 27.43 58.40 12.11
C LEU X 75 27.20 57.16 11.25
N LEU X 76 25.94 56.79 11.06
CA LEU X 76 25.61 55.62 10.27
C LEU X 76 25.51 55.92 8.77
N LEU X 77 24.58 56.79 8.40
CA LEU X 77 24.37 57.15 7.00
C LEU X 77 25.51 58.01 6.45
N PRO X 78 25.87 57.80 5.17
CA PRO X 78 26.94 58.55 4.51
C PRO X 78 26.56 60.01 4.27
N GLY X 79 27.58 60.84 4.07
CA GLY X 79 27.38 62.27 3.83
C GLY X 79 26.02 62.74 3.37
N GLU X 80 25.86 62.90 2.05
CA GLU X 80 24.62 63.37 1.45
C GLU X 80 23.38 62.62 1.93
N LEU X 81 23.44 61.29 1.92
CA LEU X 81 22.30 60.48 2.34
C LEU X 81 21.85 60.80 3.78
N ALA X 82 22.82 61.05 4.66
CA ALA X 82 22.52 61.36 6.04
C ALA X 82 21.91 62.75 6.14
N LYS X 83 22.37 63.65 5.29
CA LYS X 83 21.89 65.02 5.25
C LYS X 83 20.36 65.07 5.17
N HIS X 84 19.81 64.49 4.11
CA HIS X 84 18.37 64.46 3.90
C HIS X 84 17.67 63.82 5.09
N ALA X 85 18.22 62.71 5.57
CA ALA X 85 17.65 62.01 6.71
C ALA X 85 17.45 62.97 7.87
N VAL X 86 18.42 63.86 8.07
CA VAL X 86 18.37 64.84 9.13
C VAL X 86 17.30 65.88 8.81
N SER X 87 17.09 66.14 7.52
CA SER X 87 16.09 67.10 7.08
C SER X 87 14.68 66.56 7.31
N GLU X 88 14.41 65.37 6.76
CA GLU X 88 13.11 64.74 6.90
C GLU X 88 12.77 64.51 8.37
N GLY X 89 13.77 64.11 9.14
CA GLY X 89 13.54 63.85 10.55
C GLY X 89 13.22 65.10 11.34
N THR X 90 14.01 66.16 11.13
CA THR X 90 13.79 67.42 11.82
C THR X 90 12.42 67.99 11.47
N LYS X 91 12.03 67.86 10.21
CA LYS X 91 10.75 68.37 9.74
C LYS X 91 9.60 67.61 10.40
N ALA X 92 9.72 66.28 10.46
CA ALA X 92 8.69 65.45 11.06
C ALA X 92 8.44 65.87 12.51
N VAL X 93 9.51 66.06 13.27
CA VAL X 93 9.41 66.46 14.66
C VAL X 93 8.77 67.83 14.78
N THR X 94 9.13 68.73 13.85
CA THR X 94 8.59 70.08 13.85
C THR X 94 7.09 70.08 13.62
N LYS X 95 6.66 69.35 12.60
CA LYS X 95 5.24 69.26 12.26
C LYS X 95 4.47 68.51 13.34
N TYR X 96 5.05 67.42 13.83
CA TYR X 96 4.42 66.61 14.87
C TYR X 96 4.03 67.46 16.08
N THR X 97 5.00 68.18 16.62
CA THR X 97 4.77 69.02 17.79
C THR X 97 3.68 70.05 17.52
N SER X 98 3.62 70.55 16.29
CA SER X 98 2.63 71.55 15.91
C SER X 98 1.21 71.01 16.05
N ALA X 99 0.95 69.87 15.41
CA ALA X 99 -0.37 69.25 15.47
C ALA X 99 -0.81 69.01 16.91
N LYS X 100 -1.88 69.69 17.33
CA LYS X 100 -2.40 69.56 18.67
C LYS X 100 -3.92 69.39 18.65
#